data_8WQG
#
_entry.id   8WQG
#
_cell.length_a   1.00
_cell.length_b   1.00
_cell.length_c   1.00
_cell.angle_alpha   90.00
_cell.angle_beta   90.00
_cell.angle_gamma   90.00
#
_symmetry.space_group_name_H-M   'P 1'
#
loop_
_entity.id
_entity.type
_entity.pdbx_description
1 polymer Elongin-B
2 polymer 'E3 ubiquitin-protein ligase RBX1, N-terminally processed'
3 polymer Elongin-C
4 polymer Cullin-2
5 polymer NEDD8
6 polymer 'Protein fem-1 homolog B'
7 non-polymer 'ZINC ION'
#
loop_
_entity_poly.entity_id
_entity_poly.type
_entity_poly.pdbx_seq_one_letter_code
_entity_poly.pdbx_strand_id
1 'polypeptide(L)'
;MDVFLMIRRHKTTIFTDAKESSTVFELKRIVEGILKRPPDEQRLYKDDQLLDDGKTLGECGFTSQTARPQAPATVGLAFR
ADDTFEALCIEPFSSPPELPDVMKPQDSGSSANEQAVQ
;
D,I
2 'polypeptide(L)'
;SHMGAGKKRFEVKKWNAVALWAWDIVVDNCAICRNHIMDLCIECQANQASATSEECTVAWGVCNHAFHFHCISRWLKTRQ
VCPLDNREWEFQKYGH
;
F,J
3 'polypeptide(L)'
;MYVKLISSDGHEFIVKREHALTSGTIKAMLSGPGQFAENETNEVNFREIPSHVLSKVCMYFTYKVRYTNSSTEIPEFPIA
PEIALELLMAANFLDC
;
B,H
4 'polypeptide(L)'
;SASWSHPQFEKGGGSGGGSGTSLKPRVVDFDETWNKLLTTIKAVVMLEYVERATWNDRFSDIYALCVAYPEPLGERLYTE
TKIFLENHVRHLHKRVLESEEQVLVMYHRYWEEYSKGADYMDCLYRYLNTQFIKKNGGGPLMEIGELALDMWRKLMVEPL
QAILIRMLLREIKNDRGGEDPNQKVIHGVINSFVHVEQYKKKFPLKFYQEIFESPFLTETGEYYKQEASNLLQESNCSQY
MEKVLGRLKDEEIRCRKYLHPSSYTKVIHECQQRMVADHLQFLHAECHNIIRQEKKNDMANMYVLLRAVSTGLPHMIQEL
QNHIHDEGLRATSNLTQENMPTLFVESVLEVHGKFVQLINTVLNGDQHFMSALDKALTSVVNYREPKSVCKAPELLAKYC
DNLLKKSAKGMTENEVEDRLTSFITVFKYIDDKDVFQKFYARMLAKRLIHGLSMSMDSEEAMINKLKQACGYEFTSKLHR
MYTDMSVSADLNNKFNNFIKNQDTVIDLGISFQIYVLQAGAWPLTQAPSSTFAIPQELEKSVQMFELFYSQHFSGRKLTW
LHYLCTGEVKMNYLGKPYVAMVTTYQMAVLLAFNNSETVSYKELQDSTQMNEKELTKTIKSLLDVKMINHDSEKEDIDAE
SSFSLNMNFSSKRTKFKITTSMQKDTPQEMEQTRSAVDEDRKMYLQAAIVRIMKARKVLRHNALIQEVISQSRARFNPSI
SMIKKCIEVLIDKQYIERSQASADEYSYVA
;
C,E
5 'polypeptide(L)' MLIKVKTLTGKEIEIDIEPTDKVERIKERVEEKEGIPPQQQRLIYSGKQMNDEKTAADYKILGGSVLHLVLALRGG N,K
6 'polypeptide(L)'
;MEGLAGYVYKAASEGKVLTLAALLLNRSESDIRYLLGYVSQQGGQRSTPLIIAARNGHAKVVRLLLEHYRVQTQQTGTVR
FDGYVIDGATALWCAAGAGHFEVVKLLVSHGANVNHTTVTNSTPLRAACFDGRLDIVKYLVENNANISIANKYDNTCLMI
AAYKGHTDVVRYLLEQRADPNAKAHCGATALHFAAEAGHIDIVKELIKWRAAIVVNGHGMTPLKVAAESCKADVVELLLS
HADCDRRSRIEALELLGASFANDRENYDIIKTYHYLYLAMLERFQDGDNILEKEVLPPIHAYGNRTECRNPQELESIRQD
RDALHMEGLIVRERILGADNIDVSHPIIYRGAVYADNMEFEQCIKLWLHALHLRQKGNRNTHKDLLRFAQVFSQMIHLNE
TVKAPDIECVLRCSVLEIEQSMNRVKNISDADVHNAMDNYECNLYTFLYLVCISTKTQCSEEDQCKINKQIYNLIHLDPR
TREGFTLLHLAVNSNTPVDDFHTNDVCSFPNALVTKLLLDCGAEVNAVDNEGNSALHIIVQYNRPISDFLTLHSIIISLV
EAGAHTDMTNKQNKTPLDKSTTGVSEILLKTQMKMSLKCLAARAVRANDINYQDQIPRTLEEFVGFH
;
A,G
#
loop_
_chem_comp.id
_chem_comp.type
_chem_comp.name
_chem_comp.formula
ZN non-polymer 'ZINC ION' 'Zn 2'
#
# COMPACT_ATOMS: atom_id res chain seq x y z
N ASP A 2 -10.92 -60.61 -17.35
CA ASP A 2 -11.32 -61.59 -16.34
C ASP A 2 -10.76 -62.96 -16.67
N VAL A 3 -10.45 -63.19 -17.96
CA VAL A 3 -9.93 -64.46 -18.42
C VAL A 3 -8.48 -64.28 -18.83
N PHE A 4 -7.70 -65.34 -18.66
CA PHE A 4 -6.27 -65.36 -19.00
C PHE A 4 -5.99 -66.68 -19.70
N LEU A 5 -5.83 -66.64 -21.01
CA LEU A 5 -5.68 -67.86 -21.80
C LEU A 5 -4.57 -67.69 -22.83
N MET A 6 -3.97 -68.80 -23.20
CA MET A 6 -2.89 -68.83 -24.18
C MET A 6 -3.38 -69.39 -25.50
N ILE A 7 -3.11 -68.67 -26.58
CA ILE A 7 -3.53 -69.08 -27.92
C ILE A 7 -2.42 -69.93 -28.50
N ARG A 8 -2.63 -71.24 -28.54
CA ARG A 8 -1.65 -72.20 -29.02
C ARG A 8 -2.03 -72.62 -30.45
N ARG A 9 -1.22 -72.21 -31.41
CA ARG A 9 -1.36 -72.64 -32.80
C ARG A 9 -0.01 -73.15 -33.28
N HIS A 10 0.07 -74.46 -33.54
CA HIS A 10 1.22 -75.06 -34.21
C HIS A 10 2.52 -74.74 -33.48
N LYS A 11 3.31 -73.81 -34.05
CA LYS A 11 4.56 -73.40 -33.45
C LYS A 11 4.39 -72.30 -32.42
N THR A 12 3.55 -71.31 -32.72
CA THR A 12 3.42 -70.15 -31.86
C THR A 12 2.42 -70.39 -30.73
N THR A 13 2.62 -69.67 -29.63
CA THR A 13 1.73 -69.73 -28.47
C THR A 13 1.63 -68.32 -27.90
N ILE A 14 0.48 -67.69 -28.09
CA ILE A 14 0.29 -66.30 -27.69
C ILE A 14 -0.47 -66.26 -26.37
N PHE A 15 0.12 -65.63 -25.37
CA PHE A 15 -0.50 -65.48 -24.06
C PHE A 15 -1.29 -64.17 -24.04
N THR A 16 -2.56 -64.26 -23.64
CA THR A 16 -3.45 -63.10 -23.75
C THR A 16 -4.38 -63.07 -22.54
N ASP A 17 -4.78 -61.86 -22.16
CA ASP A 17 -5.80 -61.63 -21.16
C ASP A 17 -6.97 -60.87 -21.80
N ALA A 18 -8.17 -61.16 -21.30
CA ALA A 18 -9.38 -60.55 -21.82
C ALA A 18 -10.44 -60.56 -20.72
N LYS A 19 -11.69 -60.29 -21.11
CA LYS A 19 -12.80 -60.27 -20.18
C LYS A 19 -13.87 -61.26 -20.65
N GLU A 20 -14.76 -61.61 -19.72
CA GLU A 20 -15.88 -62.49 -20.07
C GLU A 20 -16.80 -61.84 -21.10
N SER A 21 -17.05 -60.54 -20.95
CA SER A 21 -17.89 -59.82 -21.89
C SER A 21 -17.25 -59.67 -23.27
N SER A 22 -15.93 -59.82 -23.36
CA SER A 22 -15.25 -59.75 -24.64
C SER A 22 -15.68 -60.89 -25.55
N THR A 23 -15.72 -60.62 -26.85
CA THR A 23 -16.21 -61.57 -27.83
C THR A 23 -15.06 -62.21 -28.59
N VAL A 24 -15.39 -63.25 -29.34
CA VAL A 24 -14.42 -63.97 -30.16
C VAL A 24 -13.84 -63.05 -31.23
N PHE A 25 -14.63 -62.10 -31.71
CA PHE A 25 -14.16 -61.20 -32.76
C PHE A 25 -12.98 -60.36 -32.30
N GLU A 26 -12.97 -59.96 -31.02
CA GLU A 26 -11.80 -59.24 -30.49
C GLU A 26 -10.57 -60.12 -30.49
N LEU A 27 -10.72 -61.41 -30.15
CA LEU A 27 -9.59 -62.33 -30.21
C LEU A 27 -9.09 -62.49 -31.65
N LYS A 28 -10.02 -62.54 -32.61
CA LYS A 28 -9.62 -62.63 -34.01
C LYS A 28 -8.86 -61.37 -34.44
N ARG A 29 -9.34 -60.19 -34.03
CA ARG A 29 -8.61 -58.97 -34.33
C ARG A 29 -7.22 -58.97 -33.71
N ILE A 30 -7.11 -59.51 -32.49
CA ILE A 30 -5.82 -59.56 -31.80
C ILE A 30 -4.85 -60.48 -32.55
N VAL A 31 -5.33 -61.67 -32.93
CA VAL A 31 -4.45 -62.62 -33.60
C VAL A 31 -4.16 -62.22 -35.04
N GLU A 32 -4.98 -61.35 -35.63
CA GLU A 32 -4.70 -60.85 -36.97
C GLU A 32 -3.45 -59.96 -36.97
N GLY A 33 -3.35 -59.07 -36.00
CA GLY A 33 -2.25 -58.11 -35.96
C GLY A 33 -0.92 -58.68 -35.53
N ILE A 34 -0.90 -59.92 -35.04
CA ILE A 34 0.35 -60.56 -34.64
C ILE A 34 0.71 -61.76 -35.49
N LEU A 35 -0.24 -62.34 -36.23
CA LEU A 35 0.03 -63.52 -37.05
C LEU A 35 -0.29 -63.32 -38.53
N LYS A 36 -0.99 -62.25 -38.89
CA LYS A 36 -1.21 -61.85 -40.29
C LYS A 36 -1.96 -62.93 -41.08
N ARG A 37 -3.19 -63.21 -40.64
CA ARG A 37 -4.06 -64.16 -41.35
C ARG A 37 -5.49 -63.60 -41.32
N PRO A 38 -6.19 -63.63 -42.46
CA PRO A 38 -7.56 -63.12 -42.48
C PRO A 38 -8.46 -63.96 -41.60
N PRO A 39 -9.50 -63.35 -41.00
CA PRO A 39 -10.27 -64.07 -39.97
C PRO A 39 -10.91 -65.35 -40.45
N ASP A 40 -11.31 -65.43 -41.72
CA ASP A 40 -11.85 -66.67 -42.25
C ASP A 40 -10.79 -67.76 -42.39
N GLU A 41 -9.51 -67.42 -42.31
CA GLU A 41 -8.46 -68.42 -42.44
C GLU A 41 -8.15 -69.15 -41.14
N GLN A 42 -8.57 -68.63 -39.99
CA GLN A 42 -8.37 -69.34 -38.73
C GLN A 42 -9.71 -69.54 -38.02
N ARG A 43 -9.81 -70.67 -37.32
CA ARG A 43 -10.96 -70.98 -36.49
C ARG A 43 -10.46 -71.41 -35.11
N LEU A 44 -10.99 -70.78 -34.07
CA LEU A 44 -10.60 -71.08 -32.70
C LEU A 44 -11.20 -72.39 -32.24
N TYR A 45 -10.49 -73.07 -31.34
CA TYR A 45 -10.88 -74.38 -30.86
C TYR A 45 -10.92 -74.42 -29.34
N LYS A 46 -12.03 -74.92 -28.79
CA LYS A 46 -12.10 -75.34 -27.40
C LYS A 46 -11.66 -76.79 -27.36
N ASP A 47 -10.43 -77.03 -26.92
CA ASP A 47 -9.77 -78.33 -27.05
C ASP A 47 -9.81 -78.76 -28.51
N ASP A 48 -10.80 -79.58 -28.87
CA ASP A 48 -11.05 -79.93 -30.26
C ASP A 48 -12.37 -79.40 -30.78
N GLN A 49 -13.24 -78.88 -29.91
CA GLN A 49 -14.52 -78.34 -30.33
C GLN A 49 -14.34 -77.00 -31.03
N LEU A 50 -15.09 -76.80 -32.10
CA LEU A 50 -15.08 -75.55 -32.86
C LEU A 50 -16.02 -74.53 -32.22
N LEU A 51 -15.78 -73.27 -32.53
CA LEU A 51 -16.58 -72.15 -32.03
C LEU A 51 -16.97 -71.25 -33.19
N ASP A 52 -17.62 -70.13 -32.85
CA ASP A 52 -18.04 -69.13 -33.82
C ASP A 52 -17.62 -67.75 -33.34
N ASP A 53 -18.01 -66.73 -34.08
CA ASP A 53 -17.62 -65.35 -33.79
C ASP A 53 -18.68 -64.57 -33.01
N GLY A 54 -19.96 -64.93 -33.16
CA GLY A 54 -21.02 -64.22 -32.46
C GLY A 54 -20.97 -64.43 -30.96
N LYS A 55 -20.51 -65.60 -30.54
CA LYS A 55 -20.41 -65.91 -29.12
C LYS A 55 -19.29 -65.12 -28.47
N THR A 56 -19.49 -64.74 -27.21
CA THR A 56 -18.45 -64.05 -26.47
C THR A 56 -17.38 -65.03 -26.01
N LEU A 57 -16.24 -64.48 -25.58
CA LEU A 57 -15.14 -65.32 -25.12
C LEU A 57 -15.53 -66.10 -23.87
N GLY A 58 -16.18 -65.45 -22.91
CA GLY A 58 -16.60 -66.13 -21.70
C GLY A 58 -17.83 -67.00 -21.84
N GLU A 59 -18.46 -67.00 -23.02
CA GLU A 59 -19.67 -67.78 -23.22
C GLU A 59 -19.37 -69.28 -23.28
N CYS A 60 -18.33 -69.67 -24.01
CA CYS A 60 -18.07 -71.08 -24.28
C CYS A 60 -17.08 -71.64 -23.26
N GLY A 61 -17.54 -71.70 -22.01
CA GLY A 61 -16.79 -72.35 -20.95
C GLY A 61 -15.47 -71.73 -20.58
N PHE A 62 -15.21 -70.49 -21.00
CA PHE A 62 -13.97 -69.80 -20.66
C PHE A 62 -14.21 -68.87 -19.49
N THR A 63 -14.25 -69.46 -18.30
CA THR A 63 -14.53 -68.72 -17.08
C THR A 63 -13.23 -68.35 -16.36
N SER A 64 -13.36 -67.44 -15.39
CA SER A 64 -12.18 -66.95 -14.68
C SER A 64 -11.57 -68.01 -13.78
N GLN A 65 -12.38 -68.92 -13.25
CA GLN A 65 -11.88 -69.94 -12.33
C GLN A 65 -11.06 -71.02 -13.02
N THR A 66 -11.10 -71.09 -14.36
CA THR A 66 -10.25 -72.00 -15.10
C THR A 66 -9.25 -71.30 -16.01
N ALA A 67 -9.57 -70.10 -16.49
CA ALA A 67 -8.63 -69.31 -17.29
C ALA A 67 -7.85 -68.34 -16.41
N ARG A 68 -7.25 -68.87 -15.35
CA ARG A 68 -6.43 -68.10 -14.44
C ARG A 68 -5.05 -67.86 -15.06
N PRO A 69 -4.37 -66.75 -14.71
CA PRO A 69 -3.07 -66.47 -15.33
C PRO A 69 -2.02 -67.53 -15.06
N GLN A 70 -2.05 -68.18 -13.90
CA GLN A 70 -1.07 -69.22 -13.60
C GLN A 70 -1.36 -70.51 -14.36
N ALA A 71 -2.62 -70.79 -14.70
CA ALA A 71 -2.98 -71.97 -15.47
C ALA A 71 -3.89 -71.55 -16.62
N PRO A 72 -3.33 -70.92 -17.65
CA PRO A 72 -4.15 -70.43 -18.75
C PRO A 72 -4.71 -71.57 -19.60
N ALA A 73 -5.85 -71.29 -20.22
CA ALA A 73 -6.50 -72.25 -21.09
C ALA A 73 -5.77 -72.35 -22.43
N THR A 74 -5.69 -73.57 -22.96
CA THR A 74 -5.02 -73.84 -24.23
C THR A 74 -6.06 -73.85 -25.34
N VAL A 75 -6.23 -72.69 -25.98
CA VAL A 75 -7.13 -72.57 -27.12
C VAL A 75 -6.34 -72.78 -28.40
N GLY A 76 -6.86 -73.63 -29.29
CA GLY A 76 -6.16 -74.04 -30.50
C GLY A 76 -6.68 -73.31 -31.72
N LEU A 77 -5.76 -72.99 -32.63
CA LEU A 77 -6.09 -72.30 -33.87
C LEU A 77 -5.53 -73.08 -35.04
N ALA A 78 -6.05 -72.79 -36.24
CA ALA A 78 -5.62 -73.47 -37.45
C ALA A 78 -5.72 -72.52 -38.62
N PHE A 79 -4.58 -72.19 -39.24
CA PHE A 79 -4.54 -71.23 -40.34
C PHE A 79 -4.82 -71.93 -41.67
N ARG A 80 -5.60 -71.27 -42.51
CA ARG A 80 -5.90 -71.80 -43.83
C ARG A 80 -4.74 -71.52 -44.79
N ALA A 81 -4.89 -72.00 -46.02
CA ALA A 81 -3.88 -71.80 -47.06
C ALA A 81 -4.54 -71.56 -48.42
N PHE A 85 -10.04 -75.81 -45.39
CA PHE A 85 -9.62 -75.44 -44.04
C PHE A 85 -8.65 -76.46 -43.47
N GLU A 86 -7.50 -75.99 -43.01
CA GLU A 86 -6.51 -76.88 -42.42
C GLU A 86 -6.95 -77.33 -41.03
N ALA A 87 -6.58 -78.56 -40.68
CA ALA A 87 -6.98 -79.15 -39.41
C ALA A 87 -6.21 -78.52 -38.25
N LEU A 88 -6.68 -78.81 -37.05
CA LEU A 88 -6.03 -78.32 -35.83
C LEU A 88 -4.74 -79.07 -35.56
N CYS A 89 -3.62 -78.52 -36.01
CA CYS A 89 -2.30 -79.15 -35.84
C CYS A 89 -1.54 -78.42 -34.74
N ILE A 90 -1.38 -79.09 -33.60
CA ILE A 90 -0.63 -78.54 -32.47
C ILE A 90 0.36 -79.60 -32.02
N GLU A 91 1.66 -79.27 -32.11
CA GLU A 91 2.63 -80.23 -31.63
C GLU A 91 2.78 -80.14 -30.12
N PRO A 92 3.10 -81.25 -29.45
CA PRO A 92 3.30 -81.19 -28.00
C PRO A 92 4.62 -80.50 -27.65
N PHE A 93 4.70 -80.10 -26.38
CA PHE A 93 5.91 -79.46 -25.88
C PHE A 93 7.06 -80.47 -25.80
N SER A 94 8.25 -79.95 -25.56
CA SER A 94 9.41 -80.81 -25.37
C SER A 94 9.27 -81.61 -24.08
N SER A 95 9.94 -82.76 -24.04
CA SER A 95 9.76 -83.71 -22.95
C SER A 95 10.35 -83.17 -21.66
N PRO A 96 9.56 -83.03 -20.58
CA PRO A 96 10.13 -82.61 -19.31
C PRO A 96 10.94 -83.74 -18.69
N PRO A 97 11.91 -83.43 -17.83
CA PRO A 97 12.69 -84.47 -17.16
C PRO A 97 11.90 -85.24 -16.11
N ARG B 9 13.07 -32.14 52.47
CA ARG B 9 12.21 -30.97 52.55
C ARG B 9 12.15 -30.29 51.19
N PHE B 10 10.95 -30.16 50.62
CA PHE B 10 10.80 -29.40 49.38
C PHE B 10 11.10 -27.93 49.64
N GLU B 11 12.23 -27.48 49.13
CA GLU B 11 12.66 -26.08 49.25
C GLU B 11 12.41 -25.38 47.93
N VAL B 12 11.66 -24.28 47.98
CA VAL B 12 11.32 -23.56 46.76
C VAL B 12 12.55 -22.84 46.22
N LYS B 13 12.70 -22.84 44.88
CA LYS B 13 13.83 -22.21 44.22
C LYS B 13 13.49 -20.82 43.68
N LYS B 14 12.51 -20.71 42.80
CA LYS B 14 12.15 -19.41 42.25
C LYS B 14 10.65 -19.35 42.02
N TRP B 15 10.08 -18.17 42.20
CA TRP B 15 8.63 -17.94 42.21
C TRP B 15 8.35 -16.76 41.29
N ASN B 16 7.98 -17.06 40.04
CA ASN B 16 7.69 -16.01 39.06
C ASN B 16 6.21 -15.63 39.14
N ALA B 17 5.84 -15.05 40.28
CA ALA B 17 4.48 -14.64 40.50
C ALA B 17 4.17 -13.36 39.74
N VAL B 18 2.89 -12.97 39.76
CA VAL B 18 2.43 -11.74 39.15
C VAL B 18 1.59 -10.99 40.17
N ALA B 19 1.14 -9.81 39.77
CA ALA B 19 0.35 -8.95 40.62
C ALA B 19 -0.38 -7.93 39.75
N LEU B 20 -1.63 -7.65 40.10
CA LEU B 20 -2.40 -6.66 39.39
C LEU B 20 -2.68 -5.50 40.34
N TRP B 21 -2.44 -4.28 39.85
CA TRP B 21 -2.49 -3.08 40.67
C TRP B 21 -3.54 -2.13 40.11
N ALA B 22 -4.29 -1.51 41.00
CA ALA B 22 -5.20 -0.43 40.66
C ALA B 22 -5.07 0.65 41.72
N TRP B 23 -5.37 1.88 41.33
CA TRP B 23 -5.34 2.98 42.28
C TRP B 23 -6.41 2.76 43.33
N ASP B 24 -6.03 2.88 44.61
CA ASP B 24 -6.90 2.46 45.69
C ASP B 24 -8.17 3.30 45.75
N ILE B 25 -8.05 4.61 45.53
CA ILE B 25 -9.18 5.51 45.66
C ILE B 25 -10.19 5.26 44.54
N VAL B 26 -9.71 4.75 43.40
CA VAL B 26 -10.56 4.51 42.23
C VAL B 26 -10.89 3.04 42.23
N VAL B 27 -12.11 2.71 42.62
CA VAL B 27 -12.57 1.33 42.75
C VAL B 27 -13.45 1.01 41.56
N ASP B 28 -13.13 -0.06 40.84
CA ASP B 28 -14.03 -0.56 39.81
C ASP B 28 -15.26 -1.15 40.48
N ASN B 29 -16.44 -0.71 40.05
CA ASN B 29 -17.70 -1.12 40.65
C ASN B 29 -18.66 -1.57 39.57
N CYS B 30 -19.48 -2.57 39.91
CA CYS B 30 -20.64 -2.89 39.10
C CYS B 30 -21.54 -1.66 39.04
N ALA B 31 -21.68 -1.07 37.86
CA ALA B 31 -22.35 0.22 37.73
C ALA B 31 -23.81 0.17 38.18
N ILE B 32 -24.45 -0.99 38.08
CA ILE B 32 -25.83 -1.12 38.55
C ILE B 32 -25.87 -1.10 40.07
N CYS B 33 -24.97 -1.85 40.72
CA CYS B 33 -25.02 -2.03 42.16
C CYS B 33 -24.10 -1.07 42.92
N ARG B 34 -23.07 -0.53 42.27
CA ARG B 34 -22.11 0.44 42.79
C ARG B 34 -21.22 -0.11 43.89
N ASN B 35 -21.39 -1.37 44.29
CA ASN B 35 -20.54 -1.96 45.31
C ASN B 35 -19.20 -2.36 44.71
N HIS B 36 -18.25 -2.72 45.58
CA HIS B 36 -16.95 -3.18 45.12
C HIS B 36 -17.11 -4.43 44.27
N ILE B 37 -16.35 -4.50 43.18
CA ILE B 37 -16.53 -5.58 42.21
C ILE B 37 -16.21 -6.92 42.83
N MET B 38 -15.27 -6.98 43.77
CA MET B 38 -15.01 -8.20 44.51
C MET B 38 -15.97 -8.41 45.66
N ASP B 39 -16.74 -7.38 46.04
CA ASP B 39 -17.71 -7.50 47.11
C ASP B 39 -18.97 -8.16 46.58
N LEU B 40 -20.00 -8.25 47.42
CA LEU B 40 -21.24 -8.89 47.02
C LEU B 40 -22.09 -7.94 46.17
N CYS B 41 -23.05 -8.52 45.47
CA CYS B 41 -24.04 -7.75 44.73
C CYS B 41 -24.96 -7.00 45.71
N ILE B 42 -25.59 -5.94 45.20
CA ILE B 42 -26.44 -5.10 46.05
C ILE B 42 -27.59 -5.92 46.61
N GLU B 43 -28.09 -6.90 45.86
CA GLU B 43 -29.10 -7.80 46.39
C GLU B 43 -28.45 -8.99 47.08
N CYS B 44 -27.26 -9.39 46.62
CA CYS B 44 -26.54 -10.45 47.33
C CYS B 44 -26.13 -10.01 48.73
N GLN B 45 -25.67 -8.77 48.88
CA GLN B 45 -25.23 -8.27 50.17
C GLN B 45 -26.38 -7.88 51.09
N ALA B 46 -27.62 -7.86 50.59
CA ALA B 46 -28.75 -7.40 51.37
C ALA B 46 -29.89 -8.40 51.47
N ASN B 47 -30.03 -9.31 50.50
CA ASN B 47 -31.17 -10.22 50.47
C ASN B 47 -30.76 -11.69 50.57
N GLN B 48 -29.80 -12.13 49.76
CA GLN B 48 -29.43 -13.54 49.68
C GLN B 48 -28.05 -13.84 50.23
N ALA B 49 -27.52 -12.98 51.10
CA ALA B 49 -26.25 -13.28 51.75
C ALA B 49 -26.37 -14.48 52.68
N SER B 50 -27.43 -14.50 53.50
CA SER B 50 -27.62 -15.58 54.45
C SER B 50 -27.92 -16.90 53.74
N ALA B 51 -28.77 -16.86 52.72
CA ALA B 51 -29.23 -18.07 52.05
C ALA B 51 -28.09 -18.84 51.38
N THR B 52 -27.46 -18.23 50.37
CA THR B 52 -26.40 -18.90 49.62
C THR B 52 -25.09 -18.13 49.61
N SER B 53 -25.10 -16.87 49.15
CA SER B 53 -23.91 -16.06 48.91
C SER B 53 -22.93 -16.74 47.95
N GLU B 54 -21.75 -16.13 47.77
CA GLU B 54 -20.69 -16.64 46.90
C GLU B 54 -21.21 -16.88 45.48
N GLU B 55 -22.04 -15.96 44.99
CA GLU B 55 -22.68 -16.13 43.69
C GLU B 55 -22.74 -14.83 42.90
N CYS B 56 -22.01 -13.80 43.34
CA CYS B 56 -21.93 -12.53 42.62
C CYS B 56 -20.79 -12.57 41.61
N THR B 57 -21.07 -13.24 40.49
CA THR B 57 -20.07 -13.42 39.45
C THR B 57 -19.78 -12.09 38.75
N VAL B 58 -18.51 -11.85 38.45
CA VAL B 58 -18.08 -10.66 37.73
C VAL B 58 -18.23 -10.95 36.24
N ALA B 59 -19.32 -10.45 35.64
CA ALA B 59 -19.60 -10.73 34.24
C ALA B 59 -18.78 -9.82 33.32
N TRP B 60 -18.27 -10.40 32.25
CA TRP B 60 -17.58 -9.66 31.20
C TRP B 60 -18.21 -10.00 29.86
N GLY B 61 -18.48 -8.98 29.06
CA GLY B 61 -19.07 -9.19 27.75
C GLY B 61 -18.29 -8.55 26.64
N VAL B 62 -18.85 -8.53 25.43
CA VAL B 62 -18.24 -7.82 24.32
C VAL B 62 -18.17 -6.32 24.61
N CYS B 63 -19.06 -5.83 25.47
CA CYS B 63 -18.95 -4.48 26.00
C CYS B 63 -17.70 -4.29 26.85
N ASN B 64 -17.16 -5.37 27.42
CA ASN B 64 -15.94 -5.34 28.23
C ASN B 64 -16.06 -4.41 29.42
N HIS B 65 -17.23 -4.39 30.05
CA HIS B 65 -17.46 -3.64 31.27
C HIS B 65 -17.46 -4.57 32.47
N ALA B 66 -17.68 -3.99 33.65
CA ALA B 66 -17.68 -4.72 34.90
C ALA B 66 -19.10 -4.77 35.45
N PHE B 67 -19.58 -5.98 35.77
CA PHE B 67 -20.95 -6.16 36.22
C PHE B 67 -21.03 -7.24 37.28
N HIS B 68 -22.10 -7.20 38.06
CA HIS B 68 -22.50 -8.32 38.89
C HIS B 68 -23.56 -9.14 38.16
N PHE B 69 -23.55 -10.45 38.40
CA PHE B 69 -24.44 -11.35 37.67
C PHE B 69 -25.90 -11.04 37.97
N HIS B 70 -26.24 -10.81 39.24
CA HIS B 70 -27.61 -10.48 39.60
C HIS B 70 -27.99 -9.09 39.10
N CYS B 71 -27.07 -8.13 39.22
CA CYS B 71 -27.35 -6.77 38.74
C CYS B 71 -27.66 -6.77 37.24
N ILE B 72 -26.79 -7.40 36.44
CA ILE B 72 -27.00 -7.43 35.01
C ILE B 72 -28.20 -8.30 34.65
N SER B 73 -28.50 -9.31 35.46
CA SER B 73 -29.67 -10.14 35.20
C SER B 73 -30.95 -9.35 35.38
N ARG B 74 -31.04 -8.54 36.44
CA ARG B 74 -32.23 -7.72 36.63
C ARG B 74 -32.27 -6.58 35.63
N TRP B 75 -31.10 -6.13 35.16
CA TRP B 75 -31.08 -5.15 34.08
C TRP B 75 -31.60 -5.74 32.78
N LEU B 76 -31.30 -7.00 32.51
CA LEU B 76 -31.69 -7.64 31.27
C LEU B 76 -33.14 -8.10 31.27
N LYS B 77 -33.86 -7.91 32.38
CA LYS B 77 -35.25 -8.34 32.44
C LYS B 77 -36.12 -7.55 31.47
N THR B 78 -35.92 -6.23 31.38
CA THR B 78 -36.76 -5.38 30.56
C THR B 78 -36.02 -4.66 29.44
N ARG B 79 -34.76 -5.00 29.18
CA ARG B 79 -34.02 -4.43 28.07
C ARG B 79 -32.84 -5.33 27.73
N GLN B 80 -32.14 -4.97 26.66
CA GLN B 80 -31.10 -5.82 26.10
C GLN B 80 -29.73 -5.17 26.05
N VAL B 81 -29.61 -3.89 26.41
CA VAL B 81 -28.39 -3.15 26.16
C VAL B 81 -27.55 -3.04 27.43
N CYS B 82 -26.25 -2.84 27.24
CA CYS B 82 -25.34 -2.67 28.36
C CYS B 82 -25.57 -1.30 29.01
N PRO B 83 -25.74 -1.24 30.33
CA PRO B 83 -26.00 0.06 30.97
C PRO B 83 -24.73 0.85 31.27
N LEU B 84 -23.78 0.86 30.34
CA LEU B 84 -22.70 1.85 30.35
C LEU B 84 -22.37 2.41 28.98
N ASP B 85 -22.65 1.71 27.90
CA ASP B 85 -22.32 2.19 26.56
C ASP B 85 -23.37 1.90 25.50
N ASN B 86 -24.50 1.29 25.86
CA ASN B 86 -25.61 1.03 24.94
C ASN B 86 -25.16 0.23 23.71
N ARG B 87 -24.40 -0.83 23.94
CA ARG B 87 -24.09 -1.78 22.90
C ARG B 87 -25.09 -2.94 22.96
N GLU B 88 -24.82 -4.02 22.23
CA GLU B 88 -25.60 -5.23 22.34
C GLU B 88 -24.90 -6.20 23.28
N TRP B 89 -25.63 -6.69 24.27
CA TRP B 89 -25.04 -7.40 25.40
C TRP B 89 -24.95 -8.89 25.12
N GLU B 90 -23.85 -9.50 25.53
CA GLU B 90 -23.68 -10.94 25.40
C GLU B 90 -23.07 -11.63 26.62
N PHE B 91 -22.49 -10.88 27.58
CA PHE B 91 -21.73 -11.39 28.73
C PHE B 91 -20.85 -12.58 28.33
N GLN B 92 -20.08 -12.41 27.27
CA GLN B 92 -19.23 -13.46 26.73
C GLN B 92 -17.81 -12.93 26.53
N LYS B 93 -17.37 -12.05 27.42
CA LYS B 93 -16.00 -11.53 27.45
C LYS B 93 -15.54 -10.90 26.13
N MET C 1 2.98 -52.99 -27.81
CA MET C 1 3.72 -53.86 -28.72
C MET C 1 3.77 -55.29 -28.19
N TYR C 2 4.29 -56.20 -29.01
CA TYR C 2 4.43 -57.60 -28.65
C TYR C 2 5.84 -58.07 -28.98
N VAL C 3 6.39 -58.92 -28.13
CA VAL C 3 7.74 -59.44 -28.32
C VAL C 3 7.65 -60.91 -28.68
N LYS C 4 8.72 -61.43 -29.26
CA LYS C 4 8.77 -62.80 -29.74
C LYS C 4 9.97 -63.52 -29.14
N LEU C 5 9.84 -64.84 -29.01
CA LEU C 5 10.86 -65.67 -28.36
C LEU C 5 11.05 -66.95 -29.15
N ILE C 6 12.30 -67.27 -29.48
CA ILE C 6 12.66 -68.52 -30.14
C ILE C 6 13.02 -69.56 -29.08
N SER C 7 12.36 -70.70 -29.11
CA SER C 7 12.68 -71.81 -28.22
C SER C 7 13.73 -72.71 -28.86
N SER C 8 14.09 -73.77 -28.14
CA SER C 8 15.13 -74.68 -28.62
C SER C 8 14.68 -75.43 -29.87
N ASP C 9 13.44 -75.91 -29.89
CA ASP C 9 12.90 -76.71 -31.00
C ASP C 9 11.60 -76.07 -31.48
N GLY C 10 11.73 -75.10 -32.38
CA GLY C 10 10.56 -74.37 -32.83
C GLY C 10 9.91 -73.65 -31.67
N HIS C 11 8.61 -73.88 -31.51
CA HIS C 11 7.85 -73.44 -30.33
C HIS C 11 7.97 -71.92 -30.13
N GLU C 12 7.43 -71.20 -31.09
CA GLU C 12 7.39 -69.74 -31.00
C GLU C 12 6.53 -69.30 -29.82
N PHE C 13 6.90 -68.18 -29.22
CA PHE C 13 6.14 -67.61 -28.11
C PHE C 13 6.08 -66.10 -28.29
N ILE C 14 4.87 -65.54 -28.19
CA ILE C 14 4.65 -64.11 -28.33
C ILE C 14 4.03 -63.61 -27.04
N VAL C 15 4.68 -62.62 -26.43
CA VAL C 15 4.25 -62.04 -25.17
C VAL C 15 4.24 -60.52 -25.34
N LYS C 16 3.36 -59.84 -24.60
CA LYS C 16 3.38 -58.39 -24.59
C LYS C 16 4.70 -57.89 -23.99
N ARG C 17 5.16 -56.74 -24.50
CA ARG C 17 6.46 -56.22 -24.08
C ARG C 17 6.47 -55.89 -22.60
N GLU C 18 5.42 -55.24 -22.10
CA GLU C 18 5.35 -54.95 -20.68
C GLU C 18 5.26 -56.21 -19.84
N HIS C 19 4.67 -57.28 -20.36
CA HIS C 19 4.61 -58.54 -19.64
C HIS C 19 5.95 -59.27 -19.64
N ALA C 20 6.81 -58.99 -20.62
CA ALA C 20 8.08 -59.69 -20.74
C ALA C 20 9.24 -58.93 -20.11
N LEU C 21 9.16 -57.60 -20.02
CA LEU C 21 10.24 -56.81 -19.47
C LEU C 21 10.43 -57.04 -17.97
N THR C 22 9.51 -57.73 -17.31
CA THR C 22 9.69 -58.04 -15.90
C THR C 22 10.94 -58.89 -15.68
N SER C 23 11.15 -59.88 -16.54
CA SER C 23 12.36 -60.68 -16.46
C SER C 23 13.58 -59.88 -16.91
N GLY C 24 14.71 -60.15 -16.27
CA GLY C 24 15.90 -59.35 -16.46
C GLY C 24 16.56 -59.46 -17.81
N THR C 25 17.01 -60.66 -18.17
CA THR C 25 17.77 -60.83 -19.41
C THR C 25 16.95 -60.52 -20.66
N ILE C 26 15.61 -60.64 -20.58
CA ILE C 26 14.77 -60.20 -21.69
C ILE C 26 14.90 -58.70 -21.89
N LYS C 27 14.90 -57.94 -20.79
CA LYS C 27 14.98 -56.49 -20.87
C LYS C 27 16.26 -56.05 -21.58
N ALA C 28 17.39 -56.65 -21.23
CA ALA C 28 18.64 -56.32 -21.91
C ALA C 28 18.63 -56.83 -23.34
N MET C 29 17.97 -57.97 -23.58
CA MET C 29 17.86 -58.49 -24.94
C MET C 29 17.07 -57.53 -25.82
N LEU C 30 16.02 -56.91 -25.28
CA LEU C 30 15.33 -55.84 -25.98
C LEU C 30 16.12 -54.54 -25.99
N SER C 31 17.14 -54.41 -25.14
CA SER C 31 17.95 -53.21 -25.07
C SER C 31 19.26 -53.36 -25.83
N GLY C 32 19.33 -54.27 -26.81
CA GLY C 32 20.53 -54.47 -27.57
C GLY C 32 20.73 -53.41 -28.63
N PRO C 33 21.85 -53.51 -29.34
CA PRO C 33 22.13 -52.57 -30.43
C PRO C 33 21.09 -52.68 -31.53
N GLY C 34 20.84 -51.57 -32.19
CA GLY C 34 19.82 -51.50 -33.20
C GLY C 34 18.52 -50.96 -32.65
N GLN C 35 17.88 -50.05 -33.39
CA GLN C 35 16.66 -49.41 -32.92
C GLN C 35 15.43 -50.28 -33.10
N PHE C 36 15.55 -51.39 -33.82
CA PHE C 36 14.43 -52.31 -34.11
C PHE C 36 13.31 -51.56 -34.84
N ALA C 37 13.64 -51.11 -36.05
CA ALA C 37 12.74 -50.26 -36.81
C ALA C 37 11.40 -50.92 -37.11
N GLU C 38 11.35 -52.25 -37.17
CA GLU C 38 10.08 -52.93 -37.38
C GLU C 38 9.14 -52.75 -36.19
N ASN C 39 9.64 -53.02 -34.98
CA ASN C 39 8.89 -52.82 -33.73
C ASN C 39 7.60 -53.64 -33.69
N GLU C 40 7.63 -54.86 -34.25
CA GLU C 40 6.47 -55.73 -34.07
C GLU C 40 6.90 -57.14 -33.65
N THR C 41 8.12 -57.54 -33.98
CA THR C 41 8.58 -58.90 -33.69
C THR C 41 9.71 -58.93 -32.66
N ASN C 42 10.83 -58.25 -32.94
CA ASN C 42 12.04 -58.18 -32.12
C ASN C 42 12.34 -59.49 -31.39
N GLU C 43 12.40 -60.58 -32.14
CA GLU C 43 12.51 -61.92 -31.57
C GLU C 43 13.85 -62.12 -30.87
N VAL C 44 13.87 -63.05 -29.92
CA VAL C 44 15.05 -63.44 -29.17
C VAL C 44 15.20 -64.95 -29.23
N ASN C 45 16.44 -65.41 -29.32
CA ASN C 45 16.74 -66.84 -29.50
C ASN C 45 17.17 -67.44 -28.17
N PHE C 46 16.34 -68.31 -27.61
CA PHE C 46 16.67 -69.08 -26.42
C PHE C 46 17.03 -70.50 -26.85
N ARG C 47 18.26 -70.66 -27.32
CA ARG C 47 18.70 -71.95 -27.83
C ARG C 47 18.80 -72.99 -26.72
N GLU C 48 19.34 -72.61 -25.56
CA GLU C 48 19.62 -73.57 -24.51
C GLU C 48 18.35 -74.10 -23.86
N ILE C 49 17.43 -73.22 -23.49
CA ILE C 49 16.30 -73.63 -22.65
C ILE C 49 15.27 -74.40 -23.49
N PRO C 50 14.58 -75.37 -22.90
CA PRO C 50 13.51 -76.08 -23.64
C PRO C 50 12.26 -75.25 -23.82
N SER C 51 11.23 -75.87 -24.37
CA SER C 51 9.99 -75.17 -24.73
C SER C 51 8.98 -75.14 -23.58
N HIS C 52 8.87 -76.24 -22.84
CA HIS C 52 7.93 -76.29 -21.73
C HIS C 52 8.29 -75.27 -20.66
N VAL C 53 9.59 -75.12 -20.37
CA VAL C 53 10.01 -74.13 -19.39
C VAL C 53 9.74 -72.72 -19.91
N LEU C 54 9.83 -72.51 -21.23
CA LEU C 54 9.47 -71.22 -21.80
C LEU C 54 7.98 -70.93 -21.60
N SER C 55 7.14 -71.94 -21.81
CA SER C 55 5.71 -71.77 -21.54
C SER C 55 5.46 -71.46 -20.07
N LYS C 56 6.16 -72.16 -19.18
CA LYS C 56 5.99 -71.93 -17.75
C LYS C 56 6.44 -70.53 -17.35
N VAL C 57 7.54 -70.05 -17.93
CA VAL C 57 8.01 -68.71 -17.58
C VAL C 57 7.08 -67.65 -18.16
N CYS C 58 6.46 -67.91 -19.31
CA CYS C 58 5.43 -67.00 -19.81
C CYS C 58 4.23 -66.97 -18.87
N MET C 59 3.85 -68.13 -18.34
CA MET C 59 2.77 -68.18 -17.35
C MET C 59 3.16 -67.40 -16.10
N TYR C 60 4.42 -67.50 -15.68
CA TYR C 60 4.89 -66.70 -14.55
C TYR C 60 4.83 -65.22 -14.85
N PHE C 61 5.17 -64.84 -16.08
CA PHE C 61 5.05 -63.43 -16.49
C PHE C 61 3.63 -62.95 -16.35
N THR C 62 2.67 -63.74 -16.84
CA THR C 62 1.27 -63.36 -16.75
C THR C 62 0.83 -63.25 -15.30
N TYR C 63 1.25 -64.20 -14.46
CA TYR C 63 0.91 -64.15 -13.04
C TYR C 63 1.48 -62.92 -12.37
N LYS C 64 2.73 -62.59 -12.68
CA LYS C 64 3.37 -61.42 -12.06
C LYS C 64 2.69 -60.14 -12.50
N VAL C 65 2.28 -60.06 -13.78
CA VAL C 65 1.55 -58.89 -14.25
C VAL C 65 0.22 -58.77 -13.54
N ARG C 66 -0.50 -59.89 -13.39
CA ARG C 66 -1.84 -59.83 -12.79
C ARG C 66 -1.79 -59.53 -11.29
N TYR C 67 -0.87 -60.17 -10.57
CA TYR C 67 -0.85 -60.12 -9.12
C TYR C 67 0.22 -59.20 -8.55
N THR C 68 0.73 -58.26 -9.35
CA THR C 68 1.71 -57.31 -8.83
C THR C 68 1.08 -56.40 -7.80
N ASN C 69 1.88 -56.01 -6.81
CA ASN C 69 1.58 -55.05 -5.74
C ASN C 69 0.14 -55.10 -5.24
N SER C 70 -0.35 -56.30 -4.96
CA SER C 70 -1.74 -56.51 -4.55
C SER C 70 -1.80 -57.02 -3.12
N SER C 71 -2.93 -56.73 -2.45
CA SER C 71 -3.16 -57.17 -1.09
C SER C 71 -4.05 -58.41 -1.03
N THR C 72 -4.24 -59.10 -2.14
CA THR C 72 -5.10 -60.28 -2.19
C THR C 72 -4.37 -61.47 -1.56
N GLU C 73 -4.98 -62.65 -1.67
CA GLU C 73 -4.44 -63.86 -1.04
C GLU C 73 -3.18 -64.37 -1.70
N ILE C 74 -2.82 -63.87 -2.88
CA ILE C 74 -1.64 -64.30 -3.64
C ILE C 74 -1.68 -65.81 -3.82
N PRO C 75 -2.51 -66.33 -4.73
CA PRO C 75 -2.65 -67.79 -4.88
C PRO C 75 -1.35 -68.46 -5.28
N GLU C 76 -1.21 -69.71 -4.86
CA GLU C 76 0.01 -70.46 -5.15
C GLU C 76 0.15 -70.72 -6.64
N PHE C 77 1.31 -70.40 -7.18
CA PHE C 77 1.60 -70.71 -8.57
C PHE C 77 1.91 -72.20 -8.70
N PRO C 78 1.22 -72.94 -9.57
CA PRO C 78 1.49 -74.38 -9.70
C PRO C 78 2.78 -74.63 -10.44
N ILE C 79 3.63 -75.48 -9.86
CA ILE C 79 4.93 -75.82 -10.42
C ILE C 79 4.96 -77.33 -10.61
N ALA C 80 5.18 -77.77 -11.84
CA ALA C 80 5.35 -79.20 -12.10
C ALA C 80 6.65 -79.68 -11.49
N PRO C 81 6.66 -80.80 -10.77
CA PRO C 81 7.90 -81.25 -10.12
C PRO C 81 9.04 -81.53 -11.09
N GLU C 82 8.75 -82.06 -12.27
CA GLU C 82 9.81 -82.30 -13.25
C GLU C 82 10.39 -80.99 -13.78
N ILE C 83 9.51 -80.02 -14.09
CA ILE C 83 9.96 -78.75 -14.66
C ILE C 83 10.56 -77.83 -13.60
N ALA C 84 10.40 -78.15 -12.32
CA ALA C 84 10.85 -77.26 -11.26
C ALA C 84 12.36 -77.05 -11.29
N LEU C 85 13.12 -78.12 -11.53
CA LEU C 85 14.56 -77.99 -11.61
C LEU C 85 14.98 -77.14 -12.82
N GLU C 86 14.34 -77.36 -13.97
CA GLU C 86 14.64 -76.55 -15.14
C GLU C 86 14.17 -75.12 -14.96
N LEU C 87 13.02 -74.92 -14.32
CA LEU C 87 12.51 -73.57 -14.11
C LEU C 87 13.39 -72.78 -13.15
N LEU C 88 14.00 -73.46 -12.17
CA LEU C 88 14.91 -72.76 -11.27
C LEU C 88 16.14 -72.26 -12.02
N MET C 89 16.71 -73.09 -12.90
CA MET C 89 17.83 -72.65 -13.72
C MET C 89 17.40 -71.54 -14.68
N ALA C 90 16.17 -71.60 -15.19
CA ALA C 90 15.67 -70.55 -16.07
C ALA C 90 15.57 -69.23 -15.33
N ALA C 91 15.01 -69.25 -14.11
CA ALA C 91 14.92 -68.04 -13.31
C ALA C 91 16.30 -67.54 -12.91
N ASN C 92 17.27 -68.45 -12.80
CA ASN C 92 18.66 -68.02 -12.66
C ASN C 92 19.10 -67.27 -13.92
N PHE C 93 18.75 -67.79 -15.09
CA PHE C 93 19.07 -67.11 -16.34
C PHE C 93 18.15 -65.91 -16.57
N LEU C 94 16.86 -66.07 -16.29
CA LEU C 94 15.87 -65.01 -16.47
C LEU C 94 15.75 -64.26 -15.15
N ASP C 95 16.51 -63.17 -15.03
CA ASP C 95 16.59 -62.45 -13.77
C ASP C 95 15.22 -61.94 -13.33
N CYS C 96 14.89 -62.19 -12.07
CA CYS C 96 13.60 -61.84 -11.48
C CYS C 96 12.44 -62.42 -12.28
N THR D 21 24.74 -77.79 -23.82
CA THR D 21 23.42 -77.21 -24.05
C THR D 21 22.71 -76.94 -22.73
N SER D 22 21.47 -76.45 -22.83
CA SER D 22 20.60 -76.19 -21.70
C SER D 22 21.23 -75.22 -20.70
N LEU D 23 20.71 -75.20 -19.48
CA LEU D 23 21.21 -74.36 -18.41
C LEU D 23 22.09 -75.13 -17.43
N LYS D 24 22.30 -76.42 -17.68
CA LYS D 24 23.17 -77.22 -16.83
C LYS D 24 24.63 -76.79 -17.02
N PRO D 25 25.38 -76.66 -15.92
CA PRO D 25 26.80 -76.28 -16.05
C PRO D 25 27.59 -77.31 -16.85
N ARG D 26 28.54 -76.81 -17.65
CA ARG D 26 29.37 -77.65 -18.48
C ARG D 26 30.78 -77.09 -18.50
N VAL D 27 31.73 -77.94 -18.91
CA VAL D 27 33.13 -77.56 -19.00
C VAL D 27 33.38 -77.07 -20.43
N VAL D 28 33.78 -75.81 -20.56
CA VAL D 28 34.04 -75.20 -21.86
C VAL D 28 35.32 -74.38 -21.77
N ASP D 29 36.17 -74.50 -22.80
CA ASP D 29 37.40 -73.73 -22.86
C ASP D 29 37.11 -72.25 -23.11
N PHE D 30 37.84 -71.39 -22.40
CA PHE D 30 37.57 -69.97 -22.40
C PHE D 30 38.10 -69.26 -23.65
N ASP D 31 39.05 -69.87 -24.35
CA ASP D 31 39.87 -69.13 -25.30
C ASP D 31 39.08 -68.70 -26.53
N GLU D 32 38.58 -69.66 -27.31
CA GLU D 32 37.93 -69.31 -28.57
C GLU D 32 36.60 -68.60 -28.35
N THR D 33 35.87 -68.98 -27.30
CA THR D 33 34.62 -68.27 -27.00
C THR D 33 34.90 -66.85 -26.55
N TRP D 34 36.01 -66.62 -25.83
CA TRP D 34 36.37 -65.26 -25.45
C TRP D 34 36.82 -64.45 -26.66
N ASN D 35 37.51 -65.09 -27.60
CA ASN D 35 37.90 -64.39 -28.83
C ASN D 35 36.68 -64.00 -29.65
N LYS D 36 35.71 -64.91 -29.78
CA LYS D 36 34.47 -64.58 -30.49
C LYS D 36 33.67 -63.51 -29.75
N LEU D 37 33.65 -63.56 -28.42
CA LEU D 37 33.01 -62.50 -27.64
C LEU D 37 33.72 -61.17 -27.86
N LEU D 38 35.05 -61.19 -27.98
CA LEU D 38 35.80 -59.99 -28.32
C LEU D 38 35.38 -59.44 -29.67
N THR D 39 35.23 -60.34 -30.66
CA THR D 39 34.80 -59.91 -31.98
C THR D 39 33.43 -59.24 -31.92
N THR D 40 32.53 -59.78 -31.10
CA THR D 40 31.23 -59.14 -30.91
C THR D 40 31.35 -57.78 -30.23
N ILE D 41 32.06 -57.73 -29.10
CA ILE D 41 32.02 -56.53 -28.26
C ILE D 41 32.84 -55.38 -28.85
N LYS D 42 33.85 -55.66 -29.66
CA LYS D 42 34.57 -54.58 -30.33
C LYS D 42 33.65 -53.84 -31.29
N ALA D 43 32.81 -54.58 -32.01
CA ALA D 43 31.77 -53.94 -32.81
C ALA D 43 30.71 -53.30 -31.93
N VAL D 44 30.47 -53.86 -30.74
CA VAL D 44 29.48 -53.28 -29.83
C VAL D 44 29.92 -51.90 -29.37
N VAL D 45 31.18 -51.78 -28.94
CA VAL D 45 31.66 -50.49 -28.40
C VAL D 45 31.95 -49.47 -29.48
N MET D 46 31.93 -49.86 -30.76
CA MET D 46 32.17 -48.94 -31.85
C MET D 46 30.89 -48.54 -32.57
N LEU D 47 29.73 -48.84 -31.99
CA LEU D 47 28.42 -48.51 -32.57
C LEU D 47 28.26 -49.12 -33.96
N GLU D 48 28.80 -50.33 -34.14
CA GLU D 48 28.72 -51.04 -35.40
C GLU D 48 27.41 -51.82 -35.47
N TYR D 49 27.29 -52.70 -36.46
CA TYR D 49 26.12 -53.55 -36.60
C TYR D 49 26.48 -54.98 -36.24
N VAL D 50 25.65 -55.60 -35.39
CA VAL D 50 25.80 -56.98 -35.00
C VAL D 50 24.47 -57.69 -35.18
N GLU D 51 24.53 -59.02 -35.29
CA GLU D 51 23.33 -59.82 -35.51
C GLU D 51 22.57 -60.00 -34.20
N ARG D 52 21.24 -59.92 -34.30
CA ARG D 52 20.40 -60.13 -33.12
C ARG D 52 20.54 -61.55 -32.58
N ALA D 53 20.60 -62.54 -33.49
CA ALA D 53 20.87 -63.90 -33.06
C ALA D 53 22.23 -64.01 -32.39
N THR D 54 23.25 -63.34 -32.96
CA THR D 54 24.55 -63.25 -32.31
C THR D 54 24.43 -62.56 -30.95
N TRP D 55 23.74 -61.42 -30.92
CA TRP D 55 23.59 -60.65 -29.70
C TRP D 55 22.86 -61.46 -28.63
N ASN D 56 21.77 -62.13 -29.01
CA ASN D 56 21.02 -62.94 -28.05
C ASN D 56 21.83 -64.14 -27.58
N ASP D 57 22.57 -64.77 -28.48
CA ASP D 57 23.38 -65.92 -28.10
C ASP D 57 24.52 -65.52 -27.16
N ARG D 58 24.95 -64.26 -27.23
CA ARG D 58 25.99 -63.83 -26.31
C ARG D 58 25.50 -63.80 -24.86
N PHE D 59 24.20 -63.60 -24.64
CA PHE D 59 23.66 -63.73 -23.29
C PHE D 59 23.88 -65.14 -22.75
N SER D 60 23.55 -66.15 -23.56
CA SER D 60 23.76 -67.54 -23.16
C SER D 60 25.24 -67.84 -23.01
N ASP D 61 26.08 -67.25 -23.85
CA ASP D 61 27.51 -67.47 -23.76
C ASP D 61 28.07 -66.93 -22.45
N ILE D 62 27.66 -65.71 -22.07
CA ILE D 62 28.10 -65.13 -20.81
C ILE D 62 27.58 -65.95 -19.64
N TYR D 63 26.32 -66.38 -19.71
CA TYR D 63 25.77 -67.21 -18.63
C TYR D 63 26.54 -68.51 -18.48
N ALA D 64 26.79 -69.21 -19.59
CA ALA D 64 27.49 -70.49 -19.53
C ALA D 64 28.92 -70.31 -19.03
N LEU D 65 29.60 -69.26 -19.49
CA LEU D 65 30.95 -69.02 -19.03
C LEU D 65 30.99 -68.68 -17.54
N CYS D 66 30.02 -67.88 -17.07
CA CYS D 66 30.03 -67.45 -15.68
C CYS D 66 29.82 -68.60 -14.71
N VAL D 67 29.16 -69.67 -15.14
CA VAL D 67 28.96 -70.84 -14.29
C VAL D 67 29.54 -72.07 -14.98
N ALA D 68 30.62 -71.87 -15.75
CA ALA D 68 31.27 -72.98 -16.43
C ALA D 68 31.80 -73.99 -15.43
N TYR D 69 31.49 -75.26 -15.65
CA TYR D 69 31.89 -76.30 -14.72
C TYR D 69 33.39 -76.58 -14.85
N PRO D 70 34.08 -76.84 -13.74
CA PRO D 70 33.60 -76.76 -12.36
C PRO D 70 33.98 -75.44 -11.68
N GLU D 71 34.83 -74.63 -12.32
CA GLU D 71 35.29 -73.38 -11.73
C GLU D 71 34.63 -72.21 -12.44
N PRO D 72 33.85 -71.40 -11.73
CA PRO D 72 33.28 -70.20 -12.36
C PRO D 72 34.37 -69.21 -12.75
N LEU D 73 34.54 -68.99 -14.05
CA LEU D 73 35.56 -68.10 -14.58
C LEU D 73 35.10 -66.65 -14.66
N GLY D 74 34.09 -66.27 -13.87
CA GLY D 74 33.64 -64.90 -13.87
C GLY D 74 34.72 -63.91 -13.49
N GLU D 75 35.60 -64.29 -12.57
CA GLU D 75 36.78 -63.48 -12.29
C GLU D 75 37.68 -63.39 -13.51
N ARG D 76 37.90 -64.51 -14.20
CA ARG D 76 38.75 -64.51 -15.39
C ARG D 76 38.15 -63.65 -16.49
N LEU D 77 36.85 -63.80 -16.73
CA LEU D 77 36.18 -63.00 -17.76
C LEU D 77 36.19 -61.53 -17.38
N TYR D 78 36.02 -61.24 -16.09
CA TYR D 78 36.07 -59.85 -15.62
C TYR D 78 37.44 -59.24 -15.88
N THR D 79 38.50 -59.98 -15.57
CA THR D 79 39.85 -59.47 -15.81
C THR D 79 40.11 -59.28 -17.31
N GLU D 80 39.65 -60.23 -18.12
CA GLU D 80 39.86 -60.11 -19.57
C GLU D 80 39.08 -58.93 -20.15
N THR D 81 37.86 -58.70 -19.66
CA THR D 81 37.09 -57.54 -20.09
C THR D 81 37.77 -56.25 -19.66
N LYS D 82 38.34 -56.23 -18.46
CA LYS D 82 39.11 -55.07 -18.02
C LYS D 82 40.29 -54.81 -18.95
N ILE D 83 41.01 -55.87 -19.32
CA ILE D 83 42.17 -55.72 -20.21
C ILE D 83 41.71 -55.18 -21.56
N PHE D 84 40.62 -55.73 -22.10
CA PHE D 84 40.13 -55.28 -23.39
C PHE D 84 39.70 -53.82 -23.35
N LEU D 85 38.96 -53.44 -22.31
CA LEU D 85 38.49 -52.06 -22.19
C LEU D 85 39.64 -51.09 -22.04
N GLU D 86 40.64 -51.45 -21.22
CA GLU D 86 41.81 -50.59 -21.06
C GLU D 86 42.56 -50.43 -22.37
N ASN D 87 42.77 -51.52 -23.09
CA ASN D 87 43.47 -51.45 -24.38
C ASN D 87 42.70 -50.61 -25.38
N HIS D 88 41.38 -50.81 -25.46
CA HIS D 88 40.57 -50.07 -26.41
C HIS D 88 40.56 -48.57 -26.08
N VAL D 89 40.38 -48.22 -24.81
CA VAL D 89 40.33 -46.81 -24.45
C VAL D 89 41.70 -46.18 -24.59
N ARG D 90 42.78 -46.92 -24.38
CA ARG D 90 44.11 -46.35 -24.56
C ARG D 90 44.43 -46.16 -26.02
N HIS D 91 44.00 -47.08 -26.88
CA HIS D 91 44.15 -46.89 -28.32
C HIS D 91 43.35 -45.69 -28.80
N LEU D 92 42.13 -45.52 -28.29
CA LEU D 92 41.34 -44.35 -28.63
C LEU D 92 41.98 -43.07 -28.10
N HIS D 93 42.60 -43.13 -26.92
CA HIS D 93 43.30 -41.98 -26.37
C HIS D 93 44.48 -41.59 -27.26
N LYS D 94 45.24 -42.57 -27.72
CA LYS D 94 46.34 -42.31 -28.64
C LYS D 94 45.84 -41.71 -29.94
N ARG D 95 44.72 -42.24 -30.46
CA ARG D 95 44.15 -41.70 -31.69
C ARG D 95 43.69 -40.25 -31.50
N VAL D 96 43.07 -39.95 -30.36
CA VAL D 96 42.63 -38.59 -30.07
C VAL D 96 43.83 -37.66 -29.91
N LEU D 97 44.93 -38.16 -29.36
CA LEU D 97 46.14 -37.34 -29.23
C LEU D 97 46.67 -36.90 -30.58
N GLU D 98 46.52 -37.74 -31.62
CA GLU D 98 47.00 -37.36 -32.95
C GLU D 98 46.25 -36.13 -33.47
N SER D 99 44.94 -36.08 -33.26
CA SER D 99 44.15 -34.89 -33.57
C SER D 99 44.33 -33.88 -32.45
N GLU D 100 45.54 -33.31 -32.38
CA GLU D 100 45.91 -32.48 -31.25
C GLU D 100 45.06 -31.21 -31.17
N GLU D 101 44.87 -30.54 -32.31
CA GLU D 101 44.10 -29.30 -32.32
C GLU D 101 42.60 -29.57 -32.23
N GLN D 102 42.13 -30.63 -32.87
CA GLN D 102 40.71 -30.93 -32.99
C GLN D 102 40.32 -32.13 -32.14
N VAL D 103 40.94 -32.29 -30.97
CA VAL D 103 40.58 -33.40 -30.09
C VAL D 103 39.18 -33.24 -29.52
N LEU D 104 38.66 -32.01 -29.42
CA LEU D 104 37.30 -31.80 -28.93
C LEU D 104 36.29 -32.47 -29.84
N VAL D 105 36.46 -32.33 -31.16
CA VAL D 105 35.59 -33.04 -32.09
C VAL D 105 35.86 -34.53 -32.03
N MET D 106 37.13 -34.92 -31.91
CA MET D 106 37.49 -36.34 -31.86
C MET D 106 36.97 -36.99 -30.58
N TYR D 107 37.14 -36.32 -29.44
CA TYR D 107 36.63 -36.87 -28.19
C TYR D 107 35.11 -36.95 -28.20
N HIS D 108 34.44 -35.91 -28.69
CA HIS D 108 32.98 -35.92 -28.73
C HIS D 108 32.46 -37.03 -29.63
N ARG D 109 33.06 -37.20 -30.81
CA ARG D 109 32.63 -38.23 -31.75
C ARG D 109 32.86 -39.62 -31.18
N TYR D 110 34.02 -39.86 -30.58
CA TYR D 110 34.32 -41.17 -30.05
C TYR D 110 33.59 -41.46 -28.75
N TRP D 111 33.22 -40.42 -28.01
CA TRP D 111 32.40 -40.63 -26.82
C TRP D 111 31.02 -41.15 -27.19
N GLU D 112 30.43 -40.62 -28.26
CA GLU D 112 29.11 -41.06 -28.69
C GLU D 112 29.15 -42.53 -29.11
N GLU D 113 30.21 -42.94 -29.79
CA GLU D 113 30.39 -44.36 -30.08
C GLU D 113 30.57 -45.19 -28.82
N TYR D 114 31.10 -44.60 -27.75
CA TYR D 114 31.42 -45.35 -26.54
C TYR D 114 30.32 -45.35 -25.51
N SER D 115 29.67 -44.20 -25.26
CA SER D 115 28.73 -44.09 -24.15
C SER D 115 27.54 -45.03 -24.35
N LYS D 116 26.89 -44.94 -25.52
CA LYS D 116 25.82 -45.88 -25.82
C LYS D 116 26.37 -47.30 -25.90
N GLY D 117 27.58 -47.45 -26.44
CA GLY D 117 28.24 -48.75 -26.40
C GLY D 117 28.52 -49.21 -24.99
N ALA D 118 28.87 -48.27 -24.10
CA ALA D 118 29.11 -48.63 -22.70
C ALA D 118 27.84 -49.15 -22.05
N ASP D 119 26.72 -48.46 -22.27
CA ASP D 119 25.46 -48.92 -21.68
C ASP D 119 25.02 -50.24 -22.30
N TYR D 120 25.26 -50.41 -23.61
CA TYR D 120 24.93 -51.68 -24.26
C TYR D 120 25.76 -52.82 -23.68
N MET D 121 27.04 -52.57 -23.43
CA MET D 121 27.88 -53.56 -22.79
C MET D 121 27.40 -53.85 -21.37
N ASP D 122 26.97 -52.82 -20.65
CA ASP D 122 26.45 -53.01 -19.30
C ASP D 122 25.23 -53.91 -19.31
N CYS D 123 24.32 -53.69 -20.27
CA CYS D 123 23.16 -54.58 -20.39
C CYS D 123 23.58 -55.98 -20.84
N LEU D 124 24.60 -56.06 -21.68
CA LEU D 124 25.08 -57.36 -22.15
C LEU D 124 25.63 -58.20 -21.00
N TYR D 125 26.32 -57.54 -20.06
CA TYR D 125 26.91 -58.21 -18.91
C TYR D 125 25.97 -58.25 -17.72
N ARG D 126 24.65 -58.28 -17.97
CA ARG D 126 23.67 -58.21 -16.90
C ARG D 126 23.80 -59.39 -15.95
N TYR D 127 24.00 -60.59 -16.48
CA TYR D 127 24.16 -61.76 -15.63
C TYR D 127 25.43 -61.66 -14.78
N LEU D 128 26.48 -61.04 -15.31
CA LEU D 128 27.72 -60.91 -14.57
C LEU D 128 27.54 -60.02 -13.34
N ASN D 129 26.80 -58.92 -13.47
CA ASN D 129 26.60 -58.02 -12.35
C ASN D 129 25.66 -58.63 -11.31
N THR D 130 24.58 -59.26 -11.76
CA THR D 130 23.59 -59.80 -10.84
C THR D 130 24.13 -60.98 -10.04
N GLN D 131 25.03 -61.76 -10.61
CA GLN D 131 25.52 -62.98 -9.97
C GLN D 131 26.92 -62.85 -9.39
N PHE D 132 27.83 -62.18 -10.08
CA PHE D 132 29.24 -62.15 -9.68
C PHE D 132 29.67 -60.83 -9.06
N ILE D 133 29.37 -59.70 -9.70
CA ILE D 133 29.91 -58.42 -9.24
C ILE D 133 29.33 -58.04 -7.89
N LYS D 134 28.00 -58.11 -7.76
CA LYS D 134 27.35 -57.65 -6.54
C LYS D 134 27.29 -58.72 -5.45
N LYS D 135 27.61 -59.97 -5.76
CA LYS D 135 27.55 -61.05 -4.78
C LYS D 135 28.92 -61.59 -4.39
N ASN D 136 29.99 -60.86 -4.69
CA ASN D 136 31.33 -61.27 -4.32
C ASN D 136 32.15 -60.10 -3.82
N PRO D 140 33.62 -54.65 -3.13
CA PRO D 140 34.93 -55.17 -3.48
C PRO D 140 35.13 -55.31 -4.98
N LEU D 141 34.04 -55.17 -5.74
CA LEU D 141 34.07 -55.30 -7.18
C LEU D 141 33.23 -54.20 -7.81
N MET D 142 33.52 -53.91 -9.07
CA MET D 142 32.85 -52.85 -9.82
C MET D 142 32.18 -53.46 -11.04
N GLU D 143 30.95 -53.04 -11.31
CA GLU D 143 30.23 -53.58 -12.47
C GLU D 143 30.74 -52.95 -13.76
N ILE D 144 30.42 -53.62 -14.87
CA ILE D 144 31.02 -53.27 -16.16
C ILE D 144 30.62 -51.86 -16.58
N GLY D 145 29.34 -51.52 -16.41
CA GLY D 145 28.89 -50.19 -16.78
C GLY D 145 29.60 -49.09 -16.02
N GLU D 146 29.79 -49.28 -14.71
CA GLU D 146 30.59 -48.34 -13.94
C GLU D 146 32.06 -48.43 -14.34
N LEU D 147 32.55 -49.65 -14.62
CA LEU D 147 33.96 -49.82 -14.94
C LEU D 147 34.30 -49.25 -16.31
N ALA D 148 33.40 -49.40 -17.28
CA ALA D 148 33.64 -48.83 -18.60
C ALA D 148 33.76 -47.31 -18.53
N LEU D 149 32.90 -46.68 -17.73
CA LEU D 149 33.05 -45.25 -17.46
C LEU D 149 34.31 -44.99 -16.64
N ASP D 150 34.63 -45.90 -15.70
CA ASP D 150 35.85 -45.74 -14.92
C ASP D 150 37.10 -45.87 -15.81
N MET D 151 37.07 -46.79 -16.76
CA MET D 151 38.15 -46.85 -17.74
C MET D 151 38.18 -45.62 -18.63
N TRP D 152 37.02 -44.97 -18.81
CA TRP D 152 36.98 -43.77 -19.62
C TRP D 152 37.55 -42.56 -18.91
N ARG D 153 37.50 -42.51 -17.59
CA ARG D 153 38.05 -41.36 -16.88
C ARG D 153 39.52 -41.52 -16.54
N LYS D 154 39.93 -42.70 -16.07
CA LYS D 154 41.30 -42.88 -15.61
C LYS D 154 42.29 -43.05 -16.74
N LEU D 155 41.82 -43.37 -17.95
CA LEU D 155 42.71 -43.63 -19.07
C LEU D 155 42.47 -42.70 -20.26
N MET D 156 41.41 -41.91 -20.26
CA MET D 156 41.12 -41.05 -21.39
C MET D 156 40.90 -39.60 -20.95
N VAL D 157 40.25 -39.42 -19.80
CA VAL D 157 39.89 -38.09 -19.32
C VAL D 157 40.94 -37.51 -18.38
N GLU D 158 41.22 -38.20 -17.28
CA GLU D 158 42.18 -37.69 -16.31
C GLU D 158 43.58 -37.51 -16.88
N PRO D 159 44.18 -38.48 -17.62
CA PRO D 159 45.51 -38.20 -18.21
C PRO D 159 45.45 -37.07 -19.24
N LEU D 160 44.51 -37.16 -20.17
CA LEU D 160 44.32 -36.12 -21.19
C LEU D 160 43.27 -35.13 -20.69
N GLN D 161 43.68 -34.35 -19.69
CA GLN D 161 42.77 -33.40 -19.03
C GLN D 161 43.15 -31.95 -19.27
N ALA D 162 44.44 -31.62 -19.15
CA ALA D 162 44.85 -30.22 -19.24
C ALA D 162 44.56 -29.62 -20.60
N ILE D 163 44.88 -30.35 -21.67
CA ILE D 163 44.59 -29.87 -23.01
C ILE D 163 43.10 -29.72 -23.20
N LEU D 164 42.32 -30.70 -22.72
CA LEU D 164 40.87 -30.64 -22.84
C LEU D 164 40.30 -29.41 -22.16
N ILE D 165 40.70 -29.15 -20.92
CA ILE D 165 40.12 -28.03 -20.19
C ILE D 165 40.57 -26.70 -20.78
N ARG D 166 41.85 -26.61 -21.19
CA ARG D 166 42.33 -25.34 -21.73
C ARG D 166 41.66 -25.01 -23.07
N MET D 167 41.50 -26.00 -23.95
CA MET D 167 40.85 -25.67 -25.21
C MET D 167 39.34 -25.59 -25.08
N LEU D 168 38.73 -26.24 -24.08
CA LEU D 168 37.34 -26.00 -23.80
C LEU D 168 37.12 -24.57 -23.34
N LEU D 169 38.00 -24.07 -22.47
CA LEU D 169 37.92 -22.67 -22.06
C LEU D 169 38.14 -21.74 -23.23
N ARG D 170 39.09 -22.06 -24.11
CA ARG D 170 39.32 -21.22 -25.29
C ARG D 170 38.10 -21.20 -26.20
N GLU D 171 37.50 -22.37 -26.43
CA GLU D 171 36.33 -22.44 -27.31
C GLU D 171 35.14 -21.71 -26.71
N ILE D 172 34.92 -21.85 -25.40
CA ILE D 172 33.78 -21.16 -24.81
C ILE D 172 34.05 -19.66 -24.72
N LYS D 173 35.33 -19.26 -24.61
CA LYS D 173 35.66 -17.83 -24.70
C LYS D 173 35.37 -17.29 -26.09
N ASN D 174 35.70 -18.07 -27.12
CA ASN D 174 35.37 -17.67 -28.49
C ASN D 174 33.86 -17.55 -28.66
N ASP D 175 33.10 -18.50 -28.09
CA ASP D 175 31.65 -18.42 -28.13
C ASP D 175 31.16 -17.17 -27.41
N ARG D 176 31.79 -16.82 -26.29
CA ARG D 176 31.40 -15.64 -25.54
C ARG D 176 31.65 -14.37 -26.34
N GLY D 177 32.77 -14.29 -27.03
CA GLY D 177 33.08 -13.06 -27.74
C GLY D 177 32.23 -12.81 -28.96
N GLY D 178 32.46 -13.54 -30.05
CA GLY D 178 31.67 -13.37 -31.24
C GLY D 178 31.28 -14.64 -31.96
N GLU D 179 31.88 -15.76 -31.58
CA GLU D 179 31.76 -16.98 -32.37
C GLU D 179 30.60 -17.83 -31.91
N ASP D 180 30.22 -18.78 -32.78
CA ASP D 180 29.21 -19.79 -32.47
C ASP D 180 29.79 -21.15 -32.86
N PRO D 181 30.67 -21.72 -32.02
CA PRO D 181 31.25 -23.03 -32.34
C PRO D 181 30.23 -24.15 -32.25
N ASN D 182 30.69 -25.39 -32.45
CA ASN D 182 29.79 -26.54 -32.45
C ASN D 182 29.21 -26.71 -31.05
N GLN D 183 27.94 -26.33 -30.90
CA GLN D 183 27.27 -26.49 -29.62
C GLN D 183 27.11 -27.96 -29.27
N LYS D 184 26.89 -28.81 -30.27
CA LYS D 184 26.71 -30.24 -30.02
C LYS D 184 27.97 -30.85 -29.42
N VAL D 185 29.14 -30.51 -29.98
CA VAL D 185 30.38 -31.10 -29.52
C VAL D 185 30.68 -30.70 -28.08
N ILE D 186 30.61 -29.39 -27.79
CA ILE D 186 30.91 -28.91 -26.44
C ILE D 186 29.88 -29.45 -25.45
N HIS D 187 28.60 -29.44 -25.84
CA HIS D 187 27.55 -29.92 -24.95
C HIS D 187 27.73 -31.40 -24.64
N GLY D 188 28.09 -32.21 -25.64
CA GLY D 188 28.35 -33.61 -25.38
C GLY D 188 29.55 -33.83 -24.49
N VAL D 189 30.66 -33.12 -24.78
CA VAL D 189 31.89 -33.31 -24.02
C VAL D 189 31.69 -32.86 -22.57
N ILE D 190 31.07 -31.70 -22.38
CA ILE D 190 30.81 -31.22 -21.02
C ILE D 190 29.93 -32.21 -20.27
N ASN D 191 28.85 -32.67 -20.91
CA ASN D 191 28.02 -33.70 -20.30
C ASN D 191 28.74 -35.04 -20.26
N SER D 192 29.81 -35.22 -21.03
CA SER D 192 30.64 -36.40 -20.92
C SER D 192 31.56 -36.36 -19.72
N PHE D 193 31.32 -35.44 -18.78
CA PHE D 193 31.94 -35.47 -17.46
C PHE D 193 30.96 -35.94 -16.39
N VAL D 194 29.76 -35.36 -16.35
CA VAL D 194 28.74 -35.84 -15.43
C VAL D 194 28.33 -37.27 -15.79
N HIS D 195 28.30 -37.59 -17.08
CA HIS D 195 27.93 -38.92 -17.50
C HIS D 195 28.96 -39.97 -17.12
N VAL D 196 30.16 -39.55 -16.70
CA VAL D 196 31.17 -40.51 -16.27
C VAL D 196 30.87 -41.02 -14.87
N GLU D 197 30.58 -40.11 -13.95
CA GLU D 197 30.39 -40.45 -12.54
C GLU D 197 28.93 -40.61 -12.16
N GLN D 198 28.09 -41.05 -13.11
CA GLN D 198 26.69 -41.29 -12.79
C GLN D 198 26.50 -42.49 -11.88
N TYR D 199 27.50 -43.35 -11.73
CA TYR D 199 27.38 -44.56 -10.93
C TYR D 199 27.85 -44.39 -9.50
N LYS D 200 28.45 -43.26 -9.15
CA LYS D 200 28.83 -42.98 -7.77
C LYS D 200 27.67 -42.26 -7.10
N LYS D 201 26.94 -42.99 -6.25
CA LYS D 201 25.78 -42.44 -5.58
C LYS D 201 26.16 -41.25 -4.69
N LYS D 202 27.25 -41.36 -3.96
CA LYS D 202 27.73 -40.27 -3.13
C LYS D 202 28.43 -39.25 -4.02
N PHE D 203 27.81 -38.08 -4.19
CA PHE D 203 28.31 -36.97 -4.99
C PHE D 203 28.62 -37.40 -6.42
N PRO D 204 27.61 -37.74 -7.22
CA PRO D 204 27.88 -38.10 -8.62
C PRO D 204 28.44 -36.95 -9.45
N LEU D 205 28.24 -35.71 -9.04
CA LEU D 205 28.72 -34.55 -9.77
C LEU D 205 30.13 -34.14 -9.37
N LYS D 206 30.78 -34.92 -8.51
CA LYS D 206 32.04 -34.48 -7.90
C LYS D 206 33.14 -34.27 -8.95
N PHE D 207 33.21 -35.15 -9.95
CA PHE D 207 34.26 -35.04 -10.96
C PHE D 207 34.07 -33.78 -11.79
N TYR D 208 32.87 -33.55 -12.30
CA TYR D 208 32.58 -32.33 -13.05
C TYR D 208 32.60 -31.11 -12.16
N GLN D 209 32.48 -31.29 -10.83
CA GLN D 209 32.48 -30.18 -9.91
C GLN D 209 33.82 -29.46 -9.87
N GLU D 210 34.91 -30.10 -10.29
CA GLU D 210 36.23 -29.48 -10.19
C GLU D 210 37.00 -29.49 -11.50
N ILE D 211 36.84 -30.55 -12.30
CA ILE D 211 37.66 -30.70 -13.51
C ILE D 211 37.39 -29.57 -14.49
N PHE D 212 36.12 -29.27 -14.72
CA PHE D 212 35.74 -28.16 -15.59
C PHE D 212 35.16 -26.99 -14.83
N GLU D 213 34.45 -27.24 -13.73
CA GLU D 213 33.66 -26.18 -13.10
C GLU D 213 34.54 -25.07 -12.54
N SER D 214 35.54 -25.43 -11.73
CA SER D 214 36.38 -24.39 -11.11
C SER D 214 37.20 -23.59 -12.13
N PRO D 215 37.92 -24.19 -13.09
CA PRO D 215 38.64 -23.33 -14.06
C PRO D 215 37.71 -22.50 -14.90
N PHE D 216 36.54 -23.04 -15.25
CA PHE D 216 35.55 -22.27 -15.99
C PHE D 216 35.00 -21.14 -15.14
N LEU D 217 34.79 -21.40 -13.84
CA LEU D 217 34.38 -20.34 -12.92
C LEU D 217 35.40 -19.21 -12.90
N THR D 218 36.68 -19.55 -12.75
CA THR D 218 37.71 -18.52 -12.69
C THR D 218 37.83 -17.76 -13.99
N GLU D 219 37.77 -18.47 -15.13
CA GLU D 219 37.89 -17.81 -16.42
C GLU D 219 36.72 -16.87 -16.66
N THR D 220 35.49 -17.30 -16.34
CA THR D 220 34.34 -16.43 -16.48
C THR D 220 34.45 -15.22 -15.58
N GLY D 221 34.89 -15.42 -14.34
CA GLY D 221 35.05 -14.30 -13.43
C GLY D 221 36.04 -13.28 -13.94
N GLU D 222 37.20 -13.74 -14.40
CA GLU D 222 38.21 -12.81 -14.90
C GLU D 222 37.74 -12.12 -16.18
N TYR D 223 37.09 -12.87 -17.09
CA TYR D 223 36.67 -12.28 -18.35
C TYR D 223 35.59 -11.23 -18.14
N TYR D 224 34.63 -11.49 -17.25
CA TYR D 224 33.64 -10.46 -16.94
C TYR D 224 34.23 -9.34 -16.09
N LYS D 225 35.26 -9.61 -15.29
CA LYS D 225 35.91 -8.53 -14.57
C LYS D 225 36.55 -7.54 -15.53
N GLN D 226 37.31 -8.05 -16.50
CA GLN D 226 37.92 -7.16 -17.48
C GLN D 226 36.87 -6.54 -18.40
N GLU D 227 35.78 -7.27 -18.69
CA GLU D 227 34.70 -6.70 -19.50
C GLU D 227 34.03 -5.53 -18.78
N ALA D 228 33.76 -5.68 -17.49
CA ALA D 228 33.18 -4.60 -16.71
C ALA D 228 34.15 -3.43 -16.57
N SER D 229 35.45 -3.72 -16.44
CA SER D 229 36.44 -2.64 -16.42
C SER D 229 36.44 -1.88 -17.72
N ASN D 230 36.34 -2.58 -18.85
CA ASN D 230 36.25 -1.91 -20.15
C ASN D 230 34.99 -1.06 -20.25
N LEU D 231 33.84 -1.63 -19.85
CA LEU D 231 32.58 -0.92 -19.99
C LEU D 231 32.38 0.18 -18.95
N LEU D 232 33.23 0.25 -17.93
CA LEU D 232 33.16 1.37 -16.99
C LEU D 232 33.42 2.69 -17.70
N GLN D 233 34.43 2.71 -18.58
CA GLN D 233 34.77 3.91 -19.34
C GLN D 233 34.23 3.89 -20.76
N GLU D 234 33.79 2.73 -21.26
CA GLU D 234 33.20 2.66 -22.58
C GLU D 234 31.89 3.45 -22.63
N SER D 235 31.07 3.34 -21.57
CA SER D 235 29.80 4.04 -21.49
C SER D 235 29.62 4.54 -20.07
N ASN D 236 28.75 5.55 -19.94
CA ASN D 236 28.45 6.11 -18.63
C ASN D 236 27.52 5.19 -17.86
N CYS D 237 27.06 5.65 -16.69
CA CYS D 237 26.27 4.80 -15.80
C CYS D 237 24.90 4.48 -16.40
N SER D 238 24.40 5.31 -17.32
CA SER D 238 23.11 5.04 -17.94
C SER D 238 23.18 3.81 -18.83
N GLN D 239 24.04 3.86 -19.86
CA GLN D 239 24.15 2.74 -20.78
C GLN D 239 24.83 1.52 -20.15
N TYR D 240 25.48 1.69 -19.01
CA TYR D 240 26.11 0.57 -18.33
C TYR D 240 25.06 -0.47 -17.93
N MET D 241 23.90 0.00 -17.46
CA MET D 241 22.84 -0.93 -17.07
C MET D 241 22.38 -1.77 -18.24
N GLU D 242 22.10 -1.12 -19.38
CA GLU D 242 21.63 -1.86 -20.55
C GLU D 242 22.71 -2.82 -21.05
N LYS D 243 23.97 -2.38 -21.05
CA LYS D 243 25.03 -3.26 -21.54
C LYS D 243 25.19 -4.48 -20.63
N VAL D 244 25.14 -4.27 -19.31
CA VAL D 244 25.28 -5.40 -18.39
C VAL D 244 24.09 -6.35 -18.52
N LEU D 245 22.88 -5.80 -18.68
CA LEU D 245 21.72 -6.66 -18.89
C LEU D 245 21.85 -7.47 -20.17
N GLY D 246 22.33 -6.84 -21.24
CA GLY D 246 22.52 -7.57 -22.48
C GLY D 246 23.56 -8.67 -22.35
N ARG D 247 24.68 -8.38 -21.68
CA ARG D 247 25.71 -9.39 -21.49
C ARG D 247 25.19 -10.54 -20.63
N LEU D 248 24.43 -10.23 -19.58
CA LEU D 248 23.84 -11.27 -18.74
C LEU D 248 22.86 -12.13 -19.53
N LYS D 249 22.00 -11.49 -20.32
CA LYS D 249 21.01 -12.22 -21.10
C LYS D 249 21.69 -13.12 -22.13
N ASP D 250 22.74 -12.63 -22.79
CA ASP D 250 23.50 -13.47 -23.70
C ASP D 250 24.17 -14.62 -22.95
N GLU D 251 24.71 -14.34 -21.77
CA GLU D 251 25.31 -15.41 -20.97
C GLU D 251 24.27 -16.40 -20.49
N GLU D 252 23.10 -15.90 -20.08
CA GLU D 252 22.09 -16.77 -19.47
C GLU D 252 21.60 -17.82 -20.45
N ILE D 253 21.37 -17.43 -21.71
CA ILE D 253 20.96 -18.43 -22.70
C ILE D 253 22.16 -19.29 -23.10
N ARG D 254 23.38 -18.76 -23.01
CA ARG D 254 24.56 -19.52 -23.39
C ARG D 254 24.85 -20.63 -22.39
N CYS D 255 24.78 -20.32 -21.10
CA CYS D 255 25.08 -21.30 -20.07
C CYS D 255 24.09 -22.46 -20.09
N ARG D 256 22.84 -22.19 -20.45
CA ARG D 256 21.81 -23.24 -20.43
C ARG D 256 22.10 -24.33 -21.45
N LYS D 257 22.68 -23.97 -22.60
CA LYS D 257 22.94 -24.93 -23.66
C LYS D 257 24.37 -25.46 -23.65
N TYR D 258 25.20 -25.08 -22.68
CA TYR D 258 26.60 -25.46 -22.70
C TYR D 258 26.98 -26.37 -21.54
N LEU D 259 26.73 -25.98 -20.29
CA LEU D 259 27.17 -26.76 -19.15
C LEU D 259 25.97 -27.37 -18.43
N HIS D 260 26.26 -28.07 -17.33
CA HIS D 260 25.28 -28.93 -16.70
C HIS D 260 24.17 -28.11 -16.05
N PRO D 261 22.94 -28.64 -16.00
CA PRO D 261 21.83 -27.88 -15.40
C PRO D 261 22.03 -27.50 -13.95
N SER D 262 22.76 -28.31 -13.16
CA SER D 262 22.90 -28.02 -11.74
C SER D 262 23.60 -26.69 -11.50
N SER D 263 24.66 -26.43 -12.26
CA SER D 263 25.43 -25.20 -12.13
C SER D 263 24.94 -24.09 -13.04
N TYR D 264 23.66 -24.09 -13.40
CA TYR D 264 23.11 -23.02 -14.22
C TYR D 264 23.14 -21.67 -13.51
N THR D 265 23.12 -21.66 -12.18
CA THR D 265 23.14 -20.42 -11.43
C THR D 265 24.54 -20.01 -10.97
N LYS D 266 25.46 -20.97 -10.84
CA LYS D 266 26.83 -20.65 -10.44
C LYS D 266 27.54 -19.78 -11.46
N VAL D 267 27.12 -19.82 -12.73
CA VAL D 267 27.68 -18.93 -13.73
C VAL D 267 27.16 -17.51 -13.57
N ILE D 268 25.84 -17.37 -13.43
CA ILE D 268 25.23 -16.05 -13.28
C ILE D 268 25.68 -15.41 -11.97
N HIS D 269 25.73 -16.19 -10.89
CA HIS D 269 26.17 -15.67 -9.61
C HIS D 269 27.62 -15.20 -9.67
N GLU D 270 28.47 -15.97 -10.35
CA GLU D 270 29.86 -15.55 -10.54
C GLU D 270 29.92 -14.26 -11.36
N CYS D 271 29.07 -14.16 -12.39
CA CYS D 271 29.02 -12.94 -13.18
C CYS D 271 28.54 -11.76 -12.36
N GLN D 272 27.51 -11.96 -11.54
CA GLN D 272 26.92 -10.86 -10.78
C GLN D 272 27.91 -10.25 -9.80
N GLN D 273 28.69 -11.10 -9.12
CA GLN D 273 29.70 -10.59 -8.19
C GLN D 273 30.80 -9.82 -8.90
N ARG D 274 31.04 -10.08 -10.19
CA ARG D 274 32.13 -9.45 -10.91
C ARG D 274 31.67 -8.42 -11.92
N MET D 275 30.38 -8.35 -12.23
CA MET D 275 29.84 -7.34 -13.14
C MET D 275 28.89 -6.36 -12.48
N VAL D 276 28.27 -6.72 -11.35
CA VAL D 276 27.29 -5.88 -10.68
C VAL D 276 27.75 -5.47 -9.29
N ALA D 277 28.23 -6.44 -8.50
CA ALA D 277 28.60 -6.15 -7.12
C ALA D 277 29.90 -5.37 -7.03
N ASP D 278 30.82 -5.57 -7.98
CA ASP D 278 32.13 -4.94 -7.89
C ASP D 278 32.07 -3.42 -8.08
N HIS D 279 30.98 -2.91 -8.65
CA HIS D 279 30.81 -1.48 -8.86
C HIS D 279 29.65 -0.93 -8.03
N LEU D 280 29.50 -1.45 -6.81
CA LEU D 280 28.37 -1.07 -5.96
C LEU D 280 28.38 0.43 -5.68
N GLN D 281 29.56 0.99 -5.42
CA GLN D 281 29.67 2.44 -5.28
C GLN D 281 29.29 3.14 -6.58
N PHE D 282 29.74 2.61 -7.71
CA PHE D 282 29.49 3.25 -9.00
C PHE D 282 27.99 3.27 -9.32
N LEU D 283 27.30 2.16 -9.07
CA LEU D 283 25.86 2.15 -9.29
C LEU D 283 25.13 3.02 -8.27
N HIS D 284 25.53 2.94 -7.00
CA HIS D 284 24.83 3.67 -5.95
C HIS D 284 24.98 5.18 -6.10
N ALA D 285 26.09 5.64 -6.71
CA ALA D 285 26.27 7.07 -6.91
C ALA D 285 25.20 7.65 -7.81
N GLU D 286 24.89 6.96 -8.90
CA GLU D 286 23.85 7.40 -9.83
C GLU D 286 22.47 6.87 -9.45
N CYS D 287 22.38 6.03 -8.42
CA CYS D 287 21.06 5.60 -7.94
C CYS D 287 20.21 6.78 -7.49
N HIS D 288 20.84 7.81 -6.93
CA HIS D 288 20.10 9.00 -6.52
C HIS D 288 19.56 9.75 -7.73
N ASN D 289 20.43 10.03 -8.71
CA ASN D 289 20.02 10.83 -9.86
C ASN D 289 19.04 10.10 -10.75
N ILE D 290 19.19 8.78 -10.85
CA ILE D 290 18.33 7.99 -11.73
C ILE D 290 16.89 8.01 -11.24
N ILE D 291 16.67 8.28 -9.96
CA ILE D 291 15.33 8.44 -9.41
C ILE D 291 14.90 9.89 -9.39
N ARG D 292 15.83 10.81 -9.10
CA ARG D 292 15.48 12.22 -9.07
C ARG D 292 15.07 12.77 -10.43
N GLN D 293 15.45 12.11 -11.52
CA GLN D 293 15.04 12.53 -12.86
C GLN D 293 14.11 11.52 -13.53
N GLU D 294 13.62 10.53 -12.78
CA GLU D 294 12.61 9.59 -13.27
C GLU D 294 13.04 8.84 -14.52
N LYS D 295 14.29 8.38 -14.53
CA LYS D 295 14.77 7.57 -15.65
C LYS D 295 14.14 6.19 -15.58
N LYS D 296 13.01 6.02 -16.27
CA LYS D 296 12.13 4.86 -16.04
C LYS D 296 12.83 3.56 -16.39
N ASN D 297 13.18 3.38 -17.67
CA ASN D 297 13.82 2.13 -18.08
C ASN D 297 15.18 1.98 -17.40
N ASP D 298 15.90 3.08 -17.25
CA ASP D 298 17.21 3.03 -16.59
C ASP D 298 17.09 2.55 -15.15
N MET D 299 16.11 3.09 -14.40
CA MET D 299 15.97 2.65 -13.01
C MET D 299 15.40 1.24 -12.94
N ALA D 300 14.63 0.82 -13.95
CA ALA D 300 14.18 -0.57 -14.00
C ALA D 300 15.36 -1.51 -14.12
N ASN D 301 16.28 -1.20 -15.04
CA ASN D 301 17.47 -2.02 -15.20
C ASN D 301 18.33 -1.97 -13.94
N MET D 302 18.43 -0.79 -13.32
CA MET D 302 19.19 -0.66 -12.08
C MET D 302 18.62 -1.53 -10.98
N TYR D 303 17.29 -1.53 -10.84
CA TYR D 303 16.65 -2.35 -9.82
C TYR D 303 16.85 -3.83 -10.10
N VAL D 304 16.71 -4.23 -11.37
CA VAL D 304 16.89 -5.64 -11.72
C VAL D 304 18.31 -6.09 -11.41
N LEU D 305 19.29 -5.23 -11.70
CA LEU D 305 20.67 -5.54 -11.35
C LEU D 305 20.87 -5.60 -9.84
N LEU D 306 20.22 -4.71 -9.10
CA LEU D 306 20.46 -4.62 -7.67
C LEU D 306 19.98 -5.85 -6.91
N ARG D 307 18.88 -6.46 -7.36
CA ARG D 307 18.38 -7.65 -6.68
C ARG D 307 19.35 -8.81 -6.80
N ALA D 308 20.15 -8.84 -7.87
CA ALA D 308 21.17 -9.87 -8.00
C ALA D 308 22.29 -9.70 -6.99
N VAL D 309 22.51 -8.48 -6.50
CA VAL D 309 23.55 -8.24 -5.50
C VAL D 309 23.17 -8.92 -4.19
N SER D 310 24.19 -9.28 -3.40
CA SER D 310 23.93 -9.77 -2.05
C SER D 310 23.21 -8.72 -1.22
N THR D 311 23.63 -7.46 -1.33
CA THR D 311 22.90 -6.34 -0.71
C THR D 311 23.10 -5.09 -1.57
N GLY D 312 22.18 -4.87 -2.49
CA GLY D 312 22.19 -3.69 -3.32
C GLY D 312 20.90 -2.91 -3.25
N LEU D 313 19.83 -3.63 -2.91
CA LEU D 313 18.50 -3.02 -2.82
C LEU D 313 18.37 -1.91 -1.77
N PRO D 314 18.86 -2.06 -0.54
CA PRO D 314 18.53 -1.05 0.50
C PRO D 314 18.96 0.37 0.17
N HIS D 315 20.07 0.56 -0.56
CA HIS D 315 20.47 1.91 -0.91
C HIS D 315 19.42 2.57 -1.81
N MET D 316 18.96 1.86 -2.83
CA MET D 316 17.92 2.41 -3.69
C MET D 316 16.60 2.55 -2.94
N ILE D 317 16.34 1.66 -1.97
CA ILE D 317 15.19 1.82 -1.11
C ILE D 317 15.23 3.16 -0.40
N GLN D 318 16.39 3.48 0.20
CA GLN D 318 16.56 4.74 0.91
C GLN D 318 16.44 5.93 -0.05
N GLU D 319 17.03 5.81 -1.24
CA GLU D 319 16.96 6.89 -2.22
C GLU D 319 15.53 7.17 -2.65
N LEU D 320 14.76 6.12 -2.94
CA LEU D 320 13.37 6.30 -3.33
C LEU D 320 12.55 6.86 -2.20
N GLN D 321 12.78 6.38 -0.97
CA GLN D 321 12.05 6.91 0.18
C GLN D 321 12.34 8.39 0.38
N ASN D 322 13.61 8.78 0.27
CA ASN D 322 13.99 10.17 0.44
C ASN D 322 13.39 11.05 -0.66
N HIS D 323 13.41 10.59 -1.91
CA HIS D 323 12.83 11.38 -2.98
C HIS D 323 11.33 11.52 -2.81
N ILE D 324 10.65 10.45 -2.40
CA ILE D 324 9.22 10.52 -2.15
C ILE D 324 8.93 11.50 -1.02
N HIS D 325 9.74 11.45 0.04
CA HIS D 325 9.58 12.39 1.16
C HIS D 325 9.73 13.82 0.69
N ASP D 326 10.79 14.10 -0.08
CA ASP D 326 11.04 15.45 -0.55
C ASP D 326 9.92 15.95 -1.46
N GLU D 327 9.43 15.09 -2.36
CA GLU D 327 8.42 15.55 -3.30
C GLU D 327 7.07 15.73 -2.61
N GLY D 328 6.71 14.82 -1.71
CA GLY D 328 5.48 14.97 -0.96
C GLY D 328 5.51 16.19 -0.05
N LEU D 329 6.67 16.52 0.50
CA LEU D 329 6.80 17.74 1.27
C LEU D 329 6.48 18.97 0.42
N ARG D 330 7.12 19.06 -0.75
CA ARG D 330 6.89 20.21 -1.63
C ARG D 330 5.46 20.23 -2.15
N ALA D 331 4.91 19.06 -2.47
CA ALA D 331 3.53 18.99 -2.94
C ALA D 331 2.52 19.34 -1.85
N THR D 332 2.94 19.33 -0.60
CA THR D 332 2.08 19.69 0.53
C THR D 332 2.65 20.83 1.35
N SER D 333 3.64 21.55 0.82
CA SER D 333 4.27 22.63 1.57
C SER D 333 3.36 23.84 1.66
N ASN D 334 3.05 24.46 0.52
CA ASN D 334 2.19 25.63 0.47
C ASN D 334 0.87 25.32 -0.22
N LEU D 335 -0.22 25.64 0.46
CA LEU D 335 -1.57 25.42 -0.04
C LEU D 335 -2.40 26.66 0.26
N THR D 336 -3.48 26.83 -0.49
CA THR D 336 -4.41 27.92 -0.20
C THR D 336 -5.24 27.58 1.04
N GLN D 337 -5.15 28.43 2.06
CA GLN D 337 -5.75 28.12 3.35
C GLN D 337 -7.27 28.08 3.29
N GLU D 338 -7.88 28.79 2.34
CA GLU D 338 -9.33 28.77 2.23
C GLU D 338 -9.84 27.41 1.79
N ASN D 339 -9.13 26.76 0.86
CA ASN D 339 -9.46 25.43 0.37
C ASN D 339 -8.34 24.44 0.70
N MET D 340 -7.80 24.53 1.92
CA MET D 340 -6.71 23.65 2.32
C MET D 340 -7.06 22.17 2.33
N PRO D 341 -8.17 21.71 2.94
CA PRO D 341 -8.33 20.26 3.12
C PRO D 341 -8.47 19.48 1.83
N THR D 342 -9.39 19.89 0.95
CA THR D 342 -9.64 19.13 -0.27
C THR D 342 -8.41 19.12 -1.17
N LEU D 343 -7.76 20.28 -1.33
CA LEU D 343 -6.57 20.34 -2.17
C LEU D 343 -5.44 19.53 -1.56
N PHE D 344 -5.32 19.55 -0.23
CA PHE D 344 -4.32 18.75 0.47
C PHE D 344 -4.52 17.27 0.20
N VAL D 345 -5.75 16.79 0.35
CA VAL D 345 -6.04 15.38 0.13
C VAL D 345 -5.81 15.00 -1.33
N GLU D 346 -6.22 15.87 -2.25
CA GLU D 346 -6.00 15.60 -3.67
C GLU D 346 -4.51 15.50 -3.98
N SER D 347 -3.72 16.42 -3.43
CA SER D 347 -2.28 16.40 -3.68
C SER D 347 -1.63 15.13 -3.13
N VAL D 348 -1.92 14.79 -1.87
CA VAL D 348 -1.26 13.64 -1.27
C VAL D 348 -1.72 12.35 -1.96
N LEU D 349 -3.00 12.28 -2.34
CA LEU D 349 -3.51 11.07 -2.99
C LEU D 349 -2.94 10.92 -4.39
N GLU D 350 -2.81 12.01 -5.14
CA GLU D 350 -2.21 11.90 -6.47
C GLU D 350 -0.73 11.57 -6.39
N VAL D 351 -0.02 12.10 -5.37
CA VAL D 351 1.37 11.71 -5.16
C VAL D 351 1.49 10.22 -4.88
N HIS D 352 0.64 9.71 -3.98
CA HIS D 352 0.65 8.29 -3.67
C HIS D 352 0.33 7.46 -4.90
N GLY D 353 -0.66 7.89 -5.68
CA GLY D 353 -1.04 7.13 -6.86
C GLY D 353 0.07 7.06 -7.88
N LYS D 354 0.69 8.21 -8.18
CA LYS D 354 1.80 8.23 -9.12
C LYS D 354 2.93 7.33 -8.66
N PHE D 355 3.29 7.41 -7.37
CA PHE D 355 4.41 6.63 -6.89
C PHE D 355 4.10 5.14 -6.89
N VAL D 356 2.91 4.75 -6.41
CA VAL D 356 2.60 3.32 -6.36
C VAL D 356 2.46 2.76 -7.77
N GLN D 357 2.03 3.58 -8.74
CA GLN D 357 2.09 3.16 -10.13
C GLN D 357 3.54 2.95 -10.56
N LEU D 358 4.44 3.83 -10.12
CA LEU D 358 5.84 3.72 -10.50
C LEU D 358 6.51 2.51 -9.85
N ILE D 359 5.99 2.02 -8.72
CA ILE D 359 6.67 0.96 -7.97
C ILE D 359 6.73 -0.33 -8.78
N ASN D 360 5.58 -0.77 -9.31
CA ASN D 360 5.53 -2.09 -9.93
C ASN D 360 5.44 -2.07 -11.44
N THR D 361 5.04 -0.95 -12.05
CA THR D 361 5.18 -0.83 -13.49
C THR D 361 6.65 -0.80 -13.92
N VAL D 362 7.55 -0.48 -13.00
CA VAL D 362 8.95 -0.28 -13.35
C VAL D 362 9.84 -1.22 -12.53
N LEU D 363 9.62 -1.27 -11.22
CA LEU D 363 10.48 -2.03 -10.32
C LEU D 363 9.82 -3.30 -9.80
N ASN D 364 8.80 -3.82 -10.51
CA ASN D 364 8.29 -5.17 -10.35
C ASN D 364 7.50 -5.29 -9.04
N GLY D 365 7.49 -4.22 -8.23
CA GLY D 365 6.65 -4.18 -7.06
C GLY D 365 7.10 -5.06 -5.92
N ASP D 366 8.31 -4.81 -5.42
CA ASP D 366 8.77 -5.48 -4.22
C ASP D 366 8.01 -4.94 -3.02
N GLN D 367 7.78 -5.81 -2.04
CA GLN D 367 7.22 -5.37 -0.77
C GLN D 367 8.15 -4.38 -0.07
N HIS D 368 9.45 -4.47 -0.33
CA HIS D 368 10.39 -3.51 0.25
C HIS D 368 10.07 -2.10 -0.19
N PHE D 369 9.85 -1.90 -1.49
CA PHE D 369 9.59 -0.55 -2.00
C PHE D 369 8.23 -0.05 -1.56
N MET D 370 7.24 -0.94 -1.48
CA MET D 370 5.93 -0.54 -0.98
C MET D 370 6.02 -0.09 0.48
N SER D 371 6.76 -0.84 1.30
CA SER D 371 6.94 -0.45 2.70
C SER D 371 7.72 0.85 2.81
N ALA D 372 8.72 1.05 1.94
CA ALA D 372 9.45 2.30 1.93
C ALA D 372 8.55 3.46 1.57
N LEU D 373 7.68 3.27 0.58
CA LEU D 373 6.70 4.30 0.24
C LEU D 373 5.77 4.58 1.40
N ASP D 374 5.38 3.52 2.12
CA ASP D 374 4.52 3.68 3.29
C ASP D 374 5.18 4.57 4.32
N LYS D 375 6.44 4.26 4.67
CA LYS D 375 7.15 5.06 5.66
C LYS D 375 7.33 6.50 5.17
N ALA D 376 7.71 6.68 3.91
CA ALA D 376 7.97 8.01 3.38
C ALA D 376 6.71 8.87 3.41
N LEU D 377 5.61 8.35 2.88
CA LEU D 377 4.39 9.14 2.88
C LEU D 377 3.80 9.28 4.28
N THR D 378 4.11 8.35 5.19
CA THR D 378 3.73 8.52 6.59
C THR D 378 4.41 9.73 7.19
N SER D 379 5.72 9.85 6.96
CA SER D 379 6.42 11.06 7.39
C SER D 379 5.98 12.29 6.62
N VAL D 380 5.46 12.12 5.41
CA VAL D 380 5.03 13.28 4.62
C VAL D 380 3.73 13.85 5.17
N VAL D 381 2.69 13.02 5.28
CA VAL D 381 1.39 13.53 5.69
C VAL D 381 1.37 13.89 7.17
N ASN D 382 2.31 13.39 7.95
CA ASN D 382 2.42 13.74 9.36
C ASN D 382 3.21 15.02 9.59
N TYR D 383 3.68 15.68 8.53
CA TYR D 383 4.58 16.81 8.68
C TYR D 383 3.94 17.93 9.48
N ARG D 384 4.74 18.53 10.35
CA ARG D 384 4.28 19.58 11.25
C ARG D 384 5.41 20.57 11.47
N GLU D 385 5.05 21.79 11.82
CA GLU D 385 6.05 22.75 12.27
C GLU D 385 6.60 22.30 13.62
N PRO D 386 7.92 22.36 13.82
CA PRO D 386 8.50 21.88 15.07
C PRO D 386 7.96 22.65 16.28
N LYS D 387 7.80 21.92 17.38
CA LYS D 387 7.23 22.46 18.63
C LYS D 387 5.85 23.07 18.39
N SER D 388 5.01 22.36 17.65
CA SER D 388 3.65 22.81 17.36
C SER D 388 2.78 21.60 17.09
N VAL D 389 1.47 21.81 17.14
CA VAL D 389 0.53 20.73 16.87
C VAL D 389 0.55 20.37 15.40
N CYS D 390 0.18 19.13 15.10
CA CYS D 390 0.11 18.69 13.71
C CYS D 390 -1.14 19.22 13.05
N LYS D 391 -1.18 19.07 11.72
CA LYS D 391 -2.32 19.55 10.93
C LYS D 391 -3.10 18.43 10.26
N ALA D 392 -2.54 17.23 10.15
CA ALA D 392 -3.18 16.16 9.39
C ALA D 392 -4.55 15.76 9.94
N PRO D 393 -4.74 15.49 11.24
CA PRO D 393 -6.09 15.10 11.69
C PRO D 393 -7.14 16.16 11.43
N GLU D 394 -6.86 17.42 11.78
CA GLU D 394 -7.82 18.49 11.54
C GLU D 394 -8.11 18.65 10.05
N LEU D 395 -7.07 18.59 9.22
CA LEU D 395 -7.25 18.80 7.78
C LEU D 395 -8.08 17.69 7.16
N LEU D 396 -7.82 16.43 7.51
CA LEU D 396 -8.63 15.36 6.93
C LEU D 396 -10.03 15.33 7.52
N ALA D 397 -10.19 15.77 8.78
CA ALA D 397 -11.54 15.92 9.32
C ALA D 397 -12.34 16.92 8.51
N LYS D 398 -11.73 18.08 8.21
CA LYS D 398 -12.43 19.07 7.40
C LYS D 398 -12.61 18.61 5.95
N TYR D 399 -11.71 17.79 5.44
CA TYR D 399 -11.88 17.23 4.10
C TYR D 399 -13.08 16.31 4.04
N CYS D 400 -13.23 15.44 5.02
CA CYS D 400 -14.40 14.56 5.02
C CYS D 400 -15.67 15.35 5.30
N ASP D 401 -15.55 16.44 6.08
CA ASP D 401 -16.68 17.35 6.23
C ASP D 401 -17.10 17.96 4.90
N ASN D 402 -16.13 18.37 4.09
CA ASN D 402 -16.42 18.89 2.75
C ASN D 402 -17.08 17.81 1.89
N LEU D 403 -16.54 16.58 1.95
CA LEU D 403 -17.06 15.51 1.11
C LEU D 403 -18.50 15.16 1.47
N LEU D 404 -18.81 15.11 2.77
CA LEU D 404 -20.15 14.73 3.21
C LEU D 404 -21.09 15.92 3.35
N LYS D 405 -20.63 17.13 3.08
CA LYS D 405 -21.49 18.30 3.22
C LYS D 405 -22.52 18.34 2.11
N LYS D 406 -23.73 18.82 2.45
CA LYS D 406 -24.74 19.07 1.44
C LYS D 406 -24.39 20.35 0.70
N SER D 407 -23.48 20.25 -0.26
CA SER D 407 -22.91 21.39 -0.96
C SER D 407 -23.70 21.69 -2.22
N ALA D 408 -23.56 22.94 -2.69
CA ALA D 408 -24.26 23.40 -3.88
C ALA D 408 -23.59 22.95 -5.16
N LYS D 409 -22.39 22.36 -5.09
CA LYS D 409 -21.71 21.90 -6.30
C LYS D 409 -22.36 20.68 -6.92
N GLY D 410 -23.31 20.05 -6.24
CA GLY D 410 -24.02 18.92 -6.79
C GLY D 410 -23.19 17.68 -7.02
N MET D 411 -22.29 17.36 -6.08
CA MET D 411 -21.51 16.13 -6.18
C MET D 411 -22.41 14.93 -5.95
N THR D 412 -22.35 13.97 -6.86
CA THR D 412 -23.26 12.83 -6.83
C THR D 412 -22.81 11.79 -5.81
N GLU D 413 -23.72 10.86 -5.51
CA GLU D 413 -23.44 9.83 -4.52
C GLU D 413 -22.29 8.93 -4.95
N ASN D 414 -22.25 8.56 -6.22
CA ASN D 414 -21.17 7.70 -6.70
C ASN D 414 -19.82 8.40 -6.59
N GLU D 415 -19.75 9.68 -6.95
CA GLU D 415 -18.49 10.40 -6.88
C GLU D 415 -18.00 10.53 -5.45
N VAL D 416 -18.89 10.87 -4.51
CA VAL D 416 -18.47 11.03 -3.13
C VAL D 416 -18.09 9.68 -2.52
N GLU D 417 -18.80 8.61 -2.88
CA GLU D 417 -18.43 7.29 -2.37
C GLU D 417 -17.09 6.84 -2.92
N ASP D 418 -16.82 7.14 -4.20
CA ASP D 418 -15.51 6.83 -4.77
C ASP D 418 -14.41 7.64 -4.08
N ARG D 419 -14.68 8.91 -3.78
CA ARG D 419 -13.72 9.70 -3.03
C ARG D 419 -13.45 9.12 -1.66
N LEU D 420 -14.49 8.71 -0.95
CA LEU D 420 -14.31 8.11 0.36
C LEU D 420 -13.52 6.82 0.29
N THR D 421 -13.80 5.99 -0.72
CA THR D 421 -12.98 4.79 -0.92
C THR D 421 -11.54 5.14 -1.24
N SER D 422 -11.32 6.25 -1.95
CA SER D 422 -9.97 6.76 -2.11
C SER D 422 -9.46 7.46 -0.86
N PHE D 423 -10.35 7.98 -0.03
CA PHE D 423 -9.93 8.70 1.16
C PHE D 423 -9.30 7.78 2.19
N ILE D 424 -9.76 6.53 2.27
CA ILE D 424 -9.24 5.58 3.25
C ILE D 424 -7.74 5.34 3.02
N THR D 425 -7.33 5.30 1.75
CA THR D 425 -5.92 5.08 1.45
C THR D 425 -5.03 6.18 2.01
N VAL D 426 -5.49 7.43 1.92
CA VAL D 426 -4.73 8.52 2.54
C VAL D 426 -4.82 8.42 4.06
N PHE D 427 -6.00 8.06 4.58
CA PHE D 427 -6.24 8.06 6.02
C PHE D 427 -5.35 7.06 6.76
N LYS D 428 -4.90 6.02 6.07
CA LYS D 428 -4.10 4.98 6.74
C LYS D 428 -2.76 5.53 7.23
N TYR D 429 -2.25 6.59 6.60
CA TYR D 429 -0.89 7.06 6.84
C TYR D 429 -0.77 8.02 8.01
N ILE D 430 -1.86 8.34 8.70
CA ILE D 430 -1.81 9.43 9.68
C ILE D 430 -0.94 9.07 10.88
N ASP D 431 -0.98 7.81 11.31
CA ASP D 431 -0.23 7.32 12.48
C ASP D 431 -0.60 8.06 13.77
N ASP D 432 -1.64 8.87 13.74
CA ASP D 432 -2.19 9.50 14.92
C ASP D 432 -3.71 9.51 14.86
N LYS D 433 -4.30 8.37 14.48
CA LYS D 433 -5.68 8.34 14.02
C LYS D 433 -6.67 8.73 15.11
N ASP D 434 -6.42 8.34 16.36
CA ASP D 434 -7.41 8.55 17.40
C ASP D 434 -7.71 10.02 17.62
N VAL D 435 -6.74 10.90 17.33
CA VAL D 435 -7.01 12.33 17.39
C VAL D 435 -7.97 12.73 16.27
N PHE D 436 -7.75 12.17 15.07
CA PHE D 436 -8.64 12.46 13.94
C PHE D 436 -10.07 12.04 14.25
N GLN D 437 -10.23 10.93 14.99
CA GLN D 437 -11.56 10.50 15.38
C GLN D 437 -12.26 11.51 16.27
N LYS D 438 -11.49 12.22 17.11
CA LYS D 438 -12.11 13.22 17.96
C LYS D 438 -12.55 14.45 17.18
N PHE D 439 -11.69 14.94 16.28
CA PHE D 439 -12.06 16.09 15.46
C PHE D 439 -13.23 15.75 14.54
N TYR D 440 -13.22 14.54 13.95
CA TYR D 440 -14.32 14.13 13.11
C TYR D 440 -15.62 14.06 13.90
N ALA D 441 -15.57 13.51 15.11
CA ALA D 441 -16.77 13.35 15.89
C ALA D 441 -17.41 14.69 16.23
N ARG D 442 -16.59 15.67 16.62
CA ARG D 442 -17.12 16.97 17.00
C ARG D 442 -17.82 17.63 15.82
N MET D 443 -17.22 17.56 14.63
CA MET D 443 -17.87 18.16 13.47
C MET D 443 -18.88 17.22 12.82
N LEU D 444 -19.15 16.06 13.43
CA LEU D 444 -20.32 15.30 13.01
C LEU D 444 -21.56 15.76 13.74
N ALA D 445 -21.43 16.17 15.01
CA ALA D 445 -22.56 16.74 15.72
C ALA D 445 -23.04 18.01 15.04
N LYS D 446 -22.10 18.86 14.59
CA LYS D 446 -22.47 20.04 13.82
C LYS D 446 -23.13 19.64 12.51
N ARG D 447 -22.64 18.59 11.87
CA ARG D 447 -23.17 18.16 10.58
C ARG D 447 -24.46 17.36 10.70
N LEU D 448 -24.89 17.02 11.91
CA LEU D 448 -26.09 16.21 12.08
C LEU D 448 -27.29 17.02 12.53
N ILE D 449 -27.15 17.79 13.62
CA ILE D 449 -28.28 18.53 14.15
C ILE D 449 -28.74 19.59 13.17
N HIS D 450 -27.80 20.28 12.52
CA HIS D 450 -28.13 21.33 11.58
C HIS D 450 -28.54 20.82 10.20
N GLY D 451 -28.62 19.50 10.02
CA GLY D 451 -29.06 18.96 8.76
C GLY D 451 -28.11 19.15 7.60
N LEU D 452 -26.85 19.50 7.86
CA LEU D 452 -25.89 19.77 6.80
C LEU D 452 -25.38 18.50 6.14
N SER D 453 -25.80 17.32 6.60
CA SER D 453 -25.37 16.07 6.00
C SER D 453 -25.87 15.96 4.57
N MET D 454 -25.07 15.33 3.71
CA MET D 454 -25.47 15.15 2.32
C MET D 454 -26.75 14.34 2.23
N SER D 455 -26.79 13.19 2.91
CA SER D 455 -27.97 12.35 3.04
C SER D 455 -27.69 11.31 4.10
N MET D 456 -28.69 11.02 4.92
CA MET D 456 -28.48 10.14 6.07
C MET D 456 -28.10 8.71 5.67
N ASP D 457 -28.33 8.32 4.42
CA ASP D 457 -27.88 7.03 3.94
C ASP D 457 -26.53 7.10 3.26
N SER D 458 -25.89 8.26 3.25
CA SER D 458 -24.54 8.40 2.73
C SER D 458 -23.48 8.38 3.81
N GLU D 459 -23.85 8.72 5.05
CA GLU D 459 -22.90 8.61 6.15
C GLU D 459 -22.60 7.16 6.49
N GLU D 460 -23.55 6.26 6.24
CA GLU D 460 -23.30 4.84 6.42
C GLU D 460 -22.15 4.36 5.54
N ALA D 461 -22.04 4.90 4.33
CA ALA D 461 -20.92 4.60 3.47
C ALA D 461 -19.62 5.18 3.99
N MET D 462 -19.67 6.05 5.00
CA MET D 462 -18.47 6.60 5.63
C MET D 462 -18.12 5.93 6.93
N ILE D 463 -19.06 5.79 7.86
CA ILE D 463 -18.76 5.16 9.13
C ILE D 463 -18.38 3.70 8.94
N ASN D 464 -19.17 2.95 8.17
CA ASN D 464 -18.83 1.56 7.92
C ASN D 464 -17.62 1.40 7.02
N LYS D 465 -17.16 2.47 6.38
CA LYS D 465 -15.88 2.42 5.69
C LYS D 465 -14.72 2.75 6.62
N LEU D 466 -15.01 3.19 7.85
CA LEU D 466 -13.95 3.43 8.82
C LEU D 466 -13.74 2.23 9.73
N LYS D 467 -14.84 1.65 10.24
CA LYS D 467 -14.73 0.51 11.14
C LYS D 467 -13.98 -0.63 10.48
N GLN D 468 -14.21 -0.84 9.18
CA GLN D 468 -13.49 -1.86 8.43
C GLN D 468 -12.00 -1.55 8.33
N ALA D 469 -11.58 -0.32 8.60
CA ALA D 469 -10.17 0.04 8.56
C ALA D 469 -9.58 0.42 9.92
N CYS D 470 -10.40 0.50 10.97
CA CYS D 470 -9.86 0.84 12.28
C CYS D 470 -10.51 0.08 13.44
N GLY D 471 -11.41 -0.85 13.17
CA GLY D 471 -12.00 -1.63 14.24
C GLY D 471 -13.34 -1.07 14.69
N TYR D 472 -13.90 -1.73 15.70
CA TYR D 472 -15.21 -1.34 16.19
C TYR D 472 -15.15 -0.37 17.36
N GLU D 473 -14.11 -0.45 18.20
CA GLU D 473 -13.98 0.52 19.28
C GLU D 473 -13.47 1.86 18.78
N PHE D 474 -12.91 1.91 17.58
CA PHE D 474 -12.54 3.19 16.99
C PHE D 474 -13.79 3.99 16.62
N THR D 475 -14.63 3.45 15.74
CA THR D 475 -15.88 4.10 15.37
C THR D 475 -17.04 3.49 16.16
N SER D 476 -17.02 3.70 17.46
CA SER D 476 -18.14 3.32 18.31
C SER D 476 -18.96 4.51 18.75
N LYS D 477 -18.30 5.61 19.09
CA LYS D 477 -19.02 6.83 19.42
C LYS D 477 -19.77 7.36 18.21
N LEU D 478 -19.15 7.29 17.03
CA LEU D 478 -19.80 7.76 15.82
C LEU D 478 -21.07 6.96 15.53
N HIS D 479 -20.98 5.63 15.65
CA HIS D 479 -22.08 4.79 15.22
C HIS D 479 -23.25 4.81 16.21
N ARG D 480 -23.02 5.20 17.46
CA ARG D 480 -24.14 5.45 18.35
C ARG D 480 -24.79 6.79 18.04
N MET D 481 -24.02 7.73 17.50
CA MET D 481 -24.59 9.02 17.12
C MET D 481 -25.48 8.88 15.89
N TYR D 482 -24.97 8.24 14.85
CA TYR D 482 -25.71 8.16 13.59
C TYR D 482 -27.01 7.38 13.75
N THR D 483 -27.03 6.36 14.59
CA THR D 483 -28.26 5.62 14.83
C THR D 483 -29.31 6.49 15.49
N ASP D 484 -28.89 7.43 16.35
CA ASP D 484 -29.84 8.26 17.08
C ASP D 484 -30.71 9.09 16.14
N MET D 485 -30.18 9.49 14.99
CA MET D 485 -30.99 10.21 14.02
C MET D 485 -32.10 9.33 13.47
N SER D 486 -31.77 8.11 13.08
CA SER D 486 -32.74 7.20 12.48
C SER D 486 -33.58 6.48 13.52
N VAL D 487 -33.61 6.96 14.76
CA VAL D 487 -34.48 6.43 15.81
C VAL D 487 -35.28 7.54 16.47
N SER D 488 -34.61 8.60 16.93
CA SER D 488 -35.30 9.70 17.61
C SER D 488 -36.31 10.36 16.69
N ALA D 489 -35.95 10.54 15.41
CA ALA D 489 -36.91 11.01 14.43
C ALA D 489 -38.12 10.09 14.37
N ASP D 490 -37.86 8.77 14.35
CA ASP D 490 -38.96 7.81 14.48
C ASP D 490 -39.65 7.98 15.82
N LEU D 491 -38.87 8.21 16.88
CA LEU D 491 -39.45 8.52 18.18
C LEU D 491 -40.34 9.76 18.11
N ASN D 492 -40.03 10.69 17.20
CA ASN D 492 -40.93 11.81 16.93
C ASN D 492 -42.33 11.31 16.58
N ASN D 493 -42.41 10.41 15.60
CA ASN D 493 -43.68 9.80 15.26
C ASN D 493 -44.16 8.83 16.33
N LYS D 494 -43.28 8.41 17.23
CA LYS D 494 -43.67 7.65 18.40
C LYS D 494 -44.04 8.54 19.57
N PHE D 495 -43.89 9.86 19.42
CA PHE D 495 -44.32 10.82 20.42
C PHE D 495 -45.55 11.61 20.02
N ASN D 496 -45.64 12.00 18.75
CA ASN D 496 -46.86 12.65 18.26
C ASN D 496 -48.04 11.71 18.35
N ASN D 497 -47.82 10.41 18.13
CA ASN D 497 -48.86 9.42 18.37
C ASN D 497 -49.25 9.40 19.84
N PHE D 498 -48.27 9.60 20.73
CA PHE D 498 -48.59 9.75 22.15
C PHE D 498 -49.42 11.00 22.41
N ILE D 499 -49.37 11.98 21.51
CA ILE D 499 -50.32 13.10 21.57
C ILE D 499 -51.73 12.58 21.34
N LYS D 500 -51.90 11.71 20.34
CA LYS D 500 -53.22 11.19 20.02
C LYS D 500 -53.68 10.17 21.05
N ASN D 501 -52.76 9.30 21.50
CA ASN D 501 -53.05 8.31 22.53
C ASN D 501 -52.83 8.86 23.93
N GLN D 502 -52.92 10.18 24.10
CA GLN D 502 -52.67 10.80 25.40
C GLN D 502 -53.74 10.44 26.42
N ASP D 503 -54.95 10.13 25.95
CA ASP D 503 -56.25 9.98 26.61
C ASP D 503 -56.85 11.33 26.98
N THR D 504 -56.13 12.43 26.80
CA THR D 504 -56.63 13.78 26.99
C THR D 504 -56.18 14.63 25.81
N VAL D 505 -57.06 15.52 25.36
CA VAL D 505 -56.74 16.36 24.21
C VAL D 505 -55.71 17.39 24.63
N ILE D 506 -54.44 17.13 24.32
CA ILE D 506 -53.33 17.97 24.72
C ILE D 506 -52.97 18.88 23.55
N ASP D 507 -52.79 20.17 23.85
CA ASP D 507 -52.43 21.16 22.85
C ASP D 507 -51.11 21.80 23.24
N LEU D 508 -50.05 21.45 22.51
CA LEU D 508 -48.74 22.02 22.80
C LEU D 508 -48.70 23.52 22.50
N GLY D 509 -49.44 23.96 21.48
CA GLY D 509 -49.31 25.29 20.96
C GLY D 509 -48.09 25.50 20.09
N ILE D 510 -47.24 24.47 19.96
CA ILE D 510 -46.04 24.51 19.16
C ILE D 510 -45.98 23.22 18.36
N SER D 511 -45.72 23.31 17.06
CA SER D 511 -45.56 22.12 16.25
C SER D 511 -44.22 21.47 16.58
N PHE D 512 -44.11 20.95 17.79
CA PHE D 512 -42.84 20.65 18.43
C PHE D 512 -42.39 19.22 18.15
N GLN D 513 -41.07 19.07 18.00
CA GLN D 513 -40.46 17.76 17.82
C GLN D 513 -39.25 17.64 18.73
N ILE D 514 -38.99 16.43 19.19
CA ILE D 514 -37.90 16.16 20.12
C ILE D 514 -36.84 15.35 19.39
N TYR D 515 -35.58 15.52 19.80
CA TYR D 515 -34.45 15.06 19.02
C TYR D 515 -33.36 14.49 19.92
N VAL D 516 -33.77 13.61 20.85
CA VAL D 516 -32.90 13.20 21.95
C VAL D 516 -31.68 12.42 21.44
N LEU D 517 -30.52 12.73 22.00
CA LEU D 517 -29.26 12.05 21.71
C LEU D 517 -28.76 11.33 22.96
N GLN D 518 -27.87 10.36 22.75
CA GLN D 518 -27.28 9.63 23.86
C GLN D 518 -26.27 10.50 24.61
N ALA D 519 -26.29 10.40 25.93
CA ALA D 519 -25.50 11.32 26.77
C ALA D 519 -24.01 11.11 26.57
N GLY D 520 -23.53 9.88 26.70
CA GLY D 520 -22.10 9.67 26.71
C GLY D 520 -21.44 9.53 25.36
N ALA D 521 -22.21 9.50 24.27
CA ALA D 521 -21.66 9.18 22.97
C ALA D 521 -21.50 10.40 22.07
N TRP D 522 -21.74 11.60 22.60
CA TRP D 522 -21.67 12.77 21.74
C TRP D 522 -20.55 13.69 22.23
N PRO D 523 -19.76 14.25 21.32
CA PRO D 523 -18.63 15.10 21.76
C PRO D 523 -19.08 16.34 22.51
N LEU D 524 -20.29 16.82 22.26
CA LEU D 524 -20.79 17.98 22.98
C LEU D 524 -20.96 17.66 24.47
N THR D 525 -20.73 18.66 25.30
CA THR D 525 -20.81 18.52 26.74
C THR D 525 -21.93 19.40 27.27
N GLN D 526 -22.66 18.87 28.26
CA GLN D 526 -23.68 19.66 28.93
C GLN D 526 -23.03 20.85 29.63
N ALA D 527 -23.67 22.01 29.50
CA ALA D 527 -23.21 23.22 30.17
C ALA D 527 -23.21 23.01 31.67
N PRO D 528 -22.04 22.90 32.30
CA PRO D 528 -22.00 22.62 33.74
C PRO D 528 -22.54 23.74 34.60
N SER D 529 -22.63 24.95 34.07
CA SER D 529 -23.13 26.11 34.80
C SER D 529 -24.06 26.86 33.86
N SER D 530 -24.42 28.08 34.25
CA SER D 530 -25.24 28.99 33.45
C SER D 530 -26.62 28.35 33.17
N THR D 531 -27.36 28.18 34.26
CA THR D 531 -28.69 27.61 34.19
C THR D 531 -29.62 28.51 33.38
N PHE D 532 -30.73 27.94 32.94
CA PHE D 532 -31.67 28.63 32.06
C PHE D 532 -33.08 28.43 32.56
N ALA D 533 -33.93 29.43 32.32
CA ALA D 533 -35.35 29.36 32.61
C ALA D 533 -36.09 29.34 31.28
N ILE D 534 -36.55 28.17 30.87
CA ILE D 534 -37.30 28.07 29.61
C ILE D 534 -38.62 28.84 29.74
N PRO D 535 -39.05 29.54 28.70
CA PRO D 535 -40.27 30.34 28.81
C PRO D 535 -41.51 29.48 28.97
N GLN D 536 -42.53 30.08 29.59
CA GLN D 536 -43.75 29.35 29.93
C GLN D 536 -44.61 29.03 28.72
N GLU D 537 -44.47 29.79 27.62
CA GLU D 537 -45.33 29.57 26.47
C GLU D 537 -45.02 28.27 25.72
N LEU D 538 -43.90 27.62 26.03
CA LEU D 538 -43.53 26.37 25.38
C LEU D 538 -43.09 25.29 26.37
N GLU D 539 -43.19 25.56 27.68
CA GLU D 539 -42.86 24.54 28.67
C GLU D 539 -43.89 23.42 28.72
N LYS D 540 -45.07 23.61 28.12
CA LYS D 540 -46.11 22.59 28.14
C LYS D 540 -45.65 21.34 27.41
N SER D 541 -45.10 21.50 26.21
CA SER D 541 -44.61 20.36 25.44
C SER D 541 -43.43 19.71 26.14
N VAL D 542 -42.56 20.51 26.77
CA VAL D 542 -41.42 19.98 27.50
C VAL D 542 -41.89 19.10 28.65
N GLN D 543 -42.85 19.60 29.44
CA GLN D 543 -43.35 18.84 30.57
C GLN D 543 -44.10 17.60 30.12
N MET D 544 -44.81 17.69 28.99
CA MET D 544 -45.46 16.50 28.45
C MET D 544 -44.44 15.46 28.01
N PHE D 545 -43.35 15.90 27.38
CA PHE D 545 -42.34 14.97 26.90
C PHE D 545 -41.58 14.32 28.06
N GLU D 546 -41.35 15.07 29.15
CA GLU D 546 -40.65 14.49 30.29
C GLU D 546 -41.39 13.28 30.84
N LEU D 547 -42.73 13.37 30.90
CA LEU D 547 -43.51 12.22 31.35
C LEU D 547 -43.48 11.10 30.32
N PHE D 548 -43.56 11.45 29.03
CA PHE D 548 -43.64 10.44 27.98
C PHE D 548 -42.37 9.60 27.94
N TYR D 549 -41.21 10.24 28.04
CA TYR D 549 -39.96 9.50 28.02
C TYR D 549 -39.80 8.63 29.26
N SER D 550 -40.37 9.07 30.38
CA SER D 550 -40.37 8.27 31.60
C SER D 550 -41.50 7.25 31.65
N GLN D 551 -42.44 7.30 30.71
CA GLN D 551 -43.53 6.33 30.63
C GLN D 551 -43.26 5.26 29.58
N HIS D 552 -43.06 5.67 28.33
CA HIS D 552 -42.76 4.72 27.26
C HIS D 552 -41.39 4.10 27.43
N PHE D 553 -40.51 4.71 28.22
CA PHE D 553 -39.20 4.17 28.53
C PHE D 553 -38.96 4.34 30.03
N SER D 554 -38.06 3.53 30.58
CA SER D 554 -37.85 3.48 32.01
C SER D 554 -36.38 3.66 32.36
N GLY D 555 -36.15 4.17 33.56
CA GLY D 555 -34.80 4.27 34.10
C GLY D 555 -33.87 5.17 33.31
N ARG D 556 -34.40 6.26 32.75
CA ARG D 556 -33.61 7.17 31.93
C ARG D 556 -33.80 8.60 32.41
N LYS D 557 -32.71 9.36 32.45
CA LYS D 557 -32.76 10.76 32.83
C LYS D 557 -32.33 11.62 31.66
N LEU D 558 -33.17 12.59 31.31
CA LEU D 558 -32.92 13.49 30.19
C LEU D 558 -32.30 14.79 30.68
N THR D 559 -31.36 15.31 29.90
CA THR D 559 -30.76 16.61 30.18
C THR D 559 -30.85 17.47 28.93
N TRP D 560 -31.55 18.59 29.04
CA TRP D 560 -31.74 19.48 27.90
C TRP D 560 -30.46 20.27 27.62
N LEU D 561 -30.42 20.87 26.45
CA LEU D 561 -29.27 21.61 25.94
C LEU D 561 -29.71 22.93 25.34
N HIS D 562 -30.48 23.70 26.12
CA HIS D 562 -31.06 24.96 25.66
C HIS D 562 -30.08 25.85 24.91
N TYR D 563 -28.77 25.71 25.15
CA TYR D 563 -27.79 26.52 24.44
C TYR D 563 -27.76 26.23 22.95
N LEU D 564 -28.21 25.04 22.53
CA LEU D 564 -28.09 24.62 21.14
C LEU D 564 -29.41 24.54 20.41
N CYS D 565 -30.53 24.50 21.13
CA CYS D 565 -31.83 24.27 20.52
C CYS D 565 -32.20 25.40 19.57
N THR D 566 -32.27 25.09 18.28
CA THR D 566 -32.65 26.07 17.29
C THR D 566 -34.16 26.05 17.05
N GLY D 567 -34.70 27.21 16.71
CA GLY D 567 -36.13 27.32 16.43
C GLY D 567 -36.41 28.59 15.67
N GLU D 568 -37.61 28.65 15.11
CA GLU D 568 -38.05 29.80 14.33
C GLU D 568 -39.25 30.46 14.97
N VAL D 569 -39.26 31.79 14.98
CA VAL D 569 -40.21 32.59 15.74
C VAL D 569 -40.88 33.58 14.80
N LYS D 570 -42.19 33.79 15.00
CA LYS D 570 -42.94 34.83 14.32
C LYS D 570 -43.23 35.96 15.31
N MET D 571 -42.99 37.19 14.87
CA MET D 571 -43.20 38.35 15.73
C MET D 571 -44.66 38.51 16.10
N ASN D 572 -44.92 38.98 17.32
CA ASN D 572 -46.27 39.07 17.86
C ASN D 572 -47.01 40.22 17.20
N TYR D 573 -47.42 39.98 15.95
CA TYR D 573 -48.21 40.93 15.17
C TYR D 573 -47.50 42.28 15.04
N LEU D 574 -46.18 42.24 14.87
CA LEU D 574 -45.39 43.44 14.68
C LEU D 574 -45.44 43.94 13.24
N GLY D 575 -46.11 43.23 12.34
CA GLY D 575 -46.11 43.56 10.94
C GLY D 575 -44.91 42.94 10.22
N LYS D 576 -44.98 42.97 8.88
CA LYS D 576 -43.95 42.43 8.00
C LYS D 576 -43.68 40.98 8.36
N PRO D 577 -44.58 40.04 8.02
CA PRO D 577 -44.47 38.67 8.54
C PRO D 577 -43.19 37.95 8.15
N TYR D 578 -42.34 37.69 9.14
CA TYR D 578 -41.09 36.97 8.96
C TYR D 578 -40.98 35.87 10.01
N VAL D 579 -40.16 34.87 9.71
CA VAL D 579 -39.80 33.83 10.66
C VAL D 579 -38.29 33.83 10.84
N ALA D 580 -37.84 33.79 12.09
CA ALA D 580 -36.43 33.98 12.43
C ALA D 580 -35.90 32.72 13.09
N MET D 581 -35.01 32.01 12.40
CA MET D 581 -34.33 30.85 12.97
C MET D 581 -33.45 31.34 14.12
N VAL D 582 -33.88 31.06 15.35
CA VAL D 582 -33.22 31.58 16.54
C VAL D 582 -32.92 30.44 17.50
N THR D 583 -31.75 30.48 18.11
CA THR D 583 -31.50 29.62 19.25
C THR D 583 -32.34 30.08 20.43
N THR D 584 -32.53 29.19 21.40
CA THR D 584 -33.35 29.51 22.57
C THR D 584 -32.76 30.70 23.33
N TYR D 585 -31.44 30.79 23.40
CA TYR D 585 -30.80 31.93 24.03
C TYR D 585 -31.21 33.24 23.36
N GLN D 586 -31.19 33.27 22.03
CA GLN D 586 -31.66 34.43 21.29
C GLN D 586 -33.15 34.36 20.97
N MET D 587 -33.90 33.57 21.73
CA MET D 587 -35.36 33.53 21.64
C MET D 587 -36.03 34.03 22.91
N ALA D 588 -35.70 33.43 24.06
CA ALA D 588 -36.34 33.80 25.31
C ALA D 588 -36.07 35.26 25.67
N VAL D 589 -34.82 35.70 25.53
CA VAL D 589 -34.50 37.09 25.79
C VAL D 589 -35.21 38.01 24.80
N LEU D 590 -35.55 37.50 23.62
CA LEU D 590 -36.41 38.26 22.71
C LEU D 590 -37.87 38.20 23.13
N LEU D 591 -38.31 37.06 23.68
CA LEU D 591 -39.69 36.91 24.13
C LEU D 591 -40.08 37.92 25.20
N ALA D 592 -39.13 38.41 25.97
CA ALA D 592 -39.41 39.44 26.98
C ALA D 592 -39.91 40.74 26.36
N PHE D 593 -39.74 40.93 25.05
CA PHE D 593 -40.27 42.10 24.37
C PHE D 593 -41.73 41.93 23.97
N ASN D 594 -42.34 40.79 24.29
CA ASN D 594 -43.79 40.64 24.13
C ASN D 594 -44.58 41.47 25.13
N ASN D 595 -44.01 41.78 26.29
CA ASN D 595 -44.71 42.53 27.33
C ASN D 595 -44.37 44.01 27.34
N SER D 596 -43.20 44.39 26.87
CA SER D 596 -42.81 45.79 26.83
C SER D 596 -41.96 46.05 25.60
N GLU D 597 -41.96 47.29 25.13
CA GLU D 597 -41.18 47.68 23.97
C GLU D 597 -39.69 47.74 24.25
N THR D 598 -39.30 48.06 25.49
CA THR D 598 -37.90 48.07 25.89
C THR D 598 -37.74 47.16 27.10
N VAL D 599 -36.63 46.40 27.10
CA VAL D 599 -36.35 45.44 28.17
C VAL D 599 -34.90 45.61 28.58
N SER D 600 -34.66 45.83 29.87
CA SER D 600 -33.32 46.08 30.36
C SER D 600 -32.56 44.76 30.53
N TYR D 601 -31.25 44.90 30.72
CA TYR D 601 -30.38 43.74 30.96
C TYR D 601 -30.77 43.01 32.24
N LYS D 602 -31.02 43.77 33.32
CA LYS D 602 -31.45 43.14 34.56
C LYS D 602 -32.88 42.60 34.44
N GLU D 603 -33.69 43.20 33.57
CA GLU D 603 -35.01 42.66 33.28
C GLU D 603 -34.92 41.32 32.55
N LEU D 604 -33.76 41.00 31.98
CA LEU D 604 -33.54 39.71 31.35
C LEU D 604 -32.87 38.71 32.28
N GLN D 605 -32.11 39.19 33.26
CA GLN D 605 -31.37 38.30 34.15
C GLN D 605 -32.30 37.48 35.03
N ASP D 606 -33.50 37.98 35.33
CA ASP D 606 -34.46 37.26 36.14
C ASP D 606 -35.44 36.43 35.34
N SER D 607 -35.87 36.94 34.18
CA SER D 607 -36.81 36.19 33.34
C SER D 607 -36.15 34.93 32.79
N THR D 608 -34.89 35.01 32.37
CA THR D 608 -34.18 33.87 31.83
C THR D 608 -33.36 33.12 32.85
N GLN D 609 -33.02 33.76 33.99
CA GLN D 609 -32.18 33.18 35.02
C GLN D 609 -30.85 32.70 34.46
N MET D 610 -30.35 33.38 33.43
CA MET D 610 -29.17 32.96 32.70
C MET D 610 -27.94 33.73 33.16
N ASN D 611 -26.77 33.18 32.83
CA ASN D 611 -25.51 33.78 33.25
C ASN D 611 -25.25 35.09 32.51
N GLU D 612 -24.39 35.91 33.11
CA GLU D 612 -24.05 37.20 32.51
C GLU D 612 -23.33 37.02 31.17
N LYS D 613 -22.42 36.04 31.09
CA LYS D 613 -21.65 35.84 29.88
C LYS D 613 -22.55 35.45 28.71
N GLU D 614 -23.44 34.47 28.92
CA GLU D 614 -24.32 34.03 27.85
C GLU D 614 -25.35 35.09 27.49
N LEU D 615 -25.84 35.84 28.48
CA LEU D 615 -26.77 36.93 28.18
C LEU D 615 -26.09 38.01 27.35
N THR D 616 -24.85 38.37 27.69
CA THR D 616 -24.12 39.33 26.87
C THR D 616 -23.87 38.79 25.47
N LYS D 617 -23.58 37.50 25.36
CA LYS D 617 -23.35 36.90 24.05
C LYS D 617 -24.60 36.98 23.18
N THR D 618 -25.75 36.60 23.74
CA THR D 618 -26.97 36.62 22.93
C THR D 618 -27.45 38.04 22.65
N ILE D 619 -27.21 38.98 23.57
CA ILE D 619 -27.56 40.37 23.29
C ILE D 619 -26.65 40.94 22.20
N LYS D 620 -25.37 40.56 22.20
CA LYS D 620 -24.48 40.97 21.12
C LYS D 620 -24.94 40.38 19.79
N SER D 621 -25.39 39.12 19.81
CA SER D 621 -25.93 38.51 18.60
C SER D 621 -27.14 39.26 18.09
N LEU D 622 -28.05 39.65 18.99
CA LEU D 622 -29.22 40.43 18.60
C LEU D 622 -28.83 41.81 18.11
N LEU D 623 -27.76 42.39 18.65
CA LEU D 623 -27.27 43.68 18.17
C LEU D 623 -26.68 43.57 16.78
N ASP D 624 -26.03 42.45 16.47
CA ASP D 624 -25.46 42.26 15.14
C ASP D 624 -26.56 42.23 14.08
N VAL D 625 -27.66 41.53 14.34
CA VAL D 625 -28.80 41.54 13.43
C VAL D 625 -29.64 42.80 13.60
N LYS D 626 -29.36 43.59 14.64
CA LYS D 626 -29.98 44.89 14.90
C LYS D 626 -31.48 44.79 15.15
N MET D 627 -31.97 43.59 15.50
CA MET D 627 -33.37 43.48 15.90
C MET D 627 -33.61 44.19 17.22
N ILE D 628 -32.66 44.11 18.15
CA ILE D 628 -32.74 44.77 19.45
C ILE D 628 -31.51 45.65 19.59
N ASN D 629 -31.71 46.91 19.96
CA ASN D 629 -30.62 47.83 20.22
C ASN D 629 -30.51 48.11 21.70
N HIS D 630 -29.41 48.77 22.09
CA HIS D 630 -29.30 49.28 23.45
C HIS D 630 -30.27 50.43 23.63
N ASP D 631 -30.95 50.45 24.78
CA ASP D 631 -31.92 51.50 25.05
C ASP D 631 -31.25 52.88 25.11
N SER D 632 -30.10 52.96 25.77
CA SER D 632 -29.27 54.14 25.72
C SER D 632 -28.18 53.93 24.66
N GLU D 633 -27.24 54.86 24.59
CA GLU D 633 -26.15 54.76 23.61
C GLU D 633 -24.92 54.09 24.20
N LYS D 634 -24.92 53.76 25.48
CA LYS D 634 -23.78 53.13 26.15
C LYS D 634 -23.56 51.75 25.55
N GLU D 635 -22.53 51.61 24.71
CA GLU D 635 -22.25 50.34 24.07
C GLU D 635 -21.78 49.30 25.06
N ASP D 636 -21.10 49.72 26.13
CA ASP D 636 -20.67 48.80 27.16
C ASP D 636 -21.88 48.23 27.91
N ILE D 637 -21.73 47.01 28.41
CA ILE D 637 -22.79 46.31 29.12
C ILE D 637 -22.43 46.29 30.60
N ASP D 638 -23.29 46.90 31.42
CA ASP D 638 -23.14 46.85 32.86
C ASP D 638 -24.38 46.20 33.47
N ALA D 639 -24.52 46.26 34.79
CA ALA D 639 -25.64 45.61 35.46
C ALA D 639 -26.99 46.12 34.96
N GLU D 640 -27.08 47.39 34.56
CA GLU D 640 -28.35 47.90 34.08
C GLU D 640 -28.48 47.80 32.56
N SER D 641 -27.62 48.53 31.83
CA SER D 641 -27.42 48.44 30.37
C SER D 641 -28.71 48.09 29.62
N SER D 642 -29.69 48.98 29.73
CA SER D 642 -31.02 48.70 29.23
C SER D 642 -31.02 48.54 27.70
N PHE D 643 -32.03 47.81 27.20
CA PHE D 643 -32.17 47.54 25.78
C PHE D 643 -33.60 47.82 25.33
N SER D 644 -33.74 48.09 24.04
CA SER D 644 -35.04 48.40 23.45
C SER D 644 -35.19 47.67 22.12
N LEU D 645 -36.44 47.28 21.83
CA LEU D 645 -36.73 46.63 20.55
C LEU D 645 -36.61 47.65 19.42
N ASN D 646 -35.90 47.27 18.37
CA ASN D 646 -35.65 48.13 17.22
C ASN D 646 -36.67 47.78 16.14
N MET D 647 -37.74 48.55 16.06
CA MET D 647 -38.72 48.38 14.98
C MET D 647 -38.17 48.81 13.62
N ASN D 648 -37.06 49.55 13.60
CA ASN D 648 -36.49 50.01 12.34
C ASN D 648 -36.01 48.85 11.49
N PHE D 649 -35.38 47.85 12.11
CA PHE D 649 -34.81 46.74 11.36
C PHE D 649 -35.92 45.84 10.82
N SER D 650 -35.85 45.55 9.52
CA SER D 650 -36.75 44.61 8.87
C SER D 650 -35.92 43.60 8.08
N SER D 651 -36.31 42.34 8.15
CA SER D 651 -35.53 41.28 7.52
C SER D 651 -35.64 41.35 6.01
N LYS D 652 -34.53 41.03 5.34
CA LYS D 652 -34.53 40.96 3.88
C LYS D 652 -35.40 39.80 3.38
N ARG D 653 -35.34 38.67 4.08
CA ARG D 653 -36.11 37.48 3.74
C ARG D 653 -37.06 37.12 4.88
N THR D 654 -38.24 36.63 4.52
CA THR D 654 -39.20 36.18 5.53
C THR D 654 -38.66 34.99 6.31
N LYS D 655 -38.00 34.06 5.62
CA LYS D 655 -37.39 32.89 6.25
C LYS D 655 -35.88 33.18 6.35
N PHE D 656 -35.47 33.74 7.48
CA PHE D 656 -34.09 34.14 7.69
C PHE D 656 -33.59 33.61 9.02
N LYS D 657 -32.28 33.38 9.08
CA LYS D 657 -31.62 32.89 10.29
C LYS D 657 -30.77 34.02 10.87
N ILE D 658 -30.98 34.31 12.15
CA ILE D 658 -30.16 35.29 12.83
C ILE D 658 -28.78 34.70 13.10
N THR D 659 -27.74 35.42 12.70
CA THR D 659 -26.38 34.93 12.81
C THR D 659 -26.00 34.70 14.27
N THR D 660 -25.38 33.55 14.54
CA THR D 660 -25.02 33.18 15.90
C THR D 660 -23.51 33.17 16.09
N GLN D 668 -21.05 28.59 1.05
CA GLN D 668 -20.60 27.84 -0.12
C GLN D 668 -19.93 28.75 -1.13
N GLU D 669 -18.67 29.08 -0.88
CA GLU D 669 -17.88 29.95 -1.75
C GLU D 669 -16.75 29.18 -2.44
N MET D 670 -17.03 27.92 -2.81
CA MET D 670 -16.04 27.08 -3.47
C MET D 670 -16.13 27.14 -4.99
N GLU D 671 -17.14 27.81 -5.54
CA GLU D 671 -17.28 27.91 -7.00
C GLU D 671 -16.32 28.93 -7.61
N GLN D 672 -15.90 29.94 -6.86
CA GLN D 672 -15.01 30.98 -7.38
C GLN D 672 -13.67 31.04 -6.68
N THR D 673 -13.57 30.59 -5.43
CA THR D 673 -12.27 30.55 -4.76
C THR D 673 -11.39 29.45 -5.35
N ARG D 674 -11.99 28.32 -5.73
CA ARG D 674 -11.25 27.27 -6.41
C ARG D 674 -10.68 27.77 -7.73
N SER D 675 -11.48 28.54 -8.49
CA SER D 675 -10.96 29.19 -9.67
C SER D 675 -9.93 30.26 -9.32
N ALA D 676 -10.12 30.94 -8.19
CA ALA D 676 -9.14 31.92 -7.73
C ALA D 676 -7.81 31.27 -7.38
N VAL D 677 -7.84 30.03 -6.91
CA VAL D 677 -6.61 29.27 -6.72
C VAL D 677 -5.90 29.07 -8.05
N ASP D 678 -6.66 28.71 -9.09
CA ASP D 678 -6.08 28.58 -10.43
C ASP D 678 -5.82 29.95 -11.04
N GLU D 679 -6.62 30.96 -10.70
CA GLU D 679 -6.36 32.31 -11.18
C GLU D 679 -5.04 32.83 -10.64
N ASP D 680 -4.77 32.62 -9.35
CA ASP D 680 -3.46 32.97 -8.80
C ASP D 680 -2.35 32.16 -9.45
N ARG D 681 -2.63 30.89 -9.77
CA ARG D 681 -1.67 30.08 -10.52
C ARG D 681 -1.46 30.62 -11.92
N LYS D 682 -2.56 30.88 -12.63
CA LYS D 682 -2.45 31.32 -14.03
C LYS D 682 -1.83 32.71 -14.14
N MET D 683 -2.18 33.61 -13.21
CA MET D 683 -1.63 34.96 -13.25
C MET D 683 -0.12 34.95 -13.04
N TYR D 684 0.36 34.18 -12.07
CA TYR D 684 1.79 34.16 -11.78
C TYR D 684 2.59 33.58 -12.93
N LEU D 685 2.12 32.48 -13.53
CA LEU D 685 2.84 31.91 -14.66
C LEU D 685 2.79 32.84 -15.87
N GLN D 686 1.69 33.59 -16.03
CA GLN D 686 1.60 34.54 -17.13
C GLN D 686 2.68 35.60 -17.02
N ALA D 687 2.92 36.11 -15.81
CA ALA D 687 4.05 37.00 -15.60
C ALA D 687 5.38 36.27 -15.76
N ALA D 688 5.43 35.00 -15.38
CA ALA D 688 6.65 34.21 -15.48
C ALA D 688 6.91 33.67 -16.87
N ILE D 689 5.87 33.50 -17.69
CA ILE D 689 6.08 32.90 -19.01
C ILE D 689 6.79 33.86 -19.97
N VAL D 690 6.64 35.17 -19.78
CA VAL D 690 7.34 36.12 -20.65
C VAL D 690 8.83 36.18 -20.32
N ARG D 691 9.23 35.76 -19.12
CA ARG D 691 10.64 35.82 -18.71
C ARG D 691 11.54 34.93 -19.56
N ILE D 692 11.12 33.72 -19.87
CA ILE D 692 12.01 32.72 -20.45
C ILE D 692 12.45 33.11 -21.86
N MET D 693 11.57 33.66 -22.68
CA MET D 693 11.91 33.98 -24.05
C MET D 693 12.35 35.41 -24.27
N LYS D 694 12.48 36.21 -23.20
CA LYS D 694 12.96 37.58 -23.36
C LYS D 694 14.44 37.62 -23.71
N ALA D 695 15.16 36.53 -23.55
CA ALA D 695 16.57 36.44 -23.91
C ALA D 695 16.82 35.60 -25.15
N ARG D 696 16.21 34.42 -25.22
CA ARG D 696 16.39 33.55 -26.40
C ARG D 696 15.61 34.05 -27.61
N LYS D 697 14.56 34.84 -27.40
CA LYS D 697 13.75 35.50 -28.42
C LYS D 697 12.97 34.52 -29.31
N VAL D 698 13.06 33.21 -29.08
CA VAL D 698 12.35 32.24 -29.90
C VAL D 698 12.19 30.96 -29.08
N LEU D 699 11.06 30.29 -29.27
CA LEU D 699 10.77 29.04 -28.58
C LEU D 699 9.64 28.33 -29.32
N ARG D 700 9.42 27.07 -28.95
CA ARG D 700 8.42 26.21 -29.59
C ARG D 700 7.36 25.83 -28.56
N HIS D 701 6.13 25.64 -29.04
CA HIS D 701 5.07 25.11 -28.18
C HIS D 701 5.44 23.73 -27.64
N ASN D 702 6.06 22.90 -28.47
CA ASN D 702 6.58 21.62 -28.01
C ASN D 702 7.79 21.77 -27.10
N ALA D 703 8.35 22.98 -26.98
CA ALA D 703 9.43 23.25 -26.04
C ALA D 703 9.04 24.20 -24.93
N LEU D 704 7.99 25.01 -25.12
CA LEU D 704 7.52 25.91 -24.08
C LEU D 704 6.99 25.12 -22.89
N ILE D 705 6.25 24.04 -23.15
CA ILE D 705 5.63 23.26 -22.09
C ILE D 705 6.69 22.67 -21.16
N GLN D 706 7.76 22.14 -21.74
CA GLN D 706 8.87 21.63 -20.93
C GLN D 706 9.52 22.76 -20.15
N GLU D 707 9.64 23.95 -20.76
CA GLU D 707 10.30 25.08 -20.11
C GLU D 707 9.53 25.54 -18.88
N VAL D 708 8.21 25.71 -19.02
CA VAL D 708 7.41 26.20 -17.90
C VAL D 708 7.28 25.13 -16.81
N ILE D 709 7.16 23.85 -17.20
CA ILE D 709 6.97 22.81 -16.21
C ILE D 709 8.26 22.53 -15.45
N SER D 710 9.42 22.83 -16.05
CA SER D 710 10.69 22.62 -15.36
C SER D 710 10.92 23.68 -14.30
N GLN D 711 10.62 24.95 -14.61
CA GLN D 711 10.83 26.03 -13.66
C GLN D 711 9.81 26.01 -12.54
N SER D 712 8.66 25.36 -12.73
CA SER D 712 7.59 25.33 -11.74
C SER D 712 7.59 24.04 -10.92
N ARG D 713 8.77 23.49 -10.62
CA ARG D 713 8.83 22.27 -9.83
C ARG D 713 8.44 22.53 -8.38
N ALA D 714 8.86 23.67 -7.82
CA ALA D 714 8.49 24.01 -6.45
C ALA D 714 7.05 24.48 -6.36
N ARG D 715 6.58 25.22 -7.36
CA ARG D 715 5.22 25.73 -7.40
C ARG D 715 4.33 24.70 -8.10
N PHE D 716 3.12 25.13 -8.48
CA PHE D 716 2.15 24.29 -9.19
C PHE D 716 2.73 23.65 -10.45
N ASN D 717 2.09 22.58 -10.92
CA ASN D 717 2.50 21.88 -12.14
C ASN D 717 1.31 21.85 -13.09
N PRO D 718 1.09 22.90 -13.87
CA PRO D 718 -0.05 22.93 -14.78
C PRO D 718 0.15 21.96 -15.95
N SER D 719 -0.98 21.47 -16.46
CA SER D 719 -0.96 20.53 -17.57
C SER D 719 -0.68 21.25 -18.88
N ILE D 720 -0.26 20.47 -19.89
CA ILE D 720 0.06 21.02 -21.20
C ILE D 720 -1.16 21.68 -21.83
N SER D 721 -2.34 21.11 -21.64
CA SER D 721 -3.56 21.68 -22.21
C SER D 721 -3.89 23.05 -21.60
N MET D 722 -3.77 23.18 -20.28
CA MET D 722 -4.12 24.44 -19.62
C MET D 722 -3.06 25.52 -19.79
N ILE D 723 -1.80 25.16 -20.01
CA ILE D 723 -0.81 26.16 -20.39
C ILE D 723 -1.08 26.68 -21.79
N LYS D 724 -1.55 25.79 -22.68
CA LYS D 724 -1.78 26.18 -24.07
C LYS D 724 -2.88 27.23 -24.19
N LYS D 725 -3.94 27.10 -23.36
CA LYS D 725 -5.00 28.10 -23.40
C LYS D 725 -4.58 29.39 -22.72
N CYS D 726 -3.60 29.34 -21.81
CA CYS D 726 -3.16 30.54 -21.12
C CYS D 726 -2.51 31.53 -22.08
N ILE D 727 -1.68 31.02 -23.01
CA ILE D 727 -1.02 31.92 -23.95
C ILE D 727 -2.00 32.53 -24.93
N GLU D 728 -3.16 31.89 -25.15
CA GLU D 728 -4.19 32.48 -26.01
C GLU D 728 -4.72 33.78 -25.41
N VAL D 729 -4.76 33.88 -24.08
CA VAL D 729 -5.12 35.14 -23.46
C VAL D 729 -4.09 36.22 -23.78
N LEU D 730 -2.81 35.86 -23.78
CA LEU D 730 -1.75 36.80 -24.10
C LEU D 730 -1.70 37.16 -25.58
N ILE D 731 -2.39 36.40 -26.44
CA ILE D 731 -2.50 36.81 -27.84
C ILE D 731 -3.27 38.12 -27.94
N ASP D 732 -4.34 38.25 -27.17
CA ASP D 732 -5.13 39.48 -27.18
C ASP D 732 -4.32 40.66 -26.66
N LYS D 733 -3.48 40.43 -25.65
CA LYS D 733 -2.66 41.49 -25.08
C LYS D 733 -1.43 41.81 -25.93
N GLN D 734 -1.27 41.15 -27.08
CA GLN D 734 -0.15 41.35 -28.00
C GLN D 734 1.19 41.07 -27.35
N TYR D 735 1.21 40.29 -26.27
CA TYR D 735 2.46 39.97 -25.59
C TYR D 735 3.12 38.70 -26.11
N ILE D 736 2.45 37.96 -26.99
CA ILE D 736 3.03 36.76 -27.58
C ILE D 736 2.32 36.47 -28.89
N GLU D 737 3.05 35.91 -29.84
CA GLU D 737 2.51 35.46 -31.11
C GLU D 737 3.54 34.56 -31.78
N ARG D 738 3.08 33.83 -32.81
CA ARG D 738 3.95 32.99 -33.61
C ARG D 738 4.41 33.78 -34.84
N SER D 739 5.63 33.49 -35.29
CA SER D 739 6.18 34.21 -36.44
C SER D 739 5.34 33.99 -37.68
N GLN D 740 4.96 32.74 -37.94
CA GLN D 740 4.01 32.40 -38.99
C GLN D 740 2.67 32.06 -38.35
N ALA D 741 1.59 32.27 -39.11
CA ALA D 741 0.26 31.88 -38.64
C ALA D 741 0.16 30.38 -38.39
N SER D 742 1.02 29.59 -39.03
CA SER D 742 1.10 28.16 -38.77
C SER D 742 1.68 27.89 -37.39
N ALA D 743 1.64 26.63 -36.97
CA ALA D 743 2.15 26.23 -35.66
C ALA D 743 3.67 26.10 -35.68
N ASP D 744 4.32 27.23 -35.96
CA ASP D 744 5.77 27.31 -35.99
C ASP D 744 6.28 27.78 -34.62
N GLU D 745 7.55 28.18 -34.56
CA GLU D 745 8.13 28.68 -33.32
C GLU D 745 7.44 29.96 -32.87
N TYR D 746 7.59 30.28 -31.59
CA TYR D 746 6.95 31.44 -30.99
C TYR D 746 7.98 32.54 -30.77
N SER D 747 7.66 33.74 -31.24
CA SER D 747 8.51 34.92 -31.04
C SER D 747 7.60 36.11 -30.78
N TYR D 748 7.72 36.72 -29.61
CA TYR D 748 6.85 37.81 -29.23
C TYR D 748 7.20 39.09 -30.00
N VAL D 749 6.40 40.14 -29.77
CA VAL D 749 6.45 41.32 -30.62
C VAL D 749 7.78 42.05 -30.48
N ALA D 750 8.35 42.10 -29.28
CA ALA D 750 9.58 42.83 -29.05
C ALA D 750 10.79 41.90 -29.13
N PHE E 10 -44.30 37.34 21.24
CA PHE E 10 -43.82 36.55 20.12
C PHE E 10 -44.21 35.10 20.33
N GLU E 11 -44.48 34.39 19.23
CA GLU E 11 -44.82 32.98 19.29
C GLU E 11 -43.86 32.21 18.40
N VAL E 12 -43.61 30.96 18.78
CA VAL E 12 -42.69 30.08 18.06
C VAL E 12 -43.51 28.93 17.49
N LYS E 13 -43.47 28.78 16.16
CA LYS E 13 -44.20 27.69 15.53
C LYS E 13 -43.58 26.34 15.87
N LYS E 14 -42.24 26.24 15.84
CA LYS E 14 -41.57 25.01 16.19
C LYS E 14 -40.11 25.29 16.53
N TRP E 15 -39.51 24.37 17.28
CA TRP E 15 -38.12 24.47 17.68
C TRP E 15 -37.60 23.07 17.94
N ASN E 16 -36.35 22.82 17.55
CA ASN E 16 -35.73 21.51 17.70
C ASN E 16 -34.88 21.52 18.98
N ALA E 17 -35.24 20.66 19.92
CA ALA E 17 -34.59 20.60 21.23
C ALA E 17 -33.78 19.32 21.34
N VAL E 18 -32.46 19.46 21.41
CA VAL E 18 -31.59 18.32 21.62
C VAL E 18 -31.52 18.00 23.10
N ALA E 19 -31.47 16.70 23.40
CA ALA E 19 -31.44 16.26 24.79
C ALA E 19 -30.49 15.07 24.92
N LEU E 20 -29.84 14.98 26.07
CA LEU E 20 -28.91 13.91 26.38
C LEU E 20 -29.51 13.03 27.46
N TRP E 21 -29.44 11.71 27.26
CA TRP E 21 -30.07 10.77 28.18
C TRP E 21 -29.07 9.70 28.60
N ALA E 22 -29.06 9.41 29.89
CA ALA E 22 -28.27 8.32 30.45
C ALA E 22 -29.10 7.65 31.52
N TRP E 23 -28.80 6.37 31.78
CA TRP E 23 -29.60 5.61 32.72
C TRP E 23 -29.38 6.13 34.14
N ASP E 24 -30.48 6.41 34.83
CA ASP E 24 -30.42 7.13 36.10
C ASP E 24 -29.74 6.34 37.21
N ILE E 25 -29.67 5.01 37.11
CA ILE E 25 -28.99 4.26 38.16
C ILE E 25 -27.49 4.53 38.12
N VAL E 26 -26.95 4.81 36.94
CA VAL E 26 -25.53 5.10 36.78
C VAL E 26 -25.36 6.58 36.51
N VAL E 27 -24.12 7.04 36.60
CA VAL E 27 -23.78 8.45 36.37
C VAL E 27 -22.27 8.54 36.19
N ASP E 28 -21.85 9.40 35.27
CA ASP E 28 -20.43 9.73 35.18
C ASP E 28 -19.99 10.39 36.48
N ASN E 29 -18.85 9.95 37.01
CA ASN E 29 -18.43 10.32 38.35
C ASN E 29 -16.97 10.74 38.35
N CYS E 30 -16.65 11.73 39.18
CA CYS E 30 -15.26 12.09 39.46
C CYS E 30 -14.78 11.12 40.53
N ALA E 31 -14.26 9.96 40.08
CA ALA E 31 -13.94 8.87 40.98
C ALA E 31 -12.86 9.24 41.99
N ILE E 32 -12.07 10.29 41.71
CA ILE E 32 -11.07 10.74 42.66
C ILE E 32 -11.74 11.19 43.96
N CYS E 33 -12.77 12.01 43.85
CA CYS E 33 -13.58 12.38 45.00
C CYS E 33 -14.75 11.43 45.22
N ARG E 34 -14.94 10.46 44.32
CA ARG E 34 -15.98 9.44 44.43
C ARG E 34 -17.37 10.07 44.56
N ASN E 35 -17.61 11.11 43.76
CA ASN E 35 -18.87 11.84 43.78
C ASN E 35 -19.34 12.07 42.35
N HIS E 36 -20.52 12.66 42.22
CA HIS E 36 -21.10 12.97 40.92
C HIS E 36 -20.32 14.08 40.24
N ILE E 37 -20.25 14.02 38.91
CA ILE E 37 -19.75 15.16 38.14
C ILE E 37 -20.63 16.38 38.36
N MET E 38 -21.96 16.18 38.31
CA MET E 38 -22.88 17.28 38.57
C MET E 38 -22.76 17.78 40.01
N ASP E 39 -22.56 16.87 40.96
CA ASP E 39 -22.35 17.28 42.34
C ASP E 39 -20.92 17.79 42.52
N LEU E 40 -20.60 18.19 43.74
CA LEU E 40 -19.34 18.83 44.05
C LEU E 40 -18.30 17.81 44.45
N CYS E 41 -17.03 18.21 44.40
CA CYS E 41 -15.95 17.36 44.90
C CYS E 41 -15.97 17.33 46.42
N ILE E 42 -15.53 16.19 46.97
CA ILE E 42 -15.67 15.95 48.40
C ILE E 42 -14.84 16.93 49.23
N GLU E 43 -13.74 17.47 48.68
CA GLU E 43 -12.96 18.44 49.44
C GLU E 43 -13.63 19.80 49.49
N CYS E 44 -14.36 20.18 48.44
CA CYS E 44 -15.24 21.34 48.52
C CYS E 44 -16.62 21.01 49.07
N GLN E 45 -16.95 19.72 49.24
CA GLN E 45 -18.15 19.37 49.99
C GLN E 45 -18.04 19.85 51.43
N ALA E 46 -16.88 19.63 52.05
CA ALA E 46 -16.54 20.32 53.28
C ALA E 46 -16.01 21.71 52.96
N ASN E 47 -16.00 22.58 53.98
CA ASN E 47 -15.62 23.99 53.91
C ASN E 47 -16.15 24.68 52.65
N GLN E 48 -17.42 24.42 52.31
CA GLN E 48 -17.99 24.93 51.08
C GLN E 48 -18.20 26.44 51.10
N ALA E 49 -18.18 27.06 52.28
CA ALA E 49 -18.38 28.51 52.35
C ALA E 49 -17.11 29.25 51.94
N SER E 50 -15.96 28.59 52.01
CA SER E 50 -14.69 29.25 51.69
C SER E 50 -14.61 29.60 50.21
N ALA E 51 -14.92 28.64 49.34
CA ALA E 51 -14.85 28.85 47.89
C ALA E 51 -16.24 28.78 47.28
N THR E 52 -16.46 29.59 46.25
CA THR E 52 -17.75 29.63 45.56
C THR E 52 -18.01 28.36 44.76
N SER E 53 -17.02 27.48 44.60
CA SER E 53 -17.12 26.19 43.94
C SER E 53 -17.46 26.30 42.46
N GLU E 54 -17.28 27.47 41.85
CA GLU E 54 -17.48 27.60 40.41
C GLU E 54 -16.42 26.82 39.65
N GLU E 55 -15.19 26.79 40.15
CA GLU E 55 -14.06 26.14 39.50
C GLU E 55 -14.10 24.63 39.60
N CYS E 56 -15.21 24.04 40.05
CA CYS E 56 -15.35 22.60 40.14
C CYS E 56 -16.07 22.07 38.90
N THR E 57 -15.39 22.22 37.76
CA THR E 57 -15.93 21.86 36.46
C THR E 57 -15.20 20.65 35.90
N VAL E 58 -15.57 20.28 34.68
CA VAL E 58 -15.00 19.11 34.01
C VAL E 58 -13.64 19.48 33.42
N ALA E 59 -12.70 18.55 33.52
CA ALA E 59 -11.39 18.69 32.88
C ALA E 59 -11.26 17.56 31.87
N TRP E 60 -11.77 17.78 30.67
CA TRP E 60 -11.70 16.77 29.62
C TRP E 60 -10.29 16.68 29.06
N GLY E 61 -9.86 15.47 28.73
CA GLY E 61 -8.51 15.25 28.25
C GLY E 61 -8.36 14.09 27.30
N VAL E 62 -7.12 13.63 27.12
CA VAL E 62 -6.85 12.50 26.24
C VAL E 62 -7.50 11.22 26.78
N CYS E 63 -7.56 11.08 28.10
CA CYS E 63 -8.16 9.90 28.72
C CYS E 63 -9.67 9.82 28.49
N ASN E 64 -10.29 10.89 28.00
CA ASN E 64 -11.72 10.92 27.71
C ASN E 64 -12.57 10.59 28.94
N HIS E 65 -12.12 11.04 30.10
CA HIS E 65 -12.85 10.87 31.35
C HIS E 65 -13.39 12.23 31.82
N ALA E 66 -14.10 12.22 32.93
CA ALA E 66 -14.68 13.42 33.51
C ALA E 66 -14.33 13.49 34.99
N PHE E 67 -13.88 14.66 35.44
CA PHE E 67 -13.45 14.83 36.81
C PHE E 67 -13.77 16.24 37.29
N HIS E 68 -13.83 16.39 38.60
CA HIS E 68 -13.74 17.71 39.21
C HIS E 68 -12.31 18.21 39.05
N PHE E 69 -12.17 19.50 38.76
CA PHE E 69 -10.84 20.04 38.49
C PHE E 69 -9.95 20.00 39.72
N HIS E 70 -10.51 20.20 40.91
CA HIS E 70 -9.71 20.12 42.13
C HIS E 70 -9.09 18.74 42.28
N CYS E 71 -9.89 17.70 42.09
CA CYS E 71 -9.42 16.33 42.31
C CYS E 71 -8.32 15.95 41.32
N ILE E 72 -8.56 16.21 40.03
CA ILE E 72 -7.57 15.84 39.02
C ILE E 72 -6.30 16.68 39.17
N SER E 73 -6.45 17.96 39.52
CA SER E 73 -5.27 18.80 39.72
C SER E 73 -4.46 18.36 40.92
N ARG E 74 -5.15 17.98 42.01
CA ARG E 74 -4.45 17.43 43.17
C ARG E 74 -3.75 16.13 42.83
N TRP E 75 -4.37 15.30 41.98
CA TRP E 75 -3.72 14.07 41.56
C TRP E 75 -2.47 14.37 40.73
N LEU E 76 -2.56 15.32 39.80
CA LEU E 76 -1.40 15.72 39.03
C LEU E 76 -0.34 16.42 39.87
N LYS E 77 -0.67 16.84 41.10
CA LYS E 77 0.34 17.46 41.95
C LYS E 77 1.45 16.46 42.29
N THR E 78 1.09 15.22 42.58
CA THR E 78 2.08 14.19 42.89
C THR E 78 2.14 13.06 41.87
N ARG E 79 1.16 12.93 40.99
CA ARG E 79 1.14 11.92 39.94
C ARG E 79 1.16 12.60 38.58
N GLN E 80 1.19 11.78 37.52
CA GLN E 80 1.16 12.31 36.16
C GLN E 80 0.27 11.50 35.24
N VAL E 81 -0.66 10.70 35.79
CA VAL E 81 -1.47 9.80 34.99
C VAL E 81 -2.92 9.90 35.41
N CYS E 82 -3.81 9.58 34.48
CA CYS E 82 -5.23 9.53 34.77
C CYS E 82 -5.50 8.43 35.79
N PRO E 83 -6.42 8.65 36.74
CA PRO E 83 -6.71 7.63 37.75
C PRO E 83 -7.64 6.51 37.29
N LEU E 84 -7.90 6.39 35.98
CA LEU E 84 -8.62 5.25 35.43
C LEU E 84 -7.75 4.42 34.50
N ASP E 85 -7.05 5.07 33.58
CA ASP E 85 -6.06 4.43 32.72
C ASP E 85 -4.73 5.13 32.91
N ASN E 86 -3.65 4.35 32.99
CA ASN E 86 -2.33 4.92 33.24
C ASN E 86 -1.77 5.60 32.00
N ARG E 87 -2.43 6.63 31.52
CA ARG E 87 -2.00 7.38 30.34
C ARG E 87 -1.58 8.77 30.77
N GLU E 88 -0.71 9.39 29.97
CA GLU E 88 -0.19 10.72 30.27
C GLU E 88 -1.34 11.73 30.18
N TRP E 89 -1.76 12.25 31.32
CA TRP E 89 -2.92 13.14 31.36
C TRP E 89 -2.57 14.50 30.78
N GLU E 90 -3.48 15.04 29.96
CA GLU E 90 -3.31 16.35 29.36
C GLU E 90 -4.68 16.93 29.06
N PHE E 91 -4.90 18.16 29.49
CA PHE E 91 -6.21 18.78 29.35
C PHE E 91 -6.55 19.04 27.89
N GLN E 92 -7.82 18.83 27.54
CA GLN E 92 -8.32 19.05 26.19
C GLN E 92 -9.38 20.15 26.14
N LYS E 93 -10.36 20.10 27.05
CA LYS E 93 -11.43 21.10 27.08
C LYS E 93 -11.66 21.61 28.49
N THR F 21 11.65 62.16 -56.59
CA THR F 21 11.07 63.20 -55.76
C THR F 21 11.12 62.83 -54.29
N SER F 22 10.05 63.15 -53.57
CA SER F 22 9.93 62.83 -52.16
C SER F 22 8.50 62.36 -51.90
N LEU F 23 8.28 61.84 -50.70
CA LEU F 23 6.97 61.30 -50.34
C LEU F 23 6.07 62.35 -49.70
N LYS F 24 6.01 63.51 -50.34
CA LYS F 24 4.98 64.48 -50.04
C LYS F 24 3.68 64.06 -50.71
N PRO F 25 2.53 64.33 -50.10
CA PRO F 25 1.26 64.06 -50.77
C PRO F 25 1.18 64.80 -52.10
N ARG F 26 1.13 64.05 -53.20
CA ARG F 26 1.14 64.61 -54.53
C ARG F 26 -0.09 64.11 -55.28
N VAL F 27 -0.56 64.92 -56.21
CA VAL F 27 -1.67 64.50 -57.07
C VAL F 27 -1.18 63.38 -57.97
N VAL F 28 -1.81 62.22 -57.88
CA VAL F 28 -1.39 61.04 -58.63
C VAL F 28 -2.53 60.58 -59.52
N ASP F 29 -2.19 60.22 -60.76
CA ASP F 29 -3.12 59.58 -61.67
C ASP F 29 -3.34 58.12 -61.27
N PHE F 30 -4.47 57.87 -60.61
CA PHE F 30 -4.69 56.58 -59.95
C PHE F 30 -4.67 55.43 -60.93
N ASP F 31 -5.35 55.59 -62.06
CA ASP F 31 -5.47 54.49 -63.01
C ASP F 31 -4.12 54.11 -63.60
N GLU F 32 -3.27 55.11 -63.87
CA GLU F 32 -1.96 54.82 -64.45
C GLU F 32 -1.09 54.04 -63.49
N THR F 33 -0.98 54.51 -62.24
CA THR F 33 -0.16 53.79 -61.26
C THR F 33 -0.83 52.48 -60.82
N TRP F 34 -2.16 52.38 -60.95
CA TRP F 34 -2.83 51.12 -60.65
C TRP F 34 -2.39 50.03 -61.62
N ASN F 35 -2.20 50.39 -62.89
CA ASN F 35 -1.65 49.45 -63.85
C ASN F 35 -0.24 49.04 -63.47
N LYS F 36 0.55 49.95 -62.92
CA LYS F 36 1.89 49.61 -62.46
C LYS F 36 1.85 48.58 -61.34
N LEU F 37 0.80 48.62 -60.52
CA LEU F 37 0.64 47.60 -59.48
C LEU F 37 0.44 46.21 -60.08
N LEU F 38 -0.40 46.11 -61.13
CA LEU F 38 -0.70 44.82 -61.71
C LEU F 38 0.53 44.15 -62.30
N THR F 39 1.47 44.93 -62.83
CA THR F 39 2.72 44.34 -63.29
C THR F 39 3.55 43.78 -62.14
N THR F 40 3.22 44.13 -60.90
CA THR F 40 3.85 43.57 -59.72
C THR F 40 2.90 42.72 -58.90
N ILE F 41 1.73 43.26 -58.56
CA ILE F 41 0.86 42.61 -57.58
C ILE F 41 0.29 41.30 -58.11
N LYS F 42 0.10 41.18 -59.43
CA LYS F 42 -0.43 39.94 -59.98
C LYS F 42 0.55 38.80 -59.80
N ALA F 43 1.84 39.08 -59.90
CA ALA F 43 2.84 38.04 -59.77
C ALA F 43 3.01 37.58 -58.33
N VAL F 44 2.59 38.40 -57.35
CA VAL F 44 2.82 38.05 -55.96
C VAL F 44 1.85 36.98 -55.49
N VAL F 45 0.67 36.88 -56.10
CA VAL F 45 -0.32 35.92 -55.66
C VAL F 45 -0.15 34.60 -56.40
N MET F 46 0.99 34.44 -57.09
CA MET F 46 1.31 33.19 -57.77
C MET F 46 2.76 32.80 -57.55
N LEU F 47 3.44 33.42 -56.58
CA LEU F 47 4.84 33.17 -56.25
C LEU F 47 5.78 33.42 -57.42
N GLU F 48 5.31 34.15 -58.44
CA GLU F 48 6.15 34.44 -59.60
C GLU F 48 7.36 35.27 -59.18
N TYR F 49 8.52 34.92 -59.72
CA TYR F 49 9.77 35.56 -59.31
C TYR F 49 9.78 37.02 -59.75
N VAL F 50 9.62 37.93 -58.80
CA VAL F 50 9.76 39.35 -59.03
C VAL F 50 11.09 39.81 -58.46
N GLU F 51 11.81 40.63 -59.22
CA GLU F 51 13.07 41.17 -58.74
C GLU F 51 12.83 41.97 -57.47
N ARG F 52 13.67 41.71 -56.46
CA ARG F 52 13.41 42.24 -55.12
C ARG F 52 13.43 43.76 -55.10
N ALA F 53 14.36 44.38 -55.84
CA ALA F 53 14.40 45.83 -55.88
C ALA F 53 13.14 46.43 -56.50
N THR F 54 12.44 45.65 -57.34
CA THR F 54 11.15 46.13 -57.86
C THR F 54 10.05 46.00 -56.81
N TRP F 55 10.16 45.01 -55.93
CA TRP F 55 9.10 44.80 -54.95
C TRP F 55 9.11 45.89 -53.88
N ASN F 56 10.28 46.25 -53.38
CA ASN F 56 10.32 47.21 -52.30
C ASN F 56 10.03 48.62 -52.80
N ASP F 57 10.37 48.89 -54.06
CA ASP F 57 9.97 50.16 -54.66
C ASP F 57 8.46 50.26 -54.83
N ARG F 58 7.74 49.14 -54.72
CA ARG F 58 6.29 49.17 -54.85
C ARG F 58 5.60 49.75 -53.62
N PHE F 59 6.20 49.59 -52.44
CA PHE F 59 5.60 50.16 -51.23
C PHE F 59 5.47 51.67 -51.33
N SER F 60 6.51 52.32 -51.85
CA SER F 60 6.49 53.77 -52.03
C SER F 60 5.61 54.20 -53.19
N ASP F 61 4.82 53.29 -53.75
CA ASP F 61 3.80 53.64 -54.73
C ASP F 61 2.40 53.57 -54.17
N ILE F 62 2.09 52.59 -53.30
CA ILE F 62 0.78 52.59 -52.67
C ILE F 62 0.70 53.60 -51.55
N TYR F 63 1.84 54.07 -51.03
CA TYR F 63 1.80 55.18 -50.09
C TYR F 63 1.32 56.44 -50.77
N ALA F 64 1.74 56.66 -52.02
CA ALA F 64 1.22 57.78 -52.79
C ALA F 64 -0.26 57.58 -53.11
N LEU F 65 -0.73 56.33 -53.14
CA LEU F 65 -2.12 56.08 -53.46
C LEU F 65 -3.00 56.05 -52.24
N CYS F 66 -2.47 55.58 -51.09
CA CYS F 66 -3.29 55.54 -49.89
C CYS F 66 -3.47 56.93 -49.29
N VAL F 67 -2.63 57.89 -49.67
CA VAL F 67 -2.80 59.29 -49.31
C VAL F 67 -2.36 60.12 -50.50
N ALA F 68 -3.24 60.97 -51.00
CA ALA F 68 -2.93 61.86 -52.11
C ALA F 68 -3.90 63.02 -52.15
N TYR F 69 -3.51 64.07 -52.86
CA TYR F 69 -4.40 65.17 -53.16
C TYR F 69 -5.14 64.90 -54.46
N PRO F 70 -6.37 65.42 -54.62
CA PRO F 70 -7.11 66.32 -53.71
C PRO F 70 -7.74 65.58 -52.54
N GLU F 71 -7.82 64.25 -52.58
CA GLU F 71 -8.48 63.51 -51.50
C GLU F 71 -7.95 62.09 -51.44
N PRO F 72 -8.03 61.44 -50.28
CA PRO F 72 -7.48 60.07 -50.14
C PRO F 72 -8.14 59.11 -51.11
N LEU F 73 -7.32 58.45 -51.92
CA LEU F 73 -7.79 57.46 -52.88
C LEU F 73 -7.81 56.05 -52.30
N GLY F 74 -7.87 55.94 -50.97
CA GLY F 74 -7.79 54.63 -50.34
C GLY F 74 -8.98 53.75 -50.66
N GLU F 75 -10.18 54.31 -50.63
CA GLU F 75 -11.37 53.52 -50.90
C GLU F 75 -11.34 52.93 -52.30
N ARG F 76 -10.96 53.74 -53.30
CA ARG F 76 -10.90 53.23 -54.67
C ARG F 76 -9.82 52.18 -54.83
N LEU F 77 -8.67 52.36 -54.18
CA LEU F 77 -7.62 51.35 -54.24
C LEU F 77 -8.08 50.03 -53.63
N TYR F 78 -8.77 50.11 -52.49
CA TYR F 78 -9.27 48.89 -51.86
C TYR F 78 -10.29 48.20 -52.75
N THR F 79 -11.20 48.97 -53.38
CA THR F 79 -12.18 48.37 -54.26
C THR F 79 -11.51 47.73 -55.48
N GLU F 80 -10.48 48.40 -56.02
CA GLU F 80 -9.78 47.84 -57.17
C GLU F 80 -9.06 46.55 -56.80
N THR F 81 -8.44 46.50 -55.62
CA THR F 81 -7.80 45.27 -55.19
C THR F 81 -8.83 44.17 -54.96
N LYS F 82 -10.00 44.52 -54.42
CA LYS F 82 -11.06 43.53 -54.27
C LYS F 82 -11.51 43.00 -55.61
N ILE F 83 -11.63 43.88 -56.62
CA ILE F 83 -12.03 43.43 -57.95
C ILE F 83 -10.96 42.54 -58.57
N PHE F 84 -9.69 42.89 -58.38
CA PHE F 84 -8.62 42.07 -58.93
C PHE F 84 -8.60 40.69 -58.29
N LEU F 85 -8.76 40.62 -56.97
CA LEU F 85 -8.78 39.33 -56.31
C LEU F 85 -10.04 38.55 -56.67
N GLU F 86 -11.15 39.26 -56.90
CA GLU F 86 -12.35 38.64 -57.46
C GLU F 86 -12.02 37.92 -58.76
N ASN F 87 -11.38 38.64 -59.69
CA ASN F 87 -11.08 38.06 -61.00
C ASN F 87 -10.09 36.91 -60.88
N HIS F 88 -9.06 37.05 -60.05
CA HIS F 88 -8.05 36.00 -59.94
C HIS F 88 -8.60 34.76 -59.26
N VAL F 89 -9.37 34.92 -58.18
CA VAL F 89 -9.97 33.78 -57.52
C VAL F 89 -10.96 33.10 -58.47
N ARG F 90 -11.72 33.89 -59.23
CA ARG F 90 -12.68 33.30 -60.16
C ARG F 90 -11.96 32.52 -61.27
N HIS F 91 -10.87 33.06 -61.79
CA HIS F 91 -10.11 32.35 -62.83
C HIS F 91 -9.50 31.06 -62.28
N LEU F 92 -8.95 31.11 -61.07
CA LEU F 92 -8.43 29.89 -60.45
C LEU F 92 -9.54 28.88 -60.20
N HIS F 93 -10.70 29.36 -59.79
CA HIS F 93 -11.88 28.52 -59.66
C HIS F 93 -12.22 27.83 -60.98
N LYS F 94 -12.21 28.58 -62.07
CA LYS F 94 -12.55 28.02 -63.37
C LYS F 94 -11.53 26.95 -63.77
N ARG F 95 -10.24 27.22 -63.56
CA ARG F 95 -9.23 26.25 -63.94
C ARG F 95 -9.32 24.99 -63.08
N VAL F 96 -9.60 25.14 -61.79
CA VAL F 96 -9.77 23.98 -60.94
C VAL F 96 -11.05 23.22 -61.30
N LEU F 97 -12.12 23.96 -61.58
CA LEU F 97 -13.41 23.32 -61.87
C LEU F 97 -13.38 22.60 -63.21
N GLU F 98 -12.88 23.25 -64.27
CA GLU F 98 -12.96 22.67 -65.60
C GLU F 98 -12.11 21.41 -65.73
N SER F 99 -10.98 21.35 -65.01
CA SER F 99 -10.21 20.12 -64.91
C SER F 99 -10.70 19.34 -63.69
N GLU F 100 -11.96 18.90 -63.79
CA GLU F 100 -12.64 18.28 -62.66
C GLU F 100 -11.91 17.02 -62.20
N GLU F 101 -11.42 16.22 -63.13
CA GLU F 101 -10.59 15.08 -62.78
C GLU F 101 -9.34 15.57 -62.05
N GLN F 102 -9.00 14.89 -60.95
CA GLN F 102 -7.92 15.31 -60.06
C GLN F 102 -8.15 16.75 -59.61
N VAL F 103 -9.36 17.03 -59.12
CA VAL F 103 -9.66 18.36 -58.61
C VAL F 103 -8.82 18.66 -57.38
N LEU F 104 -8.54 17.65 -56.56
CA LEU F 104 -7.84 17.88 -55.29
C LEU F 104 -6.41 18.35 -55.52
N VAL F 105 -5.71 17.71 -56.45
CA VAL F 105 -4.30 18.07 -56.69
C VAL F 105 -4.21 19.49 -57.23
N MET F 106 -5.04 19.82 -58.23
CA MET F 106 -5.01 21.17 -58.78
C MET F 106 -5.39 22.20 -57.74
N TYR F 107 -6.42 21.90 -56.94
CA TYR F 107 -6.86 22.84 -55.92
C TYR F 107 -5.78 23.09 -54.89
N HIS F 108 -5.08 22.05 -54.45
CA HIS F 108 -4.02 22.27 -53.46
C HIS F 108 -2.83 22.99 -54.08
N ARG F 109 -2.45 22.61 -55.30
CA ARG F 109 -1.30 23.20 -55.95
C ARG F 109 -1.53 24.65 -56.32
N TYR F 110 -2.79 25.08 -56.37
CA TYR F 110 -3.08 26.51 -56.49
C TYR F 110 -3.37 27.17 -55.16
N TRP F 111 -3.81 26.40 -54.16
CA TRP F 111 -3.99 26.96 -52.83
C TRP F 111 -2.68 27.39 -52.21
N GLU F 112 -1.61 26.60 -52.40
CA GLU F 112 -0.33 27.02 -51.88
C GLU F 112 0.06 28.38 -52.44
N GLU F 113 -0.09 28.54 -53.76
CA GLU F 113 0.20 29.81 -54.41
C GLU F 113 -0.65 30.92 -53.83
N TYR F 114 -1.96 30.70 -53.73
CA TYR F 114 -2.83 31.78 -53.30
C TYR F 114 -2.63 32.13 -51.82
N SER F 115 -2.31 31.15 -50.99
CA SER F 115 -2.15 31.45 -49.57
C SER F 115 -0.85 32.21 -49.31
N LYS F 116 0.24 31.77 -49.93
CA LYS F 116 1.46 32.54 -49.80
C LYS F 116 1.30 33.93 -50.43
N GLY F 117 0.53 34.01 -51.51
CA GLY F 117 0.21 35.31 -52.08
C GLY F 117 -0.62 36.16 -51.14
N ALA F 118 -1.51 35.55 -50.37
CA ALA F 118 -2.31 36.29 -49.42
C ALA F 118 -1.43 36.89 -48.32
N ASP F 119 -0.52 36.09 -47.77
CA ASP F 119 0.37 36.62 -46.75
C ASP F 119 1.28 37.71 -47.31
N TYR F 120 1.86 37.48 -48.49
CA TYR F 120 2.73 38.50 -49.06
C TYR F 120 1.96 39.75 -49.46
N MET F 121 0.70 39.59 -49.87
CA MET F 121 -0.15 40.73 -50.17
C MET F 121 -0.41 41.54 -48.92
N ASP F 122 -0.75 40.87 -47.81
CA ASP F 122 -0.91 41.57 -46.55
C ASP F 122 0.35 42.33 -46.18
N CYS F 123 1.50 41.74 -46.51
CA CYS F 123 2.75 42.49 -46.33
C CYS F 123 2.80 43.72 -47.24
N LEU F 124 2.35 43.60 -48.49
CA LEU F 124 2.50 44.71 -49.43
C LEU F 124 1.63 45.90 -49.02
N TYR F 125 0.37 45.64 -48.68
CA TYR F 125 -0.53 46.70 -48.26
C TYR F 125 -0.42 47.01 -46.78
N ARG F 126 0.72 46.69 -46.16
CA ARG F 126 0.86 46.85 -44.70
C ARG F 126 0.58 48.27 -44.27
N TYR F 127 0.93 49.25 -45.10
CA TYR F 127 0.56 50.62 -44.78
C TYR F 127 -0.94 50.83 -44.85
N LEU F 128 -1.57 50.39 -45.95
CA LEU F 128 -3.01 50.57 -46.10
C LEU F 128 -3.78 49.65 -45.17
N ASN F 129 -3.15 48.56 -44.72
CA ASN F 129 -3.86 47.61 -43.88
C ASN F 129 -4.17 48.15 -42.49
N THR F 130 -3.56 49.28 -42.10
CA THR F 130 -3.82 49.86 -40.80
C THR F 130 -4.11 51.35 -40.83
N GLN F 131 -3.71 52.07 -41.88
CA GLN F 131 -3.89 53.52 -41.86
C GLN F 131 -5.34 53.92 -42.19
N PHE F 132 -5.95 53.26 -43.17
CA PHE F 132 -7.26 53.68 -43.66
C PHE F 132 -8.34 52.61 -43.50
N ILE F 133 -8.12 51.39 -43.97
CA ILE F 133 -9.21 50.41 -44.00
C ILE F 133 -9.51 49.81 -42.64
N LYS F 134 -8.76 50.17 -41.60
CA LYS F 134 -9.09 49.75 -40.25
C LYS F 134 -9.35 50.91 -39.31
N LYS F 135 -8.77 52.07 -39.57
CA LYS F 135 -9.07 53.27 -38.79
C LYS F 135 -10.54 53.68 -38.97
N ASN F 136 -11.03 53.62 -40.21
CA ASN F 136 -12.38 54.05 -40.57
C ASN F 136 -12.66 55.49 -40.12
N PRO F 140 -15.88 47.88 -39.20
CA PRO F 140 -16.08 48.36 -40.57
C PRO F 140 -15.75 47.30 -41.61
N LEU F 141 -14.78 47.61 -42.47
CA LEU F 141 -14.35 46.69 -43.52
C LEU F 141 -13.39 45.66 -42.91
N MET F 142 -12.67 44.93 -43.74
CA MET F 142 -11.73 43.92 -43.27
C MET F 142 -10.34 44.19 -43.83
N GLU F 143 -9.35 43.68 -43.12
CA GLU F 143 -7.96 43.82 -43.55
C GLU F 143 -7.75 43.13 -44.88
N ILE F 144 -6.86 43.70 -45.70
CA ILE F 144 -6.62 43.12 -47.02
C ILE F 144 -5.99 41.74 -46.91
N GLY F 145 -5.29 41.44 -45.81
CA GLY F 145 -4.89 40.07 -45.57
C GLY F 145 -6.08 39.16 -45.40
N GLU F 146 -7.12 39.63 -44.71
CA GLU F 146 -8.33 38.85 -44.58
C GLU F 146 -9.03 38.69 -45.92
N LEU F 147 -9.26 39.79 -46.64
CA LEU F 147 -9.99 39.69 -47.90
C LEU F 147 -9.03 39.26 -49.00
N ALA F 148 -8.23 38.26 -48.71
CA ALA F 148 -7.67 37.34 -49.68
C ALA F 148 -8.06 35.96 -49.22
N LEU F 149 -7.82 35.69 -47.94
CA LEU F 149 -8.21 34.46 -47.29
C LEU F 149 -9.67 34.45 -46.85
N ASP F 150 -10.45 35.44 -47.26
CA ASP F 150 -11.88 35.44 -47.00
C ASP F 150 -12.71 35.62 -48.27
N MET F 151 -12.11 36.06 -49.37
CA MET F 151 -12.74 35.95 -50.68
C MET F 151 -12.20 34.75 -51.42
N TRP F 152 -11.86 33.72 -50.65
CA TRP F 152 -11.53 32.39 -51.13
C TRP F 152 -12.50 31.34 -50.65
N ARG F 153 -13.10 31.54 -49.47
CA ARG F 153 -14.26 30.81 -49.01
C ARG F 153 -15.53 31.22 -49.74
N LYS F 154 -15.49 32.32 -50.50
CA LYS F 154 -16.68 32.83 -51.15
C LYS F 154 -16.73 32.52 -52.64
N LEU F 155 -15.62 32.13 -53.25
CA LEU F 155 -15.63 31.85 -54.68
C LEU F 155 -14.84 30.62 -55.09
N MET F 156 -14.14 29.96 -54.18
CA MET F 156 -13.42 28.74 -54.53
C MET F 156 -13.91 27.53 -53.74
N VAL F 157 -13.93 27.63 -52.41
CA VAL F 157 -14.34 26.48 -51.60
C VAL F 157 -15.85 26.27 -51.68
N GLU F 158 -16.62 27.33 -51.47
CA GLU F 158 -18.08 27.18 -51.38
C GLU F 158 -18.72 26.70 -52.67
N PRO F 159 -18.40 27.25 -53.86
CA PRO F 159 -18.95 26.65 -55.08
C PRO F 159 -18.43 25.25 -55.38
N LEU F 160 -17.30 24.86 -54.79
CA LEU F 160 -16.79 23.50 -54.91
C LEU F 160 -17.00 22.70 -53.64
N GLN F 161 -17.90 23.15 -52.76
CA GLN F 161 -18.08 22.50 -51.47
C GLN F 161 -18.48 21.03 -51.62
N ALA F 162 -19.49 20.77 -52.45
CA ALA F 162 -19.94 19.40 -52.66
C ALA F 162 -18.85 18.55 -53.28
N ILE F 163 -18.22 19.05 -54.34
CA ILE F 163 -17.17 18.30 -55.02
C ILE F 163 -15.98 18.08 -54.09
N LEU F 164 -15.56 19.12 -53.38
CA LEU F 164 -14.38 19.00 -52.52
C LEU F 164 -14.63 18.03 -51.38
N ILE F 165 -15.78 18.14 -50.71
CA ILE F 165 -16.08 17.22 -49.62
C ILE F 165 -16.20 15.79 -50.13
N ARG F 166 -16.88 15.60 -51.27
CA ARG F 166 -17.08 14.25 -51.78
C ARG F 166 -15.74 13.61 -52.19
N MET F 167 -14.93 14.34 -52.94
CA MET F 167 -13.65 13.78 -53.37
C MET F 167 -12.69 13.58 -52.21
N LEU F 168 -12.71 14.50 -51.24
CA LEU F 168 -11.83 14.36 -50.08
C LEU F 168 -12.23 13.17 -49.24
N LEU F 169 -13.53 12.97 -49.02
CA LEU F 169 -13.99 11.79 -48.31
C LEU F 169 -13.69 10.52 -49.10
N ARG F 170 -13.73 10.59 -50.43
CA ARG F 170 -13.35 9.45 -51.24
C ARG F 170 -11.88 9.09 -51.04
N GLU F 171 -11.00 10.10 -51.07
CA GLU F 171 -9.58 9.86 -50.87
C GLU F 171 -9.30 9.31 -49.48
N ILE F 172 -9.94 9.87 -48.45
CA ILE F 172 -9.71 9.38 -47.11
C ILE F 172 -10.30 7.98 -46.93
N LYS F 173 -11.40 7.67 -47.62
CA LYS F 173 -11.96 6.33 -47.56
C LYS F 173 -11.02 5.32 -48.22
N ASN F 174 -10.44 5.69 -49.36
CA ASN F 174 -9.48 4.80 -49.99
C ASN F 174 -8.22 4.65 -49.14
N ASP F 175 -7.84 5.69 -48.40
CA ASP F 175 -6.75 5.53 -47.44
C ASP F 175 -7.11 4.54 -46.36
N ARG F 176 -8.34 4.62 -45.85
CA ARG F 176 -8.83 3.61 -44.92
C ARG F 176 -8.88 2.23 -45.57
N GLY F 177 -8.97 2.17 -46.90
CA GLY F 177 -8.95 0.89 -47.58
C GLY F 177 -7.62 0.17 -47.44
N GLY F 178 -6.52 0.92 -47.44
CA GLY F 178 -5.21 0.32 -47.29
C GLY F 178 -4.10 0.94 -48.10
N GLU F 179 -4.43 1.57 -49.22
CA GLU F 179 -3.38 2.23 -49.99
C GLU F 179 -3.16 3.64 -49.46
N ASP F 180 -2.13 4.31 -50.00
CA ASP F 180 -1.74 5.64 -49.55
C ASP F 180 -2.08 6.68 -50.61
N PRO F 181 -2.96 7.63 -50.32
CA PRO F 181 -3.16 8.76 -51.22
C PRO F 181 -2.04 9.77 -51.02
N ASN F 182 -2.09 10.85 -51.79
CA ASN F 182 -1.07 11.88 -51.72
C ASN F 182 -1.14 12.56 -50.35
N GLN F 183 -0.19 12.22 -49.47
CA GLN F 183 -0.24 12.70 -48.10
C GLN F 183 -0.17 14.23 -48.04
N LYS F 184 0.71 14.82 -48.84
CA LYS F 184 0.84 16.27 -48.81
C LYS F 184 -0.44 16.96 -49.28
N VAL F 185 -1.06 16.43 -50.33
CA VAL F 185 -2.30 17.02 -50.85
C VAL F 185 -3.39 16.96 -49.78
N ILE F 186 -3.53 15.81 -49.13
CA ILE F 186 -4.58 15.64 -48.14
C ILE F 186 -4.35 16.57 -46.96
N HIS F 187 -3.13 16.58 -46.42
CA HIS F 187 -2.87 17.44 -45.27
C HIS F 187 -2.84 18.91 -45.65
N GLY F 188 -2.73 19.24 -46.93
CA GLY F 188 -2.79 20.61 -47.36
C GLY F 188 -4.21 21.10 -47.44
N VAL F 189 -5.06 20.37 -48.17
CA VAL F 189 -6.42 20.83 -48.41
C VAL F 189 -7.22 20.87 -47.11
N ILE F 190 -7.12 19.80 -46.31
CA ILE F 190 -7.89 19.74 -45.06
C ILE F 190 -7.46 20.84 -44.11
N ASN F 191 -6.15 21.03 -43.95
CA ASN F 191 -5.67 22.13 -43.13
C ASN F 191 -5.93 23.48 -43.78
N SER F 192 -6.14 23.51 -45.10
CA SER F 192 -6.42 24.77 -45.76
C SER F 192 -7.80 25.32 -45.40
N PHE F 193 -8.70 24.47 -44.92
CA PHE F 193 -10.02 24.95 -44.55
C PHE F 193 -9.94 25.87 -43.34
N VAL F 194 -9.23 25.45 -42.29
CA VAL F 194 -9.14 26.28 -41.09
C VAL F 194 -8.32 27.53 -41.35
N HIS F 195 -7.30 27.45 -42.20
CA HIS F 195 -6.47 28.61 -42.49
C HIS F 195 -7.21 29.68 -43.26
N VAL F 196 -8.36 29.34 -43.86
CA VAL F 196 -9.24 30.35 -44.44
C VAL F 196 -10.04 31.04 -43.36
N GLU F 197 -10.23 30.38 -42.22
CA GLU F 197 -11.05 30.93 -41.15
C GLU F 197 -10.16 31.25 -39.96
N GLN F 198 -9.01 31.87 -40.21
CA GLN F 198 -8.13 32.29 -39.13
C GLN F 198 -8.35 33.75 -38.73
N TYR F 199 -8.91 34.56 -39.62
CA TYR F 199 -9.04 35.98 -39.32
C TYR F 199 -10.17 36.25 -38.34
N LYS F 200 -11.30 35.56 -38.49
CA LYS F 200 -12.40 35.75 -37.56
C LYS F 200 -12.04 35.14 -36.21
N LYS F 201 -11.94 35.99 -35.19
CA LYS F 201 -11.53 35.56 -33.87
C LYS F 201 -12.64 34.85 -33.11
N LYS F 202 -13.86 34.83 -33.64
CA LYS F 202 -14.98 34.14 -33.02
C LYS F 202 -15.16 32.81 -33.76
N PHE F 203 -14.86 31.71 -33.07
CA PHE F 203 -14.92 30.35 -33.61
C PHE F 203 -14.07 30.22 -34.86
N PRO F 204 -12.74 30.26 -34.75
CA PRO F 204 -11.91 30.09 -35.95
C PRO F 204 -12.03 28.74 -36.60
N LEU F 205 -12.56 27.73 -35.89
CA LEU F 205 -12.69 26.38 -36.40
C LEU F 205 -14.01 26.16 -37.12
N LYS F 206 -14.62 27.21 -37.68
CA LYS F 206 -16.01 27.10 -38.12
C LYS F 206 -16.16 26.16 -39.30
N PHE F 207 -15.45 26.42 -40.40
CA PHE F 207 -15.52 25.49 -41.53
C PHE F 207 -14.98 24.13 -41.16
N TYR F 208 -13.86 24.09 -40.47
CA TYR F 208 -13.36 22.80 -40.03
C TYR F 208 -14.26 22.15 -38.99
N GLN F 209 -15.40 22.76 -38.63
CA GLN F 209 -16.43 22.07 -37.87
C GLN F 209 -17.76 21.98 -38.61
N GLU F 210 -17.93 22.67 -39.72
CA GLU F 210 -19.22 22.64 -40.42
C GLU F 210 -19.10 22.11 -41.84
N ILE F 211 -18.18 22.65 -42.63
CA ILE F 211 -18.04 22.20 -44.02
C ILE F 211 -17.52 20.78 -44.07
N PHE F 212 -16.54 20.46 -43.24
CA PHE F 212 -15.84 19.19 -43.35
C PHE F 212 -16.08 18.25 -42.18
N GLU F 213 -16.12 18.77 -40.94
CA GLU F 213 -16.11 17.89 -39.79
C GLU F 213 -17.36 17.04 -39.70
N SER F 214 -18.53 17.63 -39.96
CA SER F 214 -19.76 16.83 -39.86
C SER F 214 -19.81 15.71 -40.90
N PRO F 215 -19.60 15.96 -42.20
CA PRO F 215 -19.60 14.82 -43.15
C PRO F 215 -18.50 13.81 -42.87
N PHE F 216 -17.29 14.27 -42.55
CA PHE F 216 -16.20 13.34 -42.26
C PHE F 216 -16.53 12.48 -41.04
N LEU F 217 -17.08 13.10 -40.00
CA LEU F 217 -17.38 12.36 -38.78
C LEU F 217 -18.48 11.34 -39.02
N THR F 218 -19.54 11.73 -39.73
CA THR F 218 -20.62 10.79 -40.02
C THR F 218 -20.13 9.66 -40.93
N GLU F 219 -19.31 9.99 -41.93
CA GLU F 219 -18.81 8.95 -42.81
C GLU F 219 -17.88 8.00 -42.08
N THR F 220 -17.07 8.52 -41.15
CA THR F 220 -16.23 7.65 -40.34
C THR F 220 -17.08 6.74 -39.48
N GLY F 221 -18.15 7.28 -38.89
CA GLY F 221 -19.06 6.44 -38.11
C GLY F 221 -19.66 5.33 -38.95
N GLU F 222 -20.15 5.67 -40.14
CA GLU F 222 -20.78 4.67 -41.01
C GLU F 222 -19.79 3.61 -41.46
N TYR F 223 -18.59 4.03 -41.90
CA TYR F 223 -17.62 3.08 -42.42
C TYR F 223 -17.10 2.18 -41.31
N TYR F 224 -16.86 2.73 -40.12
CA TYR F 224 -16.43 1.88 -39.03
C TYR F 224 -17.55 0.98 -38.53
N LYS F 225 -18.80 1.41 -38.61
CA LYS F 225 -19.90 0.50 -38.29
C LYS F 225 -19.91 -0.68 -39.26
N GLN F 226 -19.72 -0.40 -40.55
CA GLN F 226 -19.67 -1.47 -41.54
C GLN F 226 -18.51 -2.42 -41.26
N GLU F 227 -17.32 -1.86 -41.00
CA GLU F 227 -16.15 -2.70 -40.80
C GLU F 227 -16.27 -3.52 -39.52
N ALA F 228 -16.80 -2.93 -38.45
CA ALA F 228 -16.98 -3.67 -37.21
C ALA F 228 -18.01 -4.79 -37.37
N SER F 229 -19.13 -4.50 -38.03
CA SER F 229 -20.13 -5.53 -38.27
C SER F 229 -19.58 -6.64 -39.14
N ASN F 230 -18.67 -6.32 -40.07
CA ASN F 230 -18.02 -7.37 -40.84
C ASN F 230 -17.02 -8.14 -39.99
N LEU F 231 -16.37 -7.46 -39.04
CA LEU F 231 -15.36 -8.12 -38.21
C LEU F 231 -15.98 -9.00 -37.13
N LEU F 232 -17.26 -8.79 -36.80
CA LEU F 232 -17.91 -9.68 -35.85
C LEU F 232 -17.97 -11.11 -36.38
N GLN F 233 -18.37 -11.27 -37.64
CA GLN F 233 -18.54 -12.60 -38.21
C GLN F 233 -17.20 -13.24 -38.57
N GLU F 234 -16.26 -12.44 -39.07
CA GLU F 234 -15.00 -12.99 -39.56
C GLU F 234 -14.01 -13.34 -38.46
N SER F 235 -14.25 -12.90 -37.23
CA SER F 235 -13.29 -13.12 -36.15
C SER F 235 -14.04 -13.51 -34.88
N ASN F 236 -13.35 -14.27 -34.03
CA ASN F 236 -13.93 -14.73 -32.78
C ASN F 236 -13.95 -13.61 -31.76
N CYS F 237 -14.37 -13.96 -30.54
CA CYS F 237 -14.50 -12.98 -29.47
C CYS F 237 -13.14 -12.37 -29.10
N SER F 238 -12.11 -13.21 -29.00
CA SER F 238 -10.78 -12.71 -28.66
C SER F 238 -10.08 -12.04 -29.84
N GLN F 239 -10.32 -12.52 -31.06
CA GLN F 239 -9.73 -11.89 -32.24
C GLN F 239 -10.31 -10.52 -32.52
N TYR F 240 -11.51 -10.23 -32.00
CA TYR F 240 -12.12 -8.92 -32.20
C TYR F 240 -11.28 -7.82 -31.57
N MET F 241 -10.75 -8.08 -30.37
CA MET F 241 -10.01 -7.06 -29.63
C MET F 241 -8.77 -6.60 -30.39
N GLU F 242 -7.95 -7.57 -30.83
CA GLU F 242 -6.71 -7.21 -31.50
C GLU F 242 -6.97 -6.45 -32.79
N LYS F 243 -7.94 -6.90 -33.58
CA LYS F 243 -8.21 -6.26 -34.85
C LYS F 243 -8.77 -4.85 -34.65
N VAL F 244 -9.70 -4.70 -33.70
CA VAL F 244 -10.27 -3.37 -33.45
C VAL F 244 -9.20 -2.41 -32.93
N LEU F 245 -8.33 -2.90 -32.04
CA LEU F 245 -7.26 -2.05 -31.52
C LEU F 245 -6.30 -1.65 -32.63
N GLY F 246 -5.98 -2.58 -33.53
CA GLY F 246 -5.09 -2.25 -34.63
C GLY F 246 -5.71 -1.22 -35.56
N ARG F 247 -6.99 -1.40 -35.92
CA ARG F 247 -7.65 -0.43 -36.78
C ARG F 247 -7.77 0.93 -36.11
N LEU F 248 -7.98 0.96 -34.80
CA LEU F 248 -8.09 2.23 -34.11
C LEU F 248 -6.73 2.93 -34.03
N LYS F 249 -5.66 2.18 -33.83
CA LYS F 249 -4.33 2.78 -33.87
C LYS F 249 -4.02 3.35 -35.24
N ASP F 250 -4.38 2.60 -36.30
CA ASP F 250 -4.22 3.12 -37.65
C ASP F 250 -5.09 4.35 -37.87
N GLU F 251 -6.26 4.39 -37.25
CA GLU F 251 -7.14 5.54 -37.38
C GLU F 251 -6.55 6.78 -36.73
N GLU F 252 -5.95 6.62 -35.54
CA GLU F 252 -5.29 7.76 -34.90
C GLU F 252 -4.10 8.23 -35.72
N ILE F 253 -3.32 7.29 -36.26
CA ILE F 253 -2.21 7.67 -37.14
C ILE F 253 -2.75 8.43 -38.34
N ARG F 254 -3.87 7.95 -38.90
CA ARG F 254 -4.46 8.57 -40.08
C ARG F 254 -4.92 10.00 -39.77
N CYS F 255 -5.60 10.18 -38.64
CA CYS F 255 -6.11 11.52 -38.33
C CYS F 255 -4.97 12.47 -38.01
N ARG F 256 -3.91 11.98 -37.36
CA ARG F 256 -2.74 12.81 -37.15
C ARG F 256 -2.07 13.18 -38.48
N LYS F 257 -2.09 12.26 -39.44
CA LYS F 257 -1.45 12.51 -40.72
C LYS F 257 -2.26 13.42 -41.62
N TYR F 258 -3.59 13.43 -41.47
CA TYR F 258 -4.45 14.08 -42.45
C TYR F 258 -5.45 15.07 -41.88
N LEU F 259 -5.50 15.28 -40.57
CA LEU F 259 -6.50 16.16 -39.99
C LEU F 259 -5.84 17.21 -39.11
N HIS F 260 -6.49 18.37 -39.05
CA HIS F 260 -6.04 19.41 -38.13
C HIS F 260 -6.22 18.92 -36.69
N PRO F 261 -5.29 19.22 -35.80
CA PRO F 261 -5.31 18.58 -34.46
C PRO F 261 -6.55 18.86 -33.65
N SER F 262 -7.29 19.93 -33.94
CA SER F 262 -8.43 20.33 -33.11
C SER F 262 -9.54 19.30 -33.11
N SER F 263 -9.52 18.33 -34.02
CA SER F 263 -10.51 17.27 -34.02
C SER F 263 -9.83 15.90 -33.93
N TYR F 264 -8.69 15.83 -33.25
CA TYR F 264 -8.09 14.52 -33.00
C TYR F 264 -8.95 13.68 -32.09
N THR F 265 -9.41 14.25 -30.98
CA THR F 265 -10.09 13.45 -29.97
C THR F 265 -11.49 13.03 -30.39
N LYS F 266 -12.14 13.78 -31.28
CA LYS F 266 -13.51 13.42 -31.67
C LYS F 266 -13.54 12.19 -32.55
N VAL F 267 -12.65 12.11 -33.55
CA VAL F 267 -12.66 10.99 -34.48
C VAL F 267 -12.35 9.68 -33.75
N ILE F 268 -11.36 9.70 -32.87
CA ILE F 268 -11.07 8.51 -32.07
C ILE F 268 -12.23 8.19 -31.15
N HIS F 269 -12.85 9.21 -30.57
CA HIS F 269 -14.04 8.98 -29.75
C HIS F 269 -15.18 8.42 -30.58
N GLU F 270 -15.35 8.95 -31.79
CA GLU F 270 -16.44 8.46 -32.65
C GLU F 270 -16.13 7.10 -33.25
N CYS F 271 -14.86 6.77 -33.46
CA CYS F 271 -14.51 5.41 -33.81
C CYS F 271 -14.90 4.43 -32.72
N GLN F 272 -14.63 4.80 -31.46
CA GLN F 272 -14.96 3.92 -30.35
C GLN F 272 -16.46 3.73 -30.20
N GLN F 273 -17.25 4.79 -30.38
CA GLN F 273 -18.69 4.67 -30.24
C GLN F 273 -19.35 4.07 -31.46
N ARG F 274 -18.58 3.50 -32.40
CA ARG F 274 -19.12 2.74 -33.51
C ARG F 274 -18.43 1.40 -33.72
N MET F 275 -17.38 1.11 -32.95
CA MET F 275 -16.64 -0.14 -33.09
C MET F 275 -16.45 -0.90 -31.79
N VAL F 276 -16.49 -0.23 -30.63
CA VAL F 276 -16.30 -0.88 -29.35
C VAL F 276 -17.42 -0.57 -28.37
N ALA F 277 -18.29 0.39 -28.69
CA ALA F 277 -19.42 0.73 -27.82
C ALA F 277 -20.73 0.14 -28.30
N ASP F 278 -21.04 0.25 -29.59
CA ASP F 278 -22.29 -0.33 -30.08
C ASP F 278 -22.29 -1.85 -30.06
N HIS F 279 -21.11 -2.46 -29.93
CA HIS F 279 -21.01 -3.91 -29.75
C HIS F 279 -20.70 -4.25 -28.29
N LEU F 280 -21.27 -3.49 -27.36
CA LEU F 280 -21.01 -3.71 -25.95
C LEU F 280 -21.57 -5.04 -25.46
N GLN F 281 -22.67 -5.51 -26.05
CA GLN F 281 -23.23 -6.79 -25.65
C GLN F 281 -22.25 -7.93 -25.95
N PHE F 282 -21.64 -7.90 -27.14
CA PHE F 282 -20.66 -8.93 -27.51
C PHE F 282 -19.50 -8.96 -26.52
N LEU F 283 -18.89 -7.80 -26.29
CA LEU F 283 -17.72 -7.74 -25.42
C LEU F 283 -18.08 -8.10 -23.99
N HIS F 284 -19.22 -7.61 -23.49
CA HIS F 284 -19.60 -7.89 -22.11
C HIS F 284 -19.98 -9.35 -21.92
N ALA F 285 -20.56 -9.99 -22.94
CA ALA F 285 -20.78 -11.43 -22.87
C ALA F 285 -19.45 -12.18 -22.87
N GLU F 286 -18.48 -11.71 -23.66
CA GLU F 286 -17.16 -12.35 -23.64
C GLU F 286 -16.44 -12.14 -22.32
N CYS F 287 -16.77 -11.07 -21.59
CA CYS F 287 -16.01 -10.66 -20.41
C CYS F 287 -15.79 -11.79 -19.42
N HIS F 288 -16.84 -12.59 -19.17
CA HIS F 288 -16.75 -13.66 -18.18
C HIS F 288 -15.64 -14.64 -18.51
N ASN F 289 -15.63 -15.16 -19.74
CA ASN F 289 -14.57 -16.08 -20.15
C ASN F 289 -13.24 -15.35 -20.23
N ILE F 290 -13.22 -14.16 -20.82
CA ILE F 290 -11.95 -13.49 -21.08
C ILE F 290 -11.24 -13.09 -19.80
N ILE F 291 -11.96 -13.01 -18.67
CA ILE F 291 -11.33 -12.73 -17.40
C ILE F 291 -11.23 -13.96 -16.51
N ARG F 292 -11.98 -15.03 -16.81
CA ARG F 292 -11.97 -16.20 -15.94
C ARG F 292 -10.70 -17.03 -16.11
N GLN F 293 -10.21 -17.19 -17.34
CA GLN F 293 -9.03 -18.02 -17.59
C GLN F 293 -7.72 -17.22 -17.51
N GLU F 294 -7.77 -15.96 -17.10
CA GLU F 294 -6.57 -15.14 -16.87
C GLU F 294 -5.72 -14.99 -18.13
N LYS F 295 -6.38 -14.86 -19.28
CA LYS F 295 -5.67 -14.63 -20.54
C LYS F 295 -5.17 -13.19 -20.55
N LYS F 296 -3.89 -13.02 -20.19
CA LYS F 296 -3.37 -11.70 -19.84
C LYS F 296 -3.38 -10.74 -21.03
N ASN F 297 -2.95 -11.21 -22.21
CA ASN F 297 -2.98 -10.37 -23.39
C ASN F 297 -4.42 -9.96 -23.71
N ASP F 298 -5.35 -10.90 -23.61
CA ASP F 298 -6.74 -10.59 -23.83
C ASP F 298 -7.28 -9.62 -22.78
N MET F 299 -6.83 -9.76 -21.53
CA MET F 299 -7.23 -8.80 -20.50
C MET F 299 -6.74 -7.40 -20.83
N ALA F 300 -5.49 -7.28 -21.27
CA ALA F 300 -4.95 -5.96 -21.58
C ALA F 300 -5.71 -5.32 -22.73
N ASN F 301 -5.97 -6.08 -23.78
CA ASN F 301 -6.75 -5.55 -24.89
C ASN F 301 -8.16 -5.17 -24.44
N MET F 302 -8.77 -6.00 -23.59
CA MET F 302 -10.11 -5.73 -23.10
C MET F 302 -10.14 -4.43 -22.31
N TYR F 303 -9.14 -4.19 -21.48
CA TYR F 303 -9.12 -2.97 -20.68
C TYR F 303 -8.89 -1.75 -21.55
N VAL F 304 -7.96 -1.84 -22.51
CA VAL F 304 -7.69 -0.68 -23.36
C VAL F 304 -8.91 -0.35 -24.21
N LEU F 305 -9.69 -1.34 -24.61
CA LEU F 305 -10.88 -1.04 -25.40
C LEU F 305 -12.13 -0.76 -24.56
N LEU F 306 -12.14 -1.10 -23.28
CA LEU F 306 -13.33 -0.84 -22.47
C LEU F 306 -13.30 0.49 -21.74
N ARG F 307 -12.10 0.98 -21.37
CA ARG F 307 -12.02 2.26 -20.67
C ARG F 307 -12.51 3.40 -21.54
N ALA F 308 -12.48 3.22 -22.87
CA ALA F 308 -12.91 4.27 -23.77
C ALA F 308 -14.42 4.51 -23.66
N VAL F 309 -15.22 3.44 -23.66
CA VAL F 309 -16.66 3.58 -23.59
C VAL F 309 -17.05 4.13 -22.23
N SER F 310 -18.12 4.94 -22.20
CA SER F 310 -18.59 5.53 -20.95
C SER F 310 -18.96 4.45 -19.93
N THR F 311 -19.94 3.63 -20.26
CA THR F 311 -20.41 2.57 -19.37
C THR F 311 -19.77 1.22 -19.68
N GLY F 312 -18.46 1.20 -19.87
CA GLY F 312 -17.78 -0.04 -20.23
C GLY F 312 -17.06 -0.72 -19.09
N LEU F 313 -16.40 0.08 -18.24
CA LEU F 313 -15.62 -0.49 -17.15
C LEU F 313 -16.45 -1.27 -16.12
N PRO F 314 -17.63 -0.78 -15.64
CA PRO F 314 -18.29 -1.44 -14.50
C PRO F 314 -18.54 -2.94 -14.62
N HIS F 315 -18.91 -3.43 -15.81
CA HIS F 315 -19.16 -4.86 -15.93
C HIS F 315 -17.88 -5.66 -15.74
N MET F 316 -16.77 -5.18 -16.31
CA MET F 316 -15.50 -5.85 -16.09
C MET F 316 -15.06 -5.73 -14.64
N ILE F 317 -15.36 -4.60 -13.99
CA ILE F 317 -15.09 -4.48 -12.56
C ILE F 317 -15.82 -5.57 -11.79
N GLN F 318 -17.11 -5.74 -12.07
CA GLN F 318 -17.91 -6.72 -11.36
C GLN F 318 -17.43 -8.14 -11.63
N GLU F 319 -17.05 -8.41 -12.88
CA GLU F 319 -16.56 -9.75 -13.21
C GLU F 319 -15.22 -10.04 -12.53
N LEU F 320 -14.33 -9.05 -12.47
CA LEU F 320 -13.07 -9.24 -11.75
C LEU F 320 -13.33 -9.47 -10.28
N GLN F 321 -14.27 -8.73 -9.70
CA GLN F 321 -14.61 -8.93 -8.29
C GLN F 321 -15.12 -10.34 -8.05
N ASN F 322 -16.00 -10.83 -8.92
CA ASN F 322 -16.53 -12.18 -8.76
C ASN F 322 -15.43 -13.24 -8.94
N HIS F 323 -14.55 -13.05 -9.91
CA HIS F 323 -13.51 -14.04 -10.14
C HIS F 323 -12.51 -14.07 -9.00
N ILE F 324 -12.17 -12.91 -8.45
CA ILE F 324 -11.29 -12.86 -7.29
C ILE F 324 -11.97 -13.48 -6.08
N HIS F 325 -13.29 -13.29 -5.95
CA HIS F 325 -14.05 -13.93 -4.89
C HIS F 325 -13.96 -15.44 -5.00
N ASP F 326 -14.18 -15.98 -6.20
CA ASP F 326 -14.12 -17.42 -6.40
C ASP F 326 -12.72 -17.96 -6.13
N GLU F 327 -11.69 -17.28 -6.64
CA GLU F 327 -10.32 -17.72 -6.38
C GLU F 327 -9.97 -17.58 -4.91
N GLY F 328 -10.63 -16.68 -4.19
CA GLY F 328 -10.42 -16.60 -2.76
C GLY F 328 -10.98 -17.80 -2.03
N LEU F 329 -12.24 -18.15 -2.31
CA LEU F 329 -12.81 -19.33 -1.65
C LEU F 329 -12.08 -20.60 -2.03
N ARG F 330 -11.72 -20.75 -3.31
CA ARG F 330 -11.03 -21.97 -3.73
C ARG F 330 -9.64 -22.09 -3.09
N ALA F 331 -9.01 -20.96 -2.80
CA ALA F 331 -7.71 -20.97 -2.14
C ALA F 331 -7.81 -20.80 -0.63
N THR F 332 -9.02 -20.66 -0.09
CA THR F 332 -9.20 -20.57 1.36
C THR F 332 -10.26 -21.48 1.91
N SER F 333 -10.60 -22.58 1.23
CA SER F 333 -11.52 -23.55 1.78
C SER F 333 -10.84 -24.90 1.97
N ASN F 334 -11.50 -25.76 2.75
CA ASN F 334 -11.06 -27.11 3.12
C ASN F 334 -9.56 -27.18 3.43
N LEU F 335 -9.10 -26.26 4.27
CA LEU F 335 -7.73 -26.29 4.75
C LEU F 335 -7.60 -27.29 5.90
N THR F 336 -6.37 -27.75 6.11
CA THR F 336 -6.09 -28.65 7.22
C THR F 336 -6.23 -27.91 8.55
N GLN F 337 -6.87 -28.57 9.50
CA GLN F 337 -7.04 -27.97 10.83
C GLN F 337 -5.72 -27.91 11.59
N GLU F 338 -4.74 -28.70 11.17
CA GLU F 338 -3.46 -28.73 11.88
C GLU F 338 -2.65 -27.47 11.63
N ASN F 339 -2.58 -27.03 10.37
CA ASN F 339 -1.77 -25.90 9.98
C ASN F 339 -2.62 -24.83 9.30
N MET F 340 -3.80 -24.56 9.86
CA MET F 340 -4.69 -23.57 9.25
C MET F 340 -4.13 -22.15 9.21
N PRO F 341 -3.62 -21.57 10.30
CA PRO F 341 -3.32 -20.12 10.26
C PRO F 341 -2.26 -19.74 9.25
N THR F 342 -1.12 -20.42 9.28
CA THR F 342 -0.05 -20.09 8.34
C THR F 342 -0.52 -20.30 6.90
N LEU F 343 -1.21 -21.40 6.63
CA LEU F 343 -1.73 -21.64 5.28
C LEU F 343 -2.75 -20.59 4.89
N PHE F 344 -3.63 -20.19 5.81
CA PHE F 344 -4.64 -19.19 5.49
C PHE F 344 -4.00 -17.86 5.12
N VAL F 345 -3.10 -17.37 5.96
CA VAL F 345 -2.46 -16.09 5.70
C VAL F 345 -1.63 -16.17 4.42
N GLU F 346 -0.89 -17.26 4.24
CA GLU F 346 -0.07 -17.40 3.04
C GLU F 346 -0.93 -17.45 1.78
N SER F 347 -2.08 -18.14 1.84
CA SER F 347 -2.95 -18.22 0.68
C SER F 347 -3.53 -16.84 0.34
N VAL F 348 -3.97 -16.09 1.34
CA VAL F 348 -4.51 -14.77 1.05
C VAL F 348 -3.41 -13.85 0.52
N LEU F 349 -2.21 -13.92 1.10
CA LEU F 349 -1.10 -13.11 0.58
C LEU F 349 -0.76 -13.50 -0.86
N GLU F 350 -0.80 -14.79 -1.17
CA GLU F 350 -0.50 -15.21 -2.53
C GLU F 350 -1.54 -14.70 -3.51
N VAL F 351 -2.82 -14.82 -3.15
CA VAL F 351 -3.87 -14.31 -4.03
C VAL F 351 -3.73 -12.80 -4.22
N HIS F 352 -3.48 -12.08 -3.12
CA HIS F 352 -3.35 -10.64 -3.19
C HIS F 352 -2.15 -10.24 -4.04
N GLY F 353 -1.02 -10.90 -3.85
CA GLY F 353 0.16 -10.55 -4.62
C GLY F 353 0.00 -10.85 -6.10
N LYS F 354 -0.55 -12.02 -6.42
CA LYS F 354 -0.74 -12.38 -7.82
C LYS F 354 -1.72 -11.44 -8.50
N PHE F 355 -2.79 -11.05 -7.80
CA PHE F 355 -3.76 -10.19 -8.46
C PHE F 355 -3.31 -8.72 -8.48
N VAL F 356 -2.51 -8.29 -7.52
CA VAL F 356 -1.87 -6.99 -7.64
C VAL F 356 -0.95 -6.96 -8.86
N GLN F 357 -0.17 -8.04 -9.04
CA GLN F 357 0.65 -8.17 -10.24
C GLN F 357 -0.20 -8.06 -11.50
N LEU F 358 -1.28 -8.85 -11.55
CA LEU F 358 -2.12 -8.89 -12.75
C LEU F 358 -2.75 -7.53 -13.05
N ILE F 359 -3.29 -6.86 -12.02
CA ILE F 359 -3.96 -5.59 -12.26
C ILE F 359 -2.97 -4.49 -12.58
N ASN F 360 -1.88 -4.38 -11.83
CA ASN F 360 -1.01 -3.23 -11.95
C ASN F 360 0.24 -3.52 -12.78
N THR F 361 0.21 -4.59 -13.59
CA THR F 361 1.20 -4.76 -14.65
C THR F 361 0.58 -4.98 -16.01
N VAL F 362 -0.60 -5.58 -16.09
CA VAL F 362 -1.25 -5.89 -17.36
C VAL F 362 -2.55 -5.10 -17.51
N LEU F 363 -3.32 -4.98 -16.44
CA LEU F 363 -4.59 -4.26 -16.47
C LEU F 363 -4.39 -2.76 -16.29
N ASN F 364 -3.14 -2.30 -16.16
CA ASN F 364 -2.67 -0.91 -16.02
C ASN F 364 -2.88 -0.37 -14.61
N GLY F 365 -3.40 -1.17 -13.68
CA GLY F 365 -3.54 -0.70 -12.31
C GLY F 365 -4.53 0.43 -12.13
N ASP F 366 -5.67 0.37 -12.81
CA ASP F 366 -6.71 1.35 -12.61
C ASP F 366 -7.23 1.24 -11.17
N GLN F 367 -7.53 2.40 -10.58
CA GLN F 367 -7.93 2.43 -9.17
C GLN F 367 -9.23 1.69 -8.93
N HIS F 368 -10.13 1.68 -9.92
CA HIS F 368 -11.38 0.94 -9.76
C HIS F 368 -11.12 -0.55 -9.59
N PHE F 369 -10.19 -1.10 -10.38
CA PHE F 369 -9.87 -2.52 -10.24
C PHE F 369 -9.24 -2.82 -8.90
N MET F 370 -8.37 -1.94 -8.41
CA MET F 370 -7.76 -2.15 -7.10
C MET F 370 -8.80 -2.10 -5.99
N SER F 371 -9.76 -1.17 -6.09
CA SER F 371 -10.85 -1.14 -5.12
C SER F 371 -11.68 -2.40 -5.20
N ALA F 372 -11.89 -2.93 -6.40
CA ALA F 372 -12.61 -4.19 -6.54
C ALA F 372 -11.86 -5.33 -5.88
N LEU F 373 -10.54 -5.37 -6.07
CA LEU F 373 -9.71 -6.36 -5.39
C LEU F 373 -9.89 -6.27 -3.88
N ASP F 374 -9.78 -5.05 -3.35
CA ASP F 374 -9.87 -4.87 -1.91
C ASP F 374 -11.23 -5.31 -1.38
N LYS F 375 -12.30 -4.92 -2.06
CA LYS F 375 -13.64 -5.27 -1.59
C LYS F 375 -13.88 -6.77 -1.66
N ALA F 376 -13.53 -7.40 -2.78
CA ALA F 376 -13.77 -8.84 -2.90
C ALA F 376 -12.92 -9.63 -1.91
N LEU F 377 -11.65 -9.26 -1.77
CA LEU F 377 -10.80 -10.01 -0.87
C LEU F 377 -11.18 -9.78 0.59
N THR F 378 -11.74 -8.60 0.89
CA THR F 378 -12.37 -8.42 2.20
C THR F 378 -13.57 -9.34 2.36
N SER F 379 -14.37 -9.47 1.32
CA SER F 379 -15.54 -10.35 1.38
C SER F 379 -15.17 -11.82 1.51
N VAL F 380 -13.95 -12.20 1.14
CA VAL F 380 -13.54 -13.59 1.32
C VAL F 380 -12.72 -13.81 2.60
N VAL F 381 -12.02 -12.83 3.15
CA VAL F 381 -11.18 -13.10 4.31
C VAL F 381 -11.99 -12.75 5.56
N ASN F 382 -13.31 -12.72 5.42
CA ASN F 382 -14.17 -12.88 6.59
C ASN F 382 -15.36 -13.77 6.26
N TYR F 383 -15.15 -14.78 5.41
CA TYR F 383 -16.22 -15.64 4.95
C TYR F 383 -16.68 -16.58 6.04
N ARG F 384 -17.71 -16.16 6.78
CA ARG F 384 -18.27 -17.00 7.82
C ARG F 384 -18.94 -18.23 7.24
N GLU F 385 -18.84 -19.34 7.94
CA GLU F 385 -19.72 -20.46 7.66
C GLU F 385 -21.15 -20.05 8.01
N PRO F 386 -22.13 -20.55 7.26
CA PRO F 386 -23.53 -20.18 7.54
C PRO F 386 -23.92 -20.54 8.97
N LYS F 387 -24.54 -19.59 9.66
CA LYS F 387 -24.90 -19.69 11.08
C LYS F 387 -23.68 -19.95 11.96
N SER F 388 -22.53 -19.40 11.61
CA SER F 388 -21.31 -19.53 12.41
C SER F 388 -20.57 -18.20 12.46
N VAL F 389 -19.82 -18.01 13.54
CA VAL F 389 -19.06 -16.76 13.69
C VAL F 389 -17.91 -16.73 12.68
N CYS F 390 -17.48 -15.51 12.34
CA CYS F 390 -16.36 -15.32 11.43
C CYS F 390 -15.11 -16.01 11.98
N LYS F 391 -14.43 -16.75 11.12
CA LYS F 391 -13.26 -17.53 11.51
C LYS F 391 -11.95 -16.87 11.12
N ALA F 392 -11.96 -15.60 10.77
CA ALA F 392 -10.73 -14.89 10.43
C ALA F 392 -9.94 -14.35 11.62
N PRO F 393 -10.55 -13.65 12.59
CA PRO F 393 -9.73 -13.01 13.63
C PRO F 393 -8.93 -13.98 14.45
N GLU F 394 -9.54 -15.08 14.90
CA GLU F 394 -8.80 -16.05 15.71
C GLU F 394 -7.66 -16.67 14.91
N LEU F 395 -7.89 -16.96 13.63
CA LEU F 395 -6.84 -17.56 12.80
C LEU F 395 -5.67 -16.61 12.58
N LEU F 396 -5.94 -15.33 12.31
CA LEU F 396 -4.82 -14.41 12.17
C LEU F 396 -4.13 -14.14 13.50
N ALA F 397 -4.89 -14.19 14.61
CA ALA F 397 -4.25 -14.09 15.91
C ALA F 397 -3.30 -15.25 16.13
N LYS F 398 -3.72 -16.46 15.77
CA LYS F 398 -2.85 -17.63 15.90
C LYS F 398 -1.63 -17.50 14.99
N TYR F 399 -1.82 -16.98 13.79
CA TYR F 399 -0.70 -16.81 12.88
C TYR F 399 0.33 -15.84 13.45
N CYS F 400 -0.13 -14.71 13.98
CA CYS F 400 0.81 -13.77 14.58
C CYS F 400 1.47 -14.36 15.82
N ASP F 401 0.70 -15.11 16.61
CA ASP F 401 1.25 -15.69 17.84
C ASP F 401 2.24 -16.80 17.54
N ASN F 402 2.15 -17.41 16.36
CA ASN F 402 3.18 -18.37 15.96
C ASN F 402 4.37 -17.68 15.33
N LEU F 403 4.16 -16.56 14.65
CA LEU F 403 5.28 -15.82 14.09
C LEU F 403 6.11 -15.11 15.16
N LEU F 404 5.53 -14.84 16.33
CA LEU F 404 6.28 -14.13 17.37
C LEU F 404 6.92 -15.04 18.40
N LYS F 405 6.51 -16.29 18.52
CA LYS F 405 7.13 -17.17 19.49
C LYS F 405 8.55 -17.53 19.08
N LYS F 406 9.36 -17.92 20.06
CA LYS F 406 10.74 -18.31 19.79
C LYS F 406 10.82 -19.72 19.23
N SER F 407 10.09 -19.97 18.14
CA SER F 407 10.02 -21.30 17.57
C SER F 407 11.36 -21.67 16.93
N ALA F 408 11.50 -22.95 16.61
CA ALA F 408 12.72 -23.46 16.01
C ALA F 408 12.92 -22.98 14.57
N LYS F 409 11.91 -22.31 14.00
CA LYS F 409 12.06 -21.75 12.66
C LYS F 409 13.20 -20.75 12.62
N GLY F 410 13.31 -19.90 13.63
CA GLY F 410 14.42 -18.97 13.74
C GLY F 410 14.48 -17.96 12.62
N MET F 411 13.34 -17.38 12.25
CA MET F 411 13.31 -16.39 11.18
C MET F 411 14.15 -15.17 11.56
N THR F 412 14.90 -14.65 10.61
CA THR F 412 15.73 -13.50 10.86
C THR F 412 14.86 -12.25 11.06
N GLU F 413 15.45 -11.26 11.73
CA GLU F 413 14.69 -10.08 12.12
C GLU F 413 14.15 -9.32 10.92
N ASN F 414 14.96 -9.15 9.87
CA ASN F 414 14.47 -8.49 8.68
C ASN F 414 13.36 -9.31 8.02
N GLU F 415 13.53 -10.63 7.99
CA GLU F 415 12.51 -11.50 7.43
C GLU F 415 11.21 -11.41 8.22
N VAL F 416 11.30 -11.41 9.56
CA VAL F 416 10.06 -11.35 10.33
C VAL F 416 9.42 -9.98 10.20
N GLU F 417 10.21 -8.91 10.05
CA GLU F 417 9.60 -7.60 9.80
C GLU F 417 8.87 -7.56 8.47
N ASP F 418 9.46 -8.13 7.42
CA ASP F 418 8.77 -8.19 6.13
C ASP F 418 7.50 -9.03 6.23
N ARG F 419 7.58 -10.16 6.93
CA ARG F 419 6.42 -11.02 7.09
C ARG F 419 5.32 -10.32 7.85
N LEU F 420 5.67 -9.53 8.86
CA LEU F 420 4.65 -8.81 9.61
C LEU F 420 4.09 -7.63 8.84
N THR F 421 4.86 -7.03 7.93
CA THR F 421 4.27 -6.06 7.01
C THR F 421 3.23 -6.73 6.12
N SER F 422 3.54 -7.93 5.62
CA SER F 422 2.53 -8.69 4.89
C SER F 422 1.34 -9.02 5.78
N PHE F 423 1.60 -9.26 7.07
CA PHE F 423 0.51 -9.52 8.01
C PHE F 423 -0.38 -8.29 8.15
N ILE F 424 0.20 -7.10 8.16
CA ILE F 424 -0.62 -5.89 8.16
C ILE F 424 -1.44 -5.80 6.88
N THR F 425 -0.83 -6.17 5.75
CA THR F 425 -1.55 -6.12 4.47
C THR F 425 -2.77 -7.04 4.49
N VAL F 426 -2.63 -8.24 5.05
CA VAL F 426 -3.78 -9.13 5.13
C VAL F 426 -4.69 -8.75 6.29
N PHE F 427 -4.18 -7.99 7.26
CA PHE F 427 -4.96 -7.61 8.43
C PHE F 427 -5.89 -6.45 8.16
N LYS F 428 -5.58 -5.65 7.16
CA LYS F 428 -6.48 -4.51 6.98
C LYS F 428 -7.84 -4.90 6.35
N TYR F 429 -8.24 -6.18 6.29
CA TYR F 429 -9.51 -6.56 5.71
C TYR F 429 -10.52 -7.14 6.68
N ILE F 430 -10.09 -7.62 7.86
CA ILE F 430 -11.03 -8.25 8.77
C ILE F 430 -12.06 -7.23 9.24
N ASP F 431 -13.33 -7.56 9.05
CA ASP F 431 -14.40 -6.60 9.32
C ASP F 431 -14.49 -6.27 10.80
N ASP F 432 -14.40 -7.28 11.66
CA ASP F 432 -14.49 -7.07 13.11
C ASP F 432 -13.09 -7.10 13.70
N LYS F 433 -12.36 -6.00 13.52
CA LYS F 433 -11.01 -5.92 14.07
C LYS F 433 -11.01 -5.90 15.59
N ASP F 434 -12.13 -5.56 16.22
CA ASP F 434 -12.19 -5.58 17.68
C ASP F 434 -12.00 -6.99 18.22
N VAL F 435 -12.63 -7.98 17.59
CA VAL F 435 -12.45 -9.36 18.04
C VAL F 435 -11.02 -9.80 17.86
N PHE F 436 -10.35 -9.31 16.81
CA PHE F 436 -8.97 -9.71 16.55
C PHE F 436 -8.06 -9.31 17.71
N GLN F 437 -8.19 -8.09 18.21
CA GLN F 437 -7.35 -7.72 19.33
C GLN F 437 -7.87 -8.28 20.64
N LYS F 438 -9.05 -8.88 20.64
CA LYS F 438 -9.49 -9.59 21.84
C LYS F 438 -8.79 -10.94 21.95
N PHE F 439 -8.57 -11.63 20.84
CA PHE F 439 -7.72 -12.81 20.88
C PHE F 439 -6.27 -12.44 21.05
N TYR F 440 -5.82 -11.38 20.36
CA TYR F 440 -4.41 -11.02 20.42
C TYR F 440 -4.01 -10.61 21.84
N ALA F 441 -4.87 -9.84 22.52
CA ALA F 441 -4.57 -9.46 23.89
C ALA F 441 -4.50 -10.68 24.79
N ARG F 442 -5.40 -11.63 24.59
CA ARG F 442 -5.34 -12.88 25.33
C ARG F 442 -4.06 -13.64 25.03
N MET F 443 -3.66 -13.68 23.77
CA MET F 443 -2.47 -14.44 23.39
C MET F 443 -1.19 -13.63 23.44
N LEU F 444 -1.27 -12.33 23.70
CA LEU F 444 -0.06 -11.63 24.11
C LEU F 444 0.15 -11.73 25.62
N ALA F 445 -0.92 -12.01 26.37
CA ALA F 445 -0.76 -12.29 27.79
C ALA F 445 0.10 -13.53 27.99
N LYS F 446 -0.14 -14.58 27.18
CA LYS F 446 0.63 -15.80 27.32
C LYS F 446 2.10 -15.57 26.98
N ARG F 447 2.38 -14.77 25.95
CA ARG F 447 3.76 -14.62 25.51
C ARG F 447 4.58 -13.75 26.45
N LEU F 448 3.95 -12.77 27.09
CA LEU F 448 4.67 -11.85 27.98
C LEU F 448 4.55 -12.24 29.44
N ILE F 449 4.06 -13.46 29.73
CA ILE F 449 4.06 -13.95 31.10
C ILE F 449 4.69 -15.33 31.23
N HIS F 450 4.83 -16.09 30.16
CA HIS F 450 5.55 -17.35 30.17
C HIS F 450 6.92 -17.22 29.52
N GLY F 451 7.33 -16.01 29.15
CA GLY F 451 8.61 -15.78 28.51
C GLY F 451 8.77 -16.51 27.19
N LEU F 452 7.76 -16.43 26.33
CA LEU F 452 7.81 -17.09 25.03
C LEU F 452 8.02 -16.13 23.87
N SER F 453 8.14 -14.83 24.12
CA SER F 453 8.40 -13.89 23.05
C SER F 453 9.79 -14.11 22.47
N MET F 454 9.90 -14.02 21.14
CA MET F 454 11.19 -14.18 20.50
C MET F 454 12.16 -13.11 20.95
N SER F 455 11.71 -11.85 20.99
CA SER F 455 12.51 -10.73 21.42
C SER F 455 11.60 -9.54 21.63
N MET F 456 11.86 -8.76 22.68
CA MET F 456 11.04 -7.58 22.94
C MET F 456 11.08 -6.61 21.78
N ASP F 457 12.14 -6.63 20.97
CA ASP F 457 12.18 -5.81 19.77
C ASP F 457 11.06 -6.19 18.81
N SER F 458 10.85 -7.49 18.60
CA SER F 458 9.79 -7.93 17.69
C SER F 458 8.41 -7.62 18.24
N GLU F 459 8.21 -7.80 19.55
CA GLU F 459 6.92 -7.48 20.16
C GLU F 459 6.63 -5.99 20.04
N GLU F 460 7.63 -5.16 20.31
CA GLU F 460 7.46 -3.71 20.16
C GLU F 460 7.17 -3.34 18.72
N ALA F 461 7.87 -3.97 17.77
CA ALA F 461 7.63 -3.67 16.36
C ALA F 461 6.21 -4.02 15.95
N MET F 462 5.71 -5.17 16.40
CA MET F 462 4.34 -5.54 16.07
C MET F 462 3.33 -4.61 16.75
N ILE F 463 3.52 -4.32 18.03
CA ILE F 463 2.57 -3.46 18.75
C ILE F 463 2.53 -2.08 18.11
N ASN F 464 3.69 -1.54 17.75
CA ASN F 464 3.73 -0.23 17.12
C ASN F 464 3.27 -0.28 15.68
N LYS F 465 3.33 -1.46 15.06
CA LYS F 465 2.86 -1.57 13.67
C LYS F 465 1.34 -1.57 13.60
N LEU F 466 0.66 -2.08 14.63
CA LEU F 466 -0.79 -1.93 14.69
C LEU F 466 -1.19 -0.48 14.92
N LYS F 467 -0.30 0.32 15.50
CA LYS F 467 -0.63 1.69 15.85
C LYS F 467 -0.74 2.60 14.63
N GLN F 468 -0.23 2.18 13.47
CA GLN F 468 -0.44 2.98 12.26
C GLN F 468 -1.50 2.40 11.34
N ALA F 469 -1.81 1.11 11.45
CA ALA F 469 -2.92 0.54 10.69
C ALA F 469 -4.24 0.68 11.43
N CYS F 470 -4.21 0.98 12.72
CA CYS F 470 -5.40 1.31 13.49
C CYS F 470 -5.02 2.38 14.50
N GLY F 471 -6.03 3.06 15.03
CA GLY F 471 -5.77 4.20 15.88
C GLY F 471 -5.07 3.83 17.17
N TYR F 472 -4.48 4.85 17.80
CA TYR F 472 -3.76 4.63 19.05
C TYR F 472 -4.68 4.08 20.14
N GLU F 473 -5.96 4.44 20.11
CA GLU F 473 -6.89 3.88 21.07
C GLU F 473 -7.04 2.38 20.90
N PHE F 474 -6.90 1.89 19.67
CA PHE F 474 -7.08 0.47 19.40
C PHE F 474 -6.01 -0.38 20.07
N THR F 475 -4.79 0.11 20.17
CA THR F 475 -3.69 -0.66 20.76
C THR F 475 -3.35 -0.22 22.17
N SER F 476 -4.19 0.61 22.80
CA SER F 476 -3.88 1.09 24.15
C SER F 476 -3.83 -0.06 25.14
N LYS F 477 -4.79 -0.99 25.07
CA LYS F 477 -4.72 -2.16 25.92
C LYS F 477 -3.53 -3.03 25.59
N LEU F 478 -3.23 -3.21 24.30
CA LEU F 478 -2.09 -4.02 23.89
C LEU F 478 -0.75 -3.43 24.30
N HIS F 479 -0.53 -2.15 24.03
CA HIS F 479 0.74 -1.49 24.29
C HIS F 479 1.05 -1.37 25.77
N ARG F 480 0.03 -1.17 26.60
CA ARG F 480 0.27 -0.99 28.02
C ARG F 480 0.71 -2.27 28.71
N MET F 481 0.59 -3.41 28.04
CA MET F 481 1.21 -4.62 28.58
C MET F 481 2.70 -4.65 28.31
N TYR F 482 3.09 -4.36 27.06
CA TYR F 482 4.50 -4.41 26.71
C TYR F 482 5.29 -3.32 27.44
N THR F 483 4.69 -2.14 27.62
CA THR F 483 5.35 -1.11 28.40
C THR F 483 5.09 -1.27 29.90
N ASP F 484 4.73 -2.50 30.30
CA ASP F 484 4.67 -2.89 31.69
C ASP F 484 5.57 -4.07 32.00
N MET F 485 5.79 -4.96 31.03
CA MET F 485 6.81 -6.00 31.21
C MET F 485 8.21 -5.42 31.10
N SER F 486 8.42 -4.49 30.16
CA SER F 486 9.74 -3.92 29.95
C SER F 486 10.22 -3.07 31.12
N VAL F 487 9.33 -2.70 32.02
CA VAL F 487 9.72 -2.00 33.24
C VAL F 487 9.64 -2.92 34.46
N SER F 488 8.98 -4.07 34.34
CA SER F 488 8.83 -4.97 35.47
C SER F 488 10.17 -5.51 35.96
N ALA F 489 11.08 -5.81 35.03
CA ALA F 489 12.41 -6.26 35.42
C ALA F 489 13.15 -5.18 36.19
N ASP F 490 13.02 -3.92 35.77
CA ASP F 490 13.56 -2.82 36.55
C ASP F 490 12.90 -2.74 37.93
N LEU F 491 11.61 -3.11 38.02
CA LEU F 491 10.98 -3.13 39.34
C LEU F 491 11.56 -4.25 40.20
N ASN F 492 11.89 -5.39 39.59
CA ASN F 492 12.57 -6.44 40.35
C ASN F 492 13.92 -5.96 40.86
N ASN F 493 14.67 -5.24 40.02
CA ASN F 493 15.94 -4.68 40.46
C ASN F 493 15.75 -3.71 41.62
N LYS F 494 14.76 -2.82 41.51
CA LYS F 494 14.52 -1.87 42.60
C LYS F 494 14.02 -2.57 43.86
N PHE F 495 13.24 -3.64 43.72
CA PHE F 495 12.78 -4.38 44.88
C PHE F 495 13.93 -5.07 45.58
N ASN F 496 14.86 -5.66 44.81
CA ASN F 496 16.04 -6.26 45.42
C ASN F 496 16.91 -5.20 46.08
N ASN F 497 17.00 -4.01 45.48
CA ASN F 497 17.70 -2.91 46.13
C ASN F 497 17.03 -2.54 47.45
N PHE F 498 15.70 -2.59 47.48
CA PHE F 498 14.98 -2.36 48.74
C PHE F 498 15.27 -3.45 49.75
N ILE F 499 15.47 -4.69 49.28
CA ILE F 499 15.97 -5.74 50.18
C ILE F 499 17.34 -5.35 50.72
N LYS F 500 18.18 -4.73 49.89
CA LYS F 500 19.51 -4.32 50.31
C LYS F 500 19.49 -3.13 51.28
N ASN F 501 18.32 -2.61 51.66
CA ASN F 501 18.28 -1.62 52.73
C ASN F 501 18.73 -2.24 54.05
N GLN F 502 18.45 -3.53 54.25
CA GLN F 502 18.82 -4.29 55.44
C GLN F 502 18.32 -3.60 56.70
N ASP F 503 17.01 -3.33 56.74
CA ASP F 503 16.42 -2.83 57.98
C ASP F 503 16.51 -3.89 59.08
N THR F 504 16.27 -5.16 58.73
CA THR F 504 16.53 -6.29 59.60
C THR F 504 17.27 -7.35 58.80
N VAL F 505 17.59 -8.46 59.45
CA VAL F 505 18.17 -9.60 58.75
C VAL F 505 17.06 -10.25 57.94
N ILE F 506 17.09 -10.07 56.62
CA ILE F 506 16.01 -10.50 55.74
C ILE F 506 16.56 -11.54 54.76
N ASP F 507 15.82 -12.62 54.58
CA ASP F 507 16.11 -13.63 53.58
C ASP F 507 14.81 -14.04 52.90
N LEU F 508 14.90 -14.38 51.62
CA LEU F 508 13.75 -14.86 50.87
C LEU F 508 13.85 -16.32 50.47
N GLY F 509 15.07 -16.88 50.44
CA GLY F 509 15.25 -18.25 50.04
C GLY F 509 14.74 -18.55 48.65
N ILE F 510 14.73 -17.56 47.77
CA ILE F 510 14.02 -17.68 46.49
C ILE F 510 14.50 -16.55 45.59
N SER F 511 14.39 -16.75 44.28
CA SER F 511 14.79 -15.72 43.33
C SER F 511 13.80 -14.56 43.32
N PHE F 512 12.50 -14.87 43.29
CA PHE F 512 11.42 -13.90 43.41
C PHE F 512 11.47 -12.86 42.28
N GLN F 513 11.24 -13.33 41.07
CA GLN F 513 11.06 -12.46 39.91
C GLN F 513 9.58 -12.12 39.82
N ILE F 514 9.25 -10.83 39.92
CA ILE F 514 7.87 -10.39 40.00
C ILE F 514 7.52 -9.62 38.72
N TYR F 515 6.25 -9.71 38.32
CA TYR F 515 5.72 -9.19 37.05
C TYR F 515 4.43 -8.43 37.25
N VAL F 516 4.42 -7.41 38.11
CA VAL F 516 3.20 -6.63 38.33
C VAL F 516 2.63 -6.14 37.00
N LEU F 517 1.31 -6.26 36.84
CA LEU F 517 0.65 -5.95 35.58
C LEU F 517 -0.48 -4.98 35.83
N GLN F 518 -0.77 -4.15 34.83
CA GLN F 518 -1.82 -3.15 34.94
C GLN F 518 -3.19 -3.84 34.91
N ALA F 519 -3.97 -3.64 35.96
CA ALA F 519 -5.21 -4.39 36.13
C ALA F 519 -6.25 -4.09 35.07
N GLY F 520 -6.10 -2.99 34.34
CA GLY F 520 -7.09 -2.62 33.35
C GLY F 520 -6.85 -3.23 31.99
N ALA F 521 -5.63 -3.10 31.48
CA ALA F 521 -5.32 -3.48 30.11
C ALA F 521 -4.80 -4.90 29.98
N TRP F 522 -4.73 -5.65 31.08
CA TRP F 522 -4.24 -7.00 31.03
C TRP F 522 -5.40 -7.97 31.03
N PRO F 523 -5.54 -8.83 30.02
CA PRO F 523 -6.70 -9.73 29.95
C PRO F 523 -6.73 -10.78 31.05
N LEU F 524 -5.80 -10.77 31.99
CA LEU F 524 -5.83 -11.72 33.08
C LEU F 524 -7.04 -11.45 33.95
N THR F 525 -7.93 -12.43 34.05
CA THR F 525 -9.17 -12.25 34.78
C THR F 525 -8.90 -12.20 36.29
N GLN F 526 -9.52 -11.23 36.95
CA GLN F 526 -9.49 -11.19 38.40
C GLN F 526 -10.32 -12.34 38.94
N ALA F 527 -9.64 -13.37 39.48
CA ALA F 527 -10.20 -14.68 39.79
C ALA F 527 -11.48 -14.57 40.61
N PRO F 528 -12.64 -14.88 40.00
CA PRO F 528 -13.89 -14.86 40.77
C PRO F 528 -13.92 -15.89 41.87
N SER F 529 -13.31 -17.06 41.64
CA SER F 529 -13.28 -18.14 42.61
C SER F 529 -11.85 -18.57 42.84
N SER F 530 -11.67 -19.71 43.52
CA SER F 530 -10.36 -20.27 43.83
C SER F 530 -9.54 -19.30 44.68
N THR F 531 -10.07 -18.98 45.87
CA THR F 531 -9.33 -18.20 46.83
C THR F 531 -8.10 -18.99 47.29
N PHE F 532 -7.08 -18.27 47.74
CA PHE F 532 -5.82 -18.92 48.05
C PHE F 532 -5.22 -18.32 49.31
N ALA F 533 -4.53 -19.17 50.07
CA ALA F 533 -3.70 -18.74 51.19
C ALA F 533 -2.26 -19.02 50.82
N ILE F 534 -1.42 -17.99 50.91
CA ILE F 534 -0.03 -18.10 50.46
C ILE F 534 0.69 -19.14 51.32
N PRO F 535 1.51 -20.01 50.73
CA PRO F 535 2.29 -20.96 51.53
C PRO F 535 3.18 -20.24 52.53
N GLN F 536 3.31 -20.84 53.72
CA GLN F 536 4.01 -20.19 54.83
C GLN F 536 5.50 -20.01 54.56
N GLU F 537 6.05 -20.75 53.60
CA GLU F 537 7.45 -20.58 53.22
C GLU F 537 7.71 -19.24 52.56
N LEU F 538 6.67 -18.50 52.19
CA LEU F 538 6.80 -17.36 51.30
C LEU F 538 5.96 -16.16 51.74
N GLU F 539 5.27 -16.27 52.88
CA GLU F 539 4.47 -15.16 53.40
C GLU F 539 5.33 -13.94 53.71
N LYS F 540 6.52 -14.16 54.26
CA LYS F 540 7.41 -13.04 54.59
C LYS F 540 7.81 -12.28 53.34
N SER F 541 8.16 -13.00 52.27
CA SER F 541 8.50 -12.34 51.02
C SER F 541 7.30 -11.59 50.46
N VAL F 542 6.10 -12.18 50.55
CA VAL F 542 4.89 -11.51 50.09
C VAL F 542 4.70 -10.19 50.81
N GLN F 543 4.78 -10.21 52.15
CA GLN F 543 4.47 -9.01 52.90
C GLN F 543 5.57 -7.95 52.72
N MET F 544 6.83 -8.36 52.61
CA MET F 544 7.87 -7.39 52.36
C MET F 544 7.71 -6.74 50.98
N PHE F 545 7.32 -7.53 49.98
CA PHE F 545 7.05 -6.95 48.67
C PHE F 545 5.86 -6.00 48.73
N GLU F 546 4.86 -6.33 49.55
CA GLU F 546 3.71 -5.44 49.71
C GLU F 546 4.13 -4.10 50.31
N LEU F 547 4.96 -4.14 51.35
CA LEU F 547 5.47 -2.88 51.91
C LEU F 547 6.30 -2.12 50.90
N PHE F 548 7.19 -2.81 50.16
CA PHE F 548 8.02 -2.11 49.19
C PHE F 548 7.18 -1.43 48.13
N TYR F 549 6.16 -2.12 47.63
CA TYR F 549 5.25 -1.51 46.66
C TYR F 549 4.34 -0.48 47.30
N SER F 550 4.26 -0.45 48.63
CA SER F 550 3.48 0.59 49.30
C SER F 550 4.27 1.89 49.41
N GLN F 551 5.39 1.89 50.14
CA GLN F 551 6.12 3.14 50.34
C GLN F 551 6.75 3.65 49.05
N HIS F 552 7.40 2.78 48.27
CA HIS F 552 8.08 3.25 47.09
C HIS F 552 7.12 3.63 45.96
N PHE F 553 5.85 3.26 46.08
CA PHE F 553 4.83 3.65 45.11
C PHE F 553 3.53 3.83 45.88
N SER F 554 3.22 5.08 46.22
CA SER F 554 2.07 5.35 47.10
C SER F 554 0.75 5.13 46.38
N GLY F 555 -0.30 4.95 47.18
CA GLY F 555 -1.66 4.88 46.67
C GLY F 555 -1.92 3.74 45.70
N ARG F 556 -1.42 2.55 46.00
CA ARG F 556 -1.55 1.41 45.11
C ARG F 556 -1.98 0.19 45.90
N LYS F 557 -2.90 -0.58 45.33
CA LYS F 557 -3.43 -1.78 45.98
C LYS F 557 -3.14 -2.98 45.09
N LEU F 558 -2.63 -4.05 45.69
CA LEU F 558 -2.37 -5.28 44.96
C LEU F 558 -3.52 -6.26 45.13
N THR F 559 -3.53 -7.29 44.29
CA THR F 559 -4.50 -8.36 44.43
C THR F 559 -3.90 -9.76 44.35
N TRP F 560 -2.61 -9.89 44.02
CA TRP F 560 -1.87 -11.15 44.08
C TRP F 560 -2.56 -12.24 43.25
N LEU F 561 -2.53 -12.04 41.94
CA LEU F 561 -3.19 -12.97 41.03
C LEU F 561 -2.43 -14.28 40.98
N HIS F 562 -2.77 -15.21 41.89
CA HIS F 562 -2.09 -16.49 41.96
C HIS F 562 -2.43 -17.39 40.77
N TYR F 563 -3.60 -17.17 40.17
CA TYR F 563 -4.13 -17.88 39.01
C TYR F 563 -3.09 -18.33 38.01
N LEU F 564 -2.21 -17.42 37.61
CA LEU F 564 -1.19 -17.69 36.61
C LEU F 564 0.21 -17.70 37.19
N CYS F 565 0.33 -17.77 38.51
CA CYS F 565 1.62 -17.71 39.15
C CYS F 565 2.39 -19.01 38.96
N THR F 566 3.57 -18.92 38.34
CA THR F 566 4.41 -20.08 38.04
C THR F 566 5.69 -20.02 38.87
N GLY F 567 5.97 -21.11 39.59
CA GLY F 567 7.15 -21.18 40.43
C GLY F 567 7.84 -22.52 40.28
N GLU F 568 8.94 -22.69 41.01
CA GLU F 568 9.68 -23.94 41.00
C GLU F 568 10.21 -24.25 42.39
N VAL F 569 10.42 -25.55 42.64
CA VAL F 569 10.75 -26.06 43.97
C VAL F 569 11.69 -27.25 43.82
N LYS F 570 12.58 -27.40 44.80
CA LYS F 570 13.53 -28.52 44.85
C LYS F 570 12.90 -29.71 45.55
N MET F 571 13.31 -30.91 45.13
CA MET F 571 12.79 -32.15 45.70
C MET F 571 13.18 -32.28 47.17
N ASN F 572 12.40 -33.05 47.91
CA ASN F 572 12.67 -33.29 49.33
C ASN F 572 13.69 -34.41 49.53
N TYR F 573 14.78 -34.35 48.77
CA TYR F 573 15.90 -35.30 48.87
C TYR F 573 15.43 -36.75 48.73
N LEU F 574 14.50 -36.98 47.80
CA LEU F 574 14.02 -38.34 47.56
C LEU F 574 14.92 -39.13 46.62
N GLY F 575 16.13 -38.64 46.37
CA GLY F 575 16.98 -39.19 45.34
C GLY F 575 16.67 -38.61 43.97
N LYS F 576 17.58 -38.84 43.03
CA LYS F 576 17.61 -38.30 41.67
C LYS F 576 17.13 -36.85 41.65
N PRO F 577 17.94 -35.91 42.19
CA PRO F 577 17.46 -34.53 42.39
C PRO F 577 16.92 -33.86 41.13
N TYR F 578 15.63 -33.55 41.18
CA TYR F 578 14.92 -32.92 40.06
C TYR F 578 14.48 -31.53 40.48
N VAL F 579 14.58 -30.57 39.56
CA VAL F 579 14.06 -29.23 39.78
C VAL F 579 12.60 -29.23 39.38
N ALA F 580 11.71 -29.19 40.37
CA ALA F 580 10.28 -29.31 40.13
C ALA F 580 9.66 -27.92 40.02
N MET F 581 9.09 -27.62 38.86
CA MET F 581 8.37 -26.37 38.64
C MET F 581 6.88 -26.67 38.54
N VAL F 582 6.09 -25.99 39.37
CA VAL F 582 4.65 -26.20 39.41
C VAL F 582 3.97 -24.84 39.56
N THR F 583 2.67 -24.82 39.25
CA THR F 583 1.85 -23.66 39.58
C THR F 583 1.71 -23.54 41.09
N THR F 584 1.59 -22.30 41.56
CA THR F 584 1.55 -22.05 43.00
C THR F 584 0.36 -22.71 43.67
N TYR F 585 -0.71 -22.98 42.92
CA TYR F 585 -1.75 -23.88 43.42
C TYR F 585 -1.16 -25.22 43.81
N GLN F 586 -0.33 -25.80 42.94
CA GLN F 586 0.20 -27.14 43.19
C GLN F 586 1.29 -27.12 44.25
N MET F 587 2.05 -26.02 44.35
CA MET F 587 3.19 -25.99 45.27
C MET F 587 2.75 -26.06 46.72
N ALA F 588 1.66 -25.34 47.08
CA ALA F 588 1.18 -25.37 48.45
C ALA F 588 0.68 -26.75 48.85
N VAL F 589 -0.05 -27.41 47.94
CA VAL F 589 -0.52 -28.76 48.22
C VAL F 589 0.65 -29.69 48.44
N LEU F 590 1.64 -29.63 47.55
CA LEU F 590 2.83 -30.45 47.71
C LEU F 590 3.70 -29.99 48.88
N LEU F 591 3.58 -28.74 49.31
CA LEU F 591 4.27 -28.32 50.53
C LEU F 591 3.67 -28.99 51.77
N ALA F 592 2.33 -28.93 51.89
CA ALA F 592 1.67 -29.64 52.98
C ALA F 592 1.94 -31.14 52.91
N PHE F 593 2.08 -31.65 51.68
CA PHE F 593 2.54 -33.03 51.49
C PHE F 593 3.95 -33.23 52.03
N ASN F 594 4.83 -32.24 51.83
CA ASN F 594 6.19 -32.35 52.36
C ASN F 594 6.19 -32.36 53.88
N ASN F 595 5.23 -31.67 54.50
CA ASN F 595 5.17 -31.63 55.96
C ASN F 595 4.98 -33.02 56.56
N SER F 596 4.12 -33.83 55.96
CA SER F 596 3.88 -35.19 56.44
C SER F 596 3.49 -36.08 55.28
N GLU F 597 4.01 -37.32 55.29
CA GLU F 597 3.79 -38.24 54.18
C GLU F 597 2.31 -38.57 54.00
N THR F 598 1.60 -38.81 55.10
CA THR F 598 0.17 -39.06 55.01
C THR F 598 -0.55 -37.74 54.71
N VAL F 599 -1.29 -37.70 53.61
CA VAL F 599 -1.91 -36.47 53.13
C VAL F 599 -3.38 -36.75 52.92
N SER F 600 -4.23 -36.21 53.81
CA SER F 600 -5.67 -36.28 53.62
C SER F 600 -6.14 -35.07 52.85
N TYR F 601 -7.17 -35.27 52.02
CA TYR F 601 -7.75 -34.15 51.28
C TYR F 601 -8.36 -33.13 52.24
N LYS F 602 -9.09 -33.60 53.24
CA LYS F 602 -9.74 -32.70 54.18
C LYS F 602 -8.71 -31.93 55.00
N GLU F 603 -7.62 -32.59 55.39
CA GLU F 603 -6.59 -31.90 56.15
C GLU F 603 -5.81 -30.91 55.31
N LEU F 604 -5.74 -31.11 53.98
CA LEU F 604 -5.11 -30.13 53.11
C LEU F 604 -6.07 -29.04 52.66
N GLN F 605 -7.37 -29.20 52.93
CA GLN F 605 -8.30 -28.10 52.68
C GLN F 605 -7.92 -26.87 53.50
N ASP F 606 -7.49 -27.07 54.74
CA ASP F 606 -7.11 -25.95 55.59
C ASP F 606 -5.85 -25.26 55.10
N SER F 607 -4.84 -26.04 54.67
CA SER F 607 -3.57 -25.45 54.28
C SER F 607 -3.71 -24.61 53.02
N THR F 608 -4.33 -25.17 51.98
CA THR F 608 -4.45 -24.43 50.72
C THR F 608 -5.55 -23.37 50.81
N GLN F 609 -6.64 -23.68 51.50
CA GLN F 609 -7.79 -22.77 51.63
C GLN F 609 -8.30 -22.35 50.26
N MET F 610 -8.75 -23.33 49.48
CA MET F 610 -9.14 -23.12 48.10
C MET F 610 -10.38 -23.97 47.77
N ASN F 611 -10.98 -23.65 46.63
CA ASN F 611 -12.10 -24.45 46.15
C ASN F 611 -11.61 -25.82 45.68
N GLU F 612 -12.47 -26.81 45.85
CA GLU F 612 -12.10 -28.19 45.52
C GLU F 612 -12.10 -28.47 44.03
N LYS F 613 -12.87 -27.70 43.23
CA LYS F 613 -13.03 -28.06 41.82
C LYS F 613 -11.73 -27.90 41.04
N GLU F 614 -10.89 -26.93 41.40
CA GLU F 614 -9.57 -26.80 40.80
C GLU F 614 -8.46 -27.40 41.65
N LEU F 615 -8.70 -27.58 42.94
CA LEU F 615 -7.76 -28.32 43.78
C LEU F 615 -7.63 -29.76 43.30
N THR F 616 -8.76 -30.38 42.95
CA THR F 616 -8.74 -31.71 42.36
C THR F 616 -7.97 -31.71 41.05
N LYS F 617 -8.14 -30.66 40.24
CA LYS F 617 -7.39 -30.56 39.00
C LYS F 617 -5.89 -30.49 39.25
N THR F 618 -5.48 -29.70 40.26
CA THR F 618 -4.07 -29.58 40.58
C THR F 618 -3.48 -30.89 41.06
N ILE F 619 -4.19 -31.58 41.96
CA ILE F 619 -3.70 -32.86 42.45
C ILE F 619 -3.70 -33.91 41.33
N LYS F 620 -4.68 -33.84 40.43
CA LYS F 620 -4.71 -34.74 39.29
C LYS F 620 -3.52 -34.51 38.37
N SER F 621 -3.16 -33.24 38.12
CA SER F 621 -1.98 -32.95 37.34
C SER F 621 -0.71 -33.40 38.07
N LEU F 622 -0.70 -33.31 39.40
CA LEU F 622 0.43 -33.81 40.17
C LEU F 622 0.60 -35.32 39.99
N LEU F 623 -0.51 -36.06 40.06
CA LEU F 623 -0.43 -37.51 39.94
C LEU F 623 -0.32 -37.99 38.49
N ASP F 624 -0.57 -37.12 37.51
CA ASP F 624 -0.35 -37.50 36.12
C ASP F 624 1.12 -37.80 35.86
N VAL F 625 2.01 -36.95 36.39
CA VAL F 625 3.43 -37.27 36.43
C VAL F 625 3.81 -38.01 37.70
N LYS F 626 2.82 -38.40 38.51
CA LYS F 626 3.01 -39.22 39.70
C LYS F 626 3.95 -38.56 40.71
N MET F 627 3.87 -37.22 40.78
CA MET F 627 4.46 -36.53 41.93
C MET F 627 3.75 -36.94 43.21
N ILE F 628 2.43 -37.04 43.16
CA ILE F 628 1.63 -37.55 44.25
C ILE F 628 0.98 -38.85 43.79
N ASN F 629 0.65 -39.70 44.75
CA ASN F 629 -0.07 -40.94 44.45
C ASN F 629 -1.32 -41.00 45.30
N HIS F 630 -2.36 -41.64 44.75
CA HIS F 630 -3.62 -41.83 45.46
C HIS F 630 -3.51 -43.11 46.27
N ASP F 631 -3.42 -42.97 47.60
CA ASP F 631 -3.32 -44.14 48.46
C ASP F 631 -4.59 -45.00 48.37
N SER F 632 -5.75 -44.35 48.33
CA SER F 632 -6.98 -45.06 48.06
C SER F 632 -7.06 -45.42 46.57
N GLU F 633 -7.77 -46.51 46.27
CA GLU F 633 -7.91 -46.99 44.91
C GLU F 633 -9.20 -46.50 44.26
N LYS F 634 -9.97 -45.66 44.95
CA LYS F 634 -11.19 -45.11 44.40
C LYS F 634 -10.85 -44.17 43.24
N GLU F 635 -11.76 -44.07 42.27
CA GLU F 635 -11.49 -43.42 40.99
C GLU F 635 -11.09 -41.96 41.11
N ASP F 636 -12.01 -41.09 41.54
CA ASP F 636 -11.73 -39.68 41.62
C ASP F 636 -11.25 -39.31 43.02
N ILE F 637 -11.16 -38.02 43.30
CA ILE F 637 -10.63 -37.52 44.56
C ILE F 637 -11.77 -36.88 45.33
N ASP F 638 -12.08 -37.43 46.50
CA ASP F 638 -13.11 -36.90 47.38
C ASP F 638 -12.44 -36.17 48.55
N ALA F 639 -13.24 -35.78 49.55
CA ALA F 639 -12.71 -35.11 50.72
C ALA F 639 -11.88 -36.03 51.61
N GLU F 640 -11.98 -37.35 51.41
CA GLU F 640 -11.27 -38.31 52.24
C GLU F 640 -10.16 -39.05 51.50
N SER F 641 -9.72 -38.53 50.36
CA SER F 641 -8.69 -39.20 49.58
C SER F 641 -7.33 -39.06 50.27
N SER F 642 -6.56 -40.15 50.26
CA SER F 642 -5.27 -40.21 50.93
C SER F 642 -4.14 -40.22 49.91
N PHE F 643 -3.01 -39.63 50.30
CA PHE F 643 -1.89 -39.41 49.40
C PHE F 643 -0.57 -39.56 50.14
N SER F 644 0.48 -39.86 49.38
CA SER F 644 1.82 -40.04 49.90
C SER F 644 2.81 -39.85 48.75
N LEU F 645 4.07 -40.20 49.00
CA LEU F 645 5.14 -40.01 48.02
C LEU F 645 5.31 -41.25 47.15
N ASN F 646 5.49 -41.02 45.85
CA ASN F 646 5.80 -42.06 44.88
C ASN F 646 7.27 -41.93 44.52
N MET F 647 8.11 -42.67 45.25
CA MET F 647 9.56 -42.57 45.07
C MET F 647 10.01 -43.05 43.70
N ASN F 648 9.41 -44.15 43.22
CA ASN F 648 9.94 -44.84 42.05
C ASN F 648 9.73 -44.09 40.73
N PHE F 649 8.96 -43.00 40.72
CA PHE F 649 8.83 -42.22 39.50
C PHE F 649 10.15 -41.53 39.17
N SER F 650 10.56 -41.64 37.91
CA SER F 650 11.80 -41.04 37.43
C SER F 650 11.50 -40.08 36.30
N SER F 651 12.31 -39.02 36.21
CA SER F 651 12.19 -38.05 35.14
C SER F 651 13.54 -37.95 34.42
N LYS F 652 13.48 -37.97 33.09
CA LYS F 652 14.70 -37.85 32.29
C LYS F 652 15.31 -36.47 32.34
N ARG F 653 14.59 -35.48 32.87
CA ARG F 653 15.09 -34.13 33.03
C ARG F 653 14.96 -33.70 34.48
N THR F 654 16.01 -33.07 35.00
CA THR F 654 15.95 -32.54 36.36
C THR F 654 14.93 -31.39 36.45
N LYS F 655 15.04 -30.42 35.54
CA LYS F 655 14.10 -29.31 35.48
C LYS F 655 12.92 -29.70 34.57
N PHE F 656 12.20 -30.71 35.02
CA PHE F 656 11.08 -31.24 34.25
C PHE F 656 9.90 -30.28 34.28
N LYS F 657 9.01 -30.46 33.31
CA LYS F 657 7.91 -29.51 33.10
C LYS F 657 6.56 -30.16 33.42
N ILE F 658 5.74 -29.41 34.15
CA ILE F 658 4.33 -29.76 34.36
C ILE F 658 3.53 -29.06 33.27
N THR F 659 2.49 -29.74 32.79
CA THR F 659 1.77 -29.31 31.59
C THR F 659 1.24 -27.89 31.72
N THR F 660 1.38 -27.13 30.63
CA THR F 660 0.92 -25.74 30.60
C THR F 660 -0.57 -25.67 30.27
N GLN F 668 14.93 -27.24 24.92
CA GLN F 668 15.05 -27.04 23.47
C GLN F 668 14.38 -28.20 22.74
N GLU F 669 13.09 -28.37 22.98
CA GLU F 669 12.32 -29.46 22.40
C GLU F 669 11.65 -29.07 21.09
N MET F 670 11.50 -27.78 20.82
CA MET F 670 10.81 -27.34 19.61
C MET F 670 11.57 -27.67 18.33
N GLU F 671 12.88 -27.95 18.43
CA GLU F 671 13.64 -28.34 17.25
C GLU F 671 13.20 -29.70 16.73
N GLN F 672 13.03 -30.67 17.64
CA GLN F 672 12.63 -32.02 17.24
C GLN F 672 11.22 -32.03 16.64
N THR F 673 10.30 -31.27 17.23
CA THR F 673 8.94 -31.23 16.71
C THR F 673 8.91 -30.59 15.32
N ARG F 674 9.70 -29.55 15.10
CA ARG F 674 9.75 -28.90 13.79
C ARG F 674 10.30 -29.85 12.74
N SER F 675 11.32 -30.62 13.08
CA SER F 675 11.86 -31.62 12.15
C SER F 675 10.83 -32.70 11.85
N ALA F 676 10.10 -33.15 12.88
CA ALA F 676 9.07 -34.16 12.67
C ALA F 676 7.94 -33.64 11.79
N VAL F 677 7.54 -32.39 12.01
CA VAL F 677 6.53 -31.77 11.15
C VAL F 677 7.05 -31.65 9.73
N ASP F 678 8.31 -31.21 9.58
CA ASP F 678 8.92 -31.16 8.26
C ASP F 678 9.09 -32.56 7.66
N GLU F 679 9.32 -33.56 8.51
CA GLU F 679 9.39 -34.94 8.03
C GLU F 679 8.05 -35.40 7.49
N ASP F 680 6.97 -35.08 8.20
CA ASP F 680 5.63 -35.42 7.71
C ASP F 680 5.30 -34.66 6.43
N ARG F 681 5.81 -33.43 6.29
CA ARG F 681 5.71 -32.74 5.01
C ARG F 681 6.42 -33.53 3.91
N LYS F 682 7.64 -34.00 4.20
CA LYS F 682 8.35 -34.84 3.25
C LYS F 682 7.68 -36.21 3.11
N MET F 683 7.13 -36.74 4.20
CA MET F 683 6.44 -38.03 4.14
C MET F 683 5.21 -37.95 3.24
N TYR F 684 4.45 -36.86 3.35
CA TYR F 684 3.33 -36.66 2.43
C TYR F 684 3.81 -36.49 1.01
N LEU F 685 4.94 -35.80 0.82
CA LEU F 685 5.49 -35.61 -0.51
C LEU F 685 5.95 -36.94 -1.10
N GLN F 686 6.42 -37.86 -0.26
CA GLN F 686 6.66 -39.23 -0.72
C GLN F 686 5.36 -39.88 -1.18
N ALA F 687 4.26 -39.60 -0.47
CA ALA F 687 2.94 -40.14 -0.79
C ALA F 687 2.17 -39.26 -1.77
N ALA F 688 2.88 -38.50 -2.61
CA ALA F 688 2.22 -37.68 -3.63
C ALA F 688 2.83 -37.94 -5.00
N ILE F 689 4.11 -38.33 -5.03
CA ILE F 689 4.83 -38.50 -6.29
C ILE F 689 4.28 -39.69 -7.06
N VAL F 690 4.14 -40.83 -6.40
CA VAL F 690 3.87 -42.08 -7.09
C VAL F 690 2.47 -42.16 -7.68
N ARG F 691 1.54 -41.31 -7.22
CA ARG F 691 0.19 -41.35 -7.75
C ARG F 691 0.16 -40.93 -9.22
N ILE F 692 0.96 -39.93 -9.59
CA ILE F 692 1.06 -39.54 -10.99
C ILE F 692 1.72 -40.66 -11.79
N MET F 693 2.68 -41.36 -11.20
CA MET F 693 3.27 -42.53 -11.86
C MET F 693 2.21 -43.60 -12.13
N LYS F 694 1.21 -43.70 -11.27
CA LYS F 694 0.08 -44.58 -11.52
C LYS F 694 -1.00 -43.90 -12.36
N ALA F 695 -0.70 -42.76 -12.97
CA ALA F 695 -1.65 -42.05 -13.82
C ALA F 695 -1.14 -41.89 -15.24
N ARG F 696 0.14 -41.56 -15.44
CA ARG F 696 0.73 -41.46 -16.77
C ARG F 696 2.08 -42.15 -16.90
N LYS F 697 2.73 -42.51 -15.78
CA LYS F 697 3.93 -43.35 -15.72
C LYS F 697 5.19 -42.65 -16.23
N VAL F 698 5.03 -41.47 -16.82
CA VAL F 698 6.14 -40.67 -17.33
C VAL F 698 5.79 -39.21 -17.13
N LEU F 699 6.70 -38.44 -16.52
CA LEU F 699 6.50 -37.01 -16.40
C LEU F 699 7.84 -36.30 -16.42
N ARG F 700 7.82 -35.05 -16.89
CA ARG F 700 9.02 -34.24 -17.00
C ARG F 700 9.50 -33.81 -15.61
N HIS F 701 10.75 -33.32 -15.57
CA HIS F 701 11.32 -32.83 -14.33
C HIS F 701 10.54 -31.63 -13.80
N ASN F 702 10.20 -30.70 -14.67
CA ASN F 702 9.44 -29.51 -14.28
C ASN F 702 7.94 -29.75 -14.24
N ALA F 703 7.44 -30.71 -15.03
CA ALA F 703 6.01 -30.99 -15.03
C ALA F 703 5.60 -31.74 -13.77
N LEU F 704 6.51 -32.49 -13.16
CA LEU F 704 6.18 -33.21 -11.94
C LEU F 704 6.01 -32.26 -10.75
N ILE F 705 6.73 -31.13 -10.76
CA ILE F 705 6.63 -30.19 -9.65
C ILE F 705 5.24 -29.57 -9.58
N GLN F 706 4.66 -29.27 -10.75
CA GLN F 706 3.33 -28.65 -10.78
C GLN F 706 2.27 -29.61 -10.23
N GLU F 707 2.44 -30.91 -10.46
CA GLU F 707 1.48 -31.88 -9.94
C GLU F 707 1.59 -31.99 -8.43
N VAL F 708 2.79 -31.83 -7.88
CA VAL F 708 2.97 -31.87 -6.43
C VAL F 708 2.23 -30.72 -5.76
N ILE F 709 2.35 -29.51 -6.32
CA ILE F 709 1.67 -28.35 -5.75
C ILE F 709 0.16 -28.47 -5.92
N SER F 710 -0.28 -29.01 -7.06
CA SER F 710 -1.71 -29.21 -7.28
C SER F 710 -2.27 -30.24 -6.31
N GLN F 711 -1.51 -31.32 -6.06
CA GLN F 711 -1.94 -32.31 -5.08
C GLN F 711 -1.96 -31.73 -3.68
N SER F 712 -1.07 -30.78 -3.39
CA SER F 712 -0.98 -30.14 -2.08
C SER F 712 -1.52 -28.71 -2.10
N ARG F 713 -2.53 -28.47 -2.95
CA ARG F 713 -3.13 -27.13 -3.01
C ARG F 713 -3.84 -26.79 -1.71
N ALA F 714 -4.55 -27.75 -1.13
CA ALA F 714 -5.25 -27.54 0.14
C ALA F 714 -4.37 -27.86 1.35
N ARG F 715 -3.12 -28.23 1.12
CA ARG F 715 -2.18 -28.56 2.18
C ARG F 715 -1.03 -27.56 2.15
N PHE F 716 0.02 -27.85 2.93
CA PHE F 716 1.15 -26.95 3.07
C PHE F 716 1.77 -26.63 1.71
N ASN F 717 2.35 -25.44 1.62
CA ASN F 717 3.04 -25.04 0.40
C ASN F 717 4.33 -25.83 0.27
N PRO F 718 4.54 -26.59 -0.79
CA PRO F 718 5.75 -27.40 -0.92
C PRO F 718 6.92 -26.62 -1.49
N SER F 719 8.09 -26.88 -0.95
CA SER F 719 9.31 -26.25 -1.43
C SER F 719 9.84 -26.99 -2.65
N ILE F 720 10.25 -26.22 -3.66
CA ILE F 720 10.73 -26.81 -4.90
C ILE F 720 12.03 -27.59 -4.68
N SER F 721 12.94 -27.02 -3.90
CA SER F 721 14.22 -27.69 -3.65
C SER F 721 14.04 -28.97 -2.85
N MET F 722 13.13 -28.96 -1.87
CA MET F 722 12.91 -30.15 -1.06
C MET F 722 12.23 -31.26 -1.84
N ILE F 723 11.57 -30.95 -2.96
CA ILE F 723 11.04 -31.98 -3.84
C ILE F 723 12.17 -32.78 -4.45
N LYS F 724 13.22 -32.09 -4.92
CA LYS F 724 14.34 -32.76 -5.58
C LYS F 724 15.07 -33.68 -4.60
N LYS F 725 15.25 -33.23 -3.35
CA LYS F 725 15.89 -34.08 -2.36
C LYS F 725 15.01 -35.26 -1.98
N CYS F 726 13.70 -35.05 -1.91
CA CYS F 726 12.78 -36.12 -1.52
C CYS F 726 12.51 -37.09 -2.67
N ILE F 727 12.51 -36.60 -3.92
CA ILE F 727 12.27 -37.49 -5.04
C ILE F 727 13.43 -38.45 -5.26
N GLU F 728 14.63 -38.11 -4.76
CA GLU F 728 15.76 -39.02 -4.85
C GLU F 728 15.66 -40.18 -3.86
N VAL F 729 14.79 -40.06 -2.86
CA VAL F 729 14.54 -41.18 -1.95
C VAL F 729 13.89 -42.34 -2.69
N LEU F 730 13.09 -42.04 -3.71
CA LEU F 730 12.49 -43.07 -4.54
C LEU F 730 13.47 -43.71 -5.50
N ILE F 731 14.62 -43.09 -5.75
CA ILE F 731 15.60 -43.63 -6.68
C ILE F 731 16.39 -44.76 -6.03
N ASP F 732 17.08 -44.47 -4.93
CA ASP F 732 17.88 -45.48 -4.26
C ASP F 732 17.04 -46.57 -3.63
N LYS F 733 15.75 -46.31 -3.39
CA LYS F 733 14.83 -47.33 -2.91
C LYS F 733 14.31 -48.22 -4.03
N GLN F 734 14.84 -48.05 -5.25
CA GLN F 734 14.47 -48.83 -6.43
C GLN F 734 12.99 -48.67 -6.77
N TYR F 735 12.38 -47.55 -6.39
CA TYR F 735 10.98 -47.32 -6.72
C TYR F 735 10.83 -46.73 -8.12
N ILE F 736 11.40 -45.56 -8.35
CA ILE F 736 11.37 -44.90 -9.64
C ILE F 736 12.81 -44.64 -10.09
N GLU F 737 12.96 -44.34 -11.38
CA GLU F 737 14.28 -44.12 -11.96
C GLU F 737 14.18 -43.04 -13.03
N ARG F 738 15.34 -42.47 -13.37
CA ARG F 738 15.44 -41.43 -14.36
C ARG F 738 16.02 -41.98 -15.66
N SER F 739 15.42 -41.59 -16.78
CA SER F 739 15.92 -42.01 -18.09
C SER F 739 17.28 -41.40 -18.37
N GLN F 740 18.15 -42.20 -18.99
CA GLN F 740 19.48 -41.71 -19.32
C GLN F 740 19.44 -40.64 -20.41
N ALA F 741 18.64 -40.87 -21.45
CA ALA F 741 18.61 -39.94 -22.59
C ALA F 741 18.01 -38.59 -22.20
N SER F 742 16.94 -38.60 -21.41
CA SER F 742 16.29 -37.38 -20.97
C SER F 742 16.28 -37.34 -19.45
N ALA F 743 16.97 -36.35 -18.87
CA ALA F 743 16.95 -36.19 -17.43
C ALA F 743 15.57 -35.84 -16.91
N ASP F 744 14.73 -35.24 -17.76
CA ASP F 744 13.36 -34.94 -17.35
C ASP F 744 12.50 -36.19 -17.30
N GLU F 745 12.74 -37.13 -18.20
CA GLU F 745 11.93 -38.35 -18.26
C GLU F 745 12.20 -39.25 -17.07
N TYR F 746 11.13 -39.81 -16.52
CA TYR F 746 11.20 -40.68 -15.35
C TYR F 746 10.31 -41.90 -15.56
N SER F 747 10.66 -42.99 -14.87
CA SER F 747 9.87 -44.20 -14.92
C SER F 747 10.07 -44.98 -13.62
N TYR F 748 9.15 -45.89 -13.34
CA TYR F 748 9.14 -46.66 -12.10
C TYR F 748 9.06 -48.13 -12.43
N VAL F 749 9.62 -48.94 -11.52
CA VAL F 749 9.75 -50.37 -11.77
C VAL F 749 8.39 -51.06 -11.76
N ALA F 750 7.46 -50.60 -10.92
CA ALA F 750 6.16 -51.24 -10.79
C ALA F 750 5.23 -50.83 -11.91
N MET G 1 -18.14 -40.30 16.37
CA MET G 1 -16.99 -41.06 16.85
C MET G 1 -15.69 -40.47 16.31
N LEU G 2 -15.02 -39.68 17.14
CA LEU G 2 -13.76 -39.06 16.74
C LEU G 2 -12.65 -40.11 16.65
N ILE G 3 -11.60 -39.76 15.90
CA ILE G 3 -10.48 -40.66 15.67
C ILE G 3 -9.19 -39.96 16.10
N LYS G 4 -8.34 -40.71 16.78
CA LYS G 4 -7.03 -40.24 17.23
C LYS G 4 -5.95 -41.23 16.84
N VAL G 5 -5.97 -41.65 15.57
CA VAL G 5 -5.02 -42.63 15.08
C VAL G 5 -3.66 -41.98 14.91
N LYS G 6 -2.62 -42.65 15.40
CA LYS G 6 -1.26 -42.15 15.26
C LYS G 6 -0.73 -42.43 13.86
N THR G 7 0.45 -41.89 13.57
CA THR G 7 1.06 -42.01 12.25
C THR G 7 2.55 -42.23 12.44
N LEU G 8 3.33 -42.04 11.37
CA LEU G 8 4.77 -42.24 11.43
C LEU G 8 5.45 -41.32 12.43
N THR G 9 4.87 -40.15 12.71
CA THR G 9 5.40 -39.23 13.70
C THR G 9 4.41 -39.00 14.84
N GLY G 10 3.49 -39.94 15.04
CA GLY G 10 2.45 -39.77 16.04
C GLY G 10 1.49 -38.64 15.73
N LYS G 11 1.13 -38.49 14.46
CA LYS G 11 0.23 -37.42 14.04
C LYS G 11 -1.22 -37.82 14.34
N GLU G 12 -2.17 -37.02 13.84
CA GLU G 12 -3.58 -37.26 14.09
C GLU G 12 -4.30 -37.52 12.76
N ILE G 13 -5.30 -38.39 12.83
CA ILE G 13 -6.14 -38.72 11.68
C ILE G 13 -7.59 -38.56 12.11
N GLU G 14 -8.35 -37.79 11.33
CA GLU G 14 -9.75 -37.50 11.65
C GLU G 14 -10.65 -38.32 10.74
N ILE G 15 -10.90 -39.58 11.15
CA ILE G 15 -11.82 -40.43 10.42
C ILE G 15 -13.25 -39.95 10.60
N ASP G 16 -13.63 -39.66 11.86
CA ASP G 16 -14.97 -39.18 12.21
C ASP G 16 -16.06 -40.11 11.69
N ILE G 17 -15.84 -41.41 11.87
CA ILE G 17 -16.74 -42.45 11.38
C ILE G 17 -17.17 -43.31 12.56
N GLU G 18 -18.47 -43.60 12.62
CA GLU G 18 -19.01 -44.44 13.68
C GLU G 18 -18.58 -45.90 13.47
N PRO G 19 -18.71 -46.72 14.50
CA PRO G 19 -18.31 -48.13 14.36
C PRO G 19 -19.14 -48.91 13.34
N THR G 20 -20.32 -48.43 12.98
CA THR G 20 -21.14 -49.08 11.97
C THR G 20 -20.66 -48.80 10.55
N ASP G 21 -19.72 -47.88 10.37
CA ASP G 21 -19.24 -47.54 9.04
C ASP G 21 -18.17 -48.52 8.57
N LYS G 22 -17.87 -48.48 7.28
CA LYS G 22 -16.88 -49.34 6.67
C LYS G 22 -15.55 -48.60 6.54
N VAL G 23 -14.45 -49.33 6.74
CA VAL G 23 -13.11 -48.74 6.74
C VAL G 23 -12.70 -48.36 5.32
N GLU G 24 -13.45 -48.83 4.32
CA GLU G 24 -13.20 -48.40 2.95
C GLU G 24 -13.47 -46.91 2.79
N ARG G 25 -14.45 -46.38 3.52
CA ARG G 25 -14.71 -44.95 3.54
C ARG G 25 -14.32 -44.29 4.85
N ILE G 26 -14.12 -45.05 5.93
CA ILE G 26 -13.69 -44.47 7.19
C ILE G 26 -12.25 -43.99 7.09
N LYS G 27 -11.37 -44.81 6.50
CA LYS G 27 -9.98 -44.41 6.31
C LYS G 27 -9.82 -43.30 5.29
N GLU G 28 -10.84 -43.05 4.48
CA GLU G 28 -10.78 -41.95 3.51
C GLU G 28 -10.68 -40.61 4.22
N ARG G 29 -11.49 -40.40 5.26
CA ARG G 29 -11.44 -39.14 6.00
C ARG G 29 -10.25 -39.09 6.95
N VAL G 30 -9.80 -40.25 7.43
CA VAL G 30 -8.66 -40.27 8.36
C VAL G 30 -7.40 -39.75 7.68
N GLU G 31 -7.15 -40.18 6.45
CA GLU G 31 -6.03 -39.67 5.69
C GLU G 31 -6.33 -38.32 5.04
N GLU G 32 -7.59 -37.90 5.00
CA GLU G 32 -7.93 -36.59 4.48
C GLU G 32 -7.36 -35.48 5.35
N LYS G 33 -7.40 -35.66 6.67
CA LYS G 33 -6.75 -34.72 7.58
C LYS G 33 -5.26 -35.00 7.74
N GLU G 34 -4.76 -36.09 7.15
CA GLU G 34 -3.34 -36.42 7.19
C GLU G 34 -2.63 -36.04 5.91
N GLY G 35 -3.18 -36.43 4.76
CA GLY G 35 -2.62 -36.05 3.48
C GLY G 35 -2.65 -37.15 2.43
N ILE G 36 -2.62 -38.40 2.86
CA ILE G 36 -2.57 -39.53 1.94
C ILE G 36 -3.92 -39.67 1.25
N PRO G 37 -3.97 -40.15 0.01
CA PRO G 37 -5.24 -40.48 -0.64
C PRO G 37 -5.90 -41.67 0.05
N PRO G 38 -7.22 -41.81 -0.07
CA PRO G 38 -7.91 -42.92 0.61
C PRO G 38 -7.40 -44.31 0.24
N GLN G 39 -7.25 -44.60 -1.06
CA GLN G 39 -6.83 -45.93 -1.48
C GLN G 39 -5.31 -46.05 -1.56
N GLN G 40 -4.64 -45.56 -0.51
CA GLN G 40 -3.19 -45.70 -0.42
C GLN G 40 -2.68 -46.10 0.96
N GLN G 41 -3.43 -45.89 2.03
CA GLN G 41 -2.97 -46.15 3.38
C GLN G 41 -3.46 -47.53 3.83
N ARG G 42 -2.52 -48.42 4.13
CA ARG G 42 -2.85 -49.75 4.66
C ARG G 42 -3.00 -49.62 6.18
N LEU G 43 -4.18 -49.17 6.59
CA LEU G 43 -4.44 -48.94 8.00
C LEU G 43 -4.43 -50.26 8.77
N ILE G 44 -3.69 -50.29 9.87
CA ILE G 44 -3.57 -51.48 10.71
C ILE G 44 -4.32 -51.20 12.01
N TYR G 45 -5.29 -52.06 12.33
CA TYR G 45 -6.12 -51.90 13.51
C TYR G 45 -5.52 -52.63 14.71
N SER G 46 -4.25 -52.32 14.97
CA SER G 46 -3.50 -52.88 16.10
C SER G 46 -3.48 -54.41 16.06
N GLY G 47 -3.26 -54.97 14.87
CA GLY G 47 -3.18 -56.41 14.73
C GLY G 47 -3.81 -56.95 13.47
N LYS G 48 -4.52 -56.10 12.74
CA LYS G 48 -5.17 -56.52 11.49
C LYS G 48 -5.32 -55.31 10.58
N GLN G 49 -5.42 -55.57 9.29
CA GLN G 49 -5.54 -54.55 8.27
C GLN G 49 -6.90 -54.64 7.59
N MET G 50 -7.42 -53.49 7.18
CA MET G 50 -8.74 -53.44 6.55
C MET G 50 -8.69 -54.01 5.13
N ASN G 51 -9.83 -54.53 4.69
CA ASN G 51 -9.95 -55.09 3.35
C ASN G 51 -11.41 -55.05 2.93
N ASP G 52 -11.64 -54.76 1.65
CA ASP G 52 -12.97 -54.59 1.06
C ASP G 52 -13.67 -53.47 1.84
N GLU G 53 -14.95 -53.65 2.23
CA GLU G 53 -15.61 -52.64 3.03
C GLU G 53 -14.99 -52.54 4.41
N LYS G 54 -14.83 -53.68 5.10
CA LYS G 54 -14.19 -53.76 6.42
C LYS G 54 -14.91 -52.86 7.43
N THR G 55 -16.15 -53.27 7.74
CA THR G 55 -16.97 -52.53 8.70
C THR G 55 -16.24 -52.39 10.03
N ALA G 56 -16.30 -51.18 10.59
CA ALA G 56 -15.52 -50.84 11.78
C ALA G 56 -15.96 -51.60 13.02
N ALA G 57 -17.16 -52.18 13.03
CA ALA G 57 -17.58 -53.00 14.15
C ALA G 57 -16.78 -54.29 14.27
N ASP G 58 -16.13 -54.72 13.19
CA ASP G 58 -15.33 -55.94 13.25
C ASP G 58 -14.07 -55.74 14.09
N TYR G 59 -13.52 -54.52 14.09
CA TYR G 59 -12.31 -54.23 14.84
C TYR G 59 -12.63 -53.77 16.26
N LYS G 60 -13.43 -54.57 16.97
CA LYS G 60 -13.77 -54.39 18.38
C LYS G 60 -14.55 -53.10 18.65
N ILE G 61 -14.90 -52.36 17.60
CA ILE G 61 -15.64 -51.10 17.67
C ILE G 61 -14.94 -50.13 18.61
N LEU G 62 -13.62 -50.05 18.50
CA LEU G 62 -12.84 -49.16 19.35
C LEU G 62 -13.12 -47.70 19.01
N GLY G 63 -13.16 -46.86 20.04
CA GLY G 63 -13.41 -45.45 19.86
C GLY G 63 -12.14 -44.64 19.76
N GLY G 64 -11.74 -44.30 18.53
CA GLY G 64 -10.52 -43.55 18.30
C GLY G 64 -9.29 -44.43 18.30
N SER G 65 -8.86 -44.85 19.50
CA SER G 65 -7.72 -45.75 19.68
C SER G 65 -6.45 -45.20 19.04
N VAL G 66 -5.49 -46.09 18.77
CA VAL G 66 -4.24 -45.73 18.10
C VAL G 66 -4.08 -46.69 16.94
N LEU G 67 -4.60 -46.32 15.77
CA LEU G 67 -4.50 -47.13 14.56
C LEU G 67 -3.23 -46.75 13.82
N HIS G 68 -2.21 -47.59 13.93
CA HIS G 68 -0.92 -47.30 13.30
C HIS G 68 -1.00 -47.74 11.84
N LEU G 69 -1.39 -46.81 10.97
CA LEU G 69 -1.54 -47.09 9.55
C LEU G 69 -0.17 -47.32 8.91
N VAL G 70 -0.17 -48.10 7.83
CA VAL G 70 1.01 -48.34 7.03
C VAL G 70 0.96 -47.43 5.81
N LEU G 71 2.07 -46.73 5.55
CA LEU G 71 2.13 -45.74 4.48
C LEU G 71 2.70 -46.30 3.20
N ALA G 72 2.48 -47.58 2.91
CA ALA G 72 3.00 -48.20 1.71
C ALA G 72 2.36 -47.59 0.47
N LEU G 73 3.15 -47.47 -0.59
CA LEU G 73 2.70 -46.85 -1.83
C LEU G 73 2.14 -47.93 -2.77
N ARG G 74 1.78 -47.51 -4.00
CA ARG G 74 1.35 -48.37 -5.09
C ARG G 74 0.20 -49.32 -4.70
N GLY G 75 -0.52 -49.01 -3.64
CA GLY G 75 -1.64 -49.84 -3.21
C GLY G 75 -2.94 -49.58 -3.92
N GLY G 76 -3.04 -48.50 -4.69
CA GLY G 76 -4.27 -48.19 -5.42
C GLY G 76 -4.48 -49.07 -6.63
N MET H 1 22.20 38.82 -38.06
CA MET H 1 22.38 39.19 -39.46
C MET H 1 22.43 40.71 -39.59
N TYR H 2 22.65 41.19 -40.81
CA TYR H 2 22.76 42.62 -41.07
C TYR H 2 21.94 42.97 -42.30
N VAL H 3 21.18 44.06 -42.21
CA VAL H 3 20.37 44.54 -43.32
C VAL H 3 20.88 45.90 -43.76
N LYS H 4 20.64 46.23 -45.02
CA LYS H 4 21.13 47.47 -45.63
C LYS H 4 19.94 48.36 -45.98
N LEU H 5 19.96 49.58 -45.45
CA LEU H 5 18.92 50.57 -45.71
C LEU H 5 19.45 51.57 -46.73
N ILE H 6 18.85 51.60 -47.91
CA ILE H 6 19.25 52.52 -48.97
C ILE H 6 18.35 53.73 -48.92
N SER H 7 18.95 54.91 -48.86
CA SER H 7 18.21 56.16 -48.84
C SER H 7 18.03 56.67 -50.27
N SER H 8 17.69 57.95 -50.42
CA SER H 8 17.34 58.51 -51.72
C SER H 8 18.48 58.34 -52.73
N ASP H 9 19.71 58.63 -52.33
CA ASP H 9 20.84 58.56 -53.24
C ASP H 9 22.07 58.08 -52.48
N GLY H 10 22.63 56.96 -52.92
CA GLY H 10 23.74 56.36 -52.21
C GLY H 10 23.34 56.02 -50.79
N HIS H 11 24.24 56.29 -49.85
CA HIS H 11 23.95 56.26 -48.41
C HIS H 11 23.40 54.90 -47.99
N GLU H 12 24.25 53.88 -48.12
CA GLU H 12 23.85 52.52 -47.78
C GLU H 12 23.95 52.33 -46.26
N PHE H 13 22.93 52.84 -45.57
CA PHE H 13 22.89 52.74 -44.11
C PHE H 13 22.73 51.29 -43.68
N ILE H 14 23.48 50.91 -42.66
CA ILE H 14 23.49 49.52 -42.18
C ILE H 14 23.15 49.51 -40.70
N VAL H 15 22.19 48.68 -40.32
CA VAL H 15 21.92 48.36 -38.92
C VAL H 15 21.69 46.86 -38.82
N LYS H 16 21.81 46.35 -37.60
CA LYS H 16 21.48 44.96 -37.37
C LYS H 16 19.99 44.74 -37.59
N ARG H 17 19.64 43.51 -38.00
CA ARG H 17 18.26 43.23 -38.36
C ARG H 17 17.33 43.41 -37.16
N GLU H 18 17.78 43.01 -35.97
CA GLU H 18 16.94 43.14 -34.78
C GLU H 18 16.63 44.59 -34.45
N HIS H 19 17.47 45.54 -34.86
CA HIS H 19 17.11 46.94 -34.73
C HIS H 19 16.03 47.33 -35.73
N ALA H 20 16.15 46.87 -36.97
CA ALA H 20 15.27 47.31 -38.05
C ALA H 20 14.12 46.35 -38.30
N LEU H 21 13.92 45.36 -37.44
CA LEU H 21 12.74 44.51 -37.51
C LEU H 21 11.69 44.91 -36.49
N THR H 22 11.73 46.16 -36.04
CA THR H 22 10.69 46.69 -35.18
C THR H 22 9.83 47.75 -35.86
N SER H 23 10.33 48.37 -36.92
CA SER H 23 9.53 49.27 -37.73
C SER H 23 8.64 48.43 -38.64
N GLY H 24 7.35 48.36 -38.29
CA GLY H 24 6.38 47.46 -38.91
C GLY H 24 6.42 47.34 -40.42
N THR H 25 6.69 48.45 -41.11
CA THR H 25 6.74 48.40 -42.56
C THR H 25 7.99 47.67 -43.05
N ILE H 26 9.12 47.87 -42.36
CA ILE H 26 10.36 47.23 -42.77
C ILE H 26 10.27 45.72 -42.58
N LYS H 27 9.39 45.26 -41.68
CA LYS H 27 9.16 43.83 -41.54
C LYS H 27 8.56 43.25 -42.82
N ALA H 28 7.67 44.00 -43.46
CA ALA H 28 7.02 43.51 -44.68
C ALA H 28 8.01 43.42 -45.83
N MET H 29 8.82 44.46 -46.03
CA MET H 29 9.74 44.49 -47.17
C MET H 29 10.78 43.39 -47.07
N LEU H 30 11.26 43.11 -45.85
CA LEU H 30 12.20 42.02 -45.68
C LEU H 30 11.54 40.65 -45.78
N SER H 31 10.21 40.60 -45.66
CA SER H 31 9.45 39.37 -45.81
C SER H 31 8.60 39.41 -47.07
N GLY H 32 9.15 39.97 -48.15
CA GLY H 32 8.44 40.05 -49.40
C GLY H 32 8.49 38.73 -50.15
N PRO H 33 8.78 38.78 -51.44
CA PRO H 33 8.89 37.53 -52.20
C PRO H 33 10.15 36.78 -51.78
N GLY H 34 9.98 35.71 -51.02
CA GLY H 34 11.15 35.11 -50.41
C GLY H 34 11.69 36.03 -49.32
N GLN H 35 12.96 35.79 -48.98
CA GLN H 35 13.68 36.58 -47.99
C GLN H 35 14.91 37.23 -48.62
N PHE H 36 14.72 37.86 -49.78
CA PHE H 36 15.76 38.44 -50.63
C PHE H 36 16.61 37.34 -51.26
N ALA H 37 17.35 37.70 -52.31
CA ALA H 37 18.01 36.68 -53.12
C ALA H 37 19.17 36.04 -52.37
N GLU H 38 20.21 36.82 -52.04
CA GLU H 38 21.43 36.23 -51.51
C GLU H 38 21.30 35.77 -50.08
N ASN H 39 20.41 36.41 -49.30
CA ASN H 39 20.04 36.01 -47.94
C ASN H 39 21.13 36.28 -46.90
N GLU H 40 22.00 37.28 -47.11
CA GLU H 40 22.87 37.70 -46.02
C GLU H 40 22.85 39.20 -45.83
N THR H 41 22.61 39.96 -46.90
CA THR H 41 22.62 41.41 -46.83
C THR H 41 21.22 42.01 -46.80
N ASN H 42 20.32 41.58 -47.68
CA ASN H 42 18.91 41.99 -47.68
C ASN H 42 18.78 43.51 -47.80
N GLU H 43 19.18 43.99 -48.98
CA GLU H 43 19.26 45.43 -49.24
C GLU H 43 17.89 46.00 -49.54
N VAL H 44 17.32 46.73 -48.59
CA VAL H 44 16.05 47.41 -48.81
C VAL H 44 16.33 48.77 -49.45
N ASN H 45 15.31 49.30 -50.13
CA ASN H 45 15.51 50.37 -51.12
C ASN H 45 14.48 51.48 -50.95
N PHE H 46 14.36 52.05 -49.75
CA PHE H 46 13.46 53.18 -49.55
C PHE H 46 13.79 54.29 -50.54
N ARG H 47 12.90 54.53 -51.48
CA ARG H 47 13.22 55.36 -52.64
C ARG H 47 13.03 56.85 -52.38
N GLU H 48 11.98 57.23 -51.65
CA GLU H 48 11.60 58.64 -51.55
C GLU H 48 12.11 59.33 -50.29
N ILE H 49 12.44 58.60 -49.25
CA ILE H 49 12.99 59.24 -48.05
C ILE H 49 14.37 59.81 -48.37
N PRO H 50 14.62 61.08 -48.11
CA PRO H 50 15.94 61.65 -48.42
C PRO H 50 17.03 61.15 -47.48
N SER H 51 18.26 61.62 -47.68
CA SER H 51 19.39 61.07 -46.93
C SER H 51 19.36 61.48 -45.47
N HIS H 52 19.03 62.75 -45.18
CA HIS H 52 19.16 63.25 -43.82
C HIS H 52 18.21 62.56 -42.86
N VAL H 53 16.95 62.41 -43.25
CA VAL H 53 15.93 61.89 -42.34
C VAL H 53 16.23 60.46 -41.95
N LEU H 54 16.60 59.63 -42.92
CA LEU H 54 16.86 58.22 -42.64
C LEU H 54 17.97 58.01 -41.62
N SER H 55 18.88 58.98 -41.49
CA SER H 55 19.96 58.86 -40.51
C SER H 55 19.40 58.72 -39.10
N LYS H 56 18.44 59.56 -38.74
CA LYS H 56 17.86 59.46 -37.41
C LYS H 56 16.95 58.26 -37.26
N VAL H 57 16.34 57.81 -38.36
CA VAL H 57 15.40 56.71 -38.28
C VAL H 57 16.10 55.44 -37.82
N CYS H 58 17.22 55.09 -38.48
CA CYS H 58 18.00 53.95 -38.04
C CYS H 58 18.68 54.21 -36.70
N MET H 59 18.99 55.48 -36.40
CA MET H 59 19.46 55.80 -35.05
C MET H 59 18.41 55.44 -34.01
N TYR H 60 17.15 55.76 -34.29
CA TYR H 60 16.08 55.49 -33.34
C TYR H 60 15.89 53.99 -33.11
N PHE H 61 16.16 53.17 -34.13
CA PHE H 61 16.07 51.73 -33.95
C PHE H 61 17.03 51.26 -32.87
N THR H 62 18.28 51.71 -32.94
CA THR H 62 19.23 51.41 -31.88
C THR H 62 18.77 52.00 -30.56
N TYR H 63 18.19 53.20 -30.60
CA TYR H 63 17.60 53.80 -29.41
C TYR H 63 16.45 52.95 -28.88
N LYS H 64 15.67 52.36 -29.77
CA LYS H 64 14.47 51.65 -29.34
C LYS H 64 14.81 50.37 -28.59
N VAL H 65 15.71 49.54 -29.12
CA VAL H 65 15.94 48.24 -28.53
C VAL H 65 16.70 48.33 -27.21
N ARG H 66 17.37 49.46 -26.95
CA ARG H 66 18.17 49.60 -25.76
C ARG H 66 17.45 50.37 -24.65
N TYR H 67 16.30 50.97 -24.95
CA TYR H 67 15.53 51.68 -23.94
C TYR H 67 14.09 51.22 -23.77
N THR H 68 13.54 50.42 -24.69
CA THR H 68 12.23 49.85 -24.45
C THR H 68 12.28 48.85 -23.30
N ASN H 69 11.13 48.68 -22.64
CA ASN H 69 10.96 47.82 -21.46
C ASN H 69 12.06 48.04 -20.42
N SER H 70 12.56 49.26 -20.33
CA SER H 70 13.60 49.62 -19.39
C SER H 70 13.06 50.60 -18.36
N SER H 71 13.55 50.47 -17.12
CA SER H 71 13.09 51.28 -16.00
C SER H 71 13.92 52.54 -15.79
N THR H 72 14.87 52.82 -16.68
CA THR H 72 15.76 53.95 -16.51
C THR H 72 15.07 55.26 -16.92
N GLU H 73 15.85 56.33 -17.06
CA GLU H 73 15.29 57.66 -17.24
C GLU H 73 14.69 57.86 -18.63
N ILE H 74 15.06 57.04 -19.61
CA ILE H 74 14.64 57.09 -21.01
C ILE H 74 14.55 58.55 -21.50
N PRO H 75 15.71 59.21 -21.69
CA PRO H 75 15.71 60.69 -21.80
C PRO H 75 14.87 61.29 -22.92
N GLU H 76 15.22 61.03 -24.18
CA GLU H 76 14.58 61.72 -25.30
C GLU H 76 15.17 61.21 -26.61
N PHE H 77 14.58 61.68 -27.71
CA PHE H 77 15.13 61.57 -29.07
C PHE H 77 15.04 62.96 -29.68
N PRO H 78 16.04 63.81 -29.46
CA PRO H 78 15.93 65.22 -29.86
C PRO H 78 16.05 65.39 -31.37
N ILE H 79 14.97 65.83 -31.99
CA ILE H 79 14.99 66.17 -33.41
C ILE H 79 14.99 67.68 -33.54
N ALA H 80 15.61 68.14 -34.61
CA ALA H 80 15.63 69.57 -34.89
C ALA H 80 14.33 70.00 -35.55
N PRO H 81 13.93 71.27 -35.40
CA PRO H 81 12.74 71.74 -36.12
C PRO H 81 12.87 71.62 -37.63
N GLU H 82 14.07 71.80 -38.17
CA GLU H 82 14.26 71.66 -39.61
C GLU H 82 14.10 70.21 -40.06
N ILE H 83 14.64 69.26 -39.28
CA ILE H 83 14.51 67.86 -39.65
C ILE H 83 13.10 67.34 -39.40
N ALA H 84 12.30 68.05 -38.60
CA ALA H 84 10.91 67.69 -38.45
C ALA H 84 10.15 67.96 -39.72
N LEU H 85 8.96 67.37 -39.82
CA LEU H 85 8.03 67.51 -40.95
C LEU H 85 8.57 66.81 -42.19
N GLU H 86 9.80 66.31 -42.12
CA GLU H 86 10.31 65.34 -43.08
C GLU H 86 10.65 64.01 -42.43
N LEU H 87 10.78 63.98 -41.11
CA LEU H 87 10.90 62.74 -40.35
C LEU H 87 9.54 62.20 -39.97
N LEU H 88 8.71 63.04 -39.34
CA LEU H 88 7.35 62.63 -38.99
C LEU H 88 6.52 62.34 -40.23
N MET H 89 6.64 63.20 -41.25
CA MET H 89 5.93 62.97 -42.50
C MET H 89 6.45 61.73 -43.23
N ALA H 90 7.67 61.29 -42.91
CA ALA H 90 8.18 60.01 -43.37
C ALA H 90 8.27 59.00 -42.23
N ALA H 91 7.44 59.17 -41.20
CA ALA H 91 7.35 58.17 -40.14
C ALA H 91 6.14 57.26 -40.32
N ASN H 92 5.11 57.72 -41.02
CA ASN H 92 4.01 56.83 -41.37
C ASN H 92 4.50 55.74 -42.32
N PHE H 93 5.31 56.12 -43.31
CA PHE H 93 5.75 55.17 -44.33
C PHE H 93 6.60 54.06 -43.71
N LEU H 94 7.40 54.40 -42.70
CA LEU H 94 8.04 53.40 -41.85
C LEU H 94 7.18 53.28 -40.59
N ASP H 95 6.04 52.60 -40.74
CA ASP H 95 5.01 52.58 -39.71
C ASP H 95 5.56 52.13 -38.37
N CYS H 96 5.15 52.82 -37.31
CA CYS H 96 5.65 52.61 -35.95
C CYS H 96 7.17 52.76 -35.89
N ASP I 2 28.88 49.38 -24.22
CA ASP I 2 27.80 50.29 -23.84
C ASP I 2 27.98 51.65 -24.49
N VAL I 3 28.52 51.66 -25.71
CA VAL I 3 28.72 52.89 -26.46
C VAL I 3 28.31 52.63 -27.92
N PHE I 4 27.67 53.61 -28.53
CA PHE I 4 27.08 53.46 -29.86
C PHE I 4 27.78 54.39 -30.83
N LEU I 5 28.27 53.84 -31.92
CA LEU I 5 29.11 54.59 -32.86
C LEU I 5 28.55 54.48 -34.27
N MET I 6 28.76 55.54 -35.05
CA MET I 6 28.34 55.59 -36.45
C MET I 6 29.57 55.47 -37.33
N ILE I 7 29.84 54.26 -37.82
CA ILE I 7 30.98 54.02 -38.69
C ILE I 7 30.63 54.43 -40.12
N ARG I 8 30.91 55.68 -40.46
CA ARG I 8 30.60 56.21 -41.78
C ARG I 8 31.85 56.23 -42.65
N ARG I 9 31.64 56.06 -43.95
CA ARG I 9 32.74 56.05 -44.92
C ARG I 9 32.18 56.44 -46.28
N HIS I 10 32.52 57.65 -46.74
CA HIS I 10 32.09 58.13 -48.04
C HIS I 10 30.58 58.04 -48.18
N LYS I 11 30.11 56.97 -48.81
CA LYS I 11 28.69 56.70 -48.97
C LYS I 11 28.13 55.78 -47.90
N THR I 12 28.88 54.76 -47.50
CA THR I 12 28.36 53.79 -46.54
C THR I 12 28.38 54.37 -45.12
N THR I 13 27.63 53.72 -44.24
CA THR I 13 27.49 54.15 -42.85
C THR I 13 26.89 53.00 -42.07
N ILE I 14 27.47 52.71 -40.89
CA ILE I 14 27.06 51.58 -40.08
C ILE I 14 26.73 52.07 -38.68
N PHE I 15 25.77 51.41 -38.04
CA PHE I 15 25.39 51.66 -36.66
C PHE I 15 25.49 50.34 -35.91
N THR I 16 26.41 50.27 -34.96
CA THR I 16 26.66 49.02 -34.27
C THR I 16 27.02 49.30 -32.82
N ASP I 17 26.54 48.44 -31.92
CA ASP I 17 26.89 48.53 -30.52
C ASP I 17 28.39 48.28 -30.33
N ALA I 18 29.00 49.09 -29.48
CA ALA I 18 30.40 48.93 -29.11
C ALA I 18 30.52 49.01 -27.59
N LYS I 19 31.66 48.56 -27.07
CA LYS I 19 31.87 48.46 -25.63
C LYS I 19 32.95 49.46 -25.21
N GLU I 20 32.68 50.18 -24.13
CA GLU I 20 33.68 51.08 -23.56
C GLU I 20 34.92 50.31 -23.11
N SER I 21 34.72 49.15 -22.48
CA SER I 21 35.84 48.34 -22.03
C SER I 21 36.61 47.73 -23.19
N SER I 22 35.94 47.44 -24.30
CA SER I 22 36.61 46.84 -25.45
C SER I 22 37.52 47.85 -26.13
N THR I 23 38.46 47.33 -26.91
CA THR I 23 39.41 48.17 -27.61
C THR I 23 38.92 48.52 -29.00
N VAL I 24 39.67 49.38 -29.68
CA VAL I 24 39.35 49.75 -31.06
C VAL I 24 39.57 48.58 -32.01
N PHE I 25 40.42 47.62 -31.63
CA PHE I 25 40.69 46.48 -32.50
C PHE I 25 39.45 45.65 -32.77
N GLU I 26 38.64 45.40 -31.74
CA GLU I 26 37.42 44.62 -31.94
C GLU I 26 36.40 45.38 -32.79
N LEU I 27 36.35 46.70 -32.67
CA LEU I 27 35.42 47.49 -33.47
C LEU I 27 35.78 47.46 -34.95
N LYS I 28 37.03 47.16 -35.28
CA LYS I 28 37.41 46.98 -36.68
C LYS I 28 37.07 45.59 -37.20
N ARG I 29 36.76 44.64 -36.32
CA ARG I 29 36.45 43.28 -36.75
C ARG I 29 35.10 43.20 -37.47
N ILE I 30 34.12 43.96 -36.99
CA ILE I 30 32.78 43.89 -37.59
C ILE I 30 32.78 44.40 -39.02
N VAL I 31 33.76 45.26 -39.37
CA VAL I 31 33.90 45.69 -40.75
C VAL I 31 34.19 44.50 -41.64
N GLU I 32 35.07 43.60 -41.18
CA GLU I 32 35.35 42.37 -41.93
C GLU I 32 34.12 41.48 -41.99
N GLY I 33 33.28 41.51 -40.96
CA GLY I 33 32.11 40.65 -40.94
C GLY I 33 31.01 41.08 -41.90
N ILE I 34 30.85 42.38 -42.09
CA ILE I 34 29.72 42.88 -42.87
C ILE I 34 30.12 43.69 -44.10
N LEU I 35 31.39 44.09 -44.23
CA LEU I 35 31.88 44.67 -45.49
C LEU I 35 33.08 43.91 -46.05
N LYS I 36 33.47 42.81 -45.42
CA LYS I 36 34.49 41.89 -45.93
C LYS I 36 35.82 42.59 -46.19
N ARG I 37 36.31 43.29 -45.16
CA ARG I 37 37.60 43.97 -45.23
C ARG I 37 38.42 43.60 -44.00
N PRO I 38 39.52 42.88 -44.15
CA PRO I 38 40.33 42.52 -42.99
C PRO I 38 40.90 43.76 -42.34
N PRO I 39 41.20 43.70 -41.04
CA PRO I 39 41.50 44.93 -40.27
C PRO I 39 42.69 45.73 -40.77
N ASP I 40 43.57 45.12 -41.57
CA ASP I 40 44.69 45.85 -42.16
C ASP I 40 44.30 46.58 -43.43
N GLU I 41 43.06 46.43 -43.90
CA GLU I 41 42.60 47.07 -45.12
C GLU I 41 41.90 48.40 -44.88
N GLN I 42 41.81 48.85 -43.64
CA GLN I 42 41.01 50.04 -43.35
C GLN I 42 41.68 50.88 -42.27
N ARG I 43 41.29 52.15 -42.23
CA ARG I 43 41.78 53.10 -41.24
C ARG I 43 40.58 53.75 -40.55
N LEU I 44 40.72 54.00 -39.26
CA LEU I 44 39.64 54.58 -38.46
C LEU I 44 40.02 55.96 -37.98
N TYR I 45 39.08 56.90 -38.09
CA TYR I 45 39.35 58.30 -37.79
C TYR I 45 38.29 58.86 -36.86
N LYS I 46 38.72 59.29 -35.68
CA LYS I 46 37.91 60.15 -34.82
C LYS I 46 38.27 61.58 -35.18
N ASP I 47 37.38 62.25 -35.92
CA ASP I 47 37.67 63.54 -36.57
C ASP I 47 38.88 63.30 -37.47
N ASP I 48 39.89 64.17 -37.46
CA ASP I 48 41.06 63.99 -38.28
C ASP I 48 42.16 63.18 -37.61
N GLN I 49 41.91 62.67 -36.40
CA GLN I 49 42.91 61.90 -35.67
C GLN I 49 42.76 60.41 -36.01
N LEU I 50 43.84 59.81 -36.49
CA LEU I 50 43.80 58.41 -36.89
C LEU I 50 43.77 57.50 -35.67
N LEU I 51 42.96 56.44 -35.75
CA LEU I 51 42.89 55.42 -34.72
C LEU I 51 43.89 54.31 -35.03
N ASP I 52 44.34 53.64 -33.98
CA ASP I 52 45.29 52.55 -34.08
C ASP I 52 44.76 51.32 -33.35
N ASP I 53 45.29 50.16 -33.72
CA ASP I 53 44.84 48.91 -33.09
C ASP I 53 45.14 48.89 -31.61
N GLY I 54 46.23 49.51 -31.18
CA GLY I 54 46.55 49.59 -29.77
C GLY I 54 45.65 50.51 -28.97
N LYS I 55 44.95 51.42 -29.64
CA LYS I 55 44.01 52.30 -28.95
C LYS I 55 42.82 51.49 -28.42
N THR I 56 42.24 51.99 -27.34
CA THR I 56 41.08 51.37 -26.73
C THR I 56 39.98 52.41 -26.55
N LEU I 57 38.75 51.92 -26.43
CA LEU I 57 37.61 52.80 -26.20
C LEU I 57 37.61 53.42 -24.81
N GLY I 58 38.44 52.91 -23.89
CA GLY I 58 38.50 53.50 -22.56
C GLY I 58 38.99 54.94 -22.58
N GLU I 59 39.98 55.23 -23.41
CA GLU I 59 40.45 56.59 -23.66
C GLU I 59 40.32 56.87 -25.16
N CYS I 60 39.14 57.34 -25.56
CA CYS I 60 38.93 57.69 -26.96
C CYS I 60 37.94 58.84 -27.12
N GLY I 61 37.51 59.49 -26.05
CA GLY I 61 36.49 60.52 -26.16
C GLY I 61 35.10 59.99 -26.40
N PHE I 62 34.88 58.70 -26.18
CA PHE I 62 33.59 58.07 -26.45
C PHE I 62 33.00 57.49 -25.18
N THR I 63 33.01 58.28 -24.11
CA THR I 63 32.47 57.85 -22.83
C THR I 63 30.97 57.57 -22.94
N SER I 64 30.42 57.01 -21.86
CA SER I 64 29.01 56.64 -21.83
C SER I 64 28.08 57.85 -21.94
N GLN I 65 28.58 59.05 -21.64
CA GLN I 65 27.78 60.26 -21.73
C GLN I 65 28.05 61.07 -22.99
N THR I 66 28.76 60.50 -23.96
CA THR I 66 29.11 61.22 -25.19
C THR I 66 28.44 60.61 -26.42
N ALA I 67 28.64 59.32 -26.67
CA ALA I 67 28.09 58.65 -27.84
C ALA I 67 26.89 57.78 -27.50
N ARG I 68 26.13 58.16 -26.48
CA ARG I 68 24.89 57.47 -26.15
C ARG I 68 23.95 57.56 -27.35
N PRO I 69 23.28 56.46 -27.73
CA PRO I 69 22.70 56.37 -29.08
C PRO I 69 21.62 57.40 -29.39
N GLN I 70 21.07 58.07 -28.37
CA GLN I 70 20.25 59.25 -28.60
C GLN I 70 21.01 60.27 -29.45
N ALA I 71 22.26 60.52 -29.10
CA ALA I 71 23.15 61.39 -29.88
C ALA I 71 24.47 60.67 -30.05
N PRO I 72 24.55 59.71 -30.98
CA PRO I 72 25.78 58.94 -31.16
C PRO I 72 26.88 59.79 -31.79
N ALA I 73 28.10 59.32 -31.62
CA ALA I 73 29.28 59.97 -32.18
C ALA I 73 29.75 59.23 -33.43
N THR I 74 30.54 59.94 -34.24
CA THR I 74 30.98 59.44 -35.53
C THR I 74 32.42 58.94 -35.42
N VAL I 75 32.72 57.86 -36.15
CA VAL I 75 34.09 57.44 -36.41
C VAL I 75 34.28 57.37 -37.92
N GLY I 76 35.33 58.03 -38.40
CA GLY I 76 35.62 57.98 -39.81
C GLY I 76 36.25 56.66 -40.22
N LEU I 77 36.14 56.36 -41.52
CA LEU I 77 36.68 55.12 -42.04
C LEU I 77 37.36 55.41 -43.37
N ALA I 78 38.53 54.80 -43.57
CA ALA I 78 39.30 55.04 -44.78
C ALA I 78 39.72 53.70 -45.37
N PHE I 79 39.02 53.28 -46.42
CA PHE I 79 39.37 52.06 -47.14
C PHE I 79 40.49 52.36 -48.14
N ARG I 80 41.05 51.29 -48.69
CA ARG I 80 42.17 51.41 -49.63
C ARG I 80 41.69 52.06 -50.91
N ALA I 81 42.07 53.32 -51.12
CA ALA I 81 41.67 54.06 -52.31
C ALA I 81 42.56 53.71 -53.49
N PHE I 85 48.44 58.20 -47.62
CA PHE I 85 47.09 57.64 -47.71
C PHE I 85 46.07 58.79 -47.73
N GLU I 86 44.89 58.53 -48.26
CA GLU I 86 43.92 59.59 -48.48
C GLU I 86 43.38 60.11 -47.14
N ALA I 87 42.96 61.38 -47.17
CA ALA I 87 42.38 62.02 -45.99
C ALA I 87 40.91 61.63 -45.88
N LEU I 88 40.18 62.29 -45.00
CA LEU I 88 38.78 61.96 -44.79
C LEU I 88 37.91 62.57 -45.88
N CYS I 89 37.20 61.71 -46.60
CA CYS I 89 36.20 62.14 -47.58
C CYS I 89 34.93 61.37 -47.26
N ILE I 90 34.15 61.90 -46.31
CA ILE I 90 32.89 61.30 -45.89
C ILE I 90 31.85 62.41 -45.97
N GLU I 91 31.14 62.48 -47.08
CA GLU I 91 30.18 63.54 -47.27
C GLU I 91 29.04 63.41 -46.27
N PRO I 92 28.50 64.52 -45.77
CA PRO I 92 27.44 64.43 -44.77
C PRO I 92 26.11 64.04 -45.39
N PHE I 93 25.06 64.04 -44.59
CA PHE I 93 23.72 63.79 -45.09
C PHE I 93 23.31 64.87 -46.07
N SER I 94 22.20 64.62 -46.77
CA SER I 94 21.65 65.64 -47.66
C SER I 94 21.18 66.83 -46.85
N SER I 95 21.19 67.99 -47.48
CA SER I 95 20.86 69.23 -46.79
C SER I 95 19.38 69.26 -46.43
N PRO I 96 19.03 69.45 -45.16
CA PRO I 96 17.62 69.54 -44.78
C PRO I 96 17.03 70.88 -45.18
N PRO I 97 15.86 70.89 -45.82
CA PRO I 97 15.24 72.14 -46.29
C PRO I 97 14.76 73.02 -45.15
N MET J 1 14.35 43.21 7.38
CA MET J 1 12.91 43.11 7.56
C MET J 1 12.26 42.34 6.41
N LEU J 2 11.17 41.64 6.72
CA LEU J 2 10.41 40.91 5.72
C LEU J 2 9.16 41.69 5.37
N ILE J 3 8.28 41.08 4.56
CA ILE J 3 7.03 41.69 4.16
C ILE J 3 5.98 40.59 4.01
N LYS J 4 4.72 40.99 3.93
CA LYS J 4 3.58 40.10 3.77
C LYS J 4 2.66 40.61 2.67
N VAL J 5 3.24 40.97 1.54
CA VAL J 5 2.50 41.54 0.42
C VAL J 5 1.53 40.51 -0.14
N LYS J 6 0.24 40.79 -0.02
CA LYS J 6 -0.79 39.87 -0.49
C LYS J 6 -0.97 39.89 -2.00
N THR J 7 -0.35 40.85 -2.69
CA THR J 7 -0.41 40.98 -4.15
C THR J 7 -1.84 41.04 -4.66
N LEU J 8 -2.34 39.91 -5.16
CA LEU J 8 -3.71 39.83 -5.66
C LEU J 8 -4.68 39.26 -4.63
N THR J 9 -4.39 38.08 -4.10
CA THR J 9 -5.27 37.46 -3.09
C THR J 9 -4.39 36.64 -2.15
N GLY J 10 -4.01 37.24 -1.03
CA GLY J 10 -3.33 36.51 0.04
C GLY J 10 -2.01 35.89 -0.33
N LYS J 11 -1.18 36.60 -1.08
CA LYS J 11 0.14 36.11 -1.44
C LYS J 11 1.12 36.35 -0.29
N GLU J 12 2.24 35.65 -0.35
CA GLU J 12 3.32 35.79 0.63
C GLU J 12 4.57 36.25 -0.09
N ILE J 13 5.03 37.46 0.21
CA ILE J 13 6.21 38.04 -0.42
C ILE J 13 7.01 38.81 0.62
N GLU J 14 8.16 38.26 1.01
CA GLU J 14 8.99 38.90 2.03
C GLU J 14 9.96 39.89 1.39
N ILE J 15 10.09 41.06 2.01
CA ILE J 15 11.00 42.08 1.49
C ILE J 15 12.44 41.62 1.64
N ASP J 16 12.76 40.90 2.71
CA ASP J 16 14.08 40.30 2.95
C ASP J 16 15.19 41.35 2.93
N ILE J 17 14.91 42.53 3.49
CA ILE J 17 15.90 43.59 3.57
C ILE J 17 15.47 44.53 4.68
N GLU J 18 16.45 45.23 5.27
CA GLU J 18 16.16 46.14 6.36
C GLU J 18 15.27 47.29 5.87
N PRO J 19 14.38 47.78 6.73
CA PRO J 19 13.49 48.88 6.29
C PRO J 19 14.23 50.14 5.91
N THR J 20 15.43 50.37 6.44
CA THR J 20 16.23 51.53 6.10
C THR J 20 17.34 51.21 5.12
N ASP J 21 17.30 50.03 4.50
CA ASP J 21 18.33 49.63 3.55
C ASP J 21 18.04 50.22 2.18
N LYS J 22 18.80 49.79 1.17
CA LYS J 22 18.63 50.31 -0.18
C LYS J 22 17.30 49.88 -0.76
N VAL J 23 16.68 50.78 -1.54
CA VAL J 23 15.40 50.47 -2.15
C VAL J 23 15.54 49.43 -3.24
N GLU J 24 16.59 49.55 -4.07
CA GLU J 24 16.83 48.56 -5.12
C GLU J 24 17.15 47.20 -4.51
N ARG J 25 17.97 47.17 -3.46
CA ARG J 25 18.27 45.91 -2.78
C ARG J 25 17.01 45.32 -2.15
N ILE J 26 16.18 46.16 -1.54
CA ILE J 26 14.92 45.68 -0.97
C ILE J 26 14.00 45.17 -2.06
N LYS J 27 13.90 45.89 -3.18
CA LYS J 27 13.06 45.43 -4.29
C LYS J 27 13.63 44.16 -4.91
N GLU J 28 14.96 44.04 -4.96
CA GLU J 28 15.58 42.81 -5.47
C GLU J 28 15.26 41.63 -4.57
N ARG J 29 15.29 41.83 -3.26
CA ARG J 29 14.99 40.77 -2.30
C ARG J 29 13.51 40.68 -1.97
N VAL J 30 12.68 41.60 -2.47
CA VAL J 30 11.24 41.51 -2.24
C VAL J 30 10.67 40.29 -2.95
N GLU J 31 11.15 40.01 -4.16
CA GLU J 31 10.69 38.86 -4.92
C GLU J 31 11.43 37.58 -4.54
N GLU J 32 12.36 37.63 -3.59
CA GLU J 32 13.10 36.43 -3.21
C GLU J 32 12.17 35.40 -2.58
N LYS J 33 11.42 35.79 -1.56
CA LYS J 33 10.41 34.90 -0.97
C LYS J 33 9.03 35.15 -1.58
N GLU J 34 8.97 35.21 -2.91
CA GLU J 34 7.70 35.34 -3.61
C GLU J 34 7.57 34.45 -4.83
N GLY J 35 8.67 34.00 -5.44
CA GLY J 35 8.63 33.29 -6.69
C GLY J 35 8.61 34.17 -7.92
N ILE J 36 8.27 35.44 -7.77
CA ILE J 36 8.22 36.39 -8.88
C ILE J 36 9.64 36.70 -9.33
N PRO J 37 9.87 37.01 -10.60
CA PRO J 37 11.20 37.43 -11.03
C PRO J 37 11.57 38.78 -10.43
N PRO J 38 12.74 38.89 -9.82
CA PRO J 38 13.15 40.18 -9.26
C PRO J 38 13.30 41.27 -10.31
N GLN J 39 13.71 40.92 -11.53
CA GLN J 39 13.82 41.91 -12.60
C GLN J 39 12.46 42.46 -12.98
N GLN J 40 11.44 41.61 -13.03
CA GLN J 40 10.10 42.01 -13.41
C GLN J 40 9.27 42.49 -12.22
N GLN J 41 9.82 42.46 -11.00
CA GLN J 41 9.09 42.89 -9.83
C GLN J 41 9.34 44.39 -9.60
N ARG J 42 8.29 45.19 -9.72
CA ARG J 42 8.36 46.63 -9.51
C ARG J 42 7.17 47.09 -8.67
N LEU J 43 6.94 46.38 -7.56
CA LEU J 43 5.79 46.66 -6.71
C LEU J 43 5.90 48.04 -6.08
N ILE J 44 4.75 48.71 -5.96
CA ILE J 44 4.68 50.05 -5.37
C ILE J 44 4.56 49.88 -3.87
N TYR J 45 5.64 50.19 -3.14
CA TYR J 45 5.66 50.06 -1.69
C TYR J 45 4.90 51.22 -1.06
N SER J 46 3.92 50.90 -0.20
CA SER J 46 3.10 51.88 0.50
C SER J 46 2.41 52.83 -0.48
N GLY J 47 1.90 52.27 -1.57
CA GLY J 47 1.23 53.06 -2.58
C GLY J 47 2.12 54.04 -3.30
N LYS J 48 3.38 53.67 -3.55
CA LYS J 48 4.30 54.53 -4.28
C LYS J 48 5.45 53.66 -4.78
N GLN J 49 5.68 53.67 -6.09
CA GLN J 49 6.76 52.87 -6.65
C GLN J 49 8.11 53.43 -6.22
N MET J 50 8.98 52.56 -5.74
CA MET J 50 10.30 52.98 -5.32
C MET J 50 11.12 53.42 -6.51
N ASN J 51 11.87 54.51 -6.34
CA ASN J 51 12.67 55.09 -7.42
C ASN J 51 14.03 54.42 -7.51
N ASP J 52 13.99 53.11 -7.71
CA ASP J 52 15.18 52.28 -7.92
C ASP J 52 16.15 52.38 -6.74
N GLU J 53 17.14 53.26 -6.86
CA GLU J 53 18.24 53.34 -5.90
C GLU J 53 17.79 54.09 -4.64
N LYS J 54 18.77 54.49 -3.82
CA LYS J 54 18.61 55.22 -2.58
C LYS J 54 17.92 54.38 -1.50
N THR J 55 17.73 54.96 -0.32
CA THR J 55 17.24 54.22 0.83
C THR J 55 15.75 53.91 0.69
N ALA J 56 15.32 52.85 1.37
CA ALA J 56 13.93 52.43 1.39
C ALA J 56 13.21 52.82 2.68
N ALA J 57 13.77 53.75 3.45
CA ALA J 57 13.18 54.14 4.72
C ALA J 57 11.84 54.86 4.55
N ASP J 58 11.57 55.39 3.36
CA ASP J 58 10.29 56.07 3.12
C ASP J 58 9.13 55.09 2.96
N TYR J 59 9.40 53.79 2.82
CA TYR J 59 8.35 52.80 2.64
C TYR J 59 7.75 52.37 3.97
N LYS J 60 7.29 53.35 4.76
CA LYS J 60 6.65 53.16 6.06
C LYS J 60 7.55 52.49 7.10
N ILE J 61 8.82 52.23 6.75
CA ILE J 61 9.80 51.58 7.62
C ILE J 61 9.29 50.24 8.12
N LEU J 62 8.38 49.61 7.35
CA LEU J 62 7.82 48.33 7.74
C LEU J 62 7.32 47.64 6.47
N GLY J 63 8.10 46.67 5.99
CA GLY J 63 7.71 45.94 4.80
C GLY J 63 6.50 45.05 5.09
N GLY J 64 5.51 45.11 4.22
CA GLY J 64 4.34 44.25 4.36
C GLY J 64 3.07 44.99 4.74
N SER J 65 2.38 44.49 5.76
CA SER J 65 1.12 45.04 6.25
C SER J 65 0.08 45.08 5.14
N VAL J 66 -0.04 46.23 4.47
CA VAL J 66 -1.02 46.40 3.40
C VAL J 66 -0.28 46.64 2.09
N LEU J 67 0.87 46.00 1.94
CA LEU J 67 1.71 46.18 0.76
C LEU J 67 0.97 45.73 -0.50
N HIS J 68 1.04 46.56 -1.54
CA HIS J 68 0.44 46.26 -2.83
C HIS J 68 1.54 45.92 -3.83
N LEU J 69 1.23 45.05 -4.78
CA LEU J 69 2.19 44.54 -5.74
C LEU J 69 1.83 45.01 -7.14
N VAL J 70 2.86 45.30 -7.94
CA VAL J 70 2.71 45.67 -9.34
C VAL J 70 3.30 44.55 -10.19
N LEU J 71 2.54 44.09 -11.19
CA LEU J 71 2.99 43.00 -12.02
C LEU J 71 4.25 43.37 -12.80
N ALA J 72 4.21 44.50 -13.51
CA ALA J 72 5.35 45.04 -14.25
C ALA J 72 5.94 44.00 -15.21
N LEU J 73 5.11 43.57 -16.16
CA LEU J 73 5.54 42.60 -17.15
C LEU J 73 6.54 43.24 -18.11
N ARG J 74 7.32 42.38 -18.78
CA ARG J 74 8.47 42.80 -19.59
C ARG J 74 9.51 43.54 -18.75
N GLY J 75 9.67 43.10 -17.50
CA GLY J 75 10.62 43.72 -16.60
C GLY J 75 12.05 43.27 -16.75
N GLY J 76 12.32 42.30 -17.60
CA GLY J 76 13.67 41.81 -17.81
C GLY J 76 14.57 42.80 -18.52
N MET K 1 30.51 -100.83 49.37
CA MET K 1 31.83 -100.29 49.64
C MET K 1 31.93 -98.83 49.23
N GLU K 2 31.26 -98.49 48.13
CA GLU K 2 31.28 -97.10 47.65
C GLU K 2 30.49 -96.19 48.59
N GLY K 3 29.33 -96.64 49.04
CA GLY K 3 28.54 -95.82 49.95
C GLY K 3 29.20 -95.65 51.31
N LEU K 4 29.90 -96.68 51.79
CA LEU K 4 30.55 -96.61 53.09
C LEU K 4 31.69 -95.60 53.09
N ALA K 5 32.39 -95.45 51.96
CA ALA K 5 33.47 -94.48 51.89
C ALA K 5 32.96 -93.05 52.00
N GLY K 6 31.74 -92.79 51.53
CA GLY K 6 31.17 -91.47 51.67
C GLY K 6 30.91 -91.08 53.11
N TYR K 7 30.35 -92.01 53.89
CA TYR K 7 30.11 -91.74 55.31
C TYR K 7 31.41 -91.58 56.09
N VAL K 8 32.41 -92.41 55.78
CA VAL K 8 33.70 -92.30 56.46
C VAL K 8 34.37 -90.97 56.13
N TYR K 9 34.31 -90.56 54.86
CA TYR K 9 34.82 -89.26 54.48
C TYR K 9 34.04 -88.13 55.15
N LYS K 10 32.71 -88.29 55.22
CA LYS K 10 31.89 -87.28 55.90
C LYS K 10 32.15 -87.27 57.40
N ALA K 11 32.38 -88.44 58.00
CA ALA K 11 32.66 -88.50 59.43
C ALA K 11 33.97 -87.78 59.76
N ALA K 12 35.00 -87.95 58.92
CA ALA K 12 36.26 -87.26 59.15
C ALA K 12 36.13 -85.76 58.93
N SER K 13 35.34 -85.35 57.95
CA SER K 13 35.20 -83.93 57.65
C SER K 13 34.34 -83.21 58.67
N GLU K 14 33.30 -83.87 59.18
CA GLU K 14 32.37 -83.22 60.10
C GLU K 14 32.84 -83.26 61.55
N GLY K 15 33.95 -83.93 61.85
CA GLY K 15 34.53 -83.91 63.17
C GLY K 15 34.05 -85.00 64.11
N LYS K 16 33.05 -85.79 63.73
CA LYS K 16 32.57 -86.85 64.60
C LYS K 16 33.61 -87.98 64.64
N VAL K 17 33.86 -88.49 65.85
CA VAL K 17 34.86 -89.53 66.07
C VAL K 17 34.21 -90.87 66.41
N LEU K 18 33.15 -90.85 67.22
CA LEU K 18 32.49 -92.09 67.60
C LEU K 18 31.87 -92.80 66.40
N THR K 19 31.23 -92.04 65.51
CA THR K 19 30.66 -92.63 64.30
C THR K 19 31.75 -93.13 63.36
N LEU K 20 32.86 -92.38 63.26
CA LEU K 20 33.97 -92.81 62.42
C LEU K 20 34.60 -94.08 62.96
N ALA K 21 34.73 -94.19 64.28
CA ALA K 21 35.32 -95.39 64.87
C ALA K 21 34.40 -96.60 64.69
N ALA K 22 33.09 -96.39 64.78
CA ALA K 22 32.14 -97.50 64.62
C ALA K 22 32.19 -98.07 63.22
N LEU K 23 32.27 -97.21 62.20
CA LEU K 23 32.31 -97.70 60.82
C LEU K 23 33.61 -98.44 60.54
N LEU K 24 34.74 -97.96 61.07
CA LEU K 24 36.04 -98.56 60.83
C LEU K 24 36.30 -99.79 61.71
N LEU K 25 35.41 -100.09 62.64
CA LEU K 25 35.58 -101.28 63.47
C LEU K 25 35.33 -102.55 62.66
N ASN K 26 36.07 -103.61 63.00
CA ASN K 26 35.98 -104.91 62.33
C ASN K 26 36.24 -104.79 60.83
N ARG K 27 37.22 -103.96 60.47
CA ARG K 27 37.61 -103.77 59.09
C ARG K 27 38.98 -104.39 58.84
N SER K 28 39.11 -105.10 57.73
CA SER K 28 40.37 -105.73 57.38
C SER K 28 41.37 -104.67 56.86
N GLU K 29 42.59 -105.14 56.60
CA GLU K 29 43.64 -104.23 56.14
C GLU K 29 43.33 -103.66 54.76
N SER K 30 42.68 -104.45 53.89
CA SER K 30 42.31 -103.95 52.57
C SER K 30 41.32 -102.80 52.67
N ASP K 31 40.35 -102.90 53.57
CA ASP K 31 39.39 -101.82 53.77
C ASP K 31 40.01 -100.62 54.48
N ILE K 32 41.10 -100.83 55.22
CA ILE K 32 41.75 -99.72 55.92
C ILE K 32 42.36 -98.74 54.93
N ARG K 33 43.08 -99.24 53.93
CA ARG K 33 43.72 -98.37 52.96
C ARG K 33 42.72 -97.81 51.95
N TYR K 34 41.71 -98.59 51.60
CA TYR K 34 40.73 -98.11 50.61
C TYR K 34 39.86 -97.00 51.17
N LEU K 35 39.40 -97.13 52.42
CA LEU K 35 38.53 -96.12 53.01
C LEU K 35 39.32 -94.85 53.32
N LEU K 36 40.54 -95.00 53.85
CA LEU K 36 41.38 -93.85 54.21
C LEU K 36 42.32 -93.58 53.04
N GLY K 37 41.94 -92.63 52.19
CA GLY K 37 42.75 -92.28 51.04
C GLY K 37 41.95 -92.03 49.78
N TYR K 38 40.74 -92.61 49.70
CA TYR K 38 39.90 -92.41 48.55
C TYR K 38 39.39 -90.98 48.49
N VAL K 39 39.51 -90.36 47.33
CA VAL K 39 39.15 -88.95 47.18
C VAL K 39 37.65 -88.80 47.01
N SER K 40 37.11 -87.72 47.56
CA SER K 40 35.69 -87.38 47.45
C SER K 40 35.56 -85.91 47.08
N GLN K 41 34.69 -85.63 46.12
CA GLN K 41 34.47 -84.26 45.64
C GLN K 41 33.48 -83.57 46.57
N GLN K 42 33.98 -82.69 47.42
CA GLN K 42 33.15 -81.96 48.38
C GLN K 42 33.60 -80.50 48.40
N GLY K 43 32.72 -79.61 47.96
CA GLY K 43 33.05 -78.19 47.92
C GLY K 43 34.17 -77.83 46.96
N GLY K 44 34.23 -78.54 45.82
CA GLY K 44 35.28 -78.28 44.86
C GLY K 44 36.65 -78.82 45.25
N GLN K 45 36.73 -79.62 46.31
CA GLN K 45 37.98 -80.15 46.81
C GLN K 45 37.99 -81.66 46.64
N ARG K 46 39.01 -82.17 45.96
CA ARG K 46 39.20 -83.62 45.80
C ARG K 46 40.09 -84.16 46.92
N SER K 47 39.66 -83.90 48.15
CA SER K 47 40.46 -84.15 49.34
C SER K 47 40.17 -85.53 49.92
N THR K 48 41.21 -86.15 50.47
CA THR K 48 41.05 -87.39 51.21
C THR K 48 40.41 -87.11 52.56
N PRO K 49 39.82 -88.14 53.20
CA PRO K 49 39.26 -87.92 54.55
C PRO K 49 40.26 -87.38 55.56
N LEU K 50 41.53 -87.80 55.48
CA LEU K 50 42.54 -87.22 56.37
C LEU K 50 42.83 -85.78 56.02
N ILE K 51 42.89 -85.46 54.72
CA ILE K 51 43.19 -84.09 54.29
C ILE K 51 42.09 -83.14 54.71
N ILE K 52 40.84 -83.52 54.50
CA ILE K 52 39.72 -82.66 54.88
C ILE K 52 39.61 -82.54 56.39
N ALA K 53 40.03 -83.59 57.13
CA ALA K 53 40.05 -83.49 58.58
C ALA K 53 41.09 -82.47 59.04
N ALA K 54 42.26 -82.45 58.40
CA ALA K 54 43.24 -81.41 58.68
C ALA K 54 42.78 -80.05 58.20
N ARG K 55 42.04 -80.01 57.09
CA ARG K 55 41.51 -78.74 56.59
C ARG K 55 40.46 -78.17 57.52
N ASN K 56 39.63 -79.03 58.12
CA ASN K 56 38.59 -78.61 59.03
C ASN K 56 39.06 -78.52 60.48
N GLY K 57 40.34 -78.77 60.75
CA GLY K 57 40.88 -78.67 62.09
C GLY K 57 40.35 -79.70 63.06
N HIS K 58 40.20 -80.94 62.64
CA HIS K 58 39.77 -82.04 63.50
C HIS K 58 41.01 -82.84 63.90
N ALA K 59 41.69 -82.36 64.95
CA ALA K 59 42.92 -83.01 65.40
C ALA K 59 42.65 -84.42 65.92
N LYS K 60 41.54 -84.60 66.65
CA LYS K 60 41.23 -85.92 67.19
C LYS K 60 40.97 -86.94 66.09
N VAL K 61 40.29 -86.52 65.03
CA VAL K 61 40.08 -87.40 63.88
C VAL K 61 41.41 -87.76 63.24
N VAL K 62 42.29 -86.76 63.06
CA VAL K 62 43.60 -87.00 62.46
C VAL K 62 44.44 -87.90 63.38
N ARG K 63 44.40 -87.63 64.69
CA ARG K 63 45.22 -88.39 65.63
C ARG K 63 44.82 -89.87 65.66
N LEU K 64 43.51 -90.15 65.62
CA LEU K 64 43.06 -91.54 65.65
C LEU K 64 43.49 -92.29 64.40
N LEU K 65 43.39 -91.66 63.23
CA LEU K 65 43.81 -92.32 61.99
C LEU K 65 45.32 -92.49 61.95
N LEU K 66 46.06 -91.51 62.48
CA LEU K 66 47.52 -91.55 62.39
C LEU K 66 48.12 -92.59 63.33
N GLU K 67 47.72 -92.55 64.60
CA GLU K 67 48.42 -93.34 65.62
C GLU K 67 48.09 -94.83 65.51
N HIS K 68 46.83 -95.17 65.26
CA HIS K 68 46.40 -96.56 65.23
C HIS K 68 46.14 -97.08 63.82
N TYR K 69 45.37 -96.33 63.02
CA TYR K 69 45.01 -96.79 61.70
C TYR K 69 46.12 -96.60 60.66
N ARG K 70 47.13 -95.78 60.97
CA ARG K 70 48.33 -95.64 60.15
C ARG K 70 48.00 -95.20 58.72
N VAL K 71 47.46 -93.99 58.61
CA VAL K 71 47.13 -93.39 57.33
C VAL K 71 48.34 -92.59 56.84
N GLN K 72 48.59 -92.64 55.54
CA GLN K 72 49.75 -91.97 54.96
C GLN K 72 49.59 -90.45 55.03
N THR K 73 50.73 -89.77 55.21
CA THR K 73 50.77 -88.31 55.23
C THR K 73 51.29 -87.71 53.93
N GLN K 74 51.60 -88.54 52.93
CA GLN K 74 52.11 -88.08 51.65
C GLN K 74 51.03 -88.06 50.57
N GLN K 75 49.77 -88.30 50.95
CA GLN K 75 48.69 -88.30 49.98
C GLN K 75 48.45 -86.89 49.43
N THR K 76 48.24 -86.81 48.13
CA THR K 76 48.03 -85.53 47.44
C THR K 76 46.55 -85.28 47.25
N GLY K 77 46.12 -84.05 47.54
CA GLY K 77 44.71 -83.70 47.42
C GLY K 77 44.54 -82.25 47.04
N THR K 78 43.32 -81.92 46.60
CA THR K 78 42.97 -80.59 46.13
C THR K 78 42.14 -79.88 47.20
N VAL K 79 42.44 -78.59 47.42
CA VAL K 79 41.69 -77.78 48.37
C VAL K 79 41.36 -76.44 47.72
N ARG K 80 40.38 -75.75 48.32
CA ARG K 80 39.87 -74.47 47.84
C ARG K 80 39.96 -73.47 49.00
N PHE K 81 40.95 -72.59 48.96
CA PHE K 81 41.13 -71.58 49.99
C PHE K 81 40.41 -70.30 49.60
N ASP K 82 40.75 -69.19 50.23
CA ASP K 82 40.11 -67.91 49.98
C ASP K 82 40.56 -67.30 48.66
N GLY K 83 39.92 -67.70 47.55
CA GLY K 83 40.30 -67.23 46.24
C GLY K 83 41.44 -67.97 45.60
N TYR K 84 41.98 -69.00 46.26
CA TYR K 84 43.06 -69.80 45.72
C TYR K 84 42.67 -71.27 45.77
N VAL K 85 43.01 -72.00 44.71
CA VAL K 85 42.78 -73.44 44.64
C VAL K 85 44.14 -74.12 44.56
N ILE K 86 44.41 -75.00 45.51
CA ILE K 86 45.70 -75.69 45.61
C ILE K 86 45.45 -77.18 45.45
N ASP K 87 46.13 -77.79 44.48
CA ASP K 87 46.01 -79.21 44.18
C ASP K 87 47.25 -79.95 44.64
N GLY K 88 47.07 -81.19 45.08
CA GLY K 88 48.19 -82.00 45.50
C GLY K 88 48.70 -81.75 46.91
N ALA K 89 48.02 -80.89 47.67
CA ALA K 89 48.46 -80.55 49.01
C ALA K 89 48.21 -81.72 49.97
N THR K 90 49.23 -82.04 50.77
CA THR K 90 49.11 -83.09 51.78
C THR K 90 48.31 -82.57 52.96
N ALA K 91 48.07 -83.44 53.95
CA ALA K 91 47.35 -83.04 55.14
C ALA K 91 48.11 -81.97 55.91
N LEU K 92 49.44 -82.02 55.89
CA LEU K 92 50.24 -81.00 56.56
C LEU K 92 50.08 -79.64 55.89
N TRP K 93 50.00 -79.63 54.55
CA TRP K 93 49.87 -78.37 53.82
C TRP K 93 48.54 -77.68 54.12
N CYS K 94 47.45 -78.46 54.17
CA CYS K 94 46.14 -77.86 54.40
C CYS K 94 45.96 -77.44 55.85
N ALA K 95 46.51 -78.21 56.79
CA ALA K 95 46.40 -77.84 58.20
C ALA K 95 47.13 -76.53 58.47
N ALA K 96 48.31 -76.35 57.89
CA ALA K 96 48.99 -75.07 57.99
C ALA K 96 48.35 -74.03 57.09
N GLY K 97 47.77 -74.46 55.96
CA GLY K 97 47.06 -73.53 55.09
C GLY K 97 45.80 -73.00 55.74
N ALA K 98 45.09 -73.84 56.51
CA ALA K 98 43.93 -73.41 57.27
C ALA K 98 44.30 -72.83 58.63
N GLY K 99 45.58 -72.80 58.97
CA GLY K 99 46.03 -72.24 60.23
C GLY K 99 45.59 -73.00 61.47
N HIS K 100 45.71 -74.32 61.44
CA HIS K 100 45.36 -75.18 62.57
C HIS K 100 46.65 -75.71 63.19
N PHE K 101 47.05 -75.10 64.31
CA PHE K 101 48.27 -75.54 64.99
C PHE K 101 48.09 -76.91 65.63
N GLU K 102 46.89 -77.23 66.11
CA GLU K 102 46.65 -78.51 66.78
C GLU K 102 46.72 -79.70 65.83
N VAL K 103 46.68 -79.47 64.52
CA VAL K 103 46.77 -80.54 63.55
C VAL K 103 48.14 -80.65 62.91
N VAL K 104 48.86 -79.53 62.76
CA VAL K 104 50.19 -79.55 62.14
C VAL K 104 51.16 -80.35 62.99
N LYS K 105 51.16 -80.12 64.31
CA LYS K 105 52.10 -80.80 65.19
C LYS K 105 51.86 -82.30 65.24
N LEU K 106 50.60 -82.74 65.11
CA LEU K 106 50.33 -84.17 65.07
C LEU K 106 50.88 -84.80 63.79
N LEU K 107 50.79 -84.09 62.67
CA LEU K 107 51.24 -84.64 61.39
C LEU K 107 52.76 -84.72 61.30
N VAL K 108 53.45 -83.69 61.79
CA VAL K 108 54.92 -83.71 61.76
C VAL K 108 55.46 -84.77 62.72
N SER K 109 54.82 -84.94 63.87
CA SER K 109 55.21 -86.00 64.79
C SER K 109 55.04 -87.37 64.17
N HIS K 110 53.99 -87.55 63.36
CA HIS K 110 53.81 -88.78 62.61
C HIS K 110 54.87 -88.96 61.53
N GLY K 111 55.48 -87.87 61.07
CA GLY K 111 56.52 -87.97 60.06
C GLY K 111 56.08 -87.48 58.70
N ALA K 112 55.26 -86.43 58.67
CA ALA K 112 54.82 -85.87 57.40
C ALA K 112 55.97 -85.15 56.70
N ASN K 113 55.88 -85.08 55.38
CA ASN K 113 56.89 -84.38 54.59
C ASN K 113 56.79 -82.88 54.84
N VAL K 114 57.74 -82.34 55.61
CA VAL K 114 57.71 -80.92 55.95
C VAL K 114 57.98 -80.08 54.72
N ASN K 115 58.88 -80.53 53.84
CA ASN K 115 59.21 -79.84 52.60
C ASN K 115 58.38 -80.31 51.41
N HIS K 116 57.14 -80.76 51.67
CA HIS K 116 56.27 -81.22 50.59
C HIS K 116 55.94 -80.07 49.64
N THR K 117 55.89 -80.37 48.35
CA THR K 117 55.61 -79.38 47.33
C THR K 117 54.29 -79.70 46.65
N THR K 118 53.40 -78.71 46.58
CA THR K 118 52.14 -78.86 45.87
C THR K 118 52.38 -78.65 44.37
N VAL K 119 51.29 -78.48 43.61
CA VAL K 119 51.43 -78.25 42.18
C VAL K 119 52.12 -76.93 41.89
N THR K 120 51.78 -75.88 42.65
CA THR K 120 52.43 -74.57 42.46
C THR K 120 53.63 -74.38 43.40
N ASN K 121 54.48 -75.41 43.46
CA ASN K 121 55.78 -75.37 44.14
C ASN K 121 55.68 -74.77 45.55
N SER K 122 54.66 -75.17 46.29
CA SER K 122 54.35 -74.57 47.59
C SER K 122 54.56 -75.58 48.70
N THR K 123 55.24 -75.15 49.76
CA THR K 123 55.69 -75.67 51.04
C THR K 123 54.61 -75.44 52.11
N PRO K 124 54.37 -76.41 52.99
CA PRO K 124 53.46 -76.17 54.11
C PRO K 124 53.88 -75.01 55.01
N LEU K 125 55.19 -74.76 55.12
CA LEU K 125 55.65 -73.59 55.85
C LEU K 125 55.18 -72.31 55.17
N ARG K 126 55.24 -72.27 53.83
CA ARG K 126 54.71 -71.13 53.10
C ARG K 126 53.22 -70.98 53.33
N ALA K 127 52.48 -72.09 53.34
CA ALA K 127 51.06 -72.03 53.66
C ALA K 127 50.82 -71.63 55.11
N ALA K 128 51.77 -71.94 56.00
CA ALA K 128 51.64 -71.57 57.41
C ALA K 128 51.69 -70.05 57.58
N CYS K 129 52.69 -69.40 56.96
CA CYS K 129 52.79 -67.95 57.04
C CYS K 129 51.76 -67.25 56.16
N PHE K 130 51.28 -67.91 55.11
CA PHE K 130 50.21 -67.33 54.29
C PHE K 130 48.92 -67.17 55.08
N ASP K 131 48.59 -68.17 55.90
CA ASP K 131 47.37 -68.08 56.71
C ASP K 131 47.49 -67.01 57.79
N GLY K 132 48.64 -66.94 58.44
CA GLY K 132 48.89 -65.95 59.47
C GLY K 132 49.05 -66.49 60.89
N ARG K 133 49.56 -67.70 61.06
CA ARG K 133 49.77 -68.28 62.39
C ARG K 133 51.26 -68.28 62.70
N LEU K 134 51.63 -67.67 63.83
CA LEU K 134 53.02 -67.63 64.22
C LEU K 134 53.50 -68.95 64.81
N ASP K 135 52.64 -69.66 65.54
CA ASP K 135 53.04 -70.90 66.18
C ASP K 135 53.40 -71.98 65.16
N ILE K 136 52.63 -72.07 64.08
CA ILE K 136 52.90 -73.07 63.05
C ILE K 136 54.21 -72.77 62.34
N VAL K 137 54.48 -71.48 62.10
CA VAL K 137 55.70 -71.10 61.38
C VAL K 137 56.94 -71.46 62.19
N LYS K 138 56.93 -71.15 63.49
CA LYS K 138 58.07 -71.45 64.33
C LYS K 138 58.30 -72.95 64.45
N TYR K 139 57.22 -73.73 64.59
CA TYR K 139 57.36 -75.18 64.72
C TYR K 139 57.83 -75.82 63.42
N LEU K 140 57.31 -75.36 62.28
CA LEU K 140 57.67 -75.96 61.01
C LEU K 140 59.11 -75.64 60.63
N VAL K 141 59.58 -74.42 60.93
CA VAL K 141 60.95 -74.05 60.61
C VAL K 141 61.94 -74.93 61.36
N GLU K 142 61.68 -75.19 62.64
CA GLU K 142 62.53 -76.07 63.42
C GLU K 142 62.45 -77.52 62.96
N ASN K 143 61.48 -77.89 62.13
CA ASN K 143 61.30 -79.25 61.64
C ASN K 143 61.79 -79.40 60.20
N ASN K 144 62.87 -78.69 59.84
CA ASN K 144 63.53 -78.80 58.54
C ASN K 144 62.58 -78.42 57.41
N ALA K 145 62.12 -77.17 57.44
CA ALA K 145 61.33 -76.58 56.36
C ALA K 145 62.19 -75.52 55.68
N ASN K 146 62.41 -75.68 54.38
CA ASN K 146 63.27 -74.77 53.63
C ASN K 146 62.51 -73.48 53.37
N ILE K 147 62.94 -72.40 54.02
CA ILE K 147 62.28 -71.10 53.86
C ILE K 147 62.51 -70.55 52.45
N SER K 148 63.70 -70.79 51.90
CA SER K 148 64.08 -70.23 50.60
C SER K 148 63.29 -70.81 49.44
N ILE K 149 62.54 -71.90 49.66
CA ILE K 149 61.76 -72.50 48.58
C ILE K 149 60.62 -71.56 48.21
N ALA K 150 60.54 -71.20 46.94
CA ALA K 150 59.51 -70.32 46.41
C ALA K 150 58.55 -71.13 45.53
N ASN K 151 57.47 -70.47 45.12
CA ASN K 151 56.46 -71.09 44.28
C ASN K 151 56.89 -71.01 42.81
N LYS K 152 56.00 -71.37 41.89
CA LYS K 152 56.27 -71.18 40.47
C LYS K 152 56.27 -69.71 40.08
N TYR K 153 55.71 -68.84 40.93
CA TYR K 153 55.76 -67.41 40.73
C TYR K 153 56.99 -66.78 41.40
N ASP K 154 57.90 -67.61 41.92
CA ASP K 154 59.15 -67.16 42.55
C ASP K 154 58.89 -66.29 43.77
N ASN K 155 57.79 -66.55 44.48
CA ASN K 155 57.46 -65.83 45.70
C ASN K 155 57.80 -66.71 46.90
N THR K 156 58.63 -66.20 47.80
CA THR K 156 59.09 -66.98 48.94
C THR K 156 58.11 -66.85 50.10
N CYS K 157 58.48 -67.43 51.25
CA CYS K 157 57.63 -67.36 52.43
C CYS K 157 57.61 -65.96 53.02
N LEU K 158 58.72 -65.24 52.91
CA LEU K 158 58.75 -63.87 53.42
C LEU K 158 57.90 -62.93 52.56
N MET K 159 57.95 -63.09 51.24
CA MET K 159 57.24 -62.19 50.34
C MET K 159 55.73 -62.34 50.48
N ILE K 160 55.24 -63.58 50.61
CA ILE K 160 53.80 -63.78 50.78
C ILE K 160 53.36 -63.28 52.15
N ALA K 161 54.24 -63.37 53.15
CA ALA K 161 53.89 -62.85 54.47
C ALA K 161 53.98 -61.33 54.52
N ALA K 162 54.89 -60.74 53.74
CA ALA K 162 55.02 -59.28 53.72
C ALA K 162 53.77 -58.64 53.14
N TYR K 163 53.20 -59.22 52.10
CA TYR K 163 51.97 -58.67 51.51
C TYR K 163 50.80 -58.81 52.48
N LYS K 164 50.78 -59.88 53.26
CA LYS K 164 49.75 -60.08 54.27
C LYS K 164 50.03 -59.20 55.49
N GLY K 165 48.99 -59.01 56.30
CA GLY K 165 49.11 -58.21 57.50
C GLY K 165 49.48 -59.03 58.72
N HIS K 166 50.59 -59.76 58.65
CA HIS K 166 51.07 -60.62 59.72
C HIS K 166 52.54 -60.30 59.96
N THR K 167 52.80 -59.39 60.90
CA THR K 167 54.16 -58.95 61.20
C THR K 167 54.92 -59.99 62.02
N ASP K 168 54.21 -60.77 62.84
CA ASP K 168 54.86 -61.73 63.72
C ASP K 168 55.62 -62.80 62.92
N VAL K 169 55.02 -63.30 61.84
CA VAL K 169 55.72 -64.28 61.01
C VAL K 169 56.81 -63.60 60.19
N VAL K 170 56.65 -62.30 59.89
CA VAL K 170 57.66 -61.57 59.14
C VAL K 170 58.95 -61.45 59.95
N ARG K 171 58.83 -61.10 61.23
CA ARG K 171 60.01 -60.96 62.08
C ARG K 171 60.73 -62.30 62.26
N TYR K 172 59.97 -63.37 62.49
CA TYR K 172 60.59 -64.68 62.70
C TYR K 172 61.26 -65.19 61.43
N LEU K 173 60.59 -65.02 60.28
CA LEU K 173 61.16 -65.51 59.03
C LEU K 173 62.41 -64.74 58.63
N LEU K 174 62.42 -63.43 58.87
CA LEU K 174 63.58 -62.60 58.51
C LEU K 174 64.81 -63.01 59.30
N GLU K 175 64.65 -63.28 60.59
CA GLU K 175 65.78 -63.70 61.44
C GLU K 175 66.11 -65.18 61.29
N GLN K 176 65.31 -65.93 60.54
CA GLN K 176 65.56 -67.35 60.31
C GLN K 176 66.30 -67.60 59.00
N ARG K 177 67.12 -66.62 58.58
CA ARG K 177 67.89 -66.69 57.34
C ARG K 177 66.97 -66.89 56.12
N ALA K 178 66.13 -65.89 55.88
CA ALA K 178 65.35 -65.79 54.66
C ALA K 178 65.90 -64.63 53.84
N ASP K 179 66.21 -64.90 52.58
CA ASP K 179 66.87 -63.90 51.74
C ASP K 179 65.89 -62.78 51.40
N PRO K 180 66.19 -61.53 51.74
CA PRO K 180 65.30 -60.42 51.36
C PRO K 180 65.49 -59.95 49.94
N ASN K 181 66.52 -60.41 49.24
CA ASN K 181 66.79 -60.03 47.86
C ASN K 181 66.15 -60.96 46.85
N ALA K 182 65.41 -61.97 47.30
CA ALA K 182 64.74 -62.89 46.39
C ALA K 182 63.67 -62.16 45.59
N LYS K 183 63.61 -62.44 44.30
CA LYS K 183 62.71 -61.75 43.38
C LYS K 183 61.62 -62.69 42.88
N ALA K 184 60.46 -62.12 42.60
CA ALA K 184 59.34 -62.86 42.05
C ALA K 184 59.54 -63.05 40.55
N HIS K 185 58.49 -63.47 39.85
CA HIS K 185 58.57 -63.64 38.40
C HIS K 185 58.88 -62.30 37.72
N CYS K 186 58.18 -61.25 38.10
CA CYS K 186 58.46 -59.91 37.58
C CYS K 186 59.40 -59.13 38.50
N GLY K 187 60.51 -59.76 38.89
CA GLY K 187 61.56 -59.10 39.65
C GLY K 187 61.18 -58.52 41.01
N ALA K 188 59.94 -58.72 41.44
CA ALA K 188 59.47 -58.12 42.68
C ALA K 188 59.96 -58.90 43.89
N THR K 189 60.40 -58.16 44.91
CA THR K 189 60.87 -58.75 46.15
C THR K 189 59.79 -58.61 47.22
N ALA K 190 60.14 -58.96 48.46
CA ALA K 190 59.21 -58.85 49.57
C ALA K 190 58.82 -57.40 49.83
N LEU K 191 59.80 -56.49 49.77
CA LEU K 191 59.52 -55.07 49.99
C LEU K 191 58.64 -54.49 48.89
N HIS K 192 58.70 -55.07 47.69
CA HIS K 192 57.78 -54.67 46.63
C HIS K 192 56.34 -54.99 47.00
N PHE K 193 56.11 -56.15 47.61
CA PHE K 193 54.77 -56.52 48.06
C PHE K 193 54.37 -55.70 49.29
N ALA K 194 55.32 -55.46 50.20
CA ALA K 194 54.99 -54.76 51.44
C ALA K 194 54.66 -53.30 51.18
N ALA K 195 55.36 -52.65 50.24
CA ALA K 195 55.08 -51.26 49.91
C ALA K 195 53.68 -51.10 49.33
N GLU K 196 53.28 -52.02 48.46
CA GLU K 196 51.91 -52.00 47.93
C GLU K 196 50.90 -52.31 49.02
N ALA K 197 51.23 -53.26 49.91
CA ALA K 197 50.32 -53.60 51.00
C ALA K 197 50.18 -52.45 51.99
N GLY K 198 51.30 -51.79 52.31
CA GLY K 198 51.27 -50.66 53.23
C GLY K 198 51.45 -51.05 54.68
N HIS K 199 52.51 -51.80 54.98
CA HIS K 199 52.82 -52.23 56.34
C HIS K 199 54.10 -51.54 56.78
N ILE K 200 53.97 -50.57 57.70
CA ILE K 200 55.13 -49.82 58.18
C ILE K 200 56.09 -50.75 58.93
N ASP K 201 55.54 -51.59 59.81
CA ASP K 201 56.38 -52.43 60.65
C ASP K 201 57.16 -53.47 59.83
N ILE K 202 56.52 -54.04 58.81
CA ILE K 202 57.19 -55.03 57.98
C ILE K 202 58.35 -54.39 57.20
N VAL K 203 58.14 -53.19 56.67
CA VAL K 203 59.19 -52.50 55.92
C VAL K 203 60.37 -52.16 56.85
N LYS K 204 60.06 -51.77 58.09
CA LYS K 204 61.12 -51.43 59.05
C LYS K 204 62.02 -52.63 59.33
N GLU K 205 61.44 -53.82 59.46
CA GLU K 205 62.24 -55.02 59.68
C GLU K 205 63.06 -55.39 58.44
N LEU K 206 62.55 -55.07 57.25
CA LEU K 206 63.27 -55.42 56.02
C LEU K 206 64.51 -54.56 55.82
N ILE K 207 64.38 -53.25 56.03
CA ILE K 207 65.52 -52.35 55.81
C ILE K 207 66.61 -52.60 56.85
N LYS K 208 66.23 -52.93 58.08
CA LYS K 208 67.23 -53.25 59.10
C LYS K 208 67.93 -54.57 58.79
N TRP K 209 67.29 -55.47 58.05
CA TRP K 209 67.87 -56.73 57.64
C TRP K 209 68.65 -56.62 56.33
N ARG K 210 69.12 -55.42 55.99
CA ARG K 210 69.87 -55.16 54.76
C ARG K 210 69.06 -55.55 53.53
N ALA K 211 67.97 -54.80 53.33
CA ALA K 211 67.04 -55.10 52.25
C ALA K 211 67.72 -55.03 50.89
N ALA K 212 68.59 -54.03 50.69
CA ALA K 212 69.31 -53.81 49.43
C ALA K 212 68.33 -53.64 48.27
N ILE K 213 67.59 -52.52 48.34
CA ILE K 213 66.49 -52.26 47.42
C ILE K 213 66.95 -52.33 45.97
N VAL K 214 66.19 -53.06 45.15
CA VAL K 214 66.46 -53.22 43.73
C VAL K 214 65.17 -53.05 42.96
N VAL K 215 65.31 -52.80 41.66
CA VAL K 215 64.14 -52.63 40.81
C VAL K 215 63.53 -54.00 40.48
N ASN K 216 62.26 -53.98 40.10
CA ASN K 216 61.54 -55.19 39.75
C ASN K 216 61.67 -55.45 38.25
N GLY K 217 60.87 -56.39 37.73
CA GLY K 217 60.90 -56.70 36.32
C GLY K 217 60.33 -55.60 35.44
N HIS K 218 59.54 -54.69 36.02
CA HIS K 218 58.99 -53.56 35.28
C HIS K 218 59.87 -52.32 35.35
N GLY K 219 61.04 -52.43 35.97
CA GLY K 219 61.89 -51.26 36.16
C GLY K 219 61.31 -50.24 37.10
N MET K 220 60.61 -50.69 38.14
CA MET K 220 59.95 -49.81 39.09
C MET K 220 60.57 -50.02 40.47
N THR K 221 61.04 -48.94 41.07
CA THR K 221 61.54 -49.01 42.44
C THR K 221 60.38 -49.18 43.40
N PRO K 222 60.45 -50.11 44.36
CA PRO K 222 59.34 -50.26 45.32
C PRO K 222 59.16 -49.06 46.22
N LEU K 223 60.14 -48.16 46.31
CA LEU K 223 59.96 -46.94 47.08
C LEU K 223 58.90 -46.04 46.45
N LYS K 224 58.80 -46.05 45.11
CA LYS K 224 57.73 -45.34 44.43
C LYS K 224 56.43 -46.12 44.41
N VAL K 225 56.48 -47.42 44.70
CA VAL K 225 55.25 -48.21 44.77
C VAL K 225 54.36 -47.71 45.91
N ALA K 226 54.96 -47.41 47.06
CA ALA K 226 54.20 -46.79 48.15
C ALA K 226 53.69 -45.42 47.75
N ALA K 227 54.50 -44.66 47.00
CA ALA K 227 54.05 -43.38 46.48
C ALA K 227 52.91 -43.56 45.48
N GLU K 228 53.01 -44.58 44.63
CA GLU K 228 51.97 -44.83 43.65
C GLU K 228 50.65 -45.26 44.29
N SER K 229 50.73 -46.05 45.37
CA SER K 229 49.55 -46.64 45.99
C SER K 229 49.03 -45.81 47.17
N CYS K 230 49.40 -44.53 47.25
CA CYS K 230 48.91 -43.63 48.29
C CYS K 230 49.27 -44.12 49.69
N LYS K 231 50.55 -44.40 49.91
CA LYS K 231 51.05 -44.84 51.22
C LYS K 231 51.87 -43.69 51.78
N ALA K 232 51.22 -42.85 52.59
CA ALA K 232 51.85 -41.60 53.05
C ALA K 232 53.01 -41.88 54.00
N ASP K 233 52.80 -42.74 54.99
CA ASP K 233 53.84 -43.00 55.98
C ASP K 233 54.95 -43.89 55.44
N VAL K 234 54.63 -44.79 54.50
CA VAL K 234 55.64 -45.69 53.96
C VAL K 234 56.66 -44.93 53.11
N VAL K 235 56.23 -43.88 52.41
CA VAL K 235 57.16 -43.05 51.64
C VAL K 235 58.17 -42.39 52.57
N GLU K 236 57.69 -41.87 53.70
CA GLU K 236 58.58 -41.29 54.72
C GLU K 236 59.09 -42.35 55.67
N LEU K 237 59.66 -43.41 55.09
CA LEU K 237 60.34 -44.47 55.84
C LEU K 237 61.62 -44.96 55.17
N LEU K 238 61.71 -44.92 53.84
CA LEU K 238 62.89 -45.39 53.13
C LEU K 238 63.77 -44.24 52.64
N LEU K 239 63.28 -42.99 52.72
CA LEU K 239 64.11 -41.85 52.36
C LEU K 239 65.29 -41.66 53.30
N SER K 240 65.25 -42.28 54.48
CA SER K 240 66.34 -42.21 55.45
C SER K 240 67.29 -43.40 55.33
N HIS K 241 67.18 -44.18 54.26
CA HIS K 241 68.05 -45.34 54.04
C HIS K 241 69.48 -44.94 53.70
N ALA K 242 69.73 -43.66 53.43
CA ALA K 242 71.05 -43.09 53.13
C ALA K 242 71.65 -43.61 51.83
N ASP K 243 70.87 -44.34 51.02
CA ASP K 243 71.31 -44.77 49.71
C ASP K 243 70.31 -44.41 48.62
N CYS K 244 69.28 -43.64 48.96
CA CYS K 244 68.26 -43.23 47.99
C CYS K 244 68.61 -41.93 47.28
N ASP K 245 69.79 -41.37 47.54
CA ASP K 245 70.30 -40.17 46.88
C ASP K 245 69.34 -39.00 47.05
N ARG K 246 69.38 -38.05 46.12
CA ARG K 246 68.49 -36.90 46.11
C ARG K 246 67.47 -36.95 45.00
N ARG K 247 67.86 -37.35 43.79
CA ARG K 247 66.94 -37.39 42.67
C ARG K 247 65.83 -38.41 42.89
N SER K 248 66.16 -39.58 43.42
CA SER K 248 65.13 -40.58 43.72
C SER K 248 64.20 -40.12 44.83
N ARG K 249 64.71 -39.34 45.79
CA ARG K 249 63.85 -38.76 46.81
C ARG K 249 62.86 -37.77 46.22
N ILE K 250 63.26 -37.05 45.17
CA ILE K 250 62.34 -36.15 44.48
C ILE K 250 61.22 -36.94 43.83
N GLU K 251 61.56 -38.05 43.16
CA GLU K 251 60.57 -38.84 42.46
C GLU K 251 59.57 -39.48 43.42
N ALA K 252 60.06 -39.95 44.57
CA ALA K 252 59.18 -40.58 45.55
C ALA K 252 58.18 -39.57 46.12
N LEU K 253 58.64 -38.36 46.43
CA LEU K 253 57.77 -37.36 47.04
C LEU K 253 56.77 -36.79 46.04
N GLU K 254 57.18 -36.63 44.78
CA GLU K 254 56.26 -36.10 43.77
C GLU K 254 55.15 -37.10 43.46
N LEU K 255 55.48 -38.39 43.41
CA LEU K 255 54.49 -39.39 43.01
C LEU K 255 53.42 -39.60 44.08
N LEU K 256 53.81 -39.50 45.36
CA LEU K 256 52.87 -39.78 46.44
C LEU K 256 51.77 -38.73 46.50
N GLY K 257 52.14 -37.45 46.41
CA GLY K 257 51.14 -36.39 46.35
C GLY K 257 50.31 -36.44 45.08
N ALA K 258 50.93 -36.82 43.96
CA ALA K 258 50.18 -36.96 42.71
C ALA K 258 49.14 -38.06 42.82
N SER K 259 49.49 -39.20 43.42
CA SER K 259 48.51 -40.26 43.66
C SER K 259 47.44 -39.81 44.63
N PHE K 260 47.81 -39.06 45.66
CA PHE K 260 46.84 -38.56 46.62
C PHE K 260 45.89 -37.54 45.98
N ALA K 261 46.33 -36.88 44.91
CA ALA K 261 45.44 -35.97 44.19
C ALA K 261 44.29 -36.71 43.53
N ASN K 262 44.49 -37.98 43.19
CA ASN K 262 43.51 -38.77 42.45
C ASN K 262 43.46 -40.17 43.06
N ASP K 263 42.59 -40.36 44.05
CA ASP K 263 42.38 -41.66 44.67
C ASP K 263 41.02 -41.65 45.35
N ARG K 264 40.20 -42.66 45.04
CA ARG K 264 38.85 -42.72 45.60
C ARG K 264 38.87 -42.94 47.11
N GLU K 265 39.75 -43.83 47.58
CA GLU K 265 39.84 -44.11 49.01
C GLU K 265 40.84 -43.24 49.73
N ASN K 266 41.63 -42.45 49.02
CA ASN K 266 42.67 -41.62 49.61
C ASN K 266 42.64 -40.21 49.01
N TYR K 267 41.45 -39.63 48.95
CA TYR K 267 41.27 -38.30 48.39
C TYR K 267 41.54 -37.25 49.46
N ASP K 268 42.57 -36.42 49.23
CA ASP K 268 42.89 -35.34 50.14
C ASP K 268 43.54 -34.21 49.35
N ILE K 269 43.27 -32.98 49.76
CA ILE K 269 43.80 -31.81 49.04
C ILE K 269 44.91 -31.10 49.81
N ILE K 270 45.04 -31.33 51.12
CA ILE K 270 46.12 -30.69 51.87
C ILE K 270 47.41 -31.49 51.77
N LYS K 271 47.31 -32.82 51.75
CA LYS K 271 48.49 -33.65 51.54
C LYS K 271 48.88 -33.74 50.08
N THR K 272 47.96 -33.40 49.17
CA THR K 272 48.31 -33.33 47.76
C THR K 272 49.36 -32.27 47.50
N TYR K 273 49.13 -31.06 48.01
CA TYR K 273 50.08 -29.97 47.85
C TYR K 273 51.28 -30.12 48.78
N HIS K 274 51.11 -30.79 49.93
CA HIS K 274 52.16 -30.86 50.93
C HIS K 274 53.37 -31.63 50.41
N TYR K 275 53.13 -32.81 49.85
CA TYR K 275 54.24 -33.65 49.39
C TYR K 275 54.91 -33.07 48.15
N LEU K 276 54.14 -32.44 47.27
CA LEU K 276 54.74 -31.77 46.12
C LEU K 276 55.51 -30.53 46.53
N TYR K 277 55.12 -29.89 47.64
CA TYR K 277 55.81 -28.70 48.11
C TYR K 277 57.24 -29.02 48.53
N LEU K 278 57.43 -30.13 49.25
CA LEU K 278 58.76 -30.50 49.74
C LEU K 278 59.65 -31.03 48.63
N ALA K 279 59.07 -31.75 47.65
CA ALA K 279 59.88 -32.29 46.56
C ALA K 279 60.48 -31.17 45.70
N MET K 280 59.68 -30.17 45.35
CA MET K 280 60.21 -29.05 44.58
C MET K 280 61.08 -28.13 45.44
N LEU K 281 60.85 -28.10 46.75
CA LEU K 281 61.71 -27.31 47.63
C LEU K 281 63.09 -27.96 47.76
N GLU K 282 63.13 -29.29 47.79
CA GLU K 282 64.43 -29.97 47.79
C GLU K 282 65.13 -29.83 46.45
N ARG K 283 64.38 -29.63 45.36
CA ARG K 283 65.00 -29.33 44.08
C ARG K 283 65.73 -28.01 44.12
N PHE K 284 65.11 -26.97 44.66
CA PHE K 284 65.71 -25.64 44.75
C PHE K 284 66.42 -25.46 46.08
N GLN K 285 67.44 -26.30 46.29
CA GLN K 285 68.25 -26.26 47.49
C GLN K 285 69.72 -25.96 47.21
N ASP K 286 70.29 -26.55 46.15
CA ASP K 286 71.68 -26.29 45.82
C ASP K 286 71.88 -24.88 45.31
N GLY K 287 70.89 -24.31 44.64
CA GLY K 287 70.99 -22.95 44.12
C GLY K 287 71.73 -22.87 42.80
N ASP K 288 73.05 -23.09 42.84
CA ASP K 288 73.87 -23.06 41.63
C ASP K 288 74.06 -24.43 41.01
N ASN K 289 73.46 -25.47 41.60
CA ASN K 289 73.48 -26.83 41.07
C ASN K 289 72.06 -27.37 40.99
N ILE K 290 71.17 -26.58 40.38
CA ILE K 290 69.75 -26.91 40.33
C ILE K 290 69.54 -28.22 39.56
N LEU K 291 68.62 -29.04 40.07
CA LEU K 291 68.24 -30.31 39.44
C LEU K 291 66.87 -30.10 38.81
N GLU K 292 66.85 -29.95 37.48
CA GLU K 292 65.61 -29.69 36.77
C GLU K 292 64.90 -30.99 36.43
N LYS K 293 63.59 -31.03 36.69
CA LYS K 293 62.78 -32.18 36.33
C LYS K 293 62.63 -32.27 34.81
N GLU K 294 62.57 -33.51 34.31
CA GLU K 294 62.46 -33.77 32.87
C GLU K 294 61.02 -33.57 32.42
N VAL K 295 60.64 -32.29 32.29
CA VAL K 295 59.25 -31.93 31.99
C VAL K 295 58.92 -32.34 30.56
N LEU K 296 57.99 -33.27 30.43
CA LEU K 296 57.46 -33.62 29.12
C LEU K 296 56.64 -32.47 28.55
N PRO K 297 56.52 -32.37 27.24
CA PRO K 297 55.69 -31.32 26.66
C PRO K 297 54.25 -31.44 27.11
N PRO K 298 53.54 -30.33 27.26
CA PRO K 298 52.16 -30.38 27.76
C PRO K 298 51.24 -31.16 26.83
N ILE K 299 50.27 -31.84 27.42
CA ILE K 299 49.34 -32.70 26.71
C ILE K 299 48.00 -31.98 26.61
N HIS K 300 47.40 -32.01 25.42
CA HIS K 300 46.10 -31.36 25.21
C HIS K 300 45.02 -31.97 26.09
N ALA K 301 45.12 -33.27 26.39
CA ALA K 301 44.15 -33.90 27.28
C ALA K 301 44.21 -33.29 28.68
N TYR K 302 45.40 -33.01 29.17
CA TYR K 302 45.57 -32.40 30.50
C TYR K 302 45.64 -30.88 30.39
N GLY K 303 44.67 -30.28 29.72
CA GLY K 303 44.66 -28.84 29.54
C GLY K 303 45.86 -28.37 28.76
N ASN K 304 46.54 -27.34 29.27
CA ASN K 304 47.76 -26.83 28.68
C ASN K 304 48.78 -26.51 29.77
N ARG K 305 48.93 -27.41 30.73
CA ARG K 305 49.82 -27.19 31.87
C ARG K 305 51.16 -27.87 31.61
N THR K 306 52.24 -27.15 31.92
CA THR K 306 53.61 -27.62 31.72
C THR K 306 54.32 -27.86 33.04
N GLU K 307 53.58 -28.40 34.02
CA GLU K 307 54.08 -28.72 35.35
C GLU K 307 54.60 -27.48 36.08
N CYS K 308 55.40 -27.69 37.12
CA CYS K 308 55.94 -26.61 37.93
C CYS K 308 57.45 -26.73 37.97
N ARG K 309 58.13 -25.89 37.19
CA ARG K 309 59.58 -25.82 37.17
C ARG K 309 60.13 -24.78 38.13
N ASN K 310 59.26 -24.05 38.82
CA ASN K 310 59.64 -23.05 39.81
C ASN K 310 58.87 -23.32 41.11
N PRO K 311 59.49 -23.05 42.26
CA PRO K 311 58.75 -23.20 43.52
C PRO K 311 57.54 -22.30 43.63
N GLN K 312 57.61 -21.08 43.07
CA GLN K 312 56.47 -20.17 43.11
C GLN K 312 55.39 -20.54 42.09
N GLU K 313 55.71 -21.39 41.11
CA GLU K 313 54.70 -21.80 40.15
C GLU K 313 53.61 -22.64 40.81
N LEU K 314 54.01 -23.58 41.67
CA LEU K 314 53.04 -24.39 42.39
C LEU K 314 52.36 -23.60 43.50
N GLU K 315 53.01 -22.55 44.01
CA GLU K 315 52.43 -21.75 45.07
C GLU K 315 51.20 -20.98 44.59
N SER K 316 51.19 -20.55 43.33
CA SER K 316 50.04 -19.83 42.80
C SER K 316 48.81 -20.71 42.65
N ILE K 317 48.98 -22.03 42.62
CA ILE K 317 47.86 -22.95 42.50
C ILE K 317 47.74 -23.77 43.78
N ARG K 318 48.16 -23.17 44.91
CA ARG K 318 48.06 -23.85 46.20
C ARG K 318 46.62 -24.10 46.59
N GLN K 319 45.75 -23.12 46.40
CA GLN K 319 44.33 -23.25 46.70
C GLN K 319 43.50 -23.66 45.50
N ASP K 320 44.14 -23.98 44.37
CA ASP K 320 43.44 -24.33 43.15
C ASP K 320 42.96 -25.77 43.25
N ARG K 321 41.64 -25.98 43.26
CA ARG K 321 41.10 -27.33 43.32
C ARG K 321 41.35 -28.08 42.01
N ASP K 322 41.12 -27.43 40.87
CA ASP K 322 41.23 -28.12 39.59
C ASP K 322 42.69 -28.35 39.21
N ALA K 323 43.56 -27.38 39.47
CA ALA K 323 44.95 -27.48 39.05
C ALA K 323 45.68 -28.60 39.78
N LEU K 324 45.41 -28.76 41.08
CA LEU K 324 46.08 -29.80 41.86
C LEU K 324 45.74 -31.20 41.34
N HIS K 325 44.46 -31.42 40.99
CA HIS K 325 44.08 -32.68 40.36
C HIS K 325 44.73 -32.82 38.99
N MET K 326 44.75 -31.74 38.22
CA MET K 326 45.30 -31.80 36.86
C MET K 326 46.82 -31.94 36.89
N GLU K 327 47.50 -31.19 37.77
CA GLU K 327 48.95 -31.26 37.85
C GLU K 327 49.42 -32.63 38.31
N GLY K 328 48.71 -33.23 39.26
CA GLY K 328 49.11 -34.54 39.75
C GLY K 328 49.08 -35.61 38.67
N LEU K 329 48.12 -35.51 37.75
CA LEU K 329 48.07 -36.44 36.64
C LEU K 329 49.29 -36.28 35.72
N ILE K 330 49.72 -35.04 35.50
CA ILE K 330 50.84 -34.79 34.59
C ILE K 330 52.14 -35.31 35.18
N VAL K 331 52.39 -35.03 36.46
CA VAL K 331 53.67 -35.41 37.06
C VAL K 331 53.74 -36.92 37.25
N ARG K 332 52.63 -37.54 37.65
CA ARG K 332 52.63 -38.99 37.84
C ARG K 332 52.87 -39.73 36.52
N GLU K 333 52.21 -39.28 35.45
CA GLU K 333 52.47 -39.85 34.13
C GLU K 333 53.91 -39.60 33.70
N ARG K 334 54.42 -38.39 33.96
CA ARG K 334 55.81 -38.08 33.65
C ARG K 334 56.77 -38.95 34.44
N ILE K 335 56.47 -39.18 35.72
CA ILE K 335 57.32 -40.04 36.55
C ILE K 335 57.26 -41.48 36.05
N LEU K 336 56.05 -42.00 35.84
CA LEU K 336 55.89 -43.42 35.52
C LEU K 336 56.05 -43.70 34.03
N GLY K 337 56.12 -42.67 33.19
CA GLY K 337 56.29 -42.87 31.77
C GLY K 337 55.08 -43.41 31.05
N ALA K 338 53.91 -43.41 31.70
CA ALA K 338 52.65 -43.92 31.15
C ALA K 338 52.75 -45.38 30.74
N ASP K 339 53.59 -46.16 31.41
CA ASP K 339 53.79 -47.56 31.07
C ASP K 339 53.20 -48.52 32.10
N ASN K 340 52.79 -48.03 33.26
CA ASN K 340 52.25 -48.89 34.30
C ASN K 340 50.87 -49.40 33.91
N ILE K 341 50.54 -50.60 34.41
CA ILE K 341 49.21 -51.15 34.20
C ILE K 341 48.15 -50.48 35.04
N ASP K 342 48.55 -49.67 36.03
CA ASP K 342 47.61 -49.00 36.92
C ASP K 342 47.74 -47.48 36.90
N VAL K 343 48.62 -46.92 36.06
CA VAL K 343 48.78 -45.47 36.00
C VAL K 343 47.51 -44.82 35.45
N SER K 344 46.72 -45.56 34.68
CA SER K 344 45.47 -45.03 34.16
C SER K 344 44.39 -44.92 35.23
N HIS K 345 44.56 -45.61 36.36
CA HIS K 345 43.54 -45.59 37.40
C HIS K 345 43.34 -44.22 38.02
N PRO K 346 44.38 -43.46 38.39
CA PRO K 346 44.12 -42.06 38.80
C PRO K 346 43.50 -41.22 37.70
N ILE K 347 43.91 -41.43 36.44
CA ILE K 347 43.34 -40.67 35.34
C ILE K 347 41.87 -41.01 35.16
N ILE K 348 41.55 -42.31 35.17
CA ILE K 348 40.16 -42.72 34.98
C ILE K 348 39.32 -42.28 36.18
N TYR K 349 39.92 -42.23 37.38
CA TYR K 349 39.19 -41.76 38.55
C TYR K 349 38.91 -40.27 38.47
N ARG K 350 39.89 -39.49 38.02
CA ARG K 350 39.67 -38.04 37.86
C ARG K 350 38.61 -37.78 36.81
N GLY K 351 38.62 -38.55 35.71
CA GLY K 351 37.57 -38.41 34.72
C GLY K 351 36.21 -38.81 35.26
N ALA K 352 36.15 -39.86 36.08
CA ALA K 352 34.89 -40.25 36.70
C ALA K 352 34.38 -39.16 37.64
N VAL K 353 35.30 -38.54 38.38
CA VAL K 353 34.91 -37.43 39.27
C VAL K 353 34.37 -36.27 38.45
N TYR K 354 35.05 -35.93 37.36
CA TYR K 354 34.59 -34.83 36.50
C TYR K 354 33.22 -35.12 35.91
N ALA K 355 33.00 -36.36 35.46
CA ALA K 355 31.69 -36.74 34.95
C ALA K 355 30.62 -36.68 36.04
N ASP K 356 30.96 -37.12 37.25
CA ASP K 356 30.03 -37.03 38.37
C ASP K 356 29.83 -35.60 38.84
N ASN K 357 30.74 -34.70 38.50
CA ASN K 357 30.62 -33.28 38.85
C ASN K 357 30.13 -32.44 37.68
N MET K 358 29.48 -33.07 36.69
CA MET K 358 28.92 -32.40 35.52
C MET K 358 29.98 -31.64 34.72
N GLU K 359 31.17 -32.22 34.62
CA GLU K 359 32.21 -31.75 33.72
C GLU K 359 32.39 -32.79 32.63
N PHE K 360 32.39 -32.35 31.37
CA PHE K 360 32.29 -33.26 30.24
C PHE K 360 33.53 -33.29 29.36
N GLU K 361 33.99 -32.14 28.87
CA GLU K 361 35.12 -32.13 27.95
C GLU K 361 36.38 -32.66 28.62
N GLN K 362 36.63 -32.23 29.87
CA GLN K 362 37.82 -32.67 30.59
C GLN K 362 37.79 -34.18 30.84
N CYS K 363 36.64 -34.71 31.27
CA CYS K 363 36.57 -36.14 31.57
C CYS K 363 36.68 -36.96 30.29
N ILE K 364 36.10 -36.47 29.20
CA ILE K 364 36.23 -37.18 27.92
C ILE K 364 37.69 -37.20 27.47
N LYS K 365 38.40 -36.07 27.60
CA LYS K 365 39.81 -36.04 27.22
C LYS K 365 40.64 -36.99 28.09
N LEU K 366 40.41 -36.97 29.40
CA LEU K 366 41.16 -37.84 30.30
C LEU K 366 40.88 -39.31 30.01
N TRP K 367 39.62 -39.66 29.80
CA TRP K 367 39.27 -41.05 29.50
C TRP K 367 39.82 -41.48 28.16
N LEU K 368 39.83 -40.58 27.17
CA LEU K 368 40.40 -40.91 25.86
C LEU K 368 41.88 -41.18 25.97
N HIS K 369 42.62 -40.35 26.70
CA HIS K 369 44.05 -40.59 26.87
C HIS K 369 44.30 -41.86 27.65
N ALA K 370 43.47 -42.14 28.66
CA ALA K 370 43.59 -43.39 29.40
C ALA K 370 43.37 -44.60 28.50
N LEU K 371 42.37 -44.52 27.62
CA LEU K 371 42.12 -45.60 26.68
C LEU K 371 43.29 -45.79 25.73
N HIS K 372 43.88 -44.68 25.24
CA HIS K 372 45.05 -44.79 24.39
C HIS K 372 46.20 -45.47 25.11
N LEU K 373 46.44 -45.08 26.37
CA LEU K 373 47.54 -45.66 27.14
C LEU K 373 47.30 -47.15 27.40
N ARG K 374 46.05 -47.53 27.68
CA ARG K 374 45.76 -48.94 27.94
C ARG K 374 45.79 -49.77 26.66
N GLN K 375 45.42 -49.17 25.52
CA GLN K 375 45.42 -49.90 24.27
C GLN K 375 46.85 -50.10 23.74
N LYS K 376 47.70 -49.08 23.86
CA LYS K 376 49.10 -49.29 23.51
C LYS K 376 49.78 -50.22 24.50
N GLY K 377 49.25 -50.32 25.72
CA GLY K 377 49.72 -51.27 26.71
C GLY K 377 49.08 -52.63 26.64
N ASN K 378 48.23 -52.88 25.64
CA ASN K 378 47.59 -54.18 25.41
C ASN K 378 46.77 -54.61 26.63
N ARG K 379 45.73 -53.84 26.92
CA ARG K 379 44.84 -54.10 28.03
C ARG K 379 43.45 -54.45 27.53
N ASN K 380 42.73 -55.28 28.31
CA ASN K 380 41.38 -55.70 27.97
C ASN K 380 40.43 -54.55 28.29
N THR K 381 40.27 -53.65 27.32
CA THR K 381 39.48 -52.44 27.50
C THR K 381 38.04 -52.68 27.08
N HIS K 382 37.36 -53.53 27.85
CA HIS K 382 35.92 -53.72 27.72
C HIS K 382 35.14 -52.88 28.72
N LYS K 383 35.60 -52.83 29.97
CA LYS K 383 35.02 -51.89 30.94
C LYS K 383 35.29 -50.45 30.52
N ASP K 384 36.43 -50.21 29.85
CA ASP K 384 36.70 -48.88 29.31
C ASP K 384 35.65 -48.47 28.30
N LEU K 385 35.36 -49.35 27.34
CA LEU K 385 34.33 -49.05 26.34
C LEU K 385 32.96 -48.95 27.00
N LEU K 386 32.69 -49.76 28.03
CA LEU K 386 31.41 -49.67 28.73
C LEU K 386 31.24 -48.31 29.39
N ARG K 387 32.29 -47.81 30.04
CA ARG K 387 32.16 -46.51 30.69
C ARG K 387 32.18 -45.37 29.69
N PHE K 388 32.85 -45.53 28.54
CA PHE K 388 32.69 -44.56 27.46
C PHE K 388 31.24 -44.49 27.00
N ALA K 389 30.61 -45.65 26.83
CA ALA K 389 29.20 -45.67 26.43
C ALA K 389 28.33 -45.01 27.49
N GLN K 390 28.61 -45.30 28.77
CA GLN K 390 27.85 -44.72 29.86
C GLN K 390 27.95 -43.20 29.88
N VAL K 391 29.18 -42.68 29.78
CA VAL K 391 29.37 -41.23 29.85
C VAL K 391 28.80 -40.55 28.61
N PHE K 392 28.92 -41.18 27.44
CA PHE K 392 28.37 -40.59 26.23
C PHE K 392 26.85 -40.54 26.28
N SER K 393 26.21 -41.62 26.75
CA SER K 393 24.76 -41.63 26.84
C SER K 393 24.26 -40.72 27.94
N GLN K 394 25.04 -40.53 29.01
CA GLN K 394 24.66 -39.57 30.03
C GLN K 394 24.78 -38.13 29.52
N MET K 395 25.83 -37.86 28.74
CA MET K 395 25.98 -36.53 28.14
C MET K 395 24.85 -36.24 27.16
N ILE K 396 24.46 -37.23 26.36
CA ILE K 396 23.38 -37.02 25.40
C ILE K 396 22.01 -37.08 26.05
N HIS K 397 21.91 -37.67 27.25
CA HIS K 397 20.62 -37.74 27.94
C HIS K 397 20.27 -36.42 28.62
N LEU K 398 21.26 -35.56 28.85
CA LEU K 398 21.03 -34.25 29.40
C LEU K 398 21.02 -33.17 28.33
N ASN K 399 20.93 -33.56 27.06
CA ASN K 399 20.80 -32.65 25.91
C ASN K 399 22.00 -31.70 25.82
N GLU K 400 23.19 -32.30 25.78
CA GLU K 400 24.42 -31.57 25.50
C GLU K 400 25.12 -32.24 24.32
N THR K 401 25.58 -31.42 23.38
CA THR K 401 26.28 -31.95 22.22
C THR K 401 27.60 -32.60 22.63
N VAL K 402 27.97 -33.65 21.90
CA VAL K 402 29.21 -34.38 22.14
C VAL K 402 30.04 -34.31 20.88
N LYS K 403 31.32 -33.96 21.01
CA LYS K 403 32.18 -33.74 19.86
C LYS K 403 32.44 -35.06 19.15
N ALA K 404 32.17 -35.08 17.84
CA ALA K 404 32.38 -36.28 17.05
C ALA K 404 33.82 -36.77 17.00
N PRO K 405 34.85 -35.92 16.81
CA PRO K 405 36.23 -36.47 16.81
C PRO K 405 36.61 -37.18 18.10
N ASP K 406 36.12 -36.72 19.25
CA ASP K 406 36.31 -37.47 20.48
C ASP K 406 35.60 -38.82 20.40
N ILE K 407 34.38 -38.83 19.86
CA ILE K 407 33.68 -40.09 19.61
C ILE K 407 34.39 -40.87 18.51
N GLU K 408 34.94 -40.16 17.52
CA GLU K 408 35.62 -40.83 16.42
C GLU K 408 36.87 -41.56 16.90
N CYS K 409 37.64 -40.94 17.81
CA CYS K 409 38.87 -41.55 18.28
C CYS K 409 38.59 -42.82 19.08
N VAL K 410 37.61 -42.76 20.00
CA VAL K 410 37.28 -43.94 20.78
C VAL K 410 36.65 -45.02 19.91
N LEU K 411 35.88 -44.62 18.90
CA LEU K 411 35.37 -45.60 17.94
C LEU K 411 36.50 -46.17 17.09
N ARG K 412 37.44 -45.32 16.66
CA ARG K 412 38.61 -45.81 15.95
C ARG K 412 39.51 -46.63 16.85
N CYS K 413 39.51 -46.36 18.16
CA CYS K 413 40.22 -47.21 19.10
C CYS K 413 39.47 -48.51 19.36
N SER K 414 38.14 -48.47 19.32
CA SER K 414 37.35 -49.67 19.58
C SER K 414 37.53 -50.71 18.47
N VAL K 415 37.57 -50.27 17.21
CA VAL K 415 37.67 -51.21 16.10
C VAL K 415 39.00 -51.94 16.13
N LEU K 416 40.09 -51.21 16.41
CA LEU K 416 41.38 -51.88 16.62
C LEU K 416 41.31 -52.78 17.84
N GLU K 417 40.64 -52.33 18.90
CA GLU K 417 40.45 -53.18 20.07
C GLU K 417 39.63 -54.41 19.73
N ILE K 418 38.54 -54.23 18.98
CA ILE K 418 37.69 -55.36 18.61
C ILE K 418 38.43 -56.28 17.65
N GLU K 419 39.24 -55.71 16.75
CA GLU K 419 40.07 -56.54 15.89
C GLU K 419 41.02 -57.40 16.70
N GLN K 420 41.64 -56.82 17.73
CA GLN K 420 42.46 -57.63 18.64
C GLN K 420 41.60 -58.49 19.55
N SER K 421 40.39 -58.03 19.88
CA SER K 421 39.48 -58.85 20.67
C SER K 421 39.10 -60.13 19.93
N MET K 422 38.82 -60.01 18.63
CA MET K 422 38.60 -61.21 17.82
C MET K 422 39.87 -62.06 17.76
N ASN K 423 41.03 -61.41 17.67
CA ASN K 423 42.29 -62.13 17.78
C ASN K 423 42.43 -62.76 19.16
N ARG K 424 42.00 -62.05 20.21
CA ARG K 424 42.04 -62.60 21.56
C ARG K 424 41.18 -63.86 21.67
N VAL K 425 39.99 -63.84 21.06
CA VAL K 425 39.15 -65.03 21.06
C VAL K 425 39.80 -66.17 20.29
N LYS K 426 40.36 -65.87 19.12
CA LYS K 426 40.88 -66.93 18.26
C LYS K 426 42.19 -67.49 18.79
N ASN K 427 43.09 -66.62 19.25
CA ASN K 427 44.42 -67.08 19.65
C ASN K 427 44.40 -67.81 20.99
N ILE K 428 43.61 -67.32 21.94
CA ILE K 428 43.54 -67.95 23.26
C ILE K 428 42.77 -69.27 23.14
N SER K 429 43.30 -70.32 23.74
CA SER K 429 42.71 -71.65 23.67
C SER K 429 41.45 -71.70 24.55
N ASP K 430 40.85 -72.89 24.66
CA ASP K 430 39.59 -73.07 25.37
C ASP K 430 39.83 -73.17 26.88
N ALA K 431 40.51 -72.16 27.41
CA ALA K 431 40.72 -72.02 28.85
C ALA K 431 40.06 -70.77 29.40
N ASP K 432 40.38 -69.60 28.84
CA ASP K 432 39.71 -68.36 29.19
C ASP K 432 39.00 -67.73 27.99
N VAL K 433 38.79 -68.50 26.93
CA VAL K 433 38.07 -67.96 25.77
C VAL K 433 36.60 -67.71 26.12
N HIS K 434 36.07 -68.40 27.11
CA HIS K 434 34.70 -68.15 27.55
C HIS K 434 34.56 -66.74 28.12
N ASN K 435 35.54 -66.30 28.91
CA ASN K 435 35.55 -64.90 29.35
C ASN K 435 35.97 -63.97 28.23
N ALA K 436 36.86 -64.44 27.35
CA ALA K 436 37.24 -63.63 26.19
C ALA K 436 36.06 -63.44 25.24
N MET K 437 35.25 -64.49 25.06
CA MET K 437 34.09 -64.36 24.19
C MET K 437 33.07 -63.39 24.77
N ASP K 438 32.87 -63.44 26.09
CA ASP K 438 31.98 -62.48 26.74
C ASP K 438 32.53 -61.07 26.65
N ASN K 439 33.85 -60.91 26.77
CA ASN K 439 34.45 -59.59 26.62
C ASN K 439 34.27 -59.06 25.21
N TYR K 440 34.41 -59.92 24.21
CA TYR K 440 34.18 -59.51 22.82
C TYR K 440 32.72 -59.13 22.60
N GLU K 441 31.79 -59.89 23.18
CA GLU K 441 30.37 -59.53 23.07
C GLU K 441 30.10 -58.20 23.75
N CYS K 442 30.74 -57.95 24.89
CA CYS K 442 30.61 -56.66 25.56
C CYS K 442 31.18 -55.53 24.70
N ASN K 443 32.29 -55.80 24.02
CA ASN K 443 32.86 -54.80 23.10
C ASN K 443 31.88 -54.48 21.97
N LEU K 444 31.23 -55.51 21.43
CA LEU K 444 30.21 -55.28 20.40
C LEU K 444 29.03 -54.49 20.95
N TYR K 445 28.60 -54.80 22.18
CA TYR K 445 27.52 -54.05 22.80
C TYR K 445 27.89 -52.58 22.96
N THR K 446 29.12 -52.31 23.42
CA THR K 446 29.59 -50.95 23.58
C THR K 446 29.67 -50.23 22.24
N PHE K 447 30.13 -50.93 21.20
CA PHE K 447 30.16 -50.33 19.87
C PHE K 447 28.76 -49.95 19.43
N LEU K 448 27.78 -50.82 19.69
CA LEU K 448 26.39 -50.48 19.39
C LEU K 448 25.94 -49.25 20.16
N TYR K 449 26.31 -49.16 21.44
CA TYR K 449 25.92 -47.99 22.24
C TYR K 449 26.53 -46.71 21.68
N LEU K 450 27.82 -46.74 21.35
CA LEU K 450 28.47 -45.53 20.82
C LEU K 450 27.90 -45.14 19.46
N VAL K 451 27.58 -46.10 18.60
CA VAL K 451 26.98 -45.70 17.33
C VAL K 451 25.56 -45.16 17.56
N CYS K 452 24.83 -45.72 18.54
CA CYS K 452 23.53 -45.17 18.89
C CYS K 452 23.63 -43.74 19.38
N ILE K 453 24.67 -43.44 20.15
CA ILE K 453 24.93 -42.06 20.56
C ILE K 453 25.28 -41.21 19.34
N SER K 454 26.06 -41.77 18.42
CA SER K 454 26.44 -41.06 17.20
C SER K 454 25.23 -40.69 16.35
N THR K 455 24.17 -41.51 16.41
CA THR K 455 22.94 -41.15 15.71
C THR K 455 22.30 -39.89 16.27
N LYS K 456 22.58 -39.54 17.53
CA LYS K 456 22.05 -38.34 18.14
C LYS K 456 22.97 -37.13 18.02
N THR K 457 24.18 -37.31 17.48
CA THR K 457 25.12 -36.21 17.38
C THR K 457 24.71 -35.26 16.25
N GLN K 458 25.36 -34.09 16.24
CA GLN K 458 25.12 -33.12 15.16
C GLN K 458 25.60 -33.67 13.83
N CYS K 459 26.55 -34.60 13.83
CA CYS K 459 27.00 -35.35 12.66
C CYS K 459 27.54 -34.41 11.57
N SER K 460 28.64 -33.74 11.92
CA SER K 460 29.40 -33.00 10.92
C SER K 460 29.88 -33.96 9.84
N GLU K 461 29.77 -33.54 8.59
CA GLU K 461 29.81 -34.47 7.47
C GLU K 461 31.14 -35.20 7.36
N GLU K 462 32.26 -34.50 7.56
CA GLU K 462 33.55 -35.16 7.50
C GLU K 462 33.73 -36.13 8.67
N ASP K 463 33.39 -35.71 9.87
CA ASP K 463 33.51 -36.61 11.03
C ASP K 463 32.50 -37.75 10.94
N GLN K 464 31.29 -37.47 10.42
CA GLN K 464 30.32 -38.53 10.20
C GLN K 464 30.84 -39.56 9.20
N CYS K 465 31.49 -39.09 8.15
CA CYS K 465 32.10 -40.00 7.18
C CYS K 465 33.23 -40.79 7.82
N LYS K 466 33.98 -40.16 8.73
CA LYS K 466 35.02 -40.90 9.46
C LYS K 466 34.43 -42.01 10.32
N ILE K 467 33.34 -41.71 11.02
CA ILE K 467 32.65 -42.72 11.82
C ILE K 467 32.14 -43.85 10.93
N ASN K 468 31.56 -43.48 9.79
CA ASN K 468 31.07 -44.49 8.84
C ASN K 468 32.23 -45.34 8.32
N LYS K 469 33.39 -44.74 8.11
CA LYS K 469 34.55 -45.50 7.64
C LYS K 469 35.03 -46.48 8.70
N GLN K 470 35.06 -46.06 9.97
CA GLN K 470 35.45 -46.98 11.04
C GLN K 470 34.48 -48.14 11.15
N ILE K 471 33.18 -47.85 11.07
CA ILE K 471 32.18 -48.92 11.13
C ILE K 471 32.27 -49.80 9.89
N TYR K 472 32.60 -49.23 8.74
CA TYR K 472 32.83 -50.01 7.52
C TYR K 472 33.99 -50.96 7.70
N ASN K 473 35.08 -50.50 8.31
CA ASN K 473 36.21 -51.37 8.60
C ASN K 473 35.80 -52.50 9.55
N LEU K 474 35.06 -52.16 10.60
CA LEU K 474 34.62 -53.20 11.54
C LEU K 474 33.73 -54.24 10.85
N ILE K 475 32.84 -53.78 9.97
CA ILE K 475 31.99 -54.70 9.23
C ILE K 475 32.82 -55.60 8.32
N HIS K 476 33.81 -55.02 7.62
CA HIS K 476 34.66 -55.82 6.74
C HIS K 476 35.63 -56.71 7.51
N LEU K 477 35.74 -56.53 8.82
CA LEU K 477 36.41 -57.52 9.66
C LEU K 477 35.45 -58.54 10.26
N ASP K 478 34.36 -58.85 9.52
CA ASP K 478 33.36 -59.92 9.70
C ASP K 478 33.13 -60.33 11.16
N PRO K 479 32.61 -59.42 11.99
CA PRO K 479 32.41 -59.75 13.41
C PRO K 479 31.18 -60.61 13.61
N ARG K 480 31.36 -61.76 14.26
CA ARG K 480 30.28 -62.68 14.58
C ARG K 480 30.42 -63.15 16.02
N THR K 481 29.30 -63.25 16.72
CA THR K 481 29.30 -63.67 18.11
C THR K 481 29.21 -65.19 18.20
N ARG K 482 29.02 -65.71 19.41
CA ARG K 482 28.99 -67.16 19.62
C ARG K 482 27.68 -67.78 19.16
N GLU K 483 26.64 -66.98 18.98
CA GLU K 483 25.39 -67.45 18.39
C GLU K 483 25.36 -67.26 16.88
N GLY K 484 26.47 -66.85 16.29
CA GLY K 484 26.49 -66.47 14.89
C GLY K 484 25.94 -65.10 14.61
N PHE K 485 25.61 -64.33 15.65
CA PHE K 485 25.04 -63.00 15.48
C PHE K 485 26.09 -62.03 14.99
N THR K 486 25.72 -61.21 14.00
CA THR K 486 26.56 -60.09 13.60
C THR K 486 26.14 -58.85 14.37
N LEU K 487 26.78 -57.72 14.08
CA LEU K 487 26.32 -56.46 14.67
C LEU K 487 24.91 -56.13 14.21
N LEU K 488 24.55 -56.50 12.97
CA LEU K 488 23.18 -56.34 12.52
C LEU K 488 22.22 -57.21 13.32
N HIS K 489 22.63 -58.46 13.60
CA HIS K 489 21.75 -59.37 14.32
C HIS K 489 21.45 -58.87 15.72
N LEU K 490 22.47 -58.34 16.42
CA LEU K 490 22.23 -57.78 17.74
C LEU K 490 21.53 -56.43 17.67
N ALA K 491 21.74 -55.67 16.59
CA ALA K 491 21.03 -54.41 16.41
C ALA K 491 19.53 -54.64 16.24
N VAL K 492 19.14 -55.68 15.51
CA VAL K 492 17.73 -55.98 15.32
C VAL K 492 17.14 -56.80 16.46
N ASN K 493 17.96 -57.23 17.42
CA ASN K 493 17.52 -58.09 18.51
C ASN K 493 17.06 -57.25 19.69
N SER K 494 15.83 -57.48 20.13
CA SER K 494 15.33 -56.81 21.33
C SER K 494 15.91 -57.40 22.59
N ASN K 495 16.28 -58.68 22.56
CA ASN K 495 16.80 -59.36 23.73
C ASN K 495 18.21 -58.93 24.12
N THR K 496 18.88 -58.15 23.28
CA THR K 496 20.22 -57.68 23.57
C THR K 496 20.19 -56.75 24.79
N PRO K 497 20.94 -57.04 25.85
CA PRO K 497 20.91 -56.18 27.03
C PRO K 497 21.57 -54.84 26.78
N VAL K 498 21.06 -53.81 27.48
CA VAL K 498 21.62 -52.47 27.43
C VAL K 498 21.99 -52.06 28.85
N ASP K 499 23.15 -51.44 29.01
CA ASP K 499 23.65 -51.07 30.32
C ASP K 499 22.67 -50.14 31.04
N ASP K 500 22.41 -50.43 32.32
CA ASP K 500 21.47 -49.64 33.10
C ASP K 500 22.07 -48.31 33.55
N PHE K 501 23.37 -48.26 33.79
CA PHE K 501 24.00 -47.07 34.33
C PHE K 501 24.11 -45.97 33.29
N HIS K 502 23.10 -45.09 33.26
CA HIS K 502 23.08 -43.89 32.42
C HIS K 502 23.18 -44.21 30.93
N THR K 503 22.81 -45.42 30.52
CA THR K 503 22.88 -45.81 29.11
C THR K 503 21.52 -46.25 28.57
N ASN K 504 20.80 -47.11 29.28
CA ASN K 504 19.50 -47.59 28.82
C ASN K 504 18.48 -46.48 28.69
N ASP K 505 18.72 -45.33 29.32
CA ASP K 505 17.84 -44.17 29.16
C ASP K 505 17.86 -43.62 27.74
N VAL K 506 18.90 -43.93 26.96
CA VAL K 506 19.03 -43.44 25.59
C VAL K 506 19.05 -44.58 24.58
N CYS K 507 19.95 -45.54 24.77
CA CYS K 507 20.08 -46.64 23.83
C CYS K 507 18.97 -47.67 24.08
N SER K 508 18.11 -47.85 23.08
CA SER K 508 17.01 -48.81 23.15
C SER K 508 17.16 -49.79 22.00
N PHE K 509 16.92 -51.07 22.28
CA PHE K 509 17.06 -52.07 21.25
C PHE K 509 15.75 -52.80 21.01
N PRO K 510 15.41 -53.12 19.75
CA PRO K 510 16.17 -52.85 18.52
C PRO K 510 16.09 -51.39 18.08
N ASN K 511 17.15 -50.88 17.47
CA ASN K 511 17.20 -49.49 17.01
C ASN K 511 17.29 -49.47 15.50
N ALA K 512 16.36 -48.77 14.85
CA ALA K 512 16.28 -48.76 13.40
C ALA K 512 17.37 -47.90 12.77
N LEU K 513 17.71 -46.77 13.40
CA LEU K 513 18.65 -45.84 12.79
C LEU K 513 20.04 -46.45 12.65
N VAL K 514 20.55 -47.05 13.75
CA VAL K 514 21.86 -47.70 13.69
C VAL K 514 21.85 -48.83 12.67
N THR K 515 20.78 -49.60 12.62
CA THR K 515 20.62 -50.60 11.58
C THR K 515 20.64 -49.95 10.21
N LYS K 516 19.95 -48.82 10.06
CA LYS K 516 20.04 -48.04 8.84
C LYS K 516 21.48 -47.61 8.59
N LEU K 517 22.17 -47.17 9.65
CA LEU K 517 23.57 -46.84 9.52
C LEU K 517 24.40 -48.07 9.18
N LEU K 518 23.97 -49.24 9.67
CA LEU K 518 24.60 -50.48 9.24
C LEU K 518 24.39 -50.71 7.75
N LEU K 519 23.20 -50.38 7.25
CA LEU K 519 22.94 -50.50 5.81
C LEU K 519 23.70 -49.45 5.03
N ASP K 520 23.86 -48.24 5.59
CA ASP K 520 24.69 -47.23 4.94
C ASP K 520 26.16 -47.60 4.98
N CYS K 521 26.56 -48.50 5.87
CA CYS K 521 27.94 -48.98 5.96
C CYS K 521 28.15 -50.32 5.27
N GLY K 522 27.16 -50.78 4.51
CA GLY K 522 27.29 -52.02 3.75
C GLY K 522 27.38 -53.28 4.58
N ALA K 523 26.61 -53.36 5.67
CA ALA K 523 26.53 -54.60 6.43
C ALA K 523 25.79 -55.65 5.64
N GLU K 524 26.28 -56.90 5.71
CA GLU K 524 25.65 -58.00 5.00
C GLU K 524 24.30 -58.30 5.66
N VAL K 525 23.21 -57.91 4.99
CA VAL K 525 21.89 -58.13 5.53
C VAL K 525 21.46 -59.59 5.39
N ASN K 526 22.13 -60.36 4.53
CA ASN K 526 21.76 -61.75 4.27
C ASN K 526 22.59 -62.73 5.10
N ALA K 527 23.16 -62.30 6.22
CA ALA K 527 23.93 -63.19 7.06
C ALA K 527 23.01 -64.12 7.85
N VAL K 528 23.55 -65.26 8.24
CA VAL K 528 22.83 -66.26 9.02
C VAL K 528 23.60 -66.53 10.31
N ASP K 529 22.87 -66.80 11.39
CA ASP K 529 23.48 -67.06 12.68
C ASP K 529 23.65 -68.58 12.86
N ASN K 530 23.97 -69.00 14.10
CA ASN K 530 24.01 -70.42 14.40
C ASN K 530 22.62 -71.05 14.31
N GLU K 531 21.58 -70.29 14.61
CA GLU K 531 20.21 -70.76 14.47
C GLU K 531 19.74 -70.76 13.02
N GLY K 532 20.52 -70.21 12.10
CA GLY K 532 20.11 -70.05 10.72
C GLY K 532 19.28 -68.81 10.46
N ASN K 533 18.92 -68.07 11.49
CA ASN K 533 18.08 -66.88 11.35
C ASN K 533 18.90 -65.71 10.85
N SER K 534 18.27 -64.87 10.02
CA SER K 534 18.86 -63.61 9.61
C SER K 534 18.32 -62.49 10.51
N ALA K 535 18.71 -61.26 10.19
CA ALA K 535 18.19 -60.11 10.93
C ALA K 535 16.68 -59.97 10.74
N LEU K 536 16.20 -60.29 9.54
CA LEU K 536 14.76 -60.25 9.28
C LEU K 536 14.03 -61.29 10.13
N HIS K 537 14.63 -62.46 10.32
CA HIS K 537 14.00 -63.51 11.12
C HIS K 537 13.89 -63.12 12.58
N ILE K 538 14.77 -62.25 13.05
CA ILE K 538 14.78 -61.87 14.47
C ILE K 538 13.95 -60.62 14.71
N ILE K 539 13.96 -59.67 13.77
CA ILE K 539 13.21 -58.43 13.96
C ILE K 539 11.71 -58.69 13.99
N VAL K 540 11.24 -59.72 13.28
CA VAL K 540 9.82 -60.05 13.29
C VAL K 540 9.38 -60.69 14.60
N GLN K 541 10.32 -61.12 15.43
CA GLN K 541 10.00 -61.72 16.72
C GLN K 541 9.78 -60.70 17.82
N TYR K 542 9.86 -59.41 17.52
CA TYR K 542 9.62 -58.38 18.52
C TYR K 542 8.17 -58.46 19.01
N ASN K 543 8.00 -58.41 20.32
CA ASN K 543 6.71 -58.61 20.97
C ASN K 543 6.00 -57.30 21.28
N ARG K 544 6.54 -56.16 20.83
CA ARG K 544 5.94 -54.85 21.09
C ARG K 544 5.79 -54.10 19.76
N PRO K 545 4.75 -54.40 19.00
CA PRO K 545 4.45 -53.60 17.81
C PRO K 545 3.53 -52.40 18.08
N ILE K 546 3.02 -52.27 19.30
CA ILE K 546 2.14 -51.16 19.66
C ILE K 546 2.91 -50.05 20.36
N SER K 547 3.72 -50.39 21.37
CA SER K 547 4.44 -49.38 22.13
C SER K 547 5.43 -48.62 21.26
N ASP K 548 6.18 -49.34 20.41
CA ASP K 548 7.10 -48.72 19.46
C ASP K 548 6.93 -49.39 18.10
N PHE K 549 5.98 -48.88 17.31
CA PHE K 549 5.76 -49.42 15.97
C PHE K 549 6.84 -48.97 15.00
N LEU K 550 7.25 -47.69 15.09
CA LEU K 550 8.20 -47.15 14.12
C LEU K 550 9.54 -47.85 14.20
N THR K 551 10.03 -48.11 15.42
CA THR K 551 11.28 -48.85 15.58
C THR K 551 11.16 -50.27 15.07
N LEU K 552 9.95 -50.77 14.85
CA LEU K 552 9.71 -52.04 14.19
C LEU K 552 9.52 -51.90 12.70
N HIS K 553 9.02 -50.75 12.23
CA HIS K 553 8.70 -50.59 10.81
C HIS K 553 9.88 -50.03 10.03
N SER K 554 10.42 -48.90 10.49
CA SER K 554 11.47 -48.21 9.75
C SER K 554 12.71 -49.08 9.58
N ILE K 555 12.92 -50.04 10.48
CA ILE K 555 14.04 -50.96 10.33
C ILE K 555 13.79 -51.92 9.17
N ILE K 556 12.56 -52.44 9.05
CA ILE K 556 12.28 -53.47 8.06
C ILE K 556 12.45 -52.93 6.65
N ILE K 557 11.89 -51.75 6.39
CA ILE K 557 12.12 -51.10 5.10
C ILE K 557 13.60 -50.76 4.95
N SER K 558 14.27 -50.42 6.05
CA SER K 558 15.73 -50.26 5.99
C SER K 558 16.41 -51.59 5.77
N LEU K 559 15.83 -52.67 6.31
CA LEU K 559 16.39 -54.00 6.11
C LEU K 559 16.39 -54.37 4.63
N VAL K 560 15.23 -54.27 3.98
CA VAL K 560 15.13 -54.56 2.55
C VAL K 560 15.44 -53.24 1.83
N GLU K 561 16.73 -52.95 1.74
CA GLU K 561 17.21 -51.79 0.99
C GLU K 561 18.44 -52.07 0.15
N ALA K 562 19.14 -53.18 0.39
CA ALA K 562 20.34 -53.52 -0.38
C ALA K 562 20.42 -54.99 -0.72
N GLY K 563 19.32 -55.73 -0.62
CA GLY K 563 19.33 -57.14 -0.96
C GLY K 563 18.89 -58.08 0.14
N ALA K 564 18.08 -57.59 1.07
CA ALA K 564 17.49 -58.49 2.06
C ALA K 564 16.49 -59.40 1.39
N HIS K 565 16.73 -60.70 1.48
CA HIS K 565 15.94 -61.68 0.73
C HIS K 565 14.81 -62.17 1.64
N THR K 566 13.60 -61.69 1.39
CA THR K 566 12.48 -61.96 2.28
C THR K 566 12.08 -63.43 2.26
N ASP K 567 12.35 -64.13 1.17
CA ASP K 567 11.91 -65.51 1.00
C ASP K 567 12.94 -66.54 1.43
N MET K 568 14.06 -66.11 2.01
CA MET K 568 15.04 -67.07 2.51
C MET K 568 14.48 -67.80 3.73
N THR K 569 14.97 -69.02 3.94
CA THR K 569 14.47 -69.87 5.01
C THR K 569 15.63 -70.34 5.86
N ASN K 570 15.43 -70.33 7.18
CA ASN K 570 16.49 -70.57 8.13
C ASN K 570 16.85 -72.06 8.19
N LYS K 571 17.78 -72.39 9.10
CA LYS K 571 18.17 -73.79 9.28
C LYS K 571 17.01 -74.63 9.79
N GLN K 572 16.21 -74.08 10.71
CA GLN K 572 15.06 -74.78 11.26
C GLN K 572 13.86 -74.77 10.30
N ASN K 573 14.06 -74.33 9.06
CA ASN K 573 13.05 -74.40 8.00
C ASN K 573 11.79 -73.61 8.38
N LYS K 574 11.99 -72.32 8.61
CA LYS K 574 10.91 -71.40 8.93
C LYS K 574 11.07 -70.12 8.12
N THR K 575 10.03 -69.76 7.39
CA THR K 575 9.99 -68.48 6.70
C THR K 575 9.88 -67.35 7.72
N PRO K 576 10.47 -66.19 7.43
CA PRO K 576 10.26 -65.04 8.33
C PRO K 576 8.80 -64.66 8.50
N LEU K 577 7.97 -64.87 7.47
CA LEU K 577 6.54 -64.67 7.64
C LEU K 577 5.94 -65.69 8.61
N ASP K 578 6.46 -66.92 8.59
CA ASP K 578 6.00 -67.91 9.55
C ASP K 578 6.37 -67.54 10.97
N LYS K 579 7.56 -66.99 11.18
CA LYS K 579 8.01 -66.59 12.50
C LYS K 579 7.59 -65.16 12.83
N SER K 580 6.33 -64.84 12.61
CA SER K 580 5.84 -63.47 12.79
C SER K 580 5.28 -63.25 14.19
N THR K 581 4.27 -64.03 14.56
CA THR K 581 3.55 -63.90 15.84
C THR K 581 3.00 -62.48 16.03
N THR K 582 2.74 -61.78 14.93
CA THR K 582 2.26 -60.40 14.98
C THR K 582 1.68 -60.06 13.61
N GLY K 583 0.41 -59.66 13.58
CA GLY K 583 -0.21 -59.30 12.31
C GLY K 583 0.45 -58.10 11.66
N VAL K 584 0.84 -57.11 12.47
CA VAL K 584 1.49 -55.91 11.94
C VAL K 584 2.83 -56.28 11.29
N SER K 585 3.61 -57.12 11.96
CA SER K 585 4.92 -57.50 11.43
C SER K 585 4.78 -58.26 10.12
N GLU K 586 3.86 -59.22 10.06
CA GLU K 586 3.73 -60.02 8.84
C GLU K 586 3.14 -59.19 7.71
N ILE K 587 2.22 -58.27 8.01
CA ILE K 587 1.68 -57.44 6.94
C ILE K 587 2.73 -56.45 6.45
N LEU K 588 3.61 -55.97 7.34
CA LEU K 588 4.72 -55.13 6.91
C LEU K 588 5.67 -55.92 6.00
N LEU K 589 5.97 -57.17 6.37
CA LEU K 589 6.82 -58.01 5.54
C LEU K 589 6.18 -58.25 4.18
N LYS K 590 4.87 -58.53 4.15
CA LYS K 590 4.18 -58.74 2.88
C LYS K 590 4.21 -57.50 2.00
N THR K 591 4.00 -56.32 2.60
CA THR K 591 4.10 -55.09 1.83
C THR K 591 5.51 -54.90 1.28
N GLN K 592 6.52 -55.25 2.08
CA GLN K 592 7.90 -55.19 1.60
C GLN K 592 8.28 -56.41 0.77
N MET K 593 7.50 -57.47 0.79
CA MET K 593 7.80 -58.66 0.00
C MET K 593 7.52 -58.40 -1.48
N LYS K 594 8.39 -58.95 -2.33
CA LYS K 594 8.20 -58.91 -3.77
C LYS K 594 8.47 -60.30 -4.34
N MET K 595 7.59 -60.76 -5.21
CA MET K 595 7.67 -62.11 -5.73
C MET K 595 8.80 -62.24 -6.76
N SER K 596 9.30 -63.45 -6.90
CA SER K 596 10.32 -63.78 -7.88
C SER K 596 10.17 -65.24 -8.27
N LEU K 597 10.41 -65.54 -9.55
CA LEU K 597 10.27 -66.92 -10.01
C LEU K 597 11.29 -67.83 -9.36
N LYS K 598 12.49 -67.33 -9.10
CA LYS K 598 13.53 -68.16 -8.49
C LYS K 598 13.12 -68.62 -7.12
N CYS K 599 12.44 -67.76 -6.36
CA CYS K 599 12.00 -68.11 -5.00
C CYS K 599 11.05 -69.29 -5.03
N LEU K 600 9.99 -69.19 -5.84
CA LEU K 600 9.00 -70.25 -5.91
C LEU K 600 9.59 -71.52 -6.50
N ALA K 601 10.45 -71.39 -7.51
CA ALA K 601 11.07 -72.57 -8.11
C ALA K 601 11.97 -73.30 -7.12
N ALA K 602 12.78 -72.56 -6.37
CA ALA K 602 13.63 -73.18 -5.36
C ALA K 602 12.81 -73.81 -4.24
N ARG K 603 11.73 -73.14 -3.83
CA ARG K 603 10.86 -73.71 -2.81
C ARG K 603 10.21 -75.01 -3.28
N ALA K 604 9.79 -75.04 -4.54
CA ALA K 604 9.20 -76.26 -5.11
C ALA K 604 10.24 -77.37 -5.21
N VAL K 605 11.46 -77.05 -5.61
CA VAL K 605 12.50 -78.06 -5.72
C VAL K 605 12.85 -78.63 -4.36
N ARG K 606 13.01 -77.76 -3.35
CA ARG K 606 13.37 -78.23 -2.02
C ARG K 606 12.22 -78.99 -1.36
N ALA K 607 10.98 -78.58 -1.60
CA ALA K 607 9.84 -79.28 -1.02
C ALA K 607 9.64 -80.66 -1.63
N ASN K 608 10.13 -80.88 -2.85
CA ASN K 608 10.01 -82.17 -3.52
C ASN K 608 11.31 -82.96 -3.55
N ASP K 609 12.42 -82.37 -3.11
CA ASP K 609 13.70 -83.06 -2.92
C ASP K 609 14.21 -83.69 -4.22
N ILE K 610 14.48 -82.82 -5.18
CA ILE K 610 15.14 -83.23 -6.42
C ILE K 610 16.64 -83.04 -6.24
N ASN K 611 17.43 -84.02 -6.68
CA ASN K 611 18.87 -83.92 -6.62
C ASN K 611 19.37 -82.78 -7.48
N TYR K 612 19.89 -81.73 -6.85
CA TYR K 612 20.40 -80.57 -7.55
C TYR K 612 21.92 -80.48 -7.51
N GLN K 613 22.58 -81.29 -6.67
CA GLN K 613 24.03 -81.24 -6.55
C GLN K 613 24.69 -81.71 -7.83
N ASP K 614 25.75 -80.99 -8.24
CA ASP K 614 26.51 -81.26 -9.45
C ASP K 614 25.65 -81.19 -10.71
N GLN K 615 24.52 -80.50 -10.63
CA GLN K 615 23.61 -80.33 -11.77
C GLN K 615 23.16 -78.90 -11.99
N ILE K 616 23.30 -78.03 -11.00
CA ILE K 616 22.90 -76.62 -11.12
C ILE K 616 24.11 -75.78 -10.75
N PRO K 617 24.14 -74.51 -11.17
CA PRO K 617 25.24 -73.62 -10.77
C PRO K 617 25.33 -73.50 -9.26
N ARG K 618 26.56 -73.27 -8.78
CA ARG K 618 26.82 -73.27 -7.35
C ARG K 618 26.06 -72.15 -6.64
N THR K 619 25.94 -70.99 -7.28
CA THR K 619 25.10 -69.94 -6.72
C THR K 619 23.64 -70.36 -6.62
N LEU K 620 23.15 -71.18 -7.55
CA LEU K 620 21.82 -71.73 -7.43
C LEU K 620 21.72 -72.71 -6.27
N GLU K 621 22.79 -73.46 -6.00
CA GLU K 621 22.81 -74.31 -4.81
C GLU K 621 22.76 -73.48 -3.53
N GLU K 622 23.47 -72.36 -3.52
CA GLU K 622 23.41 -71.47 -2.36
C GLU K 622 22.03 -70.86 -2.19
N PHE K 623 21.36 -70.53 -3.30
CA PHE K 623 19.98 -70.05 -3.21
C PHE K 623 19.04 -71.14 -2.72
N VAL K 624 19.27 -72.38 -3.14
CA VAL K 624 18.48 -73.50 -2.64
C VAL K 624 18.68 -73.66 -1.14
N GLY K 625 19.92 -73.54 -0.68
CA GLY K 625 20.18 -73.53 0.76
C GLY K 625 19.50 -72.36 1.46
N PHE K 626 19.39 -71.23 0.78
CA PHE K 626 18.65 -70.10 1.35
C PHE K 626 17.18 -70.45 1.53
N HIS K 627 16.60 -71.17 0.57
CA HIS K 627 15.23 -71.67 0.68
C HIS K 627 15.27 -73.05 1.31
N MET L 1 -35.72 110.23 -8.69
CA MET L 1 -36.92 109.88 -9.43
C MET L 1 -37.00 108.37 -9.66
N GLU L 2 -35.96 107.82 -10.29
CA GLU L 2 -35.91 106.38 -10.50
C GLU L 2 -35.80 105.62 -9.18
N GLY L 3 -34.97 106.12 -8.26
CA GLY L 3 -34.86 105.48 -6.96
C GLY L 3 -36.13 105.59 -6.14
N LEU L 4 -36.80 106.74 -6.21
CA LEU L 4 -38.05 106.92 -5.48
C LEU L 4 -39.16 106.03 -6.03
N ALA L 5 -39.06 105.64 -7.30
CA ALA L 5 -40.06 104.76 -7.90
C ALA L 5 -40.06 103.38 -7.24
N GLY L 6 -38.89 102.92 -6.76
CA GLY L 6 -38.84 101.66 -6.06
C GLY L 6 -39.61 101.69 -4.75
N TYR L 7 -39.49 102.78 -4.00
CA TYR L 7 -40.24 102.92 -2.76
C TYR L 7 -41.73 103.12 -3.04
N VAL L 8 -42.08 103.74 -4.16
CA VAL L 8 -43.48 103.91 -4.52
C VAL L 8 -44.13 102.55 -4.77
N TYR L 9 -43.43 101.69 -5.51
CA TYR L 9 -43.93 100.33 -5.72
C TYR L 9 -43.91 99.53 -4.42
N LYS L 10 -42.87 99.73 -3.60
CA LYS L 10 -42.77 99.02 -2.33
C LYS L 10 -43.90 99.43 -1.38
N ALA L 11 -44.22 100.73 -1.34
CA ALA L 11 -45.28 101.21 -0.46
C ALA L 11 -46.64 100.64 -0.85
N ALA L 12 -46.92 100.58 -2.15
CA ALA L 12 -48.19 100.03 -2.61
C ALA L 12 -48.28 98.53 -2.35
N SER L 13 -47.16 97.81 -2.50
CA SER L 13 -47.16 96.37 -2.31
C SER L 13 -47.33 96.01 -0.83
N GLU L 14 -46.73 96.79 0.07
CA GLU L 14 -46.77 96.47 1.49
C GLU L 14 -48.03 96.97 2.18
N GLY L 15 -48.89 97.70 1.48
CA GLY L 15 -50.16 98.13 2.04
C GLY L 15 -50.14 99.45 2.78
N LYS L 16 -48.98 100.06 2.98
CA LYS L 16 -48.93 101.36 3.62
C LYS L 16 -49.46 102.44 2.67
N VAL L 17 -50.21 103.38 3.22
CA VAL L 17 -50.91 104.38 2.42
C VAL L 17 -50.35 105.78 2.63
N LEU L 18 -50.06 106.15 3.88
CA LEU L 18 -49.56 107.50 4.16
C LEU L 18 -48.19 107.73 3.53
N THR L 19 -47.31 106.73 3.58
CA THR L 19 -45.99 106.87 2.98
C THR L 19 -46.08 106.98 1.46
N LEU L 20 -46.95 106.18 0.84
CA LEU L 20 -47.13 106.24 -0.61
C LEU L 20 -47.68 107.60 -1.03
N ALA L 21 -48.65 108.13 -0.27
CA ALA L 21 -49.19 109.46 -0.57
C ALA L 21 -48.12 110.54 -0.40
N ALA L 22 -47.29 110.41 0.63
CA ALA L 22 -46.24 111.40 0.88
C ALA L 22 -45.23 111.43 -0.26
N LEU L 23 -44.84 110.26 -0.77
CA LEU L 23 -43.91 110.21 -1.90
C LEU L 23 -44.56 110.75 -3.17
N LEU L 24 -45.87 110.59 -3.30
CA LEU L 24 -46.62 111.15 -4.42
C LEU L 24 -47.11 112.56 -4.15
N LEU L 25 -46.91 113.09 -2.94
CA LEU L 25 -47.35 114.42 -2.61
C LEU L 25 -46.44 115.46 -3.26
N ASN L 26 -47.05 116.59 -3.65
CA ASN L 26 -46.34 117.69 -4.32
C ASN L 26 -45.62 117.21 -5.57
N ARG L 27 -46.25 116.31 -6.31
CA ARG L 27 -45.72 115.77 -7.55
C ARG L 27 -46.61 116.22 -8.71
N SER L 28 -45.96 116.69 -9.79
CA SER L 28 -46.70 117.14 -10.96
C SER L 28 -47.32 115.94 -11.69
N GLU L 29 -48.18 116.25 -12.65
CA GLU L 29 -48.84 115.20 -13.43
C GLU L 29 -47.85 114.38 -14.25
N SER L 30 -46.70 114.98 -14.61
CA SER L 30 -45.65 114.20 -15.24
C SER L 30 -45.10 113.14 -14.29
N ASP L 31 -44.94 113.50 -13.01
CA ASP L 31 -44.46 112.53 -12.03
C ASP L 31 -45.55 111.55 -11.63
N ILE L 32 -46.82 111.96 -11.68
CA ILE L 32 -47.92 111.10 -11.23
C ILE L 32 -48.07 109.91 -12.17
N ARG L 33 -48.10 110.17 -13.48
CA ARG L 33 -48.24 109.08 -14.44
C ARG L 33 -46.99 108.22 -14.52
N TYR L 34 -45.81 108.82 -14.36
CA TYR L 34 -44.57 108.05 -14.38
C TYR L 34 -44.47 107.14 -13.16
N LEU L 35 -44.82 107.64 -11.97
CA LEU L 35 -44.70 106.84 -10.77
C LEU L 35 -45.80 105.79 -10.67
N LEU L 36 -46.97 106.07 -11.24
CA LEU L 36 -48.09 105.13 -11.27
C LEU L 36 -48.19 104.57 -12.68
N GLY L 37 -47.47 103.49 -12.93
CA GLY L 37 -47.38 102.90 -14.25
C GLY L 37 -46.00 102.40 -14.57
N TYR L 38 -45.06 102.61 -13.64
CA TYR L 38 -43.69 102.15 -13.78
C TYR L 38 -43.61 100.73 -13.24
N VAL L 39 -43.41 99.76 -14.13
CA VAL L 39 -43.38 98.36 -13.73
C VAL L 39 -42.11 98.07 -12.94
N SER L 40 -42.23 97.23 -11.92
CA SER L 40 -41.11 96.84 -11.08
C SER L 40 -41.13 95.34 -10.88
N GLN L 41 -39.96 94.72 -10.92
CA GLN L 41 -39.82 93.28 -10.76
C GLN L 41 -39.65 92.96 -9.27
N GLN L 42 -40.53 92.12 -8.73
CA GLN L 42 -40.48 91.73 -7.33
C GLN L 42 -41.01 90.32 -7.22
N GLY L 43 -40.13 89.37 -6.96
CA GLY L 43 -40.52 87.97 -6.89
C GLY L 43 -40.98 87.40 -8.21
N GLY L 44 -40.32 87.77 -9.31
CA GLY L 44 -40.67 87.25 -10.62
C GLY L 44 -41.92 87.83 -11.24
N GLN L 45 -42.45 88.92 -10.70
CA GLN L 45 -43.67 89.53 -11.21
C GLN L 45 -43.38 90.95 -11.66
N ARG L 46 -43.79 91.28 -12.88
CA ARG L 46 -43.62 92.63 -13.43
C ARG L 46 -44.93 93.40 -13.26
N SER L 47 -45.21 93.76 -12.01
CA SER L 47 -46.47 94.38 -11.64
C SER L 47 -46.31 95.89 -11.46
N THR L 48 -47.31 96.63 -11.92
CA THR L 48 -47.36 98.06 -11.69
C THR L 48 -47.71 98.35 -10.23
N PRO L 49 -47.40 99.56 -9.74
CA PRO L 49 -47.78 99.90 -8.36
C PRO L 49 -49.27 99.77 -8.09
N LEU L 50 -50.12 100.12 -9.06
CA LEU L 50 -51.56 99.93 -8.88
C LEU L 50 -51.92 98.45 -8.87
N ILE L 51 -51.29 97.64 -9.74
CA ILE L 51 -51.64 96.23 -9.85
C ILE L 51 -51.22 95.47 -8.60
N ILE L 52 -50.02 95.75 -8.09
CA ILE L 52 -49.51 94.99 -6.94
C ILE L 52 -50.36 95.21 -5.70
N ALA L 53 -51.01 96.38 -5.59
CA ALA L 53 -51.93 96.59 -4.48
C ALA L 53 -53.22 95.81 -4.69
N ALA L 54 -53.72 95.79 -5.93
CA ALA L 54 -54.90 94.98 -6.25
C ALA L 54 -54.57 93.50 -6.14
N ARG L 55 -53.36 93.10 -6.54
CA ARG L 55 -52.95 91.69 -6.44
C ARG L 55 -52.91 91.25 -4.99
N ASN L 56 -52.43 92.10 -4.09
CA ASN L 56 -52.35 91.79 -2.67
C ASN L 56 -53.63 92.16 -1.92
N GLY L 57 -54.66 92.62 -2.62
CA GLY L 57 -55.91 92.99 -1.99
C GLY L 57 -55.84 94.22 -1.10
N HIS L 58 -55.12 95.25 -1.53
CA HIS L 58 -55.03 96.51 -0.79
C HIS L 58 -56.03 97.48 -1.41
N ALA L 59 -57.26 97.45 -0.90
CA ALA L 59 -58.31 98.32 -1.42
C ALA L 59 -58.00 99.79 -1.16
N LYS L 60 -57.50 100.11 0.03
CA LYS L 60 -57.21 101.51 0.37
C LYS L 60 -56.11 102.07 -0.52
N VAL L 61 -55.07 101.28 -0.79
CA VAL L 61 -54.01 101.72 -1.69
C VAL L 61 -54.54 101.90 -3.10
N VAL L 62 -55.36 100.95 -3.57
CA VAL L 62 -55.95 101.06 -4.90
C VAL L 62 -56.90 102.25 -4.98
N ARG L 63 -57.73 102.43 -3.95
CA ARG L 63 -58.62 103.58 -3.91
C ARG L 63 -57.85 104.89 -3.85
N LEU L 64 -56.68 104.89 -3.21
CA LEU L 64 -55.84 106.08 -3.19
C LEU L 64 -55.35 106.45 -4.58
N LEU L 65 -54.92 105.45 -5.36
CA LEU L 65 -54.41 105.73 -6.70
C LEU L 65 -55.54 105.97 -7.70
N LEU L 66 -56.67 105.27 -7.54
CA LEU L 66 -57.75 105.35 -8.52
C LEU L 66 -58.48 106.68 -8.43
N GLU L 67 -59.10 106.95 -7.28
CA GLU L 67 -60.01 108.09 -7.18
C GLU L 67 -59.26 109.41 -7.19
N HIS L 68 -58.17 109.51 -6.43
CA HIS L 68 -57.45 110.78 -6.30
C HIS L 68 -56.49 111.01 -7.46
N TYR L 69 -55.56 110.09 -7.68
CA TYR L 69 -54.49 110.27 -8.66
C TYR L 69 -54.91 109.96 -10.09
N ARG L 70 -56.07 109.33 -10.28
CA ARG L 70 -56.63 109.04 -11.61
C ARG L 70 -55.66 108.20 -12.45
N VAL L 71 -55.39 106.99 -11.98
CA VAL L 71 -54.51 106.06 -12.66
C VAL L 71 -55.35 105.14 -13.54
N GLN L 72 -54.81 104.78 -14.70
CA GLN L 72 -55.53 103.97 -15.67
C GLN L 72 -55.75 102.56 -15.14
N THR L 73 -56.85 101.94 -15.59
CA THR L 73 -57.20 100.58 -15.21
C THR L 73 -56.98 99.59 -16.36
N GLN L 74 -56.07 99.92 -17.27
CA GLN L 74 -55.77 99.05 -18.41
C GLN L 74 -54.29 98.69 -18.50
N GLN L 75 -53.49 99.03 -17.48
CA GLN L 75 -52.09 98.65 -17.49
C GLN L 75 -51.97 97.14 -17.30
N THR L 76 -51.01 96.55 -18.00
CA THR L 76 -50.80 95.10 -17.99
C THR L 76 -49.60 94.77 -17.13
N GLY L 77 -49.78 93.83 -16.21
CA GLY L 77 -48.72 93.44 -15.31
C GLY L 77 -48.65 91.93 -15.17
N THR L 78 -47.42 91.43 -15.17
CA THR L 78 -47.17 90.00 -15.02
C THR L 78 -47.24 89.62 -13.55
N VAL L 79 -47.99 88.55 -13.25
CA VAL L 79 -48.14 88.06 -11.89
C VAL L 79 -47.90 86.55 -11.89
N ARG L 80 -47.58 86.02 -10.70
CA ARG L 80 -47.25 84.62 -10.52
C ARG L 80 -48.20 84.01 -9.48
N PHE L 81 -48.94 82.99 -9.87
CA PHE L 81 -49.78 82.23 -8.96
C PHE L 81 -49.18 80.83 -8.79
N ASP L 82 -49.89 79.97 -8.05
CA ASP L 82 -49.40 78.63 -7.75
C ASP L 82 -49.45 77.77 -9.01
N GLY L 83 -48.29 77.54 -9.61
CA GLY L 83 -48.18 76.67 -10.77
C GLY L 83 -48.53 77.30 -12.10
N TYR L 84 -48.91 78.58 -12.11
CA TYR L 84 -49.28 79.26 -13.34
C TYR L 84 -48.58 80.60 -13.43
N VAL L 85 -48.23 81.01 -14.64
CA VAL L 85 -47.63 82.30 -14.92
C VAL L 85 -48.60 83.09 -15.77
N ILE L 86 -49.02 84.25 -15.28
CA ILE L 86 -50.02 85.09 -15.93
C ILE L 86 -49.38 86.41 -16.32
N ASP L 87 -49.49 86.77 -17.60
CA ASP L 87 -48.95 88.02 -18.12
C ASP L 87 -50.06 88.79 -18.81
N GLY L 88 -49.98 90.12 -18.74
CA GLY L 88 -50.99 90.97 -19.34
C GLY L 88 -52.24 91.17 -18.51
N ALA L 89 -52.27 90.63 -17.29
CA ALA L 89 -53.44 90.80 -16.44
C ALA L 89 -53.49 92.21 -15.86
N THR L 90 -54.66 92.83 -15.93
CA THR L 90 -54.85 94.15 -15.36
C THR L 90 -55.06 94.04 -13.85
N ALA L 91 -55.34 95.18 -13.21
CA ALA L 91 -55.56 95.18 -11.78
C ALA L 91 -56.83 94.43 -11.39
N LEU L 92 -57.85 94.46 -12.27
CA LEU L 92 -59.07 93.71 -12.01
C LEU L 92 -58.82 92.20 -12.00
N TRP L 93 -58.00 91.72 -12.93
CA TRP L 93 -57.71 90.29 -13.01
C TRP L 93 -56.95 89.81 -11.78
N CYS L 94 -55.96 90.59 -11.34
CA CYS L 94 -55.17 90.19 -10.18
C CYS L 94 -56.00 90.21 -8.90
N ALA L 95 -56.88 91.21 -8.76
CA ALA L 95 -57.75 91.26 -7.59
C ALA L 95 -58.73 90.09 -7.58
N ALA L 96 -59.28 89.75 -8.74
CA ALA L 96 -60.15 88.57 -8.84
C ALA L 96 -59.35 87.27 -8.85
N GLY L 97 -58.11 87.31 -9.33
CA GLY L 97 -57.29 86.11 -9.33
C GLY L 97 -56.94 85.64 -7.93
N ALA L 98 -56.62 86.59 -7.04
CA ALA L 98 -56.33 86.26 -5.65
C ALA L 98 -57.59 86.20 -4.79
N GLY L 99 -58.77 86.43 -5.38
CA GLY L 99 -60.02 86.36 -4.65
C GLY L 99 -60.20 87.42 -3.58
N HIS L 100 -59.87 88.67 -3.88
CA HIS L 100 -60.04 89.78 -2.95
C HIS L 100 -61.19 90.64 -3.47
N PHE L 101 -62.36 90.50 -2.85
CA PHE L 101 -63.55 91.22 -3.31
C PHE L 101 -63.48 92.70 -2.99
N GLU L 102 -62.66 93.09 -2.00
CA GLU L 102 -62.61 94.49 -1.59
C GLU L 102 -61.97 95.39 -2.63
N VAL L 103 -61.28 94.83 -3.61
CA VAL L 103 -60.62 95.64 -4.64
C VAL L 103 -61.34 95.46 -5.97
N VAL L 104 -62.00 94.31 -6.15
CA VAL L 104 -62.67 94.03 -7.42
C VAL L 104 -63.80 95.03 -7.66
N LYS L 105 -64.63 95.27 -6.64
CA LYS L 105 -65.75 96.19 -6.81
C LYS L 105 -65.29 97.64 -6.99
N LEU L 106 -64.10 97.99 -6.50
CA LEU L 106 -63.59 99.33 -6.69
C LEU L 106 -63.09 99.55 -8.12
N LEU L 107 -62.51 98.51 -8.73
CA LEU L 107 -61.94 98.65 -10.06
C LEU L 107 -63.04 98.71 -11.13
N VAL L 108 -64.07 97.89 -10.99
CA VAL L 108 -65.17 97.90 -11.95
C VAL L 108 -65.91 99.23 -11.88
N SER L 109 -66.05 99.79 -10.68
CA SER L 109 -66.70 101.09 -10.53
C SER L 109 -65.90 102.19 -11.22
N HIS L 110 -64.56 102.12 -11.13
CA HIS L 110 -63.73 103.11 -11.80
C HIS L 110 -63.81 103.00 -13.31
N GLY L 111 -64.03 101.79 -13.83
CA GLY L 111 -64.14 101.60 -15.26
C GLY L 111 -63.16 100.59 -15.84
N ALA L 112 -62.70 99.66 -15.01
CA ALA L 112 -61.81 98.61 -15.47
C ALA L 112 -62.54 97.67 -16.42
N ASN L 113 -61.79 97.08 -17.35
CA ASN L 113 -62.36 96.16 -18.32
C ASN L 113 -62.70 94.84 -17.64
N VAL L 114 -63.99 94.54 -17.52
CA VAL L 114 -64.42 93.29 -16.92
C VAL L 114 -64.05 92.10 -17.80
N ASN L 115 -64.15 92.27 -19.13
CA ASN L 115 -63.84 91.23 -20.09
C ASN L 115 -62.40 91.27 -20.56
N HIS L 116 -61.50 91.84 -19.77
CA HIS L 116 -60.09 91.89 -20.14
C HIS L 116 -59.48 90.48 -20.14
N THR L 117 -58.68 90.19 -21.15
CA THR L 117 -58.07 88.89 -21.32
C THR L 117 -56.56 88.97 -21.16
N THR L 118 -56.00 88.00 -20.45
CA THR L 118 -54.56 87.90 -20.29
C THR L 118 -53.95 87.24 -21.53
N VAL L 119 -52.69 86.81 -21.43
CA VAL L 119 -52.04 86.15 -22.56
C VAL L 119 -52.74 84.83 -22.88
N THR L 120 -53.10 84.06 -21.86
CA THR L 120 -53.84 82.81 -22.08
C THR L 120 -55.36 83.01 -22.00
N ASN L 121 -55.83 84.06 -22.67
CA ASN L 121 -57.25 84.40 -22.83
C ASN L 121 -58.04 84.21 -21.54
N SER L 122 -57.48 84.70 -20.44
CA SER L 122 -58.06 84.50 -19.12
C SER L 122 -58.79 85.76 -18.68
N THR L 123 -60.07 85.61 -18.34
CA THR L 123 -61.08 86.52 -17.81
C THR L 123 -60.91 86.66 -16.30
N PRO L 124 -61.10 87.86 -15.75
CA PRO L 124 -61.15 87.98 -14.27
C PRO L 124 -62.26 87.15 -13.66
N LEU L 125 -63.38 86.98 -14.39
CA LEU L 125 -64.41 86.05 -13.95
C LEU L 125 -63.89 84.62 -13.90
N ARG L 126 -63.08 84.24 -14.89
CA ARG L 126 -62.48 82.91 -14.89
C ARG L 126 -61.52 82.74 -13.71
N ALA L 127 -60.77 83.80 -13.38
CA ALA L 127 -59.87 83.72 -12.24
C ALA L 127 -60.61 83.83 -10.92
N ALA L 128 -61.77 84.49 -10.91
CA ALA L 128 -62.55 84.61 -9.68
C ALA L 128 -63.09 83.26 -9.24
N CYS L 129 -63.73 82.53 -10.15
CA CYS L 129 -64.21 81.19 -9.85
C CYS L 129 -63.05 80.21 -9.64
N PHE L 130 -61.88 80.52 -10.20
CA PHE L 130 -60.69 79.72 -9.92
C PHE L 130 -60.32 79.80 -8.45
N ASP L 131 -60.40 81.00 -7.86
CA ASP L 131 -60.15 81.20 -6.44
C ASP L 131 -61.28 80.72 -5.56
N GLY L 132 -62.50 80.64 -6.09
CA GLY L 132 -63.64 80.16 -5.33
C GLY L 132 -64.47 81.21 -4.64
N ARG L 133 -64.18 82.50 -4.87
CA ARG L 133 -64.95 83.57 -4.25
C ARG L 133 -66.21 83.83 -5.09
N LEU L 134 -67.37 83.43 -4.55
CA LEU L 134 -68.61 83.57 -5.30
C LEU L 134 -69.03 85.03 -5.43
N ASP L 135 -68.73 85.86 -4.43
CA ASP L 135 -69.14 87.26 -4.48
C ASP L 135 -68.47 87.99 -5.64
N ILE L 136 -67.19 87.69 -5.90
CA ILE L 136 -66.53 88.26 -7.07
C ILE L 136 -67.15 87.73 -8.36
N VAL L 137 -67.51 86.45 -8.37
CA VAL L 137 -68.11 85.85 -9.57
C VAL L 137 -69.46 86.48 -9.85
N LYS L 138 -70.28 86.66 -8.80
CA LYS L 138 -71.58 87.30 -8.98
C LYS L 138 -71.44 88.75 -9.41
N TYR L 139 -70.49 89.48 -8.81
CA TYR L 139 -70.33 90.89 -9.11
C TYR L 139 -69.89 91.13 -10.55
N LEU L 140 -68.96 90.31 -11.03
CA LEU L 140 -68.44 90.51 -12.38
C LEU L 140 -69.48 90.18 -13.44
N VAL L 141 -70.23 89.08 -13.25
CA VAL L 141 -71.25 88.70 -14.22
C VAL L 141 -72.34 89.75 -14.32
N GLU L 142 -72.77 90.28 -13.16
CA GLU L 142 -73.74 91.37 -13.16
C GLU L 142 -73.14 92.66 -13.73
N ASN L 143 -71.81 92.75 -13.82
CA ASN L 143 -71.14 93.89 -14.44
C ASN L 143 -70.61 93.55 -15.83
N ASN L 144 -71.38 92.77 -16.59
CA ASN L 144 -71.09 92.42 -17.98
C ASN L 144 -69.76 91.67 -18.11
N ALA L 145 -69.73 90.49 -17.52
CA ALA L 145 -68.64 89.53 -17.73
C ALA L 145 -69.15 88.41 -18.63
N ASN L 146 -68.45 88.16 -19.73
CA ASN L 146 -68.87 87.14 -20.68
C ASN L 146 -68.41 85.78 -20.18
N ILE L 147 -69.38 84.96 -19.74
CA ILE L 147 -69.06 83.64 -19.21
C ILE L 147 -68.59 82.71 -20.32
N SER L 148 -69.20 82.81 -21.50
CA SER L 148 -68.92 81.90 -22.60
C SER L 148 -67.52 82.06 -23.17
N ILE L 149 -66.80 83.13 -22.84
CA ILE L 149 -65.44 83.31 -23.32
C ILE L 149 -64.54 82.28 -22.64
N ALA L 150 -63.82 81.51 -23.45
CA ALA L 150 -62.89 80.50 -22.96
C ALA L 150 -61.45 81.00 -23.07
N ASN L 151 -60.54 80.20 -22.54
CA ASN L 151 -59.11 80.51 -22.64
C ASN L 151 -58.60 80.07 -24.01
N LYS L 152 -57.29 80.15 -24.21
CA LYS L 152 -56.72 79.64 -25.46
C LYS L 152 -56.77 78.12 -25.53
N TYR L 153 -56.98 77.44 -24.40
CA TYR L 153 -57.13 76.01 -24.35
C TYR L 153 -58.59 75.57 -24.38
N ASP L 154 -59.49 76.48 -24.79
CA ASP L 154 -60.92 76.20 -24.97
C ASP L 154 -61.60 75.81 -23.67
N ASN L 155 -61.06 76.26 -22.53
CA ASN L 155 -61.66 76.03 -21.23
C ASN L 155 -62.35 77.31 -20.78
N THR L 156 -63.66 77.21 -20.54
CA THR L 156 -64.44 78.39 -20.17
C THR L 156 -64.30 78.65 -18.67
N CYS L 157 -65.11 79.59 -18.16
CA CYS L 157 -65.09 79.88 -16.73
C CYS L 157 -65.63 78.72 -15.92
N LEU L 158 -66.69 78.07 -16.41
CA LEU L 158 -67.32 76.99 -15.66
C LEU L 158 -66.46 75.73 -15.63
N MET L 159 -65.69 75.48 -16.69
CA MET L 159 -64.96 74.22 -16.78
C MET L 159 -63.78 74.17 -15.81
N ILE L 160 -63.05 75.28 -15.66
CA ILE L 160 -61.93 75.29 -14.73
C ILE L 160 -62.42 75.21 -13.29
N ALA L 161 -63.54 75.89 -12.98
CA ALA L 161 -64.08 75.84 -11.64
C ALA L 161 -64.64 74.46 -11.31
N ALA L 162 -65.06 73.71 -12.33
CA ALA L 162 -65.52 72.34 -12.10
C ALA L 162 -64.38 71.45 -11.62
N TYR L 163 -63.17 71.68 -12.12
CA TYR L 163 -62.00 70.97 -11.60
C TYR L 163 -61.74 71.32 -10.14
N LYS L 164 -61.89 72.59 -9.79
CA LYS L 164 -61.67 73.03 -8.42
C LYS L 164 -62.83 72.60 -7.53
N GLY L 165 -62.58 72.60 -6.22
CA GLY L 165 -63.58 72.22 -5.24
C GLY L 165 -64.46 73.36 -4.80
N HIS L 166 -65.03 74.09 -5.76
CA HIS L 166 -65.90 75.23 -5.48
C HIS L 166 -67.20 75.04 -6.26
N THR L 167 -68.17 74.37 -5.64
CA THR L 167 -69.48 74.22 -6.27
C THR L 167 -70.28 75.52 -6.27
N ASP L 168 -70.00 76.41 -5.32
CA ASP L 168 -70.74 77.67 -5.23
C ASP L 168 -70.58 78.51 -6.49
N VAL L 169 -69.36 78.60 -7.02
CA VAL L 169 -69.16 79.35 -8.26
C VAL L 169 -69.61 78.54 -9.46
N VAL L 170 -69.62 77.21 -9.36
CA VAL L 170 -70.11 76.37 -10.44
C VAL L 170 -71.62 76.50 -10.57
N ARG L 171 -72.33 76.49 -9.44
CA ARG L 171 -73.79 76.57 -9.46
C ARG L 171 -74.27 77.90 -10.02
N TYR L 172 -73.63 79.00 -9.59
CA TYR L 172 -74.04 80.31 -10.09
C TYR L 172 -73.74 80.47 -11.57
N LEU L 173 -72.56 80.02 -12.02
CA LEU L 173 -72.22 80.13 -13.43
C LEU L 173 -73.11 79.24 -14.28
N LEU L 174 -73.48 78.07 -13.76
CA LEU L 174 -74.42 77.20 -14.48
C LEU L 174 -75.78 77.87 -14.63
N GLU L 175 -76.29 78.47 -13.56
CA GLU L 175 -77.59 79.13 -13.61
C GLU L 175 -77.57 80.45 -14.36
N GLN L 176 -76.38 80.98 -14.69
CA GLN L 176 -76.25 82.24 -15.40
C GLN L 176 -76.11 82.05 -16.91
N ARG L 177 -76.73 81.00 -17.46
CA ARG L 177 -76.74 80.71 -18.90
C ARG L 177 -75.32 80.55 -19.44
N ALA L 178 -74.65 79.51 -18.95
CA ALA L 178 -73.36 79.08 -19.46
C ALA L 178 -73.51 77.71 -20.10
N ASP L 179 -72.92 77.56 -21.28
CA ASP L 179 -73.06 76.30 -22.02
C ASP L 179 -72.25 75.21 -21.35
N PRO L 180 -72.88 74.11 -20.91
CA PRO L 180 -72.10 73.00 -20.34
C PRO L 180 -71.50 72.08 -21.38
N ASN L 181 -71.78 72.29 -22.66
CA ASN L 181 -71.26 71.47 -23.75
C ASN L 181 -69.96 72.02 -24.33
N ALA L 182 -69.42 73.09 -23.76
CA ALA L 182 -68.16 73.63 -24.24
C ALA L 182 -67.02 72.66 -23.95
N LYS L 183 -66.22 72.38 -24.98
CA LYS L 183 -65.15 71.39 -24.89
C LYS L 183 -63.80 72.10 -24.84
N ALA L 184 -62.85 71.49 -24.14
CA ALA L 184 -61.50 72.03 -24.04
C ALA L 184 -60.73 71.68 -25.31
N HIS L 185 -59.41 71.86 -25.29
CA HIS L 185 -58.59 71.57 -26.46
C HIS L 185 -58.68 70.09 -26.82
N CYS L 186 -58.58 69.21 -25.83
CA CYS L 186 -58.79 67.77 -26.04
C CYS L 186 -60.21 67.35 -25.72
N GLY L 187 -61.19 68.07 -26.26
CA GLY L 187 -62.59 67.68 -26.18
C GLY L 187 -63.23 67.62 -24.80
N ALA L 188 -62.45 67.86 -23.75
CA ALA L 188 -62.97 67.73 -22.39
C ALA L 188 -63.91 68.88 -22.06
N THR L 189 -65.03 68.55 -21.42
CA THR L 189 -66.00 69.54 -20.99
C THR L 189 -65.85 69.81 -19.50
N ALA L 190 -66.80 70.58 -18.94
CA ALA L 190 -66.77 70.88 -17.52
C ALA L 190 -66.95 69.62 -16.68
N LEU L 191 -67.85 68.73 -17.10
CA LEU L 191 -68.08 67.50 -16.36
C LEU L 191 -66.86 66.59 -16.40
N HIS L 192 -66.03 66.70 -17.45
CA HIS L 192 -64.79 65.92 -17.49
C HIS L 192 -63.85 66.32 -16.37
N PHE L 193 -63.73 67.63 -16.12
CA PHE L 193 -62.91 68.10 -15.01
C PHE L 193 -63.56 67.74 -13.67
N ALA L 194 -64.90 67.82 -13.61
CA ALA L 194 -65.60 67.40 -12.40
C ALA L 194 -65.43 65.91 -12.15
N ALA L 195 -65.49 65.09 -13.21
CA ALA L 195 -65.25 63.66 -13.07
C ALA L 195 -63.83 63.38 -12.59
N GLU L 196 -62.85 64.13 -13.10
CA GLU L 196 -61.49 64.02 -12.60
C GLU L 196 -61.40 64.44 -11.15
N ALA L 197 -62.11 65.52 -10.79
CA ALA L 197 -62.10 65.97 -9.40
C ALA L 197 -62.96 65.08 -8.52
N GLY L 198 -64.15 64.70 -8.99
CA GLY L 198 -65.01 63.82 -8.23
C GLY L 198 -66.05 64.55 -7.40
N HIS L 199 -66.44 65.74 -7.82
CA HIS L 199 -67.44 66.54 -7.10
C HIS L 199 -68.83 66.04 -7.48
N ILE L 200 -69.55 65.49 -6.49
CA ILE L 200 -70.87 64.92 -6.75
C ILE L 200 -71.86 66.03 -7.11
N ASP L 201 -71.89 67.10 -6.32
CA ASP L 201 -72.88 68.15 -6.50
C ASP L 201 -72.66 68.92 -7.79
N ILE L 202 -71.41 69.07 -8.24
CA ILE L 202 -71.15 69.71 -9.52
C ILE L 202 -71.71 68.87 -10.66
N VAL L 203 -71.52 67.55 -10.59
CA VAL L 203 -72.09 66.66 -11.60
C VAL L 203 -73.61 66.69 -11.54
N LYS L 204 -74.17 66.70 -10.33
CA LYS L 204 -75.63 66.77 -10.19
C LYS L 204 -76.18 68.07 -10.76
N GLU L 205 -75.47 69.18 -10.57
CA GLU L 205 -75.91 70.44 -11.14
C GLU L 205 -75.73 70.46 -12.66
N LEU L 206 -74.75 69.74 -13.17
CA LEU L 206 -74.53 69.72 -14.62
C LEU L 206 -75.59 68.87 -15.32
N ILE L 207 -75.93 67.71 -14.76
CA ILE L 207 -76.93 66.86 -15.39
C ILE L 207 -78.32 67.50 -15.32
N LYS L 208 -78.60 68.24 -14.24
CA LYS L 208 -79.85 68.98 -14.18
C LYS L 208 -79.89 70.09 -15.22
N TRP L 209 -78.76 70.76 -15.44
CA TRP L 209 -78.65 71.81 -16.45
C TRP L 209 -78.43 71.24 -17.86
N ARG L 210 -78.62 69.94 -18.03
CA ARG L 210 -78.45 69.25 -19.31
C ARG L 210 -77.02 69.45 -19.85
N ALA L 211 -76.08 68.85 -19.11
CA ALA L 211 -74.68 68.89 -19.53
C ALA L 211 -74.47 68.24 -20.89
N ALA L 212 -75.29 67.24 -21.23
CA ALA L 212 -75.23 66.52 -22.50
C ALA L 212 -73.83 65.92 -22.70
N ILE L 213 -73.53 64.95 -21.84
CA ILE L 213 -72.20 64.35 -21.76
C ILE L 213 -71.79 63.79 -23.12
N VAL L 214 -70.55 64.06 -23.50
CA VAL L 214 -69.95 63.55 -24.74
C VAL L 214 -68.53 63.11 -24.43
N VAL L 215 -67.96 62.32 -25.33
CA VAL L 215 -66.58 61.91 -25.20
C VAL L 215 -65.66 63.10 -25.44
N ASN L 216 -64.48 63.05 -24.83
CA ASN L 216 -63.49 64.12 -25.00
C ASN L 216 -62.66 63.84 -26.25
N GLY L 217 -61.55 64.55 -26.40
CA GLY L 217 -60.66 64.32 -27.52
C GLY L 217 -60.00 62.97 -27.52
N HIS L 218 -59.93 62.31 -26.35
CA HIS L 218 -59.43 60.96 -26.25
C HIS L 218 -60.47 59.91 -26.59
N GLY L 219 -61.72 60.31 -26.84
CA GLY L 219 -62.78 59.36 -27.10
C GLY L 219 -63.23 58.60 -25.87
N MET L 220 -62.87 59.06 -24.69
CA MET L 220 -63.17 58.37 -23.44
C MET L 220 -64.25 59.14 -22.69
N THR L 221 -65.29 58.44 -22.28
CA THR L 221 -66.37 59.08 -21.54
C THR L 221 -65.89 59.47 -20.15
N PRO L 222 -66.14 60.70 -19.69
CA PRO L 222 -65.73 61.08 -18.33
C PRO L 222 -66.43 60.26 -17.24
N LEU L 223 -67.58 59.66 -17.54
CA LEU L 223 -68.17 58.72 -16.59
C LEU L 223 -67.27 57.53 -16.35
N LYS L 224 -66.51 57.11 -17.36
CA LYS L 224 -65.48 56.10 -17.20
C LYS L 224 -64.18 56.70 -16.66
N VAL L 225 -63.91 57.97 -16.96
CA VAL L 225 -62.72 58.62 -16.40
C VAL L 225 -62.85 58.73 -14.89
N ALA L 226 -64.03 59.12 -14.40
CA ALA L 226 -64.28 59.09 -12.96
C ALA L 226 -64.18 57.67 -12.44
N ALA L 227 -64.72 56.70 -13.19
CA ALA L 227 -64.51 55.30 -12.85
C ALA L 227 -63.03 54.94 -12.88
N GLU L 228 -62.30 55.46 -13.87
CA GLU L 228 -60.85 55.25 -13.92
C GLU L 228 -60.14 55.99 -12.79
N SER L 229 -60.79 57.01 -12.21
CA SER L 229 -60.20 57.79 -11.14
C SER L 229 -60.64 57.31 -9.75
N CYS L 230 -61.20 56.11 -9.66
CA CYS L 230 -61.67 55.54 -8.39
C CYS L 230 -62.76 56.41 -7.74
N LYS L 231 -63.64 56.99 -8.56
CA LYS L 231 -64.73 57.81 -8.04
C LYS L 231 -65.96 56.94 -7.93
N ALA L 232 -66.09 56.25 -6.78
CA ALA L 232 -67.19 55.31 -6.59
C ALA L 232 -68.54 56.02 -6.59
N ASP L 233 -68.62 57.18 -5.93
CA ASP L 233 -69.89 57.89 -5.84
C ASP L 233 -70.31 58.49 -7.18
N VAL L 234 -69.35 59.01 -7.95
CA VAL L 234 -69.67 59.68 -9.21
C VAL L 234 -70.19 58.69 -10.24
N VAL L 235 -69.74 57.43 -10.17
CA VAL L 235 -70.20 56.43 -11.13
C VAL L 235 -71.70 56.20 -11.01
N GLU L 236 -72.20 56.02 -9.78
CA GLU L 236 -73.62 55.84 -9.58
C GLU L 236 -74.33 57.18 -9.47
N LEU L 237 -74.06 58.08 -10.42
CA LEU L 237 -74.72 59.38 -10.45
C LEU L 237 -75.33 59.62 -11.83
N LEU L 238 -74.71 59.07 -12.86
CA LEU L 238 -75.20 59.19 -14.22
C LEU L 238 -75.79 57.89 -14.76
N LEU L 239 -75.56 56.76 -14.08
CA LEU L 239 -76.30 55.55 -14.39
C LEU L 239 -77.80 55.73 -14.18
N SER L 240 -78.19 56.66 -13.31
CA SER L 240 -79.58 57.04 -13.12
C SER L 240 -80.00 58.20 -14.01
N HIS L 241 -79.11 58.71 -14.86
CA HIS L 241 -79.45 59.80 -15.77
C HIS L 241 -80.16 59.32 -17.03
N ALA L 242 -80.31 58.00 -17.21
CA ALA L 242 -81.05 57.41 -18.32
C ALA L 242 -80.49 57.81 -19.68
N ASP L 243 -79.16 58.00 -19.76
CA ASP L 243 -78.53 58.29 -21.03
C ASP L 243 -77.27 57.45 -21.28
N CYS L 244 -76.77 56.72 -20.29
CA CYS L 244 -75.62 55.86 -20.47
C CYS L 244 -75.98 54.48 -21.01
N ASP L 245 -77.26 54.17 -21.13
CA ASP L 245 -77.77 52.88 -21.62
C ASP L 245 -77.23 51.78 -20.72
N ARG L 246 -76.96 50.60 -21.30
CA ARG L 246 -76.49 49.45 -20.54
C ARG L 246 -75.00 49.17 -20.72
N ARG L 247 -74.49 49.30 -21.95
CA ARG L 247 -73.09 48.95 -22.21
C ARG L 247 -72.14 49.87 -21.46
N SER L 248 -72.41 51.18 -21.48
CA SER L 248 -71.56 52.11 -20.73
C SER L 248 -71.74 51.94 -19.23
N ARG L 249 -72.94 51.58 -18.79
CA ARG L 249 -73.17 51.32 -17.36
C ARG L 249 -72.34 50.14 -16.87
N ILE L 250 -72.29 49.07 -17.67
CA ILE L 250 -71.47 47.91 -17.30
C ILE L 250 -69.98 48.27 -17.39
N GLU L 251 -69.59 48.99 -18.44
CA GLU L 251 -68.19 49.35 -18.63
C GLU L 251 -67.69 50.25 -17.52
N ALA L 252 -68.52 51.21 -17.08
CA ALA L 252 -68.10 52.11 -16.01
C ALA L 252 -67.91 51.36 -14.70
N LEU L 253 -68.84 50.47 -14.35
CA LEU L 253 -68.73 49.73 -13.10
C LEU L 253 -67.53 48.78 -13.11
N GLU L 254 -67.26 48.13 -14.26
CA GLU L 254 -66.11 47.25 -14.35
C GLU L 254 -64.81 48.04 -14.32
N LEU L 255 -64.79 49.23 -14.93
CA LEU L 255 -63.60 50.07 -14.84
C LEU L 255 -63.44 50.67 -13.45
N LEU L 256 -64.54 50.97 -12.78
CA LEU L 256 -64.46 51.55 -11.43
C LEU L 256 -63.89 50.55 -10.44
N GLY L 257 -64.41 49.33 -10.44
CA GLY L 257 -63.89 48.31 -9.55
C GLY L 257 -62.47 47.91 -9.88
N ALA L 258 -62.13 47.88 -11.18
CA ALA L 258 -60.76 47.62 -11.58
C ALA L 258 -59.82 48.71 -11.09
N SER L 259 -60.30 49.95 -11.04
CA SER L 259 -59.48 51.06 -10.55
C SER L 259 -59.16 50.90 -9.07
N PHE L 260 -60.14 50.46 -8.28
CA PHE L 260 -59.91 50.31 -6.84
C PHE L 260 -58.96 49.15 -6.54
N ALA L 261 -58.87 48.16 -7.43
CA ALA L 261 -57.93 47.07 -7.24
C ALA L 261 -56.50 47.56 -7.32
N ASN L 262 -56.24 48.58 -8.13
CA ASN L 262 -54.88 49.04 -8.43
C ASN L 262 -54.83 50.55 -8.23
N ASP L 263 -54.63 50.97 -6.97
CA ASP L 263 -54.61 52.38 -6.62
C ASP L 263 -53.98 52.58 -5.25
N ARG L 264 -53.02 53.50 -5.15
CA ARG L 264 -52.38 53.76 -3.86
C ARG L 264 -53.33 54.49 -2.92
N GLU L 265 -54.00 55.53 -3.41
CA GLU L 265 -54.86 56.34 -2.57
C GLU L 265 -56.24 55.71 -2.34
N ASN L 266 -56.61 54.73 -3.15
CA ASN L 266 -57.95 54.14 -3.13
C ASN L 266 -57.86 52.61 -3.16
N TYR L 267 -57.05 52.06 -2.26
CA TYR L 267 -56.85 50.62 -2.19
C TYR L 267 -57.89 50.01 -1.25
N ASP L 268 -58.70 49.10 -1.77
CA ASP L 268 -59.69 48.37 -0.98
C ASP L 268 -60.09 47.13 -1.75
N ILE L 269 -60.37 46.06 -1.02
CA ILE L 269 -60.65 44.76 -1.63
C ILE L 269 -62.14 44.39 -1.60
N ILE L 270 -62.94 45.04 -0.77
CA ILE L 270 -64.36 44.71 -0.72
C ILE L 270 -65.14 45.44 -1.82
N LYS L 271 -64.74 46.67 -2.14
CA LYS L 271 -65.38 47.40 -3.24
C LYS L 271 -65.02 46.81 -4.60
N THR L 272 -63.79 46.30 -4.74
CA THR L 272 -63.33 45.82 -6.04
C THR L 272 -64.19 44.67 -6.55
N TYR L 273 -64.47 43.70 -5.68
CA TYR L 273 -65.33 42.58 -6.09
C TYR L 273 -66.75 43.06 -6.37
N HIS L 274 -67.29 43.92 -5.51
CA HIS L 274 -68.69 44.30 -5.61
C HIS L 274 -68.97 45.09 -6.88
N TYR L 275 -68.11 46.07 -7.20
CA TYR L 275 -68.31 46.84 -8.43
C TYR L 275 -68.11 45.97 -9.67
N LEU L 276 -67.16 45.02 -9.61
CA LEU L 276 -67.09 43.99 -10.64
C LEU L 276 -68.31 43.08 -10.60
N TYR L 277 -68.84 42.80 -9.40
CA TYR L 277 -70.00 41.94 -9.28
C TYR L 277 -71.24 42.57 -9.91
N LEU L 278 -71.42 43.88 -9.71
CA LEU L 278 -72.61 44.55 -10.24
C LEU L 278 -72.63 44.52 -11.77
N ALA L 279 -71.50 44.84 -12.39
CA ALA L 279 -71.46 44.93 -13.86
C ALA L 279 -71.61 43.56 -14.50
N MET L 280 -70.97 42.53 -13.95
CA MET L 280 -71.04 41.21 -14.56
C MET L 280 -72.39 40.54 -14.30
N LEU L 281 -73.03 40.84 -13.18
CA LEU L 281 -74.34 40.22 -12.91
C LEU L 281 -75.43 40.89 -13.74
N GLU L 282 -75.34 42.21 -13.95
CA GLU L 282 -76.30 42.89 -14.81
C GLU L 282 -76.17 42.44 -16.25
N ARG L 283 -74.99 41.95 -16.65
CA ARG L 283 -74.87 41.25 -17.92
C ARG L 283 -75.74 40.01 -17.94
N PHE L 284 -75.67 39.20 -16.87
CA PHE L 284 -76.39 37.93 -16.78
C PHE L 284 -77.78 38.15 -16.17
N GLN L 285 -78.55 39.03 -16.81
CA GLN L 285 -79.91 39.33 -16.40
C GLN L 285 -80.94 39.09 -17.49
N ASP L 286 -80.58 39.34 -18.75
CA ASP L 286 -81.52 39.10 -19.84
C ASP L 286 -81.68 37.61 -20.14
N GLY L 287 -80.65 36.82 -19.89
CA GLY L 287 -80.70 35.38 -20.14
C GLY L 287 -80.41 35.03 -21.58
N ASP L 288 -81.39 35.25 -22.47
CA ASP L 288 -81.23 34.96 -23.88
C ASP L 288 -80.68 36.14 -24.67
N ASN L 289 -80.48 37.29 -24.03
CA ASN L 289 -79.89 38.45 -24.67
C ASN L 289 -78.60 38.83 -23.94
N ILE L 290 -77.76 37.83 -23.69
CA ILE L 290 -76.52 38.05 -22.96
C ILE L 290 -75.63 39.04 -23.71
N LEU L 291 -74.91 39.86 -22.95
CA LEU L 291 -73.96 40.84 -23.48
C LEU L 291 -72.57 40.40 -23.02
N GLU L 292 -71.95 39.51 -23.79
CA GLU L 292 -70.63 39.02 -23.45
C GLU L 292 -69.60 40.13 -23.63
N LYS L 293 -68.74 40.31 -22.63
CA LYS L 293 -67.71 41.33 -22.70
C LYS L 293 -66.66 40.97 -23.74
N GLU L 294 -66.12 41.98 -24.41
CA GLU L 294 -65.11 41.79 -25.45
C GLU L 294 -63.75 41.53 -24.79
N VAL L 295 -63.56 40.28 -24.40
CA VAL L 295 -62.40 39.89 -23.59
C VAL L 295 -61.12 40.02 -24.41
N LEU L 296 -60.14 40.73 -23.88
CA LEU L 296 -58.82 40.76 -24.49
C LEU L 296 -58.10 39.44 -24.26
N PRO L 297 -57.20 39.06 -25.16
CA PRO L 297 -56.44 37.84 -24.95
C PRO L 297 -55.57 37.94 -23.72
N PRO L 298 -55.29 36.81 -23.06
CA PRO L 298 -54.46 36.85 -21.85
C PRO L 298 -53.07 37.37 -22.13
N ILE L 299 -52.52 38.10 -21.17
CA ILE L 299 -51.23 38.77 -21.29
C ILE L 299 -50.22 38.03 -20.42
N HIS L 300 -49.02 37.81 -20.96
CA HIS L 300 -47.97 37.11 -20.23
C HIS L 300 -47.61 37.82 -18.92
N ALA L 301 -47.73 39.15 -18.88
CA ALA L 301 -47.47 39.88 -17.66
C ALA L 301 -48.45 39.49 -16.56
N TYR L 302 -49.74 39.37 -16.90
CA TYR L 302 -50.77 39.03 -15.94
C TYR L 302 -51.02 37.52 -15.90
N GLY L 303 -49.95 36.75 -15.76
CA GLY L 303 -50.08 35.29 -15.81
C GLY L 303 -50.62 34.85 -17.15
N ASN L 304 -51.78 34.19 -17.13
CA ASN L 304 -52.50 33.84 -18.34
C ASN L 304 -54.00 34.01 -18.17
N ARG L 305 -54.41 34.94 -17.31
CA ARG L 305 -55.82 35.13 -17.02
C ARG L 305 -56.54 35.73 -18.22
N THR L 306 -57.73 35.21 -18.52
CA THR L 306 -58.56 35.64 -19.64
C THR L 306 -59.87 36.24 -19.14
N GLU L 307 -59.79 37.02 -18.06
CA GLU L 307 -60.93 37.71 -17.45
C GLU L 307 -61.97 36.72 -16.94
N CYS L 308 -63.15 37.23 -16.58
CA CYS L 308 -64.24 36.42 -16.06
C CYS L 308 -65.45 36.56 -16.99
N ARG L 309 -65.69 35.51 -17.78
CA ARG L 309 -66.85 35.48 -18.67
C ARG L 309 -68.06 34.82 -18.03
N ASN L 310 -67.91 34.30 -16.81
CA ASN L 310 -69.00 33.70 -16.05
C ASN L 310 -69.05 34.34 -14.67
N PRO L 311 -70.25 34.58 -14.12
CA PRO L 311 -70.34 35.20 -12.79
C PRO L 311 -69.69 34.39 -11.68
N GLN L 312 -69.76 33.05 -11.76
CA GLN L 312 -69.18 32.23 -10.72
C GLN L 312 -67.66 32.19 -10.78
N GLU L 313 -67.06 32.61 -11.90
CA GLU L 313 -65.61 32.68 -11.98
C GLU L 313 -65.05 33.71 -11.01
N LEU L 314 -65.67 34.89 -10.95
CA LEU L 314 -65.23 35.91 -10.01
C LEU L 314 -65.53 35.51 -8.57
N GLU L 315 -66.63 34.79 -8.34
CA GLU L 315 -66.97 34.36 -6.99
C GLU L 315 -65.93 33.41 -6.42
N SER L 316 -65.23 32.67 -7.28
CA SER L 316 -64.14 31.82 -6.82
C SER L 316 -62.97 32.65 -6.29
N ILE L 317 -62.71 33.79 -6.94
CA ILE L 317 -61.61 34.67 -6.54
C ILE L 317 -62.18 35.92 -5.89
N ARG L 318 -63.35 35.78 -5.27
CA ARG L 318 -64.02 36.93 -4.66
C ARG L 318 -63.18 37.55 -3.55
N GLN L 319 -62.58 36.71 -2.70
CA GLN L 319 -61.69 37.19 -1.64
C GLN L 319 -60.23 37.13 -2.00
N ASP L 320 -59.89 36.68 -3.21
CA ASP L 320 -58.50 36.59 -3.65
C ASP L 320 -57.96 38.00 -3.88
N ARG L 321 -57.13 38.47 -2.94
CA ARG L 321 -56.58 39.82 -3.06
C ARG L 321 -55.64 39.93 -4.26
N ASP L 322 -54.82 38.91 -4.49
CA ASP L 322 -53.86 38.96 -5.59
C ASP L 322 -54.56 38.86 -6.95
N ALA L 323 -55.53 37.95 -7.07
CA ALA L 323 -56.20 37.75 -8.36
C ALA L 323 -57.04 38.95 -8.75
N LEU L 324 -57.65 39.62 -7.78
CA LEU L 324 -58.50 40.77 -8.08
C LEU L 324 -57.70 41.89 -8.71
N HIS L 325 -56.49 42.15 -8.21
CA HIS L 325 -55.62 43.14 -8.83
C HIS L 325 -55.21 42.72 -10.23
N MET L 326 -54.86 41.44 -10.40
CA MET L 326 -54.49 40.94 -11.72
C MET L 326 -55.68 40.97 -12.67
N GLU L 327 -56.86 40.52 -12.19
CA GLU L 327 -58.06 40.56 -13.02
C GLU L 327 -58.46 41.99 -13.33
N GLY L 328 -58.34 42.89 -12.35
CA GLY L 328 -58.73 44.27 -12.57
C GLY L 328 -57.92 44.97 -13.63
N LEU L 329 -56.61 44.72 -13.65
CA LEU L 329 -55.76 45.39 -14.64
C LEU L 329 -56.09 44.93 -16.06
N ILE L 330 -56.45 43.65 -16.23
CA ILE L 330 -56.78 43.15 -17.56
C ILE L 330 -58.07 43.77 -18.07
N VAL L 331 -59.11 43.77 -17.24
CA VAL L 331 -60.39 44.33 -17.67
C VAL L 331 -60.27 45.85 -17.83
N ARG L 332 -59.47 46.50 -16.99
CA ARG L 332 -59.18 47.92 -17.19
C ARG L 332 -58.41 48.13 -18.49
N GLU L 333 -57.44 47.26 -18.78
CA GLU L 333 -56.77 47.30 -20.08
C GLU L 333 -57.74 47.00 -21.21
N ARG L 334 -58.70 46.10 -20.97
CA ARG L 334 -59.75 45.86 -21.95
C ARG L 334 -60.60 47.11 -22.17
N ILE L 335 -60.98 47.78 -21.08
CA ILE L 335 -61.84 48.95 -21.19
C ILE L 335 -61.06 50.13 -21.75
N LEU L 336 -59.87 50.39 -21.20
CA LEU L 336 -59.08 51.54 -21.65
C LEU L 336 -58.52 51.33 -23.04
N GLY L 337 -58.19 50.10 -23.40
CA GLY L 337 -57.52 49.84 -24.66
C GLY L 337 -56.06 50.19 -24.68
N ALA L 338 -55.46 50.47 -23.51
CA ALA L 338 -54.05 50.81 -23.37
C ALA L 338 -53.65 52.00 -24.24
N ASP L 339 -54.52 53.01 -24.32
CA ASP L 339 -54.26 54.19 -25.13
C ASP L 339 -54.22 55.49 -24.34
N ASN L 340 -54.91 55.57 -23.21
CA ASN L 340 -54.92 56.78 -22.41
C ASN L 340 -53.56 56.99 -21.74
N ILE L 341 -53.31 58.23 -21.33
CA ILE L 341 -52.05 58.58 -20.69
C ILE L 341 -51.97 58.07 -19.25
N ASP L 342 -53.04 57.49 -18.73
CA ASP L 342 -53.08 57.01 -17.35
C ASP L 342 -53.27 55.50 -17.28
N VAL L 343 -52.99 54.78 -18.36
CA VAL L 343 -53.16 53.33 -18.33
C VAL L 343 -52.09 52.67 -17.46
N SER L 344 -50.85 53.16 -17.52
CA SER L 344 -49.72 52.48 -16.89
C SER L 344 -49.53 52.86 -15.42
N HIS L 345 -49.96 54.05 -15.01
CA HIS L 345 -49.72 54.48 -13.64
C HIS L 345 -50.35 53.57 -12.59
N PRO L 346 -51.61 53.11 -12.72
CA PRO L 346 -52.07 52.05 -11.82
C PRO L 346 -51.28 50.76 -11.94
N ILE L 347 -50.82 50.42 -13.15
CA ILE L 347 -50.03 49.21 -13.33
C ILE L 347 -48.66 49.35 -12.66
N ILE L 348 -48.08 50.55 -12.73
CA ILE L 348 -46.72 50.72 -12.23
C ILE L 348 -46.68 50.66 -10.71
N TYR L 349 -47.81 50.88 -10.04
CA TYR L 349 -47.88 50.72 -8.59
C TYR L 349 -48.17 49.29 -8.17
N ARG L 350 -48.93 48.55 -8.97
CA ARG L 350 -49.13 47.13 -8.71
C ARG L 350 -47.81 46.36 -8.78
N GLY L 351 -46.96 46.70 -9.75
CA GLY L 351 -45.62 46.18 -9.75
C GLY L 351 -44.81 46.71 -8.57
N ALA L 352 -45.00 47.99 -8.23
CA ALA L 352 -44.33 48.56 -7.07
C ALA L 352 -44.75 47.85 -5.80
N VAL L 353 -46.02 47.44 -5.72
CA VAL L 353 -46.46 46.58 -4.62
C VAL L 353 -45.71 45.25 -4.65
N TYR L 354 -45.59 44.66 -5.85
CA TYR L 354 -44.84 43.42 -5.98
C TYR L 354 -43.35 43.63 -5.73
N ALA L 355 -42.80 44.74 -6.22
CA ALA L 355 -41.38 45.02 -6.03
C ALA L 355 -41.05 45.26 -4.56
N ASP L 356 -41.87 46.06 -3.87
CA ASP L 356 -41.64 46.33 -2.46
C ASP L 356 -41.93 45.11 -1.58
N ASN L 357 -42.59 44.09 -2.11
CA ASN L 357 -42.83 42.84 -1.40
C ASN L 357 -41.96 41.70 -1.91
N MET L 358 -40.88 42.02 -2.63
CA MET L 358 -39.89 41.06 -3.12
C MET L 358 -40.49 40.06 -4.12
N GLU L 359 -41.63 40.39 -4.72
CA GLU L 359 -42.23 39.57 -5.77
C GLU L 359 -41.73 40.10 -7.11
N PHE L 360 -40.46 39.79 -7.40
CA PHE L 360 -39.74 40.42 -8.50
C PHE L 360 -40.14 39.89 -9.87
N GLU L 361 -40.47 38.59 -9.99
CA GLU L 361 -40.80 38.05 -11.29
C GLU L 361 -42.10 38.66 -11.84
N GLN L 362 -43.07 38.91 -10.97
CA GLN L 362 -44.34 39.45 -11.42
C GLN L 362 -44.22 40.93 -11.77
N CYS L 363 -43.51 41.71 -10.94
CA CYS L 363 -43.45 43.15 -11.16
C CYS L 363 -42.71 43.49 -12.45
N ILE L 364 -41.63 42.77 -12.74
CA ILE L 364 -40.86 43.01 -13.96
C ILE L 364 -41.72 42.72 -15.18
N LYS L 365 -42.51 41.65 -15.13
CA LYS L 365 -43.45 41.37 -16.22
C LYS L 365 -44.47 42.50 -16.36
N LEU L 366 -45.02 42.98 -15.24
CA LEU L 366 -45.96 44.08 -15.29
C LEU L 366 -45.28 45.37 -15.76
N TRP L 367 -44.09 45.65 -15.22
CA TRP L 367 -43.39 46.89 -15.55
C TRP L 367 -42.96 46.90 -17.00
N LEU L 368 -42.50 45.76 -17.52
CA LEU L 368 -42.21 45.67 -18.96
C LEU L 368 -43.47 45.90 -19.77
N HIS L 369 -44.59 45.29 -19.37
CA HIS L 369 -45.87 45.60 -19.98
C HIS L 369 -46.26 47.05 -19.74
N ALA L 370 -45.99 47.56 -18.53
CA ALA L 370 -46.25 48.96 -18.26
C ALA L 370 -45.41 49.87 -19.15
N LEU L 371 -44.13 49.52 -19.33
CA LEU L 371 -43.28 50.32 -20.20
C LEU L 371 -43.58 50.08 -21.66
N HIS L 372 -44.11 48.91 -22.01
CA HIS L 372 -44.48 48.65 -23.41
C HIS L 372 -45.54 49.63 -23.89
N LEU L 373 -46.55 49.88 -23.05
CA LEU L 373 -47.55 50.90 -23.39
C LEU L 373 -46.96 52.30 -23.32
N ARG L 374 -46.10 52.55 -22.33
CA ARG L 374 -45.49 53.87 -22.19
C ARG L 374 -44.56 54.17 -23.36
N GLN L 375 -43.81 53.17 -23.84
CA GLN L 375 -42.89 53.38 -24.95
C GLN L 375 -43.64 53.72 -26.23
N LYS L 376 -44.74 53.01 -26.51
CA LYS L 376 -45.52 53.28 -27.72
C LYS L 376 -46.44 54.48 -27.55
N GLY L 377 -46.54 55.04 -26.34
CA GLY L 377 -47.30 56.24 -26.09
C GLY L 377 -46.54 57.53 -26.26
N ASN L 378 -45.33 57.47 -26.82
CA ASN L 378 -44.46 58.65 -27.03
C ASN L 378 -44.20 59.36 -25.70
N ARG L 379 -44.00 58.58 -24.65
CA ARG L 379 -43.80 59.12 -23.31
C ARG L 379 -42.31 59.24 -22.99
N ASN L 380 -42.00 60.24 -22.18
CA ASN L 380 -40.64 60.42 -21.65
C ASN L 380 -40.44 59.41 -20.53
N THR L 381 -40.06 58.20 -20.92
CA THR L 381 -39.95 57.08 -19.98
C THR L 381 -38.53 56.99 -19.43
N HIS L 382 -38.07 58.10 -18.86
CA HIS L 382 -36.74 58.20 -18.29
C HIS L 382 -36.69 57.84 -16.82
N LYS L 383 -37.67 58.31 -16.04
CA LYS L 383 -37.74 57.91 -14.63
C LYS L 383 -38.08 56.44 -14.46
N ASP L 384 -38.72 55.82 -15.46
CA ASP L 384 -38.96 54.38 -15.41
C ASP L 384 -37.66 53.60 -15.41
N LEU L 385 -36.80 53.88 -16.40
CA LEU L 385 -35.49 53.23 -16.44
C LEU L 385 -34.67 53.61 -15.22
N LEU L 386 -34.80 54.85 -14.75
CA LEU L 386 -34.17 55.24 -13.50
C LEU L 386 -34.69 54.37 -12.35
N ARG L 387 -35.98 54.08 -12.34
CA ARG L 387 -36.53 53.18 -11.34
C ARG L 387 -36.11 51.74 -11.57
N PHE L 388 -36.04 51.32 -12.84
CA PHE L 388 -35.61 49.95 -13.14
C PHE L 388 -34.22 49.67 -12.60
N ALA L 389 -33.29 50.60 -12.79
CA ALA L 389 -31.92 50.38 -12.33
C ALA L 389 -31.87 50.25 -10.81
N GLN L 390 -32.59 51.12 -10.10
CA GLN L 390 -32.61 51.06 -8.64
C GLN L 390 -33.22 49.75 -8.16
N VAL L 391 -34.32 49.33 -8.78
CA VAL L 391 -34.92 48.05 -8.42
C VAL L 391 -33.99 46.90 -8.76
N PHE L 392 -33.36 46.96 -9.94
CA PHE L 392 -32.35 45.96 -10.29
C PHE L 392 -31.18 46.01 -9.32
N SER L 393 -30.74 47.22 -8.95
CA SER L 393 -29.62 47.34 -8.02
C SER L 393 -29.97 46.77 -6.65
N GLN L 394 -31.20 47.02 -6.18
CA GLN L 394 -31.62 46.53 -4.87
C GLN L 394 -31.58 45.01 -4.81
N MET L 395 -32.02 44.35 -5.90
CA MET L 395 -31.90 42.90 -5.96
C MET L 395 -30.44 42.46 -5.97
N ILE L 396 -29.60 43.14 -6.75
CA ILE L 396 -28.18 42.81 -6.78
C ILE L 396 -27.51 43.16 -5.46
N HIS L 397 -27.93 44.28 -4.84
CA HIS L 397 -27.32 44.69 -3.57
C HIS L 397 -27.57 43.66 -2.48
N LEU L 398 -28.78 43.10 -2.44
CA LEU L 398 -29.10 42.02 -1.52
C LEU L 398 -28.88 40.65 -2.15
N ASN L 399 -28.28 40.59 -3.33
CA ASN L 399 -27.91 39.36 -4.02
C ASN L 399 -29.13 38.52 -4.37
N GLU L 400 -30.05 39.14 -5.10
CA GLU L 400 -31.14 38.43 -5.77
C GLU L 400 -30.85 38.46 -7.27
N THR L 401 -30.77 37.27 -7.88
CA THR L 401 -30.40 37.16 -9.28
C THR L 401 -31.51 37.73 -10.16
N VAL L 402 -31.22 38.87 -10.80
CA VAL L 402 -32.20 39.48 -11.70
C VAL L 402 -32.24 38.70 -12.99
N LYS L 403 -33.43 38.52 -13.54
CA LYS L 403 -33.62 37.77 -14.78
C LYS L 403 -32.87 38.43 -15.94
N ALA L 404 -31.86 37.73 -16.47
CA ALA L 404 -31.08 38.27 -17.57
C ALA L 404 -31.91 38.55 -18.83
N PRO L 405 -32.80 37.65 -19.29
CA PRO L 405 -33.67 38.03 -20.42
C PRO L 405 -34.55 39.23 -20.11
N ASP L 406 -34.99 39.40 -18.87
CA ASP L 406 -35.70 40.62 -18.49
C ASP L 406 -34.78 41.83 -18.57
N ILE L 407 -33.54 41.69 -18.10
CA ILE L 407 -32.55 42.75 -18.29
C ILE L 407 -32.29 42.95 -19.78
N GLU L 408 -32.23 41.85 -20.53
CA GLU L 408 -32.14 41.94 -21.99
C GLU L 408 -33.35 42.67 -22.56
N CYS L 409 -34.55 42.36 -22.05
CA CYS L 409 -35.75 43.02 -22.54
C CYS L 409 -35.75 44.50 -22.19
N VAL L 410 -35.39 44.84 -20.95
CA VAL L 410 -35.40 46.24 -20.56
C VAL L 410 -34.27 47.01 -21.22
N LEU L 411 -33.21 46.32 -21.65
CA LEU L 411 -32.16 46.99 -22.42
C LEU L 411 -32.68 47.47 -23.76
N ARG L 412 -33.56 46.70 -24.40
CA ARG L 412 -34.26 47.20 -25.58
C ARG L 412 -35.08 48.43 -25.24
N CYS L 413 -35.77 48.39 -24.10
CA CYS L 413 -36.50 49.56 -23.64
C CYS L 413 -35.55 50.68 -23.22
N SER L 414 -34.30 50.35 -22.90
CA SER L 414 -33.34 51.35 -22.44
C SER L 414 -32.80 52.16 -23.63
N VAL L 415 -32.18 51.49 -24.60
CA VAL L 415 -31.53 52.18 -25.70
C VAL L 415 -32.56 52.90 -26.57
N LEU L 416 -33.74 52.30 -26.74
CA LEU L 416 -34.76 52.91 -27.58
C LEU L 416 -35.21 54.26 -27.02
N GLU L 417 -35.40 54.33 -25.71
CA GLU L 417 -35.67 55.63 -25.09
C GLU L 417 -34.48 56.56 -25.25
N ILE L 418 -33.27 56.03 -25.10
CA ILE L 418 -32.08 56.83 -25.32
C ILE L 418 -31.98 57.24 -26.79
N GLU L 419 -32.37 56.35 -27.69
CA GLU L 419 -32.44 56.70 -29.11
C GLU L 419 -33.45 57.81 -29.35
N GLN L 420 -34.65 57.67 -28.80
CA GLN L 420 -35.69 58.67 -29.01
C GLN L 420 -35.35 59.99 -28.33
N SER L 421 -34.64 59.94 -27.20
CA SER L 421 -34.18 61.17 -26.58
C SER L 421 -33.22 61.92 -27.48
N MET L 422 -32.31 61.19 -28.13
CA MET L 422 -31.45 61.80 -29.14
C MET L 422 -32.27 62.37 -30.28
N ASN L 423 -33.31 61.65 -30.69
CA ASN L 423 -34.25 62.19 -31.68
C ASN L 423 -34.93 63.45 -31.16
N ARG L 424 -35.26 63.46 -29.86
CA ARG L 424 -35.83 64.65 -29.26
C ARG L 424 -34.83 65.80 -29.25
N VAL L 425 -33.55 65.51 -28.98
CA VAL L 425 -32.53 66.55 -28.88
C VAL L 425 -32.40 67.29 -30.21
N LYS L 426 -32.44 66.56 -31.32
CA LYS L 426 -32.29 67.20 -32.63
C LYS L 426 -33.44 68.15 -32.95
N ASN L 427 -34.67 67.79 -32.57
CA ASN L 427 -35.85 68.53 -32.99
C ASN L 427 -36.40 69.46 -31.90
N ILE L 428 -35.66 69.65 -30.81
CA ILE L 428 -36.11 70.51 -29.71
C ILE L 428 -35.06 71.58 -29.47
N SER L 429 -35.51 72.84 -29.43
CA SER L 429 -34.62 73.97 -29.22
C SER L 429 -34.19 74.05 -27.75
N ASP L 430 -33.45 75.11 -27.41
CA ASP L 430 -32.85 75.24 -26.09
C ASP L 430 -33.87 75.45 -24.98
N ALA L 431 -35.13 75.70 -25.31
CA ALA L 431 -36.15 75.87 -24.28
C ALA L 431 -36.35 74.58 -23.48
N ASP L 432 -36.24 73.42 -24.12
CA ASP L 432 -36.42 72.15 -23.44
C ASP L 432 -35.31 71.14 -23.65
N VAL L 433 -34.33 71.40 -24.52
CA VAL L 433 -33.32 70.37 -24.78
C VAL L 433 -32.30 70.32 -23.66
N HIS L 434 -32.04 71.44 -22.98
CA HIS L 434 -31.04 71.46 -21.92
C HIS L 434 -31.44 70.55 -20.77
N ASN L 435 -32.71 70.61 -20.34
CA ASN L 435 -33.20 69.63 -19.39
C ASN L 435 -33.32 68.25 -20.01
N ALA L 436 -33.65 68.19 -21.30
CA ALA L 436 -33.62 66.92 -22.02
C ALA L 436 -32.20 66.36 -22.08
N MET L 437 -31.22 67.23 -22.31
CA MET L 437 -29.82 66.79 -22.22
C MET L 437 -29.47 66.43 -20.78
N ASP L 438 -29.96 67.19 -19.81
CA ASP L 438 -29.86 66.78 -18.42
C ASP L 438 -30.57 65.44 -18.21
N ASN L 439 -31.76 65.30 -18.81
CA ASN L 439 -32.40 63.99 -18.84
C ASN L 439 -31.55 62.98 -19.60
N TYR L 440 -30.98 63.40 -20.73
CA TYR L 440 -30.14 62.49 -21.52
C TYR L 440 -28.92 62.04 -20.75
N GLU L 441 -28.35 62.93 -19.92
CA GLU L 441 -27.29 62.52 -19.01
C GLU L 441 -27.77 61.37 -18.13
N CYS L 442 -28.93 61.55 -17.49
CA CYS L 442 -29.48 60.50 -16.65
C CYS L 442 -29.78 59.24 -17.46
N ASN L 443 -30.30 59.40 -18.67
CA ASN L 443 -30.56 58.25 -19.53
C ASN L 443 -29.28 57.47 -19.82
N LEU L 444 -28.19 58.19 -20.09
CA LEU L 444 -26.89 57.53 -20.21
C LEU L 444 -26.46 56.93 -18.88
N TYR L 445 -26.69 57.65 -17.78
CA TYR L 445 -26.32 57.12 -16.47
C TYR L 445 -27.11 55.87 -16.15
N THR L 446 -28.41 55.87 -16.43
CA THR L 446 -29.23 54.68 -16.19
C THR L 446 -28.76 53.52 -17.05
N PHE L 447 -28.34 53.81 -18.29
CA PHE L 447 -27.72 52.78 -19.11
C PHE L 447 -26.43 52.27 -18.46
N LEU L 448 -25.61 53.18 -17.93
CA LEU L 448 -24.46 52.77 -17.14
C LEU L 448 -24.89 52.00 -15.90
N TYR L 449 -25.95 52.47 -15.24
CA TYR L 449 -26.49 51.72 -14.11
C TYR L 449 -27.10 50.40 -14.56
N LEU L 450 -27.61 50.33 -15.78
CA LEU L 450 -28.09 49.05 -16.30
C LEU L 450 -26.93 48.15 -16.73
N VAL L 451 -25.88 48.75 -17.29
CA VAL L 451 -24.73 47.94 -17.71
C VAL L 451 -23.99 47.38 -16.49
N CYS L 452 -23.83 48.20 -15.44
CA CYS L 452 -23.13 47.73 -14.24
C CYS L 452 -23.87 46.56 -13.60
N ILE L 453 -25.21 46.60 -13.60
CA ILE L 453 -25.98 45.43 -13.21
C ILE L 453 -25.73 44.29 -14.18
N SER L 454 -25.70 44.60 -15.48
CA SER L 454 -25.47 43.55 -16.48
C SER L 454 -24.09 42.92 -16.31
N THR L 455 -23.09 43.70 -15.90
CA THR L 455 -21.79 43.13 -15.58
C THR L 455 -21.89 42.16 -14.41
N LYS L 456 -22.65 42.53 -13.38
CA LYS L 456 -22.78 41.69 -12.20
C LYS L 456 -23.60 40.43 -12.45
N THR L 457 -24.31 40.35 -13.57
CA THR L 457 -25.10 39.17 -13.86
C THR L 457 -24.22 38.03 -14.36
N GLN L 458 -24.82 36.85 -14.49
CA GLN L 458 -24.12 35.69 -15.04
C GLN L 458 -23.76 35.89 -16.50
N CYS L 459 -24.48 36.75 -17.22
CA CYS L 459 -24.26 37.02 -18.64
C CYS L 459 -24.38 35.74 -19.47
N SER L 460 -25.59 35.20 -19.50
CA SER L 460 -25.88 34.05 -20.34
C SER L 460 -25.69 34.42 -21.80
N GLU L 461 -25.17 33.45 -22.58
CA GLU L 461 -24.71 33.74 -23.93
C GLU L 461 -25.83 34.27 -24.81
N GLU L 462 -27.05 33.77 -24.62
CA GLU L 462 -28.20 34.33 -25.35
C GLU L 462 -28.44 35.78 -24.96
N ASP L 463 -28.32 36.10 -23.67
CA ASP L 463 -28.60 37.46 -23.22
C ASP L 463 -27.41 38.38 -23.46
N GLN L 464 -26.21 37.96 -23.06
CA GLN L 464 -25.07 38.87 -23.08
C GLN L 464 -24.71 39.31 -24.49
N CYS L 465 -24.89 38.44 -25.49
CA CYS L 465 -24.71 38.86 -26.87
C CYS L 465 -25.73 39.93 -27.25
N LYS L 466 -26.99 39.72 -26.86
CA LYS L 466 -28.01 40.74 -27.05
C LYS L 466 -27.80 41.92 -26.12
N ILE L 467 -27.28 41.69 -24.91
CA ILE L 467 -26.94 42.79 -24.03
C ILE L 467 -25.92 43.70 -24.70
N ASN L 468 -24.84 43.13 -25.23
CA ASN L 468 -23.87 43.92 -25.98
C ASN L 468 -24.46 44.44 -27.28
N LYS L 469 -25.46 43.75 -27.84
CA LYS L 469 -26.07 44.21 -29.08
C LYS L 469 -26.75 45.56 -28.88
N GLN L 470 -27.49 45.72 -27.79
CA GLN L 470 -28.06 47.04 -27.46
C GLN L 470 -26.95 48.04 -27.17
N ILE L 471 -25.89 47.61 -26.51
CA ILE L 471 -24.74 48.48 -26.29
C ILE L 471 -24.12 48.87 -27.62
N TYR L 472 -23.97 47.89 -28.52
CA TYR L 472 -23.33 48.15 -29.81
C TYR L 472 -24.11 49.17 -30.62
N ASN L 473 -25.44 49.11 -30.57
CA ASN L 473 -26.25 50.17 -31.17
C ASN L 473 -26.00 51.51 -30.48
N LEU L 474 -25.97 51.50 -29.15
CA LEU L 474 -25.72 52.75 -28.43
C LEU L 474 -24.30 53.24 -28.64
N ILE L 475 -23.34 52.32 -28.81
CA ILE L 475 -21.98 52.73 -29.15
C ILE L 475 -21.96 53.42 -30.50
N HIS L 476 -22.66 52.85 -31.49
CA HIS L 476 -22.69 53.44 -32.82
C HIS L 476 -23.46 54.75 -32.87
N LEU L 477 -24.42 54.95 -31.97
CA LEU L 477 -25.22 56.18 -31.95
C LEU L 477 -24.59 57.27 -31.08
N ASP L 478 -23.26 57.23 -30.88
CA ASP L 478 -22.36 58.27 -30.37
C ASP L 478 -23.00 59.23 -29.38
N PRO L 479 -23.41 58.76 -28.21
CA PRO L 479 -24.10 59.64 -27.26
C PRO L 479 -23.23 60.80 -26.82
N ARG L 480 -23.87 61.96 -26.64
CA ARG L 480 -23.17 63.21 -26.35
C ARG L 480 -23.77 63.83 -25.10
N THR L 481 -22.91 64.38 -24.24
CA THR L 481 -23.34 65.15 -23.09
C THR L 481 -23.17 66.64 -23.38
N ARG L 482 -23.39 67.47 -22.36
CA ARG L 482 -23.04 68.88 -22.49
C ARG L 482 -21.54 69.03 -22.71
N GLU L 483 -20.75 68.24 -21.99
CA GLU L 483 -19.31 68.18 -22.20
C GLU L 483 -18.94 67.40 -23.46
N GLY L 484 -19.89 66.73 -24.10
CA GLY L 484 -19.58 65.92 -25.25
C GLY L 484 -18.84 64.64 -24.93
N PHE L 485 -18.94 64.17 -23.70
CA PHE L 485 -18.27 62.94 -23.31
C PHE L 485 -18.85 61.75 -24.06
N THR L 486 -18.00 60.78 -24.38
CA THR L 486 -18.50 59.51 -24.86
C THR L 486 -19.09 58.74 -23.69
N LEU L 487 -19.88 57.72 -24.02
CA LEU L 487 -20.48 56.92 -22.95
C LEU L 487 -19.43 56.10 -22.24
N LEU L 488 -18.30 55.82 -22.91
CA LEU L 488 -17.13 55.30 -22.22
C LEU L 488 -16.45 56.38 -21.40
N HIS L 489 -16.45 57.63 -21.89
CA HIS L 489 -15.83 58.73 -21.16
C HIS L 489 -16.56 58.96 -19.84
N LEU L 490 -17.89 58.83 -19.83
CA LEU L 490 -18.64 58.90 -18.59
C LEU L 490 -18.29 57.75 -17.66
N ALA L 491 -18.15 56.53 -18.20
CA ALA L 491 -17.87 55.36 -17.38
C ALA L 491 -16.48 55.37 -16.79
N VAL L 492 -15.60 56.27 -17.26
CA VAL L 492 -14.25 56.39 -16.73
C VAL L 492 -14.04 57.69 -15.99
N ASN L 493 -15.05 58.56 -15.92
CA ASN L 493 -14.95 59.81 -15.20
C ASN L 493 -15.39 59.59 -13.75
N SER L 494 -14.53 59.96 -12.81
CA SER L 494 -14.86 59.84 -11.39
C SER L 494 -15.93 60.81 -10.95
N ASN L 495 -16.17 61.87 -11.73
CA ASN L 495 -17.14 62.90 -11.36
C ASN L 495 -18.56 62.56 -11.79
N THR L 496 -18.78 61.40 -12.39
CA THR L 496 -20.13 61.01 -12.81
C THR L 496 -20.99 60.74 -11.59
N PRO L 497 -22.18 61.32 -11.51
CA PRO L 497 -23.03 61.12 -10.33
C PRO L 497 -23.53 59.68 -10.23
N VAL L 498 -23.77 59.25 -8.99
CA VAL L 498 -24.22 57.91 -8.67
C VAL L 498 -25.54 58.01 -7.92
N ASP L 499 -26.54 57.24 -8.34
CA ASP L 499 -27.84 57.27 -7.70
C ASP L 499 -27.75 56.70 -6.29
N ASP L 500 -28.45 57.34 -5.36
CA ASP L 500 -28.41 56.97 -3.95
C ASP L 500 -29.48 55.96 -3.56
N PHE L 501 -30.41 55.65 -4.46
CA PHE L 501 -31.49 54.71 -4.16
C PHE L 501 -31.03 53.29 -4.51
N HIS L 502 -30.12 52.78 -3.68
CA HIS L 502 -29.54 51.43 -3.72
C HIS L 502 -28.66 51.19 -4.94
N THR L 503 -28.56 52.15 -5.86
CA THR L 503 -27.66 51.99 -7.00
C THR L 503 -26.21 52.19 -6.58
N ASN L 504 -25.97 52.97 -5.52
CA ASN L 504 -24.63 53.15 -5.00
C ASN L 504 -24.00 51.86 -4.50
N ASP L 505 -24.81 50.85 -4.20
CA ASP L 505 -24.28 49.56 -3.76
C ASP L 505 -23.64 48.78 -4.89
N VAL L 506 -23.89 49.16 -6.14
CA VAL L 506 -23.35 48.41 -7.28
C VAL L 506 -22.47 49.31 -8.14
N CYS L 507 -23.06 50.37 -8.69
CA CYS L 507 -22.33 51.21 -9.63
C CYS L 507 -21.31 52.08 -8.92
N SER L 508 -20.27 52.47 -9.65
CA SER L 508 -19.22 53.34 -9.14
C SER L 508 -18.57 54.05 -10.31
N PHE L 509 -17.81 55.09 -9.99
CA PHE L 509 -17.13 55.86 -11.02
C PHE L 509 -15.78 56.34 -10.51
N PRO L 510 -14.68 55.97 -11.18
CA PRO L 510 -14.61 55.18 -12.41
C PRO L 510 -14.57 53.68 -12.14
N ASN L 511 -15.56 52.95 -12.62
CA ASN L 511 -15.61 51.50 -12.47
C ASN L 511 -14.94 50.83 -13.66
N ALA L 512 -14.12 49.82 -13.37
CA ALA L 512 -13.40 49.12 -14.43
C ALA L 512 -14.32 48.15 -15.17
N LEU L 513 -15.25 47.51 -14.47
CA LEU L 513 -16.08 46.48 -15.09
C LEU L 513 -16.95 47.05 -16.20
N VAL L 514 -17.55 48.21 -15.97
CA VAL L 514 -18.35 48.85 -17.01
C VAL L 514 -17.46 49.27 -18.18
N THR L 515 -16.23 49.69 -17.88
CA THR L 515 -15.31 50.11 -18.93
C THR L 515 -14.92 48.94 -19.83
N LYS L 516 -14.64 47.79 -19.23
CA LYS L 516 -14.23 46.63 -20.03
C LYS L 516 -15.37 46.15 -20.93
N LEU L 517 -16.59 46.11 -20.39
CA LEU L 517 -17.73 45.67 -21.20
C LEU L 517 -18.04 46.66 -22.31
N LEU L 518 -17.86 47.96 -22.04
CA LEU L 518 -18.01 48.95 -23.09
C LEU L 518 -16.96 48.77 -24.18
N LEU L 519 -15.71 48.48 -23.77
CA LEU L 519 -14.65 48.26 -24.74
C LEU L 519 -14.88 47.00 -25.54
N ASP L 520 -15.56 46.01 -24.97
CA ASP L 520 -15.90 44.80 -25.72
C ASP L 520 -16.85 45.09 -26.88
N CYS L 521 -17.54 46.23 -26.84
CA CYS L 521 -18.35 46.69 -27.96
C CYS L 521 -17.62 47.69 -28.82
N GLY L 522 -16.35 47.99 -28.53
CA GLY L 522 -15.58 48.93 -29.31
C GLY L 522 -16.10 50.34 -29.22
N ALA L 523 -16.02 50.93 -28.03
CA ALA L 523 -16.50 52.29 -27.82
C ALA L 523 -15.58 53.29 -28.53
N GLU L 524 -15.94 54.57 -28.43
CA GLU L 524 -15.11 55.64 -28.99
C GLU L 524 -13.89 55.84 -28.12
N VAL L 525 -12.85 55.04 -28.36
CA VAL L 525 -11.71 54.95 -27.45
C VAL L 525 -10.90 56.23 -27.39
N ASN L 526 -11.03 57.13 -28.36
CA ASN L 526 -10.24 58.35 -28.32
C ASN L 526 -11.01 59.60 -28.73
N ALA L 527 -12.33 59.52 -28.89
CA ALA L 527 -13.11 60.70 -29.24
C ALA L 527 -13.04 61.72 -28.10
N VAL L 528 -12.38 62.85 -28.35
CA VAL L 528 -12.19 63.83 -27.29
C VAL L 528 -13.48 64.61 -27.05
N ASP L 529 -13.56 65.25 -25.89
CA ASP L 529 -14.67 66.10 -25.53
C ASP L 529 -14.46 67.50 -26.13
N ASN L 530 -15.27 68.46 -25.70
CA ASN L 530 -15.05 69.84 -26.13
C ASN L 530 -13.77 70.40 -25.52
N GLU L 531 -13.42 69.97 -24.31
CA GLU L 531 -12.23 70.47 -23.65
C GLU L 531 -10.97 69.78 -24.14
N GLY L 532 -11.08 68.60 -24.73
CA GLY L 532 -9.93 67.93 -25.31
C GLY L 532 -9.40 66.76 -24.51
N ASN L 533 -10.31 66.00 -23.90
CA ASN L 533 -9.92 64.88 -23.06
C ASN L 533 -10.52 63.58 -23.59
N SER L 534 -9.72 62.53 -23.54
CA SER L 534 -10.13 61.20 -23.96
C SER L 534 -10.50 60.36 -22.74
N ALA L 535 -10.86 59.10 -22.97
CA ALA L 535 -11.15 58.19 -21.87
C ALA L 535 -9.90 57.97 -21.02
N LEU L 536 -8.76 57.77 -21.66
CA LEU L 536 -7.52 57.60 -20.90
C LEU L 536 -6.99 58.91 -20.34
N HIS L 537 -7.44 60.04 -20.88
CA HIS L 537 -6.95 61.32 -20.41
C HIS L 537 -7.62 61.72 -19.09
N ILE L 538 -8.61 60.95 -18.63
CA ILE L 538 -9.29 61.23 -17.38
C ILE L 538 -8.97 60.19 -16.30
N ILE L 539 -8.51 58.99 -16.68
CA ILE L 539 -8.10 57.99 -15.71
C ILE L 539 -7.00 58.53 -14.80
N VAL L 540 -6.06 59.27 -15.38
CA VAL L 540 -4.99 59.85 -14.57
C VAL L 540 -5.54 60.94 -13.65
N GLN L 541 -6.61 61.62 -14.04
CA GLN L 541 -7.22 62.64 -13.20
C GLN L 541 -7.85 62.03 -11.95
N TYR L 542 -8.16 60.73 -11.96
CA TYR L 542 -8.69 60.07 -10.78
C TYR L 542 -7.67 60.11 -9.64
N ASN L 543 -8.13 60.46 -8.45
CA ASN L 543 -7.24 60.70 -7.33
C ASN L 543 -6.89 59.43 -6.55
N ARG L 544 -7.88 58.58 -6.29
CA ARG L 544 -7.75 57.46 -5.35
C ARG L 544 -6.77 56.41 -5.86
N PRO L 545 -5.59 56.27 -5.26
CA PRO L 545 -4.60 55.29 -5.76
C PRO L 545 -4.54 53.96 -5.02
N ILE L 546 -5.27 53.77 -3.93
CA ILE L 546 -5.11 52.56 -3.12
C ILE L 546 -6.36 51.69 -3.16
N SER L 547 -7.50 52.26 -2.74
CA SER L 547 -8.68 51.44 -2.44
C SER L 547 -9.18 50.70 -3.67
N ASP L 548 -9.23 51.38 -4.82
CA ASP L 548 -9.64 50.75 -6.07
C ASP L 548 -8.47 50.63 -7.04
N PHE L 549 -7.27 50.39 -6.51
CA PHE L 549 -6.07 50.32 -7.35
C PHE L 549 -6.16 49.14 -8.31
N LEU L 550 -6.69 48.00 -7.85
CA LEU L 550 -6.84 46.84 -8.73
C LEU L 550 -7.77 47.15 -9.88
N THR L 551 -8.88 47.82 -9.61
CA THR L 551 -9.73 48.30 -10.70
C THR L 551 -9.03 49.39 -11.51
N LEU L 552 -8.28 50.27 -10.83
CA LEU L 552 -7.52 51.28 -11.53
C LEU L 552 -6.45 50.64 -12.41
N HIS L 553 -5.80 49.60 -11.91
CA HIS L 553 -4.88 48.84 -12.75
C HIS L 553 -5.61 48.16 -13.90
N SER L 554 -6.80 47.62 -13.63
CA SER L 554 -7.58 46.94 -14.66
C SER L 554 -8.17 47.88 -15.69
N ILE L 555 -8.21 49.18 -15.41
CA ILE L 555 -8.77 50.13 -16.37
C ILE L 555 -7.66 50.75 -17.18
N ILE L 556 -6.44 50.78 -16.62
CA ILE L 556 -5.29 51.26 -17.37
C ILE L 556 -4.91 50.26 -18.45
N ILE L 557 -4.91 48.97 -18.11
CA ILE L 557 -4.65 47.94 -19.11
C ILE L 557 -5.74 47.90 -20.16
N SER L 558 -6.96 48.29 -19.78
CA SER L 558 -8.08 48.20 -20.72
C SER L 558 -7.92 49.19 -21.87
N LEU L 559 -7.69 50.46 -21.55
CA LEU L 559 -7.69 51.48 -22.60
C LEU L 559 -6.45 51.37 -23.49
N VAL L 560 -5.32 50.94 -22.94
CA VAL L 560 -4.17 50.70 -23.80
C VAL L 560 -4.35 49.42 -24.61
N GLU L 561 -5.23 48.52 -24.20
CA GLU L 561 -5.47 47.31 -24.96
C GLU L 561 -6.18 47.61 -26.27
N ALA L 562 -7.21 48.48 -26.22
CA ALA L 562 -7.91 48.85 -27.44
C ALA L 562 -7.01 49.62 -28.38
N GLY L 563 -6.14 50.46 -27.84
CA GLY L 563 -5.23 51.22 -28.67
C GLY L 563 -5.40 52.71 -28.52
N ALA L 564 -5.86 53.15 -27.35
CA ALA L 564 -5.92 54.57 -27.07
C ALA L 564 -4.51 55.14 -27.01
N HIS L 565 -4.22 56.10 -27.91
CA HIS L 565 -2.89 56.68 -27.98
C HIS L 565 -2.56 57.36 -26.67
N THR L 566 -1.63 56.78 -25.91
CA THR L 566 -1.36 57.30 -24.57
C THR L 566 -0.40 58.49 -24.62
N ASP L 567 -0.66 59.42 -25.52
CA ASP L 567 0.07 60.69 -25.49
C ASP L 567 -0.78 61.86 -25.92
N MET L 568 -2.05 61.65 -26.29
CA MET L 568 -2.84 62.68 -26.97
C MET L 568 -2.98 63.92 -26.11
N THR L 569 -2.75 65.08 -26.73
CA THR L 569 -2.60 66.33 -26.01
C THR L 569 -3.84 67.19 -26.17
N ASN L 570 -4.33 67.72 -25.06
CA ASN L 570 -5.49 68.62 -25.11
C ASN L 570 -5.09 69.96 -25.72
N LYS L 571 -6.08 70.85 -25.82
CA LYS L 571 -5.80 72.21 -26.26
C LYS L 571 -5.02 73.00 -25.21
N GLN L 572 -4.90 72.48 -24.00
CA GLN L 572 -4.13 73.12 -22.94
C GLN L 572 -2.67 72.67 -22.90
N ASN L 573 -2.23 71.95 -23.94
CA ASN L 573 -0.86 71.42 -24.03
C ASN L 573 -0.54 70.52 -22.82
N LYS L 574 -1.50 69.69 -22.44
CA LYS L 574 -1.33 68.73 -21.36
C LYS L 574 -1.59 67.34 -21.89
N THR L 575 -0.72 66.41 -21.55
CA THR L 575 -0.65 64.99 -21.81
C THR L 575 -1.15 64.21 -20.60
N PRO L 576 -1.87 63.10 -20.80
CA PRO L 576 -2.30 62.30 -19.64
C PRO L 576 -1.14 61.76 -18.81
N LEU L 577 0.06 61.68 -19.37
CA LEU L 577 1.24 61.41 -18.57
C LEU L 577 1.98 62.68 -18.16
N ASP L 578 1.37 63.85 -18.43
CA ASP L 578 1.88 65.12 -17.92
C ASP L 578 0.91 65.81 -16.98
N LYS L 579 -0.32 65.32 -16.86
CA LYS L 579 -1.35 65.93 -16.03
C LYS L 579 -2.03 64.81 -15.22
N SER L 580 -1.20 63.98 -14.59
CA SER L 580 -1.70 62.84 -13.83
C SER L 580 -1.93 63.20 -12.37
N THR L 581 -0.88 63.65 -11.68
CA THR L 581 -0.93 64.02 -10.26
C THR L 581 -1.47 62.87 -9.41
N THR L 582 -1.01 61.66 -9.70
CA THR L 582 -1.39 60.48 -8.93
C THR L 582 -0.16 59.59 -8.85
N GLY L 583 0.35 59.41 -7.63
CA GLY L 583 1.63 58.73 -7.47
C GLY L 583 1.64 57.31 -7.98
N VAL L 584 0.57 56.55 -7.72
CA VAL L 584 0.48 55.19 -8.24
C VAL L 584 0.24 55.21 -9.75
N SER L 585 -0.67 56.07 -10.21
CA SER L 585 -1.06 56.07 -11.62
C SER L 585 -0.03 56.73 -12.52
N GLU L 586 0.88 57.55 -11.98
CA GLU L 586 1.89 58.20 -12.81
C GLU L 586 2.81 57.16 -13.45
N ILE L 587 3.21 56.14 -12.69
CA ILE L 587 4.11 55.13 -13.21
C ILE L 587 3.36 53.97 -13.87
N LEU L 588 2.07 53.80 -13.59
CA LEU L 588 1.32 52.70 -14.18
C LEU L 588 1.14 52.90 -15.68
N LEU L 589 0.70 54.09 -16.09
CA LEU L 589 0.54 54.37 -17.52
C LEU L 589 1.88 54.38 -18.22
N LYS L 590 2.95 54.75 -17.52
CA LYS L 590 4.28 54.75 -18.12
C LYS L 590 4.72 53.34 -18.48
N THR L 591 4.39 52.36 -17.64
CA THR L 591 4.80 50.98 -17.90
C THR L 591 4.18 50.44 -19.18
N GLN L 592 2.91 50.73 -19.42
CA GLN L 592 2.20 50.21 -20.58
C GLN L 592 2.21 51.15 -21.77
N MET L 593 2.82 52.33 -21.64
CA MET L 593 3.06 53.17 -22.80
C MET L 593 4.17 52.58 -23.65
N LYS L 594 4.00 52.62 -24.96
CA LYS L 594 4.98 52.12 -25.90
C LYS L 594 5.54 53.26 -26.72
N MET L 595 6.85 53.24 -26.96
CA MET L 595 7.48 54.26 -27.77
C MET L 595 7.14 54.07 -29.24
N SER L 596 7.23 55.16 -29.98
CA SER L 596 7.18 55.10 -31.44
C SER L 596 7.86 56.35 -31.96
N LEU L 597 8.65 56.20 -33.03
CA LEU L 597 9.26 57.35 -33.67
C LEU L 597 8.20 58.34 -34.14
N LYS L 598 7.03 57.85 -34.52
CA LYS L 598 5.95 58.73 -34.93
C LYS L 598 5.53 59.65 -33.79
N CYS L 599 5.37 59.09 -32.58
CA CYS L 599 4.90 59.89 -31.46
C CYS L 599 6.00 60.83 -30.96
N LEU L 600 7.23 60.35 -30.85
CA LEU L 600 8.32 61.20 -30.40
C LEU L 600 8.77 62.19 -31.46
N ALA L 601 8.08 62.24 -32.60
CA ALA L 601 8.30 63.28 -33.60
C ALA L 601 7.24 64.39 -33.51
N ALA L 602 5.97 64.00 -33.50
CA ALA L 602 4.89 65.00 -33.47
C ALA L 602 4.97 65.86 -32.22
N ARG L 603 5.27 65.23 -31.07
CA ARG L 603 5.42 66.00 -29.83
C ARG L 603 6.56 67.01 -29.94
N ALA L 604 7.54 66.74 -30.80
CA ALA L 604 8.57 67.72 -31.13
C ALA L 604 8.25 68.49 -32.40
N VAL L 605 7.10 68.25 -33.02
CA VAL L 605 6.68 69.03 -34.18
C VAL L 605 5.77 70.19 -33.77
N ARG L 606 4.75 69.90 -32.97
CA ARG L 606 3.83 70.95 -32.54
C ARG L 606 4.49 71.92 -31.57
N ALA L 607 5.52 71.49 -30.85
CA ALA L 607 6.26 72.43 -30.01
C ALA L 607 7.02 73.45 -30.84
N ASN L 608 7.30 73.14 -32.10
CA ASN L 608 7.93 74.07 -33.03
C ASN L 608 6.96 74.62 -34.06
N ASP L 609 6.03 73.80 -34.55
CA ASP L 609 4.87 74.24 -35.31
C ASP L 609 5.28 75.01 -36.58
N ILE L 610 5.90 74.27 -37.50
CA ILE L 610 6.40 74.93 -38.71
C ILE L 610 5.33 74.97 -39.79
N ASN L 611 4.97 73.81 -40.34
CA ASN L 611 3.97 73.75 -41.41
C ASN L 611 3.11 72.51 -41.29
N TYR L 612 2.64 72.19 -40.08
CA TYR L 612 1.97 70.92 -39.84
C TYR L 612 0.75 70.72 -40.73
N GLN L 613 0.16 71.81 -41.20
CA GLN L 613 -1.00 71.73 -42.06
C GLN L 613 -0.59 71.85 -43.54
N ASP L 614 -1.28 71.09 -44.39
CA ASP L 614 -1.13 71.17 -45.84
C ASP L 614 0.28 70.85 -46.31
N GLN L 615 1.02 70.07 -45.54
CA GLN L 615 2.36 69.66 -45.92
C GLN L 615 2.63 68.19 -45.63
N ILE L 616 1.69 67.49 -45.01
CA ILE L 616 1.86 66.10 -44.61
C ILE L 616 0.65 65.31 -45.12
N PRO L 617 0.63 63.99 -44.99
CA PRO L 617 -0.60 63.24 -45.28
C PRO L 617 -1.76 63.69 -44.41
N ARG L 618 -2.96 63.68 -45.00
CA ARG L 618 -4.15 64.11 -44.27
C ARG L 618 -4.47 63.20 -43.10
N THR L 619 -4.08 61.92 -43.19
CA THR L 619 -4.21 61.05 -42.03
C THR L 619 -3.30 61.51 -40.90
N LEU L 620 -2.13 62.02 -41.23
CA LEU L 620 -1.24 62.60 -40.22
C LEU L 620 -1.72 63.96 -39.75
N GLU L 621 -2.61 64.61 -40.49
CA GLU L 621 -3.11 65.93 -40.11
C GLU L 621 -3.83 65.85 -38.76
N GLU L 622 -4.75 64.89 -38.63
CA GLU L 622 -5.39 64.68 -37.34
C GLU L 622 -4.42 64.15 -36.30
N PHE L 623 -3.31 63.56 -36.72
CA PHE L 623 -2.35 63.03 -35.76
C PHE L 623 -1.57 64.15 -35.08
N VAL L 624 -1.31 65.24 -35.78
CA VAL L 624 -0.71 66.40 -35.14
C VAL L 624 -1.69 67.02 -34.15
N GLY L 625 -2.98 67.01 -34.50
CA GLY L 625 -3.99 67.54 -33.59
C GLY L 625 -4.04 66.77 -32.28
N PHE L 626 -3.82 65.46 -32.33
CA PHE L 626 -3.71 64.69 -31.11
C PHE L 626 -2.49 65.11 -30.30
N HIS L 627 -1.38 65.37 -30.97
CA HIS L 627 -0.16 65.78 -30.30
C HIS L 627 -0.06 67.29 -30.24
ZN ZN M . -25.91 -10.15 42.79
ZN ZN N . -23.68 -5.21 40.82
ZN ZN O . -21.00 -0.65 28.54
ZN ZN P . -13.76 21.78 44.50
ZN ZN Q . -13.84 15.19 42.30
ZN ZN R . -8.17 8.59 31.43
#